data_6UZ8
#
_entry.id   6UZ8
#
_cell.length_a   1.00
_cell.length_b   1.00
_cell.length_c   1.00
_cell.angle_alpha   90.00
_cell.angle_beta   90.00
_cell.angle_gamma   90.00
#
_symmetry.space_group_name_H-M   'P 1'
#
loop_
_entity.id
_entity.type
_entity.pdbx_description
1 polymer 'Short transient receptor potential channel 6'
2 non-polymer 2-[[(2~{S})-2-decanoyloxy-3-dodecanoyloxy-propoxy]-oxidanyl-phosphoryl]oxyethyl-trimethyl-azanium
3 non-polymer 'CHOLESTEROL HEMISUCCINATE'
4 non-polymer "(5-chloro-1'H-spiro[indole-3,4'-piperidin]-1'-yl)[(2R)-2,3-dihydro-1,4-benzodioxin-2-yl]methanone"
#
_entity_poly.entity_id   1
_entity_poly.type   'polypeptide(L)'
_entity_poly.pdbx_seq_one_letter_code
;AYMFSDRSTSLSIEEERFLDAAEYGNIPVVRKMLEECHSLNVNCVDYMGQNALQLAVANEHLEITELLLKKENLSRVGDA
LLLAISKGYVRIVEAILSHPAFAEGKRLATSPSQSELQQDDFYAYDEDGTRFSHDVTPIILAAHCQEYEIVHTLLRKGAR
IERPHDYFCKCNDCNQKQKHDSFSHSRSRINAYKGLASPAYLSLSSEDPVMTALELSNELAVLANIEKEFKNDYKKLSMQ
CKDFVVGLLDLCRNTEEVEAILNGDVETLQSGDHGRPNLSRLKLAIKYEVKKFVAHPNCQQQLLSIWYENLSGLRQQTMA
VKFLVVLAVAIGLPFLALIYWFAPCSKMGKIMRGPFMKFVAHAASFTIFLGLLVMNAADRFEGTKLLPNETSTDNAKQLF
RMKTSCFSWMEMLIISWVIGMIWAECKEIWTQGPKEYLFELWNMLDFGMLAIFAASFIARFMAFWHASKAQSIIDANDTL
KDLTKVTLGDNVKYYNLARIKWDPSDPQIISEGLYAIAVVLSFSRIAYILPANESFGPLQISLGRTVKDIFKFMVIFIMV
FVAFMIGMFNLYSYYIGAKQNEAFTTVEESFKTLFWAIFGLSEVKSVVINYNHKFIENIGYVLYGVYNVTMVIVLLNMLI
AMINSSFQEIEDDADVEWKFARAKLWFSYFEEGRTLPVPFNLVPSPKSLFYLLLKLKKWISELFQGHKKGFQEDAEMNKI
NEEKKLGILGSHEDLSKLSLDKKQVGHNKQPSIRSSEDFHLNSFNNPPRQYQKIMKRLIKRYTTQAQIDKESDEVNEGEL
KEIKQDISSLRYELLEEKSQNTEDLAELIRELGEKLSMEPNQEETNR
;
_entity_poly.pdbx_strand_id   A,D,B,C
#
loop_
_chem_comp.id
_chem_comp.type
_chem_comp.name
_chem_comp.formula
R0D non-polymer (5-chloro-1'H-spiro[indole-3,4'-piperidin]-1'-yl)[(2R)-2,3-dihydro-1,4-benzodioxin-2-yl]methanone 'C21 H19 Cl N2 O3'
SBM non-polymer 2-[[(2~{S})-2-decanoyloxy-3-dodecanoyloxy-propoxy]-oxidanyl-phosphoryl]oxyethyl-trimethyl-azanium 'C30 H61 N O8 P 1'
Y01 non-polymer 'CHOLESTEROL HEMISUCCINATE' 'C31 H50 O4'
#
# COMPACT_ATOMS: atom_id res chain seq x y z
N ALA A 1 -0.57 17.19 -45.70
CA ALA A 1 -0.93 16.49 -46.92
C ALA A 1 -0.12 15.21 -47.09
N TYR A 2 0.36 14.67 -45.97
CA TYR A 2 1.16 13.45 -45.96
C TYR A 2 0.32 12.28 -45.46
N MET A 3 0.65 11.09 -45.97
CA MET A 3 0.04 9.85 -45.55
C MET A 3 1.13 8.79 -45.54
N PHE A 4 0.89 7.71 -44.77
CA PHE A 4 1.87 6.63 -44.64
C PHE A 4 2.14 5.94 -45.98
N SER A 5 1.07 5.48 -46.65
CA SER A 5 1.07 4.97 -48.03
C SER A 5 2.01 3.77 -48.18
N ASP A 6 1.63 2.69 -47.51
CA ASP A 6 2.43 1.46 -47.54
C ASP A 6 2.27 0.65 -48.85
N ARG A 7 1.50 1.07 -49.85
CA ARG A 7 1.44 0.34 -51.12
C ARG A 7 1.61 1.29 -52.30
N SER A 8 1.24 2.56 -52.12
CA SER A 8 1.48 3.67 -53.06
C SER A 8 0.82 3.44 -54.41
N THR A 9 -0.31 2.72 -54.42
CA THR A 9 -1.05 2.45 -55.63
C THR A 9 -2.49 2.10 -55.24
N SER A 10 -3.26 1.67 -56.23
CA SER A 10 -4.65 1.24 -56.02
C SER A 10 -4.84 -0.15 -56.59
N LEU A 11 -5.71 -0.92 -55.96
CA LEU A 11 -5.96 -2.30 -56.35
C LEU A 11 -7.05 -2.37 -57.41
N SER A 12 -7.13 -3.52 -58.06
CA SER A 12 -8.21 -3.82 -59.00
C SER A 12 -9.44 -4.25 -58.20
N ILE A 13 -10.54 -4.52 -58.88
CA ILE A 13 -11.71 -5.07 -58.21
C ILE A 13 -11.58 -6.57 -58.00
N GLU A 14 -10.92 -7.27 -58.94
CA GLU A 14 -10.66 -8.69 -58.81
C GLU A 14 -9.49 -9.00 -57.88
N GLU A 15 -8.83 -7.98 -57.35
CA GLU A 15 -7.82 -8.17 -56.32
C GLU A 15 -8.34 -7.79 -54.94
N GLU A 16 -9.10 -6.70 -54.83
CA GLU A 16 -9.74 -6.36 -53.57
C GLU A 16 -10.79 -7.38 -53.18
N ARG A 17 -11.51 -7.92 -54.17
CA ARG A 17 -12.49 -8.98 -53.91
C ARG A 17 -11.80 -10.25 -53.39
N PHE A 18 -10.67 -10.62 -53.99
CA PHE A 18 -9.91 -11.79 -53.57
C PHE A 18 -9.29 -11.58 -52.18
N LEU A 19 -8.81 -10.38 -51.89
CA LEU A 19 -8.23 -10.12 -50.58
C LEU A 19 -9.29 -10.10 -49.48
N ASP A 20 -10.48 -9.57 -49.77
CA ASP A 20 -11.57 -9.62 -48.80
C ASP A 20 -12.04 -11.05 -48.58
N ALA A 21 -12.10 -11.86 -49.65
CA ALA A 21 -12.47 -13.25 -49.52
C ALA A 21 -11.44 -14.05 -48.72
N ALA A 22 -10.16 -13.72 -48.89
CA ALA A 22 -9.12 -14.41 -48.13
C ALA A 22 -9.10 -13.97 -46.68
N GLU A 23 -9.43 -12.70 -46.41
CA GLU A 23 -9.40 -12.21 -45.05
C GLU A 23 -10.59 -12.70 -44.24
N TYR A 24 -11.79 -12.67 -44.82
CA TYR A 24 -13.00 -12.90 -44.04
C TYR A 24 -13.53 -14.32 -44.15
N GLY A 25 -12.78 -15.23 -44.76
CA GLY A 25 -13.13 -16.64 -44.72
C GLY A 25 -14.02 -17.13 -45.82
N ASN A 26 -14.11 -16.40 -46.94
CA ASN A 26 -14.97 -16.79 -48.05
C ASN A 26 -14.25 -17.84 -48.88
N ILE A 27 -14.33 -19.08 -48.42
CA ILE A 27 -13.67 -20.23 -49.05
C ILE A 27 -14.13 -20.53 -50.48
N PRO A 28 -15.43 -20.53 -50.85
CA PRO A 28 -15.75 -20.86 -52.24
C PRO A 28 -15.33 -19.79 -53.25
N VAL A 29 -15.35 -18.52 -52.87
CA VAL A 29 -14.86 -17.46 -53.74
C VAL A 29 -13.35 -17.62 -53.97
N VAL A 30 -12.61 -17.95 -52.91
CA VAL A 30 -11.17 -18.15 -53.01
C VAL A 30 -10.86 -19.37 -53.90
N ARG A 31 -11.64 -20.44 -53.74
CA ARG A 31 -11.45 -21.65 -54.55
C ARG A 31 -11.77 -21.39 -56.02
N LYS A 32 -12.82 -20.62 -56.28
CA LYS A 32 -13.22 -20.34 -57.66
C LYS A 32 -12.23 -19.41 -58.34
N MET A 33 -11.71 -18.43 -57.59
CA MET A 33 -10.73 -17.53 -58.18
C MET A 33 -9.33 -18.13 -58.26
N LEU A 34 -9.06 -19.20 -57.53
CA LEU A 34 -7.82 -19.96 -57.74
C LEU A 34 -7.95 -21.01 -58.83
N GLU A 35 -9.15 -21.50 -59.12
CA GLU A 35 -9.35 -22.48 -60.18
C GLU A 35 -9.74 -21.88 -61.51
N GLU A 36 -10.47 -20.78 -61.52
CA GLU A 36 -11.02 -20.23 -62.76
C GLU A 36 -10.69 -18.75 -62.94
N CYS A 37 -9.46 -18.34 -62.63
CA CYS A 37 -9.00 -16.99 -62.91
C CYS A 37 -7.50 -17.01 -63.10
N HIS A 38 -7.05 -16.54 -64.27
CA HIS A 38 -5.64 -16.62 -64.65
C HIS A 38 -4.93 -15.28 -64.73
N SER A 39 -5.66 -14.16 -64.78
CA SER A 39 -5.07 -12.83 -64.75
C SER A 39 -4.95 -12.27 -63.35
N LEU A 40 -4.81 -13.13 -62.34
CA LEU A 40 -4.67 -12.67 -60.97
C LEU A 40 -3.32 -13.00 -60.40
N ASN A 41 -2.81 -12.14 -59.56
CA ASN A 41 -1.55 -12.26 -58.89
C ASN A 41 -1.86 -12.76 -57.49
N VAL A 42 -1.46 -13.94 -57.06
CA VAL A 42 -1.80 -14.36 -55.74
C VAL A 42 -1.07 -13.53 -54.73
N ASN A 43 0.00 -12.93 -55.15
CA ASN A 43 0.80 -12.12 -54.24
C ASN A 43 0.40 -10.66 -54.26
N CYS A 44 -0.85 -10.37 -54.63
CA CYS A 44 -1.37 -9.01 -54.54
C CYS A 44 -1.44 -8.61 -53.07
N VAL A 45 -1.21 -7.32 -52.82
CA VAL A 45 -0.84 -6.85 -51.50
C VAL A 45 -1.88 -5.84 -51.03
N ASP A 46 -2.04 -5.72 -49.72
CA ASP A 46 -3.09 -4.92 -49.12
C ASP A 46 -2.68 -3.45 -49.06
N TYR A 47 -3.46 -2.65 -48.34
CA TYR A 47 -3.10 -1.27 -48.06
C TYR A 47 -1.93 -1.16 -47.09
N MET A 48 -1.68 -2.20 -46.29
CA MET A 48 -0.70 -2.16 -45.22
C MET A 48 0.56 -2.94 -45.55
N GLY A 49 0.49 -3.83 -46.53
CA GLY A 49 1.63 -4.64 -46.90
C GLY A 49 1.47 -6.12 -46.67
N GLN A 50 0.25 -6.65 -46.70
CA GLN A 50 -0.02 -8.05 -46.40
C GLN A 50 -0.67 -8.74 -47.61
N ASN A 51 -0.13 -9.88 -48.00
CA ASN A 51 -0.73 -10.67 -49.08
C ASN A 51 -1.77 -11.61 -48.49
N ALA A 52 -2.39 -12.44 -49.34
CA ALA A 52 -3.56 -13.21 -48.94
C ALA A 52 -3.24 -14.33 -47.95
N LEU A 53 -2.02 -14.88 -48.02
CA LEU A 53 -1.61 -15.90 -47.07
C LEU A 53 -1.47 -15.33 -45.67
N GLN A 54 -1.04 -14.07 -45.56
CA GLN A 54 -0.87 -13.47 -44.25
C GLN A 54 -2.22 -13.09 -43.64
N LEU A 55 -3.19 -12.70 -44.47
CA LEU A 55 -4.54 -12.47 -43.95
C LEU A 55 -5.20 -13.78 -43.56
N ALA A 56 -4.93 -14.86 -44.29
CA ALA A 56 -5.52 -16.14 -43.95
C ALA A 56 -4.91 -16.73 -42.68
N VAL A 57 -3.60 -16.53 -42.47
CA VAL A 57 -2.96 -17.06 -41.27
C VAL A 57 -3.31 -16.20 -40.06
N ALA A 58 -3.37 -14.88 -40.23
CA ALA A 58 -3.66 -13.97 -39.12
C ALA A 58 -5.09 -14.07 -38.61
N ASN A 59 -6.00 -14.69 -39.35
CA ASN A 59 -7.40 -14.78 -38.97
C ASN A 59 -7.86 -16.19 -38.65
N GLU A 60 -6.94 -17.16 -38.57
CA GLU A 60 -7.22 -18.58 -38.30
C GLU A 60 -8.20 -19.14 -39.33
N HIS A 61 -7.71 -19.20 -40.56
CA HIS A 61 -8.44 -19.77 -41.69
C HIS A 61 -7.59 -20.92 -42.23
N LEU A 62 -7.87 -22.14 -41.77
CA LEU A 62 -7.07 -23.29 -42.16
C LEU A 62 -7.37 -23.75 -43.57
N GLU A 63 -8.62 -23.63 -44.00
CA GLU A 63 -9.01 -24.12 -45.33
C GLU A 63 -8.43 -23.23 -46.43
N ILE A 64 -8.46 -21.91 -46.22
CA ILE A 64 -7.86 -21.00 -47.19
C ILE A 64 -6.35 -21.14 -47.19
N THR A 65 -5.75 -21.44 -46.04
CA THR A 65 -4.31 -21.64 -45.97
C THR A 65 -3.88 -22.89 -46.73
N GLU A 66 -4.59 -24.00 -46.51
CA GLU A 66 -4.30 -25.22 -47.25
C GLU A 66 -4.65 -25.11 -48.73
N LEU A 67 -5.55 -24.20 -49.09
CA LEU A 67 -5.90 -23.99 -50.48
C LEU A 67 -4.88 -23.12 -51.20
N LEU A 68 -4.33 -22.13 -50.48
CA LEU A 68 -3.30 -21.28 -51.07
C LEU A 68 -1.94 -21.97 -51.13
N LEU A 69 -1.66 -22.88 -50.19
CA LEU A 69 -0.36 -23.55 -50.13
C LEU A 69 -0.09 -24.53 -51.29
N LYS A 70 -0.94 -24.68 -52.30
CA LYS A 70 -0.66 -25.55 -53.44
C LYS A 70 -0.45 -24.76 -54.72
N LYS A 71 0.00 -23.51 -54.62
CA LYS A 71 0.14 -22.66 -55.80
C LYS A 71 1.54 -22.67 -56.40
N GLU A 72 2.55 -22.98 -55.58
CA GLU A 72 3.96 -23.11 -55.97
C GLU A 72 4.58 -21.81 -56.48
N ASN A 73 3.97 -20.66 -56.21
CA ASN A 73 4.63 -19.38 -56.37
C ASN A 73 4.27 -18.39 -55.27
N LEU A 74 3.88 -18.87 -54.08
CA LEU A 74 3.51 -17.99 -52.99
C LEU A 74 4.74 -17.36 -52.36
N SER A 75 4.60 -16.11 -51.94
CA SER A 75 5.59 -15.42 -51.15
C SER A 75 5.19 -15.43 -49.68
N ARG A 76 6.17 -15.10 -48.83
CA ARG A 76 5.99 -14.92 -47.38
C ARG A 76 5.51 -16.21 -46.70
N VAL A 77 6.15 -17.34 -47.00
CA VAL A 77 5.79 -18.59 -46.34
C VAL A 77 6.48 -18.69 -44.99
N GLY A 78 7.73 -18.23 -44.90
CA GLY A 78 8.41 -18.23 -43.63
C GLY A 78 7.83 -17.23 -42.65
N ASP A 79 7.37 -16.08 -43.16
CA ASP A 79 6.67 -15.13 -42.31
C ASP A 79 5.33 -15.66 -41.84
N ALA A 80 4.62 -16.40 -42.70
CA ALA A 80 3.38 -17.03 -42.31
C ALA A 80 3.62 -18.09 -41.23
N LEU A 81 4.73 -18.82 -41.33
CA LEU A 81 5.10 -19.78 -40.30
C LEU A 81 5.40 -19.09 -38.98
N LEU A 82 6.12 -17.97 -39.02
CA LEU A 82 6.45 -17.25 -37.80
C LEU A 82 5.21 -16.61 -37.17
N LEU A 83 4.29 -16.10 -37.99
CA LEU A 83 3.06 -15.52 -37.48
C LEU A 83 2.16 -16.58 -36.86
N ALA A 84 2.10 -17.77 -37.47
CA ALA A 84 1.28 -18.83 -36.91
C ALA A 84 1.91 -19.43 -35.66
N ILE A 85 3.24 -19.39 -35.55
CA ILE A 85 3.89 -19.83 -34.32
C ILE A 85 3.65 -18.83 -33.19
N SER A 86 3.75 -17.53 -33.49
CA SER A 86 3.57 -16.51 -32.47
C SER A 86 2.12 -16.42 -32.01
N LYS A 87 1.18 -16.69 -32.91
CA LYS A 87 -0.22 -16.61 -32.52
C LYS A 87 -0.73 -17.88 -31.83
N GLY A 88 -0.08 -19.02 -32.07
CA GLY A 88 -0.42 -20.24 -31.37
C GLY A 88 -1.27 -21.22 -32.14
N TYR A 89 -1.32 -21.14 -33.46
CA TYR A 89 -2.21 -21.96 -34.28
C TYR A 89 -1.47 -23.22 -34.68
N VAL A 90 -1.79 -24.34 -34.02
CA VAL A 90 -1.01 -25.56 -34.22
C VAL A 90 -1.33 -26.22 -35.55
N ARG A 91 -2.59 -26.13 -36.01
CA ARG A 91 -2.97 -26.77 -37.26
C ARG A 91 -2.40 -26.03 -38.47
N ILE A 92 -2.34 -24.70 -38.39
CA ILE A 92 -1.77 -23.92 -39.48
C ILE A 92 -0.26 -24.12 -39.53
N VAL A 93 0.38 -24.28 -38.37
CA VAL A 93 1.81 -24.60 -38.33
C VAL A 93 2.08 -25.98 -38.93
N GLU A 94 1.23 -26.96 -38.62
CA GLU A 94 1.41 -28.29 -39.20
C GLU A 94 1.09 -28.31 -40.68
N ALA A 95 0.25 -27.38 -41.15
CA ALA A 95 0.00 -27.29 -42.59
C ALA A 95 1.15 -26.62 -43.33
N ILE A 96 1.74 -25.58 -42.72
CA ILE A 96 2.83 -24.85 -43.36
C ILE A 96 4.12 -25.66 -43.31
N LEU A 97 4.32 -26.51 -42.29
CA LEU A 97 5.52 -27.33 -42.24
C LEU A 97 5.51 -28.49 -43.23
N SER A 98 4.43 -28.68 -43.99
CA SER A 98 4.38 -29.66 -45.08
C SER A 98 4.65 -29.04 -46.43
N HIS A 99 4.94 -27.75 -46.48
CA HIS A 99 5.36 -27.09 -47.71
C HIS A 99 6.71 -27.64 -48.17
N PRO A 100 6.99 -27.67 -49.47
CA PRO A 100 8.31 -28.13 -49.93
C PRO A 100 9.41 -27.08 -49.84
N ALA A 101 9.48 -26.38 -48.71
CA ALA A 101 10.63 -25.58 -48.34
C ALA A 101 11.16 -25.90 -46.95
N PHE A 102 10.37 -26.58 -46.12
CA PHE A 102 10.78 -27.11 -44.84
C PHE A 102 10.84 -28.64 -44.89
N ALA A 103 11.37 -29.17 -45.99
CA ALA A 103 11.23 -30.59 -46.30
C ALA A 103 12.05 -31.47 -45.36
N GLU A 104 13.32 -31.12 -45.16
CA GLU A 104 14.20 -31.87 -44.28
C GLU A 104 14.54 -31.09 -43.00
N GLY A 105 13.65 -30.20 -42.58
CA GLY A 105 13.96 -29.32 -41.47
C GLY A 105 15.04 -28.31 -41.81
N LYS A 106 14.98 -27.71 -43.00
CA LYS A 106 16.12 -26.98 -43.53
C LYS A 106 16.23 -25.59 -42.92
N ARG A 107 15.10 -24.94 -42.64
CA ARG A 107 15.07 -23.55 -42.25
C ARG A 107 14.27 -23.39 -40.95
N LEU A 108 14.56 -24.23 -39.96
CA LEU A 108 13.89 -24.19 -38.67
C LEU A 108 14.82 -23.74 -37.55
N ALA A 109 16.12 -23.65 -37.83
CA ALA A 109 17.09 -23.27 -36.82
C ALA A 109 18.30 -22.64 -37.51
N THR A 110 19.06 -21.88 -36.71
CA THR A 110 20.25 -21.12 -37.12
C THR A 110 20.03 -20.24 -38.36
N GLN A 119 19.07 -12.80 -44.52
CA GLN A 119 20.08 -12.82 -45.58
C GLN A 119 19.45 -13.18 -46.92
N ASP A 120 18.72 -14.30 -46.93
CA ASP A 120 18.09 -14.77 -48.16
C ASP A 120 16.70 -14.18 -48.38
N ASP A 121 16.26 -13.29 -47.48
CA ASP A 121 14.94 -12.63 -47.52
C ASP A 121 13.81 -13.66 -47.53
N PHE A 122 13.97 -14.73 -46.75
CA PHE A 122 12.96 -15.77 -46.69
C PHE A 122 11.86 -15.43 -45.68
N TYR A 123 12.24 -14.78 -44.58
CA TYR A 123 11.32 -14.46 -43.49
C TYR A 123 10.87 -13.01 -43.51
N ALA A 124 11.05 -12.31 -44.62
CA ALA A 124 10.58 -10.94 -44.72
C ALA A 124 9.06 -10.91 -44.89
N TYR A 125 8.43 -9.86 -44.37
CA TYR A 125 6.97 -9.72 -44.44
C TYR A 125 6.58 -8.50 -45.24
N ASP A 126 7.54 -7.86 -45.89
CA ASP A 126 7.33 -6.65 -46.68
C ASP A 126 8.49 -6.52 -47.64
N GLU A 127 8.57 -5.38 -48.32
CA GLU A 127 9.70 -5.13 -49.20
C GLU A 127 10.98 -4.89 -48.41
N ASP A 128 10.85 -4.38 -47.18
CA ASP A 128 11.99 -4.06 -46.34
C ASP A 128 11.67 -4.45 -44.90
N GLY A 129 12.21 -5.58 -44.45
CA GLY A 129 12.14 -5.94 -43.05
C GLY A 129 11.48 -7.25 -42.72
N THR A 130 11.83 -7.81 -41.56
CA THR A 130 11.21 -9.02 -41.02
C THR A 130 10.32 -8.65 -39.85
N ARG A 131 9.40 -9.57 -39.51
CA ARG A 131 8.41 -9.29 -38.48
C ARG A 131 9.06 -9.24 -37.10
N PHE A 132 9.95 -10.17 -36.82
CA PHE A 132 10.75 -10.20 -35.61
C PHE A 132 12.20 -9.91 -35.99
N SER A 133 13.10 -10.06 -35.03
CA SER A 133 14.51 -9.83 -35.30
C SER A 133 15.05 -10.95 -36.18
N HIS A 134 16.19 -10.66 -36.83
CA HIS A 134 16.67 -11.55 -37.89
C HIS A 134 17.25 -12.83 -37.32
N ASP A 135 17.66 -12.83 -36.04
CA ASP A 135 18.19 -14.04 -35.44
C ASP A 135 17.10 -14.99 -34.99
N VAL A 136 15.85 -14.52 -34.91
CA VAL A 136 14.77 -15.29 -34.32
C VAL A 136 14.37 -16.39 -35.30
N THR A 137 14.73 -17.62 -34.96
CA THR A 137 14.36 -18.80 -35.72
C THR A 137 12.97 -19.25 -35.29
N PRO A 138 12.35 -20.20 -36.01
CA PRO A 138 11.09 -20.79 -35.51
C PRO A 138 11.19 -21.46 -34.15
N ILE A 139 12.31 -22.10 -33.82
CA ILE A 139 12.41 -22.80 -32.53
C ILE A 139 12.58 -21.80 -31.39
N ILE A 140 13.30 -20.69 -31.64
CA ILE A 140 13.46 -19.65 -30.62
C ILE A 140 12.14 -18.93 -30.37
N LEU A 141 11.37 -18.67 -31.43
CA LEU A 141 10.07 -18.03 -31.28
C LEU A 141 9.06 -18.96 -30.63
N ALA A 142 9.15 -20.27 -30.92
CA ALA A 142 8.25 -21.23 -30.27
C ALA A 142 8.60 -21.41 -28.80
N ALA A 143 9.87 -21.25 -28.44
CA ALA A 143 10.25 -21.30 -27.03
C ALA A 143 9.91 -20.01 -26.30
N HIS A 144 9.94 -18.88 -27.00
CA HIS A 144 9.52 -17.62 -26.40
C HIS A 144 8.03 -17.63 -26.06
N CYS A 145 7.22 -18.21 -26.94
CA CYS A 145 5.76 -18.14 -26.84
C CYS A 145 5.16 -19.25 -25.99
N GLN A 146 6.00 -20.12 -25.40
CA GLN A 146 5.59 -21.21 -24.50
C GLN A 146 4.63 -22.18 -25.17
N GLU A 147 4.87 -22.49 -26.44
CA GLU A 147 4.01 -23.38 -27.21
C GLU A 147 4.60 -24.78 -27.14
N TYR A 148 4.03 -25.64 -26.28
CA TYR A 148 4.64 -26.93 -25.98
C TYR A 148 4.54 -27.90 -27.16
N GLU A 149 3.41 -27.89 -27.86
CA GLU A 149 3.23 -28.80 -28.99
C GLU A 149 4.09 -28.39 -30.18
N ILE A 150 4.21 -27.09 -30.43
CA ILE A 150 5.04 -26.60 -31.53
C ILE A 150 6.52 -26.84 -31.22
N VAL A 151 6.92 -26.67 -29.95
CA VAL A 151 8.30 -26.96 -29.56
C VAL A 151 8.61 -28.44 -29.70
N HIS A 152 7.66 -29.31 -29.33
CA HIS A 152 7.88 -30.75 -29.49
C HIS A 152 7.95 -31.14 -30.96
N THR A 153 7.12 -30.52 -31.80
CA THR A 153 7.14 -30.80 -33.23
C THR A 153 8.44 -30.33 -33.87
N LEU A 154 8.95 -29.17 -33.46
CA LEU A 154 10.18 -28.65 -34.05
C LEU A 154 11.41 -29.38 -33.52
N LEU A 155 11.35 -29.89 -32.28
CA LEU A 155 12.43 -30.73 -31.78
C LEU A 155 12.41 -32.09 -32.46
N ARG A 156 11.22 -32.56 -32.86
CA ARG A 156 11.11 -33.80 -33.60
C ARG A 156 11.73 -33.75 -34.99
N LYS A 157 11.89 -32.56 -35.56
CA LYS A 157 12.51 -32.39 -36.87
C LYS A 157 13.97 -31.98 -36.79
N GLY A 158 14.55 -32.00 -35.60
CA GLY A 158 15.98 -31.74 -35.46
C GLY A 158 16.37 -30.29 -35.39
N ALA A 159 15.55 -29.45 -34.78
CA ALA A 159 15.86 -28.04 -34.60
C ALA A 159 16.21 -27.79 -33.14
N ARG A 160 17.37 -27.19 -32.90
CA ARG A 160 17.81 -26.87 -31.55
C ARG A 160 18.18 -25.40 -31.48
N ILE A 161 18.19 -24.87 -30.26
CA ILE A 161 18.67 -23.51 -30.03
C ILE A 161 20.17 -23.58 -29.77
N GLU A 162 20.95 -22.92 -30.61
CA GLU A 162 22.39 -22.89 -30.44
C GLU A 162 22.76 -22.02 -29.26
N ARG A 163 23.57 -22.56 -28.36
CA ARG A 163 23.95 -21.82 -27.16
C ARG A 163 24.96 -20.73 -27.53
N PRO A 164 24.76 -19.50 -27.06
CA PRO A 164 25.70 -18.42 -27.40
C PRO A 164 27.04 -18.60 -26.71
N HIS A 165 28.06 -17.95 -27.28
CA HIS A 165 29.41 -18.05 -26.74
C HIS A 165 29.56 -17.21 -25.48
N ASP A 166 30.77 -17.23 -24.92
CA ASP A 166 31.06 -16.43 -23.74
C ASP A 166 31.12 -14.95 -24.11
N TYR A 167 31.01 -14.10 -23.09
CA TYR A 167 31.01 -12.66 -23.29
C TYR A 167 32.36 -12.15 -23.77
N PHE A 168 33.45 -12.84 -23.44
CA PHE A 168 34.79 -12.48 -23.88
C PHE A 168 35.26 -13.39 -25.00
N CYS A 169 34.35 -13.76 -25.90
CA CYS A 169 34.70 -14.50 -27.10
C CYS A 169 35.56 -13.65 -28.01
N LYS A 170 36.60 -14.28 -28.59
CA LYS A 170 37.49 -13.61 -29.52
C LYS A 170 37.69 -14.45 -30.77
N CYS A 171 36.66 -15.18 -31.20
CA CYS A 171 36.77 -16.05 -32.36
C CYS A 171 36.63 -15.25 -33.65
N ASN A 172 36.70 -15.95 -34.78
CA ASN A 172 36.57 -15.31 -36.08
C ASN A 172 35.12 -14.99 -36.41
N ASP A 173 34.15 -15.50 -35.64
CA ASP A 173 32.74 -15.20 -35.83
C ASP A 173 32.19 -14.24 -34.80
N CYS A 174 32.81 -14.14 -33.62
CA CYS A 174 32.38 -13.16 -32.64
C CYS A 174 32.87 -11.76 -33.01
N ASN A 175 34.07 -11.68 -33.59
CA ASN A 175 34.71 -10.38 -33.82
C ASN A 175 34.02 -9.60 -34.94
N GLN A 176 33.70 -10.26 -36.06
CA GLN A 176 33.08 -9.54 -37.17
C GLN A 176 31.63 -9.22 -36.88
N LYS A 177 30.97 -10.05 -36.07
CA LYS A 177 29.62 -9.74 -35.63
C LYS A 177 29.61 -8.55 -34.69
N GLN A 178 30.59 -8.47 -33.78
CA GLN A 178 30.64 -7.35 -32.86
C GLN A 178 31.18 -6.08 -33.50
N LYS A 179 31.93 -6.20 -34.61
CA LYS A 179 32.41 -5.04 -35.33
C LYS A 179 31.39 -4.52 -36.33
N HIS A 180 30.54 -5.41 -36.86
CA HIS A 180 29.48 -4.97 -37.77
C HIS A 180 28.40 -4.20 -37.01
N ASP A 181 27.93 -4.75 -35.89
CA ASP A 181 26.90 -4.10 -35.09
C ASP A 181 27.04 -4.56 -33.65
N SER A 182 27.21 -3.61 -32.73
CA SER A 182 27.37 -3.90 -31.32
C SER A 182 26.05 -3.86 -30.56
N PHE A 183 24.94 -3.62 -31.25
CA PHE A 183 23.62 -3.59 -30.66
C PHE A 183 22.84 -4.85 -31.03
N SER A 184 22.86 -5.22 -32.31
CA SER A 184 22.23 -6.46 -32.78
C SER A 184 22.88 -7.69 -32.17
N HIS A 185 24.17 -7.64 -31.85
CA HIS A 185 24.86 -8.79 -31.26
C HIS A 185 24.38 -9.04 -29.84
N SER A 186 24.26 -7.98 -29.04
CA SER A 186 23.75 -8.11 -27.69
C SER A 186 22.28 -8.50 -27.68
N ARG A 187 21.50 -7.97 -28.62
CA ARG A 187 20.10 -8.37 -28.72
C ARG A 187 19.96 -9.82 -29.16
N SER A 188 20.88 -10.31 -30.00
CA SER A 188 20.85 -11.71 -30.41
C SER A 188 21.22 -12.63 -29.27
N ARG A 189 22.19 -12.22 -28.46
CA ARG A 189 22.57 -13.00 -27.28
C ARG A 189 21.43 -13.07 -26.27
N ILE A 190 20.73 -11.95 -26.06
CA ILE A 190 19.65 -11.97 -25.08
C ILE A 190 18.42 -12.70 -25.63
N ASN A 191 18.24 -12.74 -26.96
CA ASN A 191 17.14 -13.51 -27.53
C ASN A 191 17.41 -15.01 -27.44
N ALA A 192 18.66 -15.42 -27.67
CA ALA A 192 19.01 -16.83 -27.53
C ALA A 192 18.90 -17.28 -26.07
N TYR A 193 19.26 -16.41 -25.12
CA TYR A 193 19.12 -16.80 -23.72
C TYR A 193 17.66 -16.82 -23.28
N LYS A 194 16.84 -15.92 -23.83
CA LYS A 194 15.41 -15.94 -23.55
C LYS A 194 14.75 -17.18 -24.13
N GLY A 195 15.27 -17.70 -25.24
CA GLY A 195 14.81 -18.96 -25.77
C GLY A 195 15.25 -20.16 -24.94
N LEU A 196 16.50 -20.12 -24.46
CA LEU A 196 17.03 -21.24 -23.69
C LEU A 196 16.45 -21.30 -22.29
N ALA A 197 15.99 -20.18 -21.74
CA ALA A 197 15.54 -20.10 -20.36
C ALA A 197 14.03 -20.24 -20.24
N SER A 198 13.40 -21.01 -21.11
CA SER A 198 11.95 -21.18 -21.05
C SER A 198 11.59 -22.58 -20.58
N PRO A 199 10.48 -22.74 -19.85
CA PRO A 199 10.10 -24.08 -19.38
C PRO A 199 9.69 -25.03 -20.47
N ALA A 200 9.17 -24.50 -21.59
CA ALA A 200 8.80 -25.34 -22.73
C ALA A 200 10.02 -25.98 -23.37
N TYR A 201 11.14 -25.26 -23.38
CA TYR A 201 12.38 -25.81 -23.93
C TYR A 201 13.16 -26.61 -22.90
N LEU A 202 13.13 -26.17 -21.63
CA LEU A 202 13.84 -26.88 -20.58
C LEU A 202 13.23 -28.25 -20.31
N SER A 203 11.90 -28.35 -20.35
CA SER A 203 11.25 -29.62 -20.04
C SER A 203 11.37 -30.64 -21.15
N LEU A 204 11.55 -30.22 -22.39
CA LEU A 204 11.53 -31.12 -23.52
C LEU A 204 12.88 -31.31 -24.20
N SER A 205 13.86 -30.45 -23.94
CA SER A 205 15.10 -30.48 -24.69
C SER A 205 16.17 -31.38 -24.10
N SER A 206 16.27 -31.46 -22.78
CA SER A 206 17.33 -32.20 -22.12
C SER A 206 16.76 -33.39 -21.35
N GLU A 207 17.67 -34.28 -20.95
CA GLU A 207 17.30 -35.50 -20.25
C GLU A 207 17.28 -35.32 -18.73
N ASP A 208 17.96 -34.29 -18.21
CA ASP A 208 17.90 -33.93 -16.81
C ASP A 208 17.70 -32.43 -16.74
N PRO A 209 16.45 -31.97 -16.66
CA PRO A 209 16.19 -30.52 -16.72
C PRO A 209 16.51 -29.78 -15.44
N VAL A 210 16.61 -30.48 -14.30
CA VAL A 210 16.89 -29.81 -13.03
C VAL A 210 18.32 -29.27 -13.02
N MET A 211 19.28 -30.12 -13.42
CA MET A 211 20.68 -29.72 -13.44
C MET A 211 20.93 -28.65 -14.50
N THR A 212 20.26 -28.79 -15.65
CA THR A 212 20.37 -27.81 -16.73
C THR A 212 19.83 -26.45 -16.30
N ALA A 213 18.67 -26.45 -15.63
CA ALA A 213 18.09 -25.18 -15.21
C ALA A 213 18.87 -24.54 -14.07
N LEU A 214 19.49 -25.35 -13.22
CA LEU A 214 20.34 -24.80 -12.14
C LEU A 214 21.59 -24.14 -12.72
N GLU A 215 22.28 -24.82 -13.64
CA GLU A 215 23.47 -24.22 -14.25
C GLU A 215 23.11 -23.02 -15.14
N LEU A 216 21.94 -23.05 -15.77
CA LEU A 216 21.52 -21.92 -16.59
C LEU A 216 21.16 -20.72 -15.73
N SER A 217 20.56 -20.96 -14.55
CA SER A 217 20.27 -19.87 -13.63
C SER A 217 21.55 -19.23 -13.11
N ASN A 218 22.57 -20.06 -12.81
CA ASN A 218 23.85 -19.51 -12.37
C ASN A 218 24.54 -18.72 -13.48
N GLU A 219 24.47 -19.23 -14.71
CA GLU A 219 25.10 -18.56 -15.84
C GLU A 219 24.44 -17.22 -16.14
N LEU A 220 23.11 -17.17 -16.11
CA LEU A 220 22.43 -15.88 -16.29
C LEU A 220 22.66 -14.95 -15.10
N ALA A 221 22.87 -15.50 -13.91
CA ALA A 221 23.14 -14.67 -12.74
C ALA A 221 24.51 -14.00 -12.83
N VAL A 222 25.52 -14.71 -13.34
CA VAL A 222 26.83 -14.07 -13.47
C VAL A 222 26.86 -13.17 -14.71
N LEU A 223 26.04 -13.48 -15.72
CA LEU A 223 25.96 -12.60 -16.89
C LEU A 223 25.20 -11.31 -16.57
N ALA A 224 24.34 -11.33 -15.55
CA ALA A 224 23.72 -10.09 -15.12
C ALA A 224 24.71 -9.14 -14.48
N ASN A 225 25.77 -9.67 -13.87
CA ASN A 225 26.80 -8.85 -13.25
C ASN A 225 27.89 -8.45 -14.24
N ILE A 226 28.18 -9.30 -15.24
CA ILE A 226 29.19 -8.93 -16.23
C ILE A 226 28.68 -7.80 -17.12
N GLU A 227 27.46 -7.90 -17.62
CA GLU A 227 26.85 -6.87 -18.46
C GLU A 227 25.99 -5.98 -17.57
N LYS A 228 26.53 -4.82 -17.20
CA LYS A 228 25.79 -3.88 -16.36
C LYS A 228 24.59 -3.28 -17.06
N GLU A 229 24.62 -3.20 -18.39
CA GLU A 229 23.45 -2.82 -19.17
C GLU A 229 22.65 -4.07 -19.51
N PHE A 230 21.33 -3.90 -19.60
CA PHE A 230 20.34 -4.98 -19.77
C PHE A 230 20.50 -6.05 -18.68
N LYS A 231 20.44 -5.61 -17.43
CA LYS A 231 20.60 -6.47 -16.27
C LYS A 231 19.28 -6.99 -15.74
N ASN A 232 18.22 -6.17 -15.82
CA ASN A 232 16.88 -6.52 -15.37
C ASN A 232 16.24 -7.60 -16.23
N ASP A 233 16.80 -7.93 -17.39
CA ASP A 233 16.34 -9.04 -18.20
C ASP A 233 17.04 -10.34 -17.86
N TYR A 234 18.35 -10.29 -17.60
CA TYR A 234 19.08 -11.48 -17.17
C TYR A 234 18.63 -11.93 -15.79
N LYS A 235 18.30 -10.97 -14.91
CA LYS A 235 17.74 -11.30 -13.60
C LYS A 235 16.39 -12.00 -13.75
N LYS A 236 15.57 -11.54 -14.69
CA LYS A 236 14.26 -12.14 -14.93
C LYS A 236 14.39 -13.55 -15.50
N LEU A 237 15.35 -13.76 -16.39
CA LEU A 237 15.56 -15.09 -16.97
C LEU A 237 16.08 -16.07 -15.92
N SER A 238 17.00 -15.61 -15.06
CA SER A 238 17.46 -16.45 -13.96
C SER A 238 16.34 -16.77 -12.97
N MET A 239 15.45 -15.81 -12.73
CA MET A 239 14.33 -16.03 -11.81
C MET A 239 13.35 -17.05 -12.38
N GLN A 240 13.13 -17.04 -13.69
CA GLN A 240 12.23 -18.06 -14.24
C GLN A 240 12.91 -19.41 -14.37
N CYS A 241 14.24 -19.46 -14.50
CA CYS A 241 14.96 -20.73 -14.40
C CYS A 241 14.83 -21.33 -12.99
N LYS A 242 14.85 -20.48 -11.95
CA LYS A 242 14.64 -20.99 -10.61
C LYS A 242 13.18 -21.41 -10.40
N ASP A 243 12.24 -20.67 -11.00
CA ASP A 243 10.82 -20.98 -10.86
C ASP A 243 10.46 -22.30 -11.52
N PHE A 244 11.17 -22.66 -12.59
CA PHE A 244 10.98 -23.97 -13.23
C PHE A 244 11.28 -25.11 -12.26
N VAL A 245 12.39 -25.01 -11.53
CA VAL A 245 12.81 -26.08 -10.62
C VAL A 245 11.90 -26.12 -9.40
N VAL A 246 11.47 -24.95 -8.92
CA VAL A 246 10.55 -24.91 -7.78
C VAL A 246 9.19 -25.49 -8.16
N GLY A 247 8.70 -25.17 -9.36
CA GLY A 247 7.45 -25.76 -9.82
C GLY A 247 7.55 -27.23 -10.17
N LEU A 248 8.76 -27.71 -10.48
CA LEU A 248 8.95 -29.14 -10.68
C LEU A 248 9.01 -29.90 -9.36
N LEU A 249 9.48 -29.24 -8.29
CA LEU A 249 9.48 -29.88 -6.98
C LEU A 249 8.09 -29.95 -6.36
N ASP A 250 7.21 -28.99 -6.70
CA ASP A 250 5.91 -28.89 -6.06
C ASP A 250 4.99 -30.05 -6.44
N LEU A 251 5.12 -30.58 -7.65
CA LEU A 251 4.26 -31.65 -8.13
C LEU A 251 4.92 -33.01 -7.95
N CYS A 252 5.26 -33.30 -6.69
CA CYS A 252 5.82 -34.58 -6.29
C CYS A 252 4.88 -35.24 -5.31
N ARG A 253 4.68 -36.55 -5.46
CA ARG A 253 3.69 -37.28 -4.68
C ARG A 253 4.27 -38.37 -3.79
N ASN A 254 5.32 -39.05 -4.23
CA ASN A 254 5.92 -40.11 -3.45
C ASN A 254 7.18 -39.61 -2.74
N THR A 255 7.87 -40.53 -2.08
CA THR A 255 9.18 -40.25 -1.52
C THR A 255 10.28 -40.38 -2.56
N GLU A 256 10.12 -41.29 -3.54
CA GLU A 256 11.12 -41.46 -4.58
C GLU A 256 11.13 -40.29 -5.56
N GLU A 257 10.00 -39.63 -5.77
CA GLU A 257 9.99 -38.46 -6.64
C GLU A 257 10.63 -37.26 -5.96
N VAL A 258 10.37 -37.09 -4.65
CA VAL A 258 11.02 -36.05 -3.87
C VAL A 258 12.53 -36.30 -3.81
N GLU A 259 12.94 -37.56 -3.65
CA GLU A 259 14.35 -37.89 -3.65
C GLU A 259 14.99 -37.87 -5.03
N ALA A 260 14.19 -37.88 -6.09
CA ALA A 260 14.75 -37.72 -7.43
C ALA A 260 14.84 -36.26 -7.84
N ILE A 261 14.03 -35.38 -7.23
CA ILE A 261 14.18 -33.96 -7.50
C ILE A 261 15.25 -33.34 -6.60
N LEU A 262 15.20 -33.63 -5.30
CA LEU A 262 16.14 -33.04 -4.35
C LEU A 262 17.53 -33.64 -4.50
N ASN A 263 17.62 -34.96 -4.64
CA ASN A 263 18.88 -35.65 -4.86
C ASN A 263 18.92 -36.14 -6.30
N GLY A 264 20.11 -36.47 -6.78
CA GLY A 264 20.23 -36.91 -8.16
C GLY A 264 19.85 -38.37 -8.36
N ASP A 265 20.62 -39.06 -9.20
CA ASP A 265 20.43 -40.49 -9.39
C ASP A 265 21.04 -41.23 -8.21
N VAL A 266 20.18 -41.75 -7.32
CA VAL A 266 20.66 -42.29 -6.04
C VAL A 266 21.36 -43.63 -6.23
N GLU A 267 21.14 -44.28 -7.37
CA GLU A 267 21.86 -45.52 -7.66
C GLU A 267 23.28 -45.26 -8.13
N THR A 268 23.54 -44.09 -8.71
CA THR A 268 24.86 -43.75 -9.25
C THR A 268 25.56 -42.68 -8.42
N LEU A 269 25.13 -42.46 -7.18
CA LEU A 269 25.74 -41.48 -6.30
C LEU A 269 26.18 -42.16 -5.01
N GLN A 270 27.16 -41.56 -4.35
CA GLN A 270 27.61 -42.03 -3.05
C GLN A 270 26.52 -41.78 -2.01
N SER A 271 26.28 -42.77 -1.15
CA SER A 271 25.14 -42.71 -0.25
C SER A 271 25.35 -41.73 0.89
N GLY A 272 26.59 -41.43 1.23
CA GLY A 272 26.90 -40.52 2.32
C GLY A 272 27.65 -41.22 3.45
N ASP A 273 27.93 -40.43 4.49
CA ASP A 273 28.65 -40.95 5.64
C ASP A 273 27.77 -41.87 6.48
N HIS A 274 26.49 -41.54 6.60
CA HIS A 274 25.56 -42.31 7.41
C HIS A 274 24.37 -42.67 6.53
N GLY A 275 23.27 -43.11 7.17
CA GLY A 275 22.04 -43.41 6.46
C GLY A 275 21.29 -42.25 5.86
N ARG A 276 21.79 -41.03 6.07
CA ARG A 276 21.27 -39.82 5.45
C ARG A 276 21.52 -39.85 3.94
N PRO A 277 20.71 -39.13 3.15
CA PRO A 277 20.91 -39.13 1.70
C PRO A 277 22.13 -38.35 1.22
N ASN A 278 22.25 -38.21 -0.09
CA ASN A 278 23.37 -37.51 -0.72
C ASN A 278 22.99 -36.06 -0.95
N LEU A 279 23.65 -35.14 -0.23
CA LEU A 279 23.25 -33.75 -0.20
C LEU A 279 24.00 -32.88 -1.21
N SER A 280 24.45 -33.44 -2.33
CA SER A 280 25.28 -32.69 -3.27
C SER A 280 24.50 -31.68 -4.09
N ARG A 281 23.21 -31.93 -4.35
CA ARG A 281 22.43 -31.00 -5.16
C ARG A 281 21.86 -29.85 -4.34
N LEU A 282 21.52 -30.10 -3.06
CA LEU A 282 21.03 -29.02 -2.22
C LEU A 282 22.14 -28.04 -1.84
N LYS A 283 23.38 -28.52 -1.74
CA LYS A 283 24.51 -27.61 -1.59
C LYS A 283 24.66 -26.71 -2.81
N LEU A 284 24.41 -27.25 -3.99
CA LEU A 284 24.46 -26.45 -5.22
C LEU A 284 23.31 -25.46 -5.29
N ALA A 285 22.14 -25.84 -4.78
CA ALA A 285 21.01 -24.92 -4.77
C ALA A 285 21.19 -23.81 -3.75
N ILE A 286 21.89 -24.10 -2.65
CA ILE A 286 22.22 -23.04 -1.70
C ILE A 286 23.33 -22.15 -2.26
N LYS A 287 24.26 -22.73 -3.01
CA LYS A 287 25.33 -21.95 -3.64
C LYS A 287 24.77 -21.02 -4.71
N TYR A 288 23.78 -21.48 -5.47
CA TYR A 288 23.19 -20.66 -6.52
C TYR A 288 22.03 -19.81 -6.03
N GLU A 289 21.72 -19.87 -4.72
CA GLU A 289 20.69 -19.05 -4.05
C GLU A 289 19.30 -19.28 -4.65
N VAL A 290 18.92 -20.55 -4.78
CA VAL A 290 17.56 -20.90 -5.22
C VAL A 290 16.76 -21.08 -3.93
N LYS A 291 16.19 -19.98 -3.45
CA LYS A 291 15.67 -19.93 -2.09
C LYS A 291 14.33 -20.62 -1.93
N LYS A 292 13.46 -20.56 -2.93
CA LYS A 292 12.17 -21.23 -2.83
C LYS A 292 12.27 -22.73 -3.02
N PHE A 293 13.37 -23.21 -3.60
CA PHE A 293 13.62 -24.64 -3.70
C PHE A 293 14.00 -25.23 -2.36
N VAL A 294 14.58 -24.42 -1.47
CA VAL A 294 15.10 -24.88 -0.19
C VAL A 294 14.06 -24.60 0.88
N ALA A 295 13.29 -23.52 0.69
CA ALA A 295 12.22 -23.18 1.61
C ALA A 295 10.92 -23.91 1.31
N HIS A 296 10.89 -24.78 0.31
CA HIS A 296 9.70 -25.56 0.00
C HIS A 296 9.50 -26.65 1.07
N PRO A 297 8.24 -26.94 1.44
CA PRO A 297 7.98 -27.94 2.49
C PRO A 297 8.49 -29.35 2.19
N ASN A 298 8.54 -29.74 0.91
CA ASN A 298 9.06 -31.05 0.55
C ASN A 298 10.57 -31.14 0.79
N CYS A 299 11.28 -30.01 0.71
CA CYS A 299 12.67 -29.98 1.12
C CYS A 299 12.82 -29.80 2.62
N GLN A 300 11.88 -29.08 3.24
CA GLN A 300 11.96 -28.81 4.66
C GLN A 300 11.77 -30.07 5.50
N GLN A 301 10.91 -30.98 5.06
CA GLN A 301 10.72 -32.21 5.83
C GLN A 301 11.94 -33.12 5.78
N GLN A 302 12.60 -33.20 4.62
CA GLN A 302 13.84 -33.97 4.50
C GLN A 302 14.97 -33.33 5.30
N LEU A 303 15.11 -32.01 5.24
CA LEU A 303 16.16 -31.35 6.01
C LEU A 303 15.90 -31.42 7.50
N LEU A 304 14.63 -31.45 7.92
CA LEU A 304 14.32 -31.64 9.34
C LEU A 304 14.64 -33.05 9.80
N SER A 305 14.35 -34.05 8.95
CA SER A 305 14.68 -35.43 9.32
C SER A 305 16.19 -35.67 9.34
N ILE A 306 16.95 -34.94 8.53
CA ILE A 306 18.41 -35.03 8.64
C ILE A 306 18.90 -34.24 9.86
N TRP A 307 18.25 -33.13 10.17
CA TRP A 307 18.70 -32.24 11.24
C TRP A 307 18.51 -32.85 12.61
N TYR A 308 17.39 -33.57 12.81
CA TYR A 308 17.14 -34.12 14.13
C TYR A 308 17.97 -35.38 14.37
N GLU A 309 17.80 -36.42 13.53
CA GLU A 309 18.74 -37.53 13.40
C GLU A 309 18.99 -38.31 14.70
N ASN A 310 18.00 -39.11 15.11
CA ASN A 310 17.94 -39.95 16.32
C ASN A 310 17.68 -39.15 17.58
N LEU A 311 17.05 -37.98 17.46
CA LEU A 311 16.33 -37.35 18.57
C LEU A 311 14.94 -36.99 18.05
N SER A 312 14.05 -37.96 18.08
CA SER A 312 12.66 -37.71 17.73
C SER A 312 11.81 -37.38 18.96
N GLY A 313 12.33 -37.63 20.16
CA GLY A 313 11.68 -37.19 21.37
C GLY A 313 11.74 -35.69 21.54
N LEU A 314 12.92 -35.10 21.30
CA LEU A 314 13.11 -33.66 21.43
C LEU A 314 12.53 -32.87 20.27
N ARG A 315 11.99 -33.53 19.24
CA ARG A 315 11.44 -32.82 18.10
C ARG A 315 10.12 -32.15 18.46
N GLN A 316 9.24 -32.87 19.16
CA GLN A 316 7.90 -32.39 19.48
C GLN A 316 7.82 -31.66 20.81
N GLN A 317 8.95 -31.38 21.46
CA GLN A 317 8.92 -30.69 22.74
C GLN A 317 8.73 -29.18 22.53
N THR A 318 8.71 -28.46 23.65
CA THR A 318 8.51 -27.02 23.64
C THR A 318 9.85 -26.30 23.83
N MET A 319 9.81 -24.97 23.68
CA MET A 319 11.02 -24.17 23.82
C MET A 319 11.48 -24.06 25.27
N ALA A 320 10.56 -24.23 26.23
CA ALA A 320 10.96 -24.29 27.63
C ALA A 320 11.74 -25.56 27.92
N VAL A 321 11.42 -26.64 27.20
CA VAL A 321 12.21 -27.86 27.30
C VAL A 321 13.58 -27.68 26.66
N LYS A 322 13.64 -27.03 25.48
CA LYS A 322 14.93 -26.77 24.82
C LYS A 322 15.61 -25.51 25.31
N PHE A 323 15.67 -25.32 26.63
CA PHE A 323 16.53 -24.34 27.27
C PHE A 323 17.21 -25.07 28.43
N LEU A 324 16.45 -26.00 29.02
CA LEU A 324 16.98 -26.82 30.10
C LEU A 324 18.01 -27.81 29.58
N VAL A 325 17.83 -28.31 28.36
CA VAL A 325 18.83 -29.21 27.77
C VAL A 325 20.10 -28.44 27.41
N VAL A 326 19.95 -27.16 27.02
CA VAL A 326 21.12 -26.33 26.74
C VAL A 326 21.89 -26.04 28.03
N LEU A 327 21.15 -25.79 29.12
CA LEU A 327 21.81 -25.60 30.42
C LEU A 327 22.42 -26.91 30.92
N ALA A 328 21.84 -28.05 30.56
CA ALA A 328 22.40 -29.34 30.98
C ALA A 328 23.71 -29.63 30.25
N VAL A 329 23.77 -29.33 28.95
CA VAL A 329 25.04 -29.38 28.22
C VAL A 329 26.02 -28.32 28.74
N ALA A 330 25.52 -27.19 29.24
CA ALA A 330 26.40 -26.17 29.82
C ALA A 330 27.03 -26.66 31.13
N ILE A 331 26.28 -27.41 31.95
CA ILE A 331 26.85 -27.94 33.18
C ILE A 331 27.80 -29.09 32.87
N GLY A 332 27.30 -30.13 32.22
CA GLY A 332 28.08 -31.33 31.99
C GLY A 332 28.84 -31.37 30.68
N LEU A 333 29.55 -30.29 30.35
CA LEU A 333 30.30 -30.26 29.08
C LEU A 333 31.58 -31.10 29.11
N PRO A 334 32.44 -31.09 30.14
CA PRO A 334 33.58 -32.02 30.13
C PRO A 334 33.18 -33.48 30.24
N PHE A 335 32.01 -33.79 30.80
CA PHE A 335 31.55 -35.18 30.88
C PHE A 335 31.26 -35.74 29.50
N LEU A 336 30.45 -35.02 28.71
CA LEU A 336 30.20 -35.45 27.34
C LEU A 336 31.45 -35.33 26.48
N ALA A 337 32.36 -34.42 26.84
CA ALA A 337 33.62 -34.31 26.12
C ALA A 337 34.49 -35.55 26.30
N LEU A 338 34.64 -36.05 27.53
CA LEU A 338 35.56 -37.18 27.68
C LEU A 338 34.88 -38.49 27.32
N ILE A 339 33.54 -38.56 27.35
CA ILE A 339 32.92 -39.79 26.85
C ILE A 339 32.86 -39.78 25.32
N TYR A 340 32.95 -38.59 24.71
CA TYR A 340 33.13 -38.54 23.27
C TYR A 340 34.57 -38.85 22.88
N TRP A 341 35.53 -38.49 23.73
CA TRP A 341 36.93 -38.83 23.49
C TRP A 341 37.20 -40.31 23.69
N PHE A 342 36.72 -40.86 24.81
CA PHE A 342 37.17 -42.16 25.30
C PHE A 342 36.30 -43.33 24.84
N ALA A 343 35.04 -43.07 24.48
CA ALA A 343 34.14 -44.16 24.07
C ALA A 343 33.12 -43.65 23.06
N PRO A 344 33.49 -43.59 21.77
CA PRO A 344 32.50 -43.31 20.74
C PRO A 344 31.64 -44.54 20.46
N CYS A 345 30.64 -44.34 19.60
CA CYS A 345 29.72 -45.37 19.10
C CYS A 345 28.97 -46.03 20.27
N SER A 346 28.32 -45.20 21.07
CA SER A 346 27.58 -45.66 22.23
C SER A 346 26.13 -45.20 22.16
N LYS A 347 25.39 -45.37 23.26
CA LYS A 347 24.02 -44.88 23.30
C LYS A 347 23.98 -43.35 23.33
N MET A 348 24.98 -42.71 23.93
CA MET A 348 25.08 -41.26 23.95
C MET A 348 26.06 -40.70 22.93
N GLY A 349 27.05 -41.50 22.53
CA GLY A 349 27.99 -41.05 21.51
C GLY A 349 27.39 -40.92 20.12
N LYS A 350 26.31 -41.66 19.85
CA LYS A 350 25.59 -41.50 18.60
C LYS A 350 24.62 -40.34 18.63
N ILE A 351 24.11 -39.98 19.81
CA ILE A 351 23.27 -38.81 19.94
C ILE A 351 24.11 -37.54 19.88
N MET A 352 25.25 -37.50 20.56
CA MET A 352 26.08 -36.31 20.64
C MET A 352 26.81 -35.96 19.33
N ARG A 353 26.71 -36.74 18.25
CA ARG A 353 27.29 -36.34 16.98
C ARG A 353 26.23 -35.99 15.94
N GLY A 354 24.96 -35.89 16.31
CA GLY A 354 23.94 -35.37 15.45
C GLY A 354 24.11 -33.88 15.27
N PRO A 355 23.43 -33.31 14.26
CA PRO A 355 23.58 -31.87 14.01
C PRO A 355 22.94 -30.99 15.08
N PHE A 356 21.76 -31.37 15.57
CA PHE A 356 21.07 -30.56 16.57
C PHE A 356 21.79 -30.58 17.90
N MET A 357 22.37 -31.73 18.27
CA MET A 357 23.14 -31.77 19.51
C MET A 357 24.47 -31.05 19.37
N LYS A 358 25.03 -31.01 18.17
CA LYS A 358 26.23 -30.19 17.94
C LYS A 358 25.91 -28.71 18.07
N PHE A 359 24.73 -28.29 17.58
CA PHE A 359 24.28 -26.91 17.74
C PHE A 359 24.06 -26.57 19.22
N VAL A 360 23.46 -27.50 19.96
CA VAL A 360 23.21 -27.28 21.39
C VAL A 360 24.53 -27.22 22.17
N ALA A 361 25.51 -28.04 21.77
CA ALA A 361 26.81 -28.02 22.43
C ALA A 361 27.58 -26.74 22.14
N HIS A 362 27.49 -26.22 20.91
CA HIS A 362 28.15 -24.96 20.60
CA HIS A 362 28.15 -24.96 20.58
C HIS A 362 27.50 -23.79 21.30
N ALA A 363 26.16 -23.79 21.41
CA ALA A 363 25.46 -22.75 22.15
C ALA A 363 25.79 -22.82 23.63
N ALA A 364 25.96 -24.02 24.17
CA ALA A 364 26.32 -24.18 25.57
C ALA A 364 27.76 -23.71 25.84
N SER A 365 28.68 -23.95 24.90
CA SER A 365 30.04 -23.47 25.08
C SER A 365 30.11 -21.96 24.99
N PHE A 366 29.30 -21.35 24.13
CA PHE A 366 29.23 -19.89 24.08
C PHE A 366 28.61 -19.31 25.35
N THR A 367 27.63 -20.02 25.93
CA THR A 367 27.03 -19.59 27.18
C THR A 367 28.04 -19.67 28.33
N ILE A 368 28.88 -20.71 28.33
CA ILE A 368 29.95 -20.83 29.33
C ILE A 368 30.97 -19.71 29.16
N PHE A 369 31.28 -19.34 27.92
CA PHE A 369 32.23 -18.25 27.66
C PHE A 369 31.68 -16.91 28.15
N LEU A 370 30.39 -16.65 27.90
CA LEU A 370 29.79 -15.41 28.40
C LEU A 370 29.69 -15.40 29.92
N GLY A 371 29.42 -16.55 30.52
CA GLY A 371 29.39 -16.62 31.99
C GLY A 371 30.75 -16.42 32.61
N LEU A 372 31.80 -16.88 31.93
CA LEU A 372 33.16 -16.62 32.39
C LEU A 372 33.51 -15.14 32.27
N LEU A 373 33.08 -14.50 31.18
CA LEU A 373 33.31 -13.06 31.02
C LEU A 373 32.54 -12.25 32.07
N VAL A 374 31.37 -12.72 32.49
CA VAL A 374 30.66 -12.07 33.58
C VAL A 374 31.38 -12.27 34.90
N MET A 375 31.67 -13.53 35.24
CA MET A 375 32.18 -13.87 36.57
C MET A 375 33.66 -13.62 36.74
N ASN A 376 34.38 -13.14 35.71
CA ASN A 376 35.78 -12.82 35.89
C ASN A 376 35.97 -11.60 36.80
N ALA A 377 35.13 -10.58 36.64
CA ALA A 377 35.18 -9.41 37.50
C ALA A 377 34.18 -9.52 38.65
N ALA A 378 34.22 -10.63 39.39
CA ALA A 378 33.22 -10.89 40.43
C ALA A 378 33.61 -10.34 41.79
N ASP A 379 34.89 -10.00 41.99
CA ASP A 379 35.32 -9.42 43.25
C ASP A 379 35.08 -7.92 43.32
N ARG A 380 34.61 -7.30 42.23
CA ARG A 380 34.41 -5.87 42.16
C ARG A 380 32.96 -5.49 41.87
N PHE A 381 32.01 -6.40 42.12
CA PHE A 381 30.61 -6.13 41.80
C PHE A 381 30.01 -5.01 42.66
N GLU A 382 30.30 -5.01 43.96
CA GLU A 382 29.76 -4.02 44.88
C GLU A 382 30.82 -3.06 45.39
N GLY A 383 32.01 -3.06 44.80
CA GLY A 383 33.12 -2.26 45.29
C GLY A 383 34.44 -2.95 45.06
N THR A 384 35.45 -2.18 44.65
CA THR A 384 36.74 -2.76 44.29
C THR A 384 37.52 -3.21 45.52
N LYS A 385 37.47 -2.40 46.59
CA LYS A 385 38.27 -2.49 47.82
C LYS A 385 39.77 -2.44 47.55
N LEU A 386 40.19 -1.88 46.42
CA LEU A 386 41.59 -1.61 46.09
C LEU A 386 41.57 -0.23 45.42
N LEU A 387 41.86 0.79 46.22
CA LEU A 387 41.81 2.16 45.73
C LEU A 387 42.98 2.42 44.77
N PRO A 388 42.83 3.36 43.84
CA PRO A 388 43.96 3.72 42.97
C PRO A 388 45.11 4.41 43.68
N ASN A 389 44.92 4.87 44.92
CA ASN A 389 45.99 5.48 45.69
C ASN A 389 46.73 4.50 46.58
N GLU A 390 46.08 3.41 46.99
CA GLU A 390 46.69 2.45 47.91
C GLU A 390 47.42 1.38 47.12
N THR A 391 47.97 0.39 47.82
CA THR A 391 48.69 -0.72 47.22
C THR A 391 48.65 -1.90 48.18
N SER A 392 48.38 -3.09 47.64
CA SER A 392 48.30 -4.31 48.43
C SER A 392 49.11 -5.41 47.77
N THR A 393 49.95 -6.07 48.56
CA THR A 393 50.78 -7.16 48.06
C THR A 393 50.50 -8.50 48.71
N ASP A 394 50.09 -8.50 49.99
CA ASP A 394 49.65 -9.66 50.76
C ASP A 394 50.71 -10.74 50.93
N ASN A 395 51.97 -10.41 50.67
CA ASN A 395 53.08 -11.35 50.90
C ASN A 395 54.30 -10.72 51.54
N ALA A 396 54.40 -9.38 51.58
CA ALA A 396 55.47 -8.59 52.19
C ALA A 396 56.86 -8.84 51.60
N LYS A 397 56.95 -9.56 50.48
CA LYS A 397 58.19 -9.78 49.76
C LYS A 397 58.07 -9.44 48.29
N GLN A 398 56.93 -9.74 47.67
CA GLN A 398 56.71 -9.40 46.28
C GLN A 398 56.30 -7.94 46.14
N LEU A 399 56.47 -7.41 44.94
CA LEU A 399 56.12 -6.03 44.67
C LEU A 399 54.64 -5.96 44.25
N PHE A 400 54.14 -4.72 44.12
CA PHE A 400 52.71 -4.53 43.88
C PHE A 400 52.33 -4.94 42.46
N ARG A 401 53.26 -4.79 41.51
CA ARG A 401 52.95 -5.09 40.12
C ARG A 401 52.97 -6.59 39.81
N MET A 402 53.21 -7.46 40.79
CA MET A 402 53.06 -8.89 40.61
C MET A 402 51.66 -9.37 40.97
N LYS A 403 50.97 -8.65 41.85
CA LYS A 403 49.60 -9.02 42.20
C LYS A 403 48.63 -8.61 41.10
N THR A 404 48.93 -7.52 40.40
CA THR A 404 48.04 -6.99 39.37
C THR A 404 48.28 -7.58 37.99
N SER A 405 49.34 -8.38 37.82
CA SER A 405 49.69 -8.92 36.52
C SER A 405 49.63 -10.44 36.46
N CYS A 406 49.36 -11.11 37.57
CA CYS A 406 49.30 -12.57 37.55
C CYS A 406 47.98 -13.03 36.95
N PHE A 407 48.03 -14.05 36.09
CA PHE A 407 46.84 -14.58 35.46
C PHE A 407 46.07 -15.44 36.44
N SER A 408 44.76 -15.21 36.54
CA SER A 408 43.90 -16.07 37.33
C SER A 408 43.52 -17.31 36.50
N TRP A 409 42.78 -18.22 37.12
CA TRP A 409 42.33 -19.40 36.39
C TRP A 409 41.21 -19.08 35.42
N MET A 410 40.37 -18.09 35.74
CA MET A 410 39.32 -17.68 34.81
C MET A 410 39.91 -16.98 33.60
N GLU A 411 40.97 -16.21 33.79
CA GLU A 411 41.64 -15.60 32.65
C GLU A 411 42.34 -16.64 31.78
N MET A 412 42.86 -17.71 32.42
CA MET A 412 43.46 -18.80 31.65
C MET A 412 42.41 -19.56 30.85
N LEU A 413 41.21 -19.72 31.43
CA LEU A 413 40.11 -20.35 30.69
C LEU A 413 39.62 -19.46 29.54
N ILE A 414 39.59 -18.15 29.74
CA ILE A 414 39.21 -17.22 28.67
C ILE A 414 40.24 -17.24 27.55
N ILE A 415 41.53 -17.33 27.91
CA ILE A 415 42.59 -17.44 26.92
C ILE A 415 42.48 -18.76 26.14
N SER A 416 42.10 -19.84 26.84
CA SER A 416 41.90 -21.12 26.17
C SER A 416 40.73 -21.07 25.19
N TRP A 417 39.60 -20.47 25.60
CA TRP A 417 38.46 -20.30 24.71
C TRP A 417 38.79 -19.44 23.49
N VAL A 418 39.53 -18.34 23.67
CA VAL A 418 39.79 -17.49 22.50
C VAL A 418 40.87 -18.10 21.61
N ILE A 419 41.76 -18.92 22.17
CA ILE A 419 42.73 -19.63 21.33
C ILE A 419 42.02 -20.69 20.49
N GLY A 420 41.03 -21.38 21.10
CA GLY A 420 40.21 -22.30 20.33
C GLY A 420 39.38 -21.60 19.26
N MET A 421 38.92 -20.38 19.54
CA MET A 421 38.16 -19.62 18.54
C MET A 421 39.03 -19.18 17.38
N ILE A 422 40.25 -18.70 17.66
CA ILE A 422 41.19 -18.34 16.59
C ILE A 422 41.58 -19.57 15.78
N TRP A 423 41.71 -20.73 16.43
CA TRP A 423 42.04 -21.95 15.71
C TRP A 423 40.90 -22.41 14.81
N ALA A 424 39.67 -22.36 15.32
CA ALA A 424 38.51 -22.76 14.52
C ALA A 424 38.17 -21.76 13.43
N GLU A 425 38.64 -20.52 13.55
CA GLU A 425 38.45 -19.54 12.48
C GLU A 425 39.56 -19.64 11.43
N CYS A 426 40.79 -19.91 11.87
CA CYS A 426 41.90 -20.03 10.94
C CYS A 426 41.84 -21.35 10.19
N LYS A 427 41.15 -22.35 10.73
CA LYS A 427 40.91 -23.59 10.00
C LYS A 427 39.90 -23.36 8.88
N GLU A 428 38.99 -22.41 9.06
CA GLU A 428 37.93 -22.17 8.09
C GLU A 428 38.25 -21.06 7.08
N ILE A 429 39.25 -20.22 7.36
CA ILE A 429 39.56 -19.15 6.41
C ILE A 429 40.28 -19.72 5.18
N TRP A 430 41.05 -20.80 5.36
CA TRP A 430 41.79 -21.36 4.23
C TRP A 430 40.96 -22.38 3.46
N THR A 431 39.92 -22.93 4.09
CA THR A 431 38.97 -23.78 3.37
C THR A 431 38.17 -23.00 2.34
N GLN A 432 37.82 -21.75 2.63
CA GLN A 432 37.06 -20.92 1.70
C GLN A 432 37.92 -19.91 0.97
N GLY A 433 39.16 -19.67 1.39
CA GLY A 433 40.03 -18.72 0.76
C GLY A 433 39.71 -17.30 1.15
N PRO A 434 40.58 -16.34 0.78
CA PRO A 434 40.30 -14.93 1.07
C PRO A 434 39.43 -14.26 0.00
N LYS A 435 38.43 -14.97 -0.51
CA LYS A 435 37.47 -14.44 -1.46
C LYS A 435 36.04 -14.64 -1.01
N GLU A 436 35.74 -15.77 -0.35
CA GLU A 436 34.43 -16.00 0.22
C GLU A 436 34.37 -15.61 1.67
N TYR A 437 35.54 -15.57 2.32
CA TYR A 437 35.63 -15.18 3.71
C TYR A 437 35.58 -13.66 3.87
N LEU A 438 36.44 -12.96 3.13
CA LEU A 438 36.53 -11.51 3.26
C LEU A 438 35.34 -10.78 2.63
N PHE A 439 34.56 -11.47 1.79
CA PHE A 439 33.41 -10.83 1.16
C PHE A 439 32.28 -10.62 2.17
N GLU A 440 32.11 -11.55 3.11
CA GLU A 440 31.14 -11.38 4.17
C GLU A 440 31.68 -10.42 5.23
N LEU A 441 30.83 -9.50 5.67
CA LEU A 441 31.26 -8.42 6.55
C LEU A 441 31.07 -8.72 8.03
N TRP A 442 30.52 -9.87 8.38
CA TRP A 442 30.48 -10.29 9.78
C TRP A 442 31.74 -11.05 10.17
N ASN A 443 32.44 -11.63 9.18
CA ASN A 443 33.76 -12.18 9.42
C ASN A 443 34.76 -11.10 9.81
N MET A 444 34.56 -9.87 9.32
CA MET A 444 35.34 -8.73 9.77
C MET A 444 35.14 -8.48 11.25
N LEU A 445 33.90 -8.57 11.73
CA LEU A 445 33.60 -8.35 13.13
C LEU A 445 34.16 -9.46 14.01
N ASP A 446 34.08 -10.71 13.53
CA ASP A 446 34.63 -11.83 14.28
C ASP A 446 36.15 -11.76 14.37
N PHE A 447 36.81 -11.46 13.24
CA PHE A 447 38.27 -11.35 13.24
C PHE A 447 38.73 -10.16 14.05
N GLY A 448 37.95 -9.07 14.06
CA GLY A 448 38.28 -7.93 14.88
C GLY A 448 38.18 -8.22 16.37
N MET A 449 37.13 -8.94 16.78
CA MET A 449 36.99 -9.32 18.18
C MET A 449 38.11 -10.24 18.63
N LEU A 450 38.46 -11.22 17.79
CA LEU A 450 39.55 -12.14 18.15
C LEU A 450 40.90 -11.44 18.17
N ALA A 451 41.13 -10.50 17.24
CA ALA A 451 42.38 -9.77 17.21
C ALA A 451 42.53 -8.83 18.40
N ILE A 452 41.42 -8.23 18.83
CA ILE A 452 41.48 -7.33 19.99
C ILE A 452 41.68 -8.12 21.28
N PHE A 453 41.06 -9.31 21.40
CA PHE A 453 41.36 -10.19 22.52
C PHE A 453 42.83 -10.63 22.53
N ALA A 454 43.37 -10.97 21.36
CA ALA A 454 44.76 -11.41 21.27
C ALA A 454 45.72 -10.30 21.63
N ALA A 455 45.44 -9.07 21.18
CA ALA A 455 46.30 -7.93 21.51
C ALA A 455 46.22 -7.59 22.99
N SER A 456 45.04 -7.75 23.61
CA SER A 456 44.90 -7.51 25.04
C SER A 456 45.71 -8.51 25.86
N PHE A 457 45.65 -9.79 25.48
CA PHE A 457 46.42 -10.79 26.22
C PHE A 457 47.92 -10.67 25.95
N ILE A 458 48.30 -10.21 24.74
CA ILE A 458 49.70 -9.97 24.43
C ILE A 458 50.26 -8.82 25.26
N ALA A 459 49.51 -7.73 25.42
CA ALA A 459 49.94 -6.64 26.28
C ALA A 459 50.00 -7.01 27.75
N ARG A 460 49.03 -7.80 28.24
CA ARG A 460 49.07 -8.24 29.64
C ARG A 460 50.25 -9.17 29.89
N PHE A 461 50.59 -10.02 28.91
CA PHE A 461 51.73 -10.92 29.08
C PHE A 461 53.05 -10.17 29.14
N MET A 462 53.22 -9.13 28.33
CA MET A 462 54.50 -8.41 28.38
C MET A 462 54.58 -7.49 29.59
N ALA A 463 53.43 -7.01 30.10
CA ALA A 463 53.44 -6.30 31.38
C ALA A 463 53.85 -7.23 32.53
N PHE A 464 53.30 -8.45 32.54
CA PHE A 464 53.68 -9.44 33.52
C PHE A 464 55.14 -9.87 33.38
N TRP A 465 55.64 -9.91 32.14
CA TRP A 465 57.03 -10.28 31.91
C TRP A 465 57.99 -9.22 32.42
N HIS A 466 57.67 -7.94 32.19
CA HIS A 466 58.48 -6.86 32.74
C HIS A 466 58.45 -6.85 34.27
N ALA A 467 57.27 -7.10 34.86
CA ALA A 467 57.17 -7.15 36.32
C ALA A 467 57.95 -8.31 36.90
N SER A 468 57.88 -9.48 36.26
CA SER A 468 58.58 -10.66 36.77
C SER A 468 60.09 -10.51 36.59
N LYS A 469 60.54 -9.87 35.50
CA LYS A 469 61.96 -9.60 35.33
C LYS A 469 62.47 -8.63 36.39
N ALA A 470 61.70 -7.58 36.68
CA ALA A 470 62.10 -6.62 37.70
C ALA A 470 62.09 -7.23 39.10
N GLN A 471 61.18 -8.18 39.36
CA GLN A 471 61.18 -8.84 40.66
C GLN A 471 62.25 -9.91 40.74
N SER A 472 62.69 -10.46 39.61
CA SER A 472 63.74 -11.47 39.64
C SER A 472 65.12 -10.86 39.78
N ILE A 473 65.38 -9.70 39.17
CA ILE A 473 66.72 -9.11 39.24
C ILE A 473 66.95 -8.49 40.61
N ILE A 474 65.88 -8.18 41.33
CA ILE A 474 65.98 -7.66 42.70
C ILE A 474 65.02 -8.48 43.55
N ASP A 475 65.54 -9.55 44.15
CA ASP A 475 64.73 -10.43 44.98
C ASP A 475 64.92 -10.13 46.47
N LYS A 485 62.41 -2.35 54.28
CA LYS A 485 61.95 -1.48 53.20
C LYS A 485 62.82 -0.23 53.09
N VAL A 486 63.73 -0.24 52.13
CA VAL A 486 64.64 0.88 51.90
C VAL A 486 64.32 1.51 50.56
N THR A 487 65.04 2.58 50.21
CA THR A 487 64.85 3.23 48.91
C THR A 487 65.44 2.36 47.80
N LEU A 488 64.58 1.88 46.92
CA LEU A 488 65.00 1.01 45.85
C LEU A 488 65.74 1.79 44.77
N GLY A 489 66.59 1.09 44.02
CA GLY A 489 67.41 1.72 43.01
C GLY A 489 66.62 2.14 41.79
N ASP A 490 67.30 2.89 40.92
CA ASP A 490 66.64 3.45 39.74
C ASP A 490 66.60 2.47 38.56
N ASN A 491 66.17 1.23 38.82
CA ASN A 491 65.84 0.29 37.76
C ASN A 491 64.57 -0.51 38.03
N VAL A 492 64.09 -0.57 39.28
CA VAL A 492 62.85 -1.24 39.63
C VAL A 492 61.98 -0.27 40.43
N LYS A 493 62.30 1.02 40.36
CA LYS A 493 61.56 2.00 41.16
C LYS A 493 60.23 2.35 40.50
N TYR A 494 60.08 2.06 39.20
CA TYR A 494 58.77 2.18 38.54
C TYR A 494 58.02 0.85 38.69
N TYR A 495 58.04 0.31 39.90
CA TYR A 495 57.23 -0.83 40.31
C TYR A 495 56.96 -0.60 41.79
N ASN A 496 56.05 -1.41 42.35
CA ASN A 496 55.48 -1.21 43.70
C ASN A 496 54.82 0.17 43.84
N LEU A 497 54.27 0.70 42.76
CA LEU A 497 53.68 2.04 42.72
C LEU A 497 52.18 1.94 42.49
N ALA A 498 51.48 3.03 42.85
CA ALA A 498 50.03 3.09 42.76
C ALA A 498 49.60 3.48 41.34
N ARG A 499 48.29 3.65 41.16
CA ARG A 499 47.74 3.90 39.83
C ARG A 499 48.04 5.31 39.33
N ILE A 500 48.31 6.25 40.25
CA ILE A 500 48.60 7.63 39.85
C ILE A 500 49.92 7.70 39.09
N LYS A 501 50.91 6.96 39.54
CA LYS A 501 52.28 7.11 39.06
C LYS A 501 52.64 6.13 37.95
N TRP A 502 51.66 5.49 37.33
CA TRP A 502 51.92 4.74 36.12
C TRP A 502 52.08 5.69 34.94
N ASP A 503 52.78 5.22 33.91
CA ASP A 503 52.90 5.98 32.68
C ASP A 503 51.57 5.95 31.91
N PRO A 504 51.30 6.96 31.08
CA PRO A 504 50.09 6.91 30.24
C PRO A 504 50.15 5.85 29.14
N SER A 505 51.31 5.25 28.88
CA SER A 505 51.43 4.17 27.91
C SER A 505 51.88 2.88 28.58
N ASP A 506 51.39 2.63 29.79
CA ASP A 506 51.72 1.40 30.50
C ASP A 506 51.07 0.21 29.79
N PRO A 507 51.78 -0.91 29.63
CA PRO A 507 51.22 -2.05 28.89
C PRO A 507 50.11 -2.80 29.60
N GLN A 508 49.74 -2.42 30.83
CA GLN A 508 48.57 -2.98 31.48
C GLN A 508 47.30 -2.18 31.22
N ILE A 509 47.39 -0.86 31.10
CA ILE A 509 46.20 -0.10 30.78
C ILE A 509 45.82 -0.26 29.31
N ILE A 510 46.78 -0.62 28.44
CA ILE A 510 46.45 -0.99 27.07
C ILE A 510 45.65 -2.29 27.05
N SER A 511 46.05 -3.25 27.88
CA SER A 511 45.31 -4.50 28.01
C SER A 511 43.91 -4.28 28.57
N GLU A 512 43.81 -3.42 29.59
CA GLU A 512 42.51 -3.14 30.18
C GLU A 512 41.61 -2.32 29.25
N GLY A 513 42.20 -1.53 28.36
CA GLY A 513 41.43 -0.79 27.39
C GLY A 513 40.92 -1.66 26.26
N LEU A 514 41.76 -2.58 25.77
CA LEU A 514 41.31 -3.45 24.69
C LEU A 514 40.38 -4.55 25.19
N TYR A 515 40.50 -4.96 26.46
CA TYR A 515 39.69 -6.04 26.99
C TYR A 515 38.22 -5.65 27.06
N ALA A 516 37.93 -4.38 27.33
CA ALA A 516 36.53 -3.92 27.39
C ALA A 516 35.88 -3.92 26.01
N ILE A 517 36.62 -3.47 24.98
CA ILE A 517 36.12 -3.50 23.62
C ILE A 517 35.88 -4.94 23.17
N ALA A 518 36.78 -5.85 23.54
CA ALA A 518 36.61 -7.25 23.17
C ALA A 518 35.43 -7.89 23.90
N VAL A 519 35.19 -7.51 25.15
CA VAL A 519 34.06 -8.02 25.91
C VAL A 519 32.74 -7.51 25.34
N VAL A 520 32.71 -6.26 24.86
CA VAL A 520 31.51 -5.77 24.19
C VAL A 520 31.28 -6.48 22.86
N LEU A 521 32.33 -6.63 22.06
CA LEU A 521 32.20 -7.23 20.74
C LEU A 521 31.92 -8.73 20.79
N SER A 522 32.25 -9.41 21.89
CA SER A 522 32.01 -10.85 21.96
C SER A 522 30.54 -11.21 22.11
N PHE A 523 29.68 -10.24 22.43
CA PHE A 523 28.25 -10.48 22.49
C PHE A 523 27.58 -10.47 21.11
N SER A 524 28.32 -10.18 20.05
CA SER A 524 27.75 -10.18 18.71
C SER A 524 27.63 -11.57 18.12
N ARG A 525 28.12 -12.60 18.81
CA ARG A 525 28.02 -13.97 18.33
C ARG A 525 26.67 -14.61 18.64
N ILE A 526 25.74 -13.86 19.23
CA ILE A 526 24.36 -14.32 19.37
C ILE A 526 23.68 -14.40 18.01
N ALA A 527 24.11 -13.58 17.06
CA ALA A 527 23.59 -13.60 15.69
C ALA A 527 23.96 -14.84 14.91
N TYR A 528 24.90 -15.66 15.41
CA TYR A 528 25.23 -16.92 14.78
C TYR A 528 24.32 -18.06 15.23
N ILE A 529 23.69 -17.94 16.40
CA ILE A 529 22.78 -18.96 16.91
C ILE A 529 21.33 -18.51 16.88
N LEU A 530 21.07 -17.23 16.59
CA LEU A 530 19.74 -16.67 16.58
C LEU A 530 18.83 -17.01 15.38
N PRO A 531 19.32 -17.17 14.13
CA PRO A 531 18.40 -17.58 13.06
C PRO A 531 17.90 -19.02 13.13
N ALA A 532 18.20 -19.79 14.17
CA ALA A 532 17.63 -21.12 14.33
C ALA A 532 16.29 -21.10 15.03
N ASN A 533 15.83 -19.93 15.48
CA ASN A 533 14.60 -19.80 16.23
C ASN A 533 13.49 -19.27 15.35
N GLU A 534 12.25 -19.71 15.61
CA GLU A 534 11.11 -19.31 14.80
C GLU A 534 10.59 -17.92 15.13
N SER A 535 11.02 -17.34 16.25
CA SER A 535 10.55 -16.03 16.66
C SER A 535 11.59 -14.92 16.49
N PHE A 536 12.88 -15.26 16.52
CA PHE A 536 13.94 -14.27 16.41
C PHE A 536 14.76 -14.43 15.13
N GLY A 537 14.28 -15.24 14.19
CA GLY A 537 14.87 -15.37 12.89
C GLY A 537 14.43 -14.30 11.89
N PRO A 538 13.12 -14.17 11.66
CA PRO A 538 12.63 -13.07 10.83
C PRO A 538 12.92 -11.68 11.38
N LEU A 539 13.09 -11.53 12.69
CA LEU A 539 13.49 -10.25 13.25
C LEU A 539 14.91 -9.88 12.81
N GLN A 540 15.82 -10.87 12.85
CA GLN A 540 17.17 -10.67 12.34
C GLN A 540 17.17 -10.41 10.84
N ILE A 541 16.26 -11.06 10.11
CA ILE A 541 16.14 -10.83 8.67
C ILE A 541 15.69 -9.40 8.39
N SER A 542 14.78 -8.87 9.21
CA SER A 542 14.30 -7.49 9.03
C SER A 542 15.38 -6.48 9.39
N LEU A 543 16.18 -6.77 10.44
CA LEU A 543 17.31 -5.92 10.79
C LEU A 543 18.33 -5.86 9.67
N GLY A 544 18.67 -7.02 9.09
CA GLY A 544 19.60 -7.04 7.97
C GLY A 544 19.03 -6.44 6.71
N ARG A 545 17.70 -6.41 6.59
CA ARG A 545 17.08 -5.72 5.46
C ARG A 545 17.20 -4.22 5.59
N THR A 546 17.01 -3.68 6.81
CA THR A 546 17.07 -2.23 6.98
C THR A 546 18.47 -1.69 7.22
N VAL A 547 19.48 -2.55 7.43
CA VAL A 547 20.81 -2.06 7.80
C VAL A 547 21.51 -1.43 6.59
N LYS A 548 21.05 -1.74 5.37
CA LYS A 548 21.74 -1.24 4.18
C LYS A 548 21.48 0.24 3.93
N ASP A 549 20.33 0.76 4.34
CA ASP A 549 20.00 2.16 4.17
C ASP A 549 20.43 3.02 5.35
N ILE A 550 21.23 2.47 6.26
CA ILE A 550 21.78 3.20 7.39
C ILE A 550 23.21 3.63 7.12
N PHE A 551 24.02 2.74 6.53
CA PHE A 551 25.40 3.06 6.20
C PHE A 551 25.54 4.00 5.01
N LYS A 552 24.46 4.28 4.30
CA LYS A 552 24.46 5.33 3.28
C LYS A 552 24.05 6.68 3.83
N PHE A 553 23.25 6.72 4.90
CA PHE A 553 22.92 7.97 5.56
C PHE A 553 23.95 8.37 6.60
N MET A 554 24.77 7.43 7.07
CA MET A 554 25.90 7.80 7.92
C MET A 554 26.93 8.65 7.18
N VAL A 555 27.02 8.49 5.86
CA VAL A 555 27.91 9.33 5.06
C VAL A 555 27.39 10.77 5.02
N ILE A 556 26.08 10.95 4.92
CA ILE A 556 25.49 12.29 4.94
C ILE A 556 25.65 12.91 6.32
N PHE A 557 25.48 12.11 7.37
CA PHE A 557 25.74 12.56 8.74
C PHE A 557 27.18 13.02 8.92
N ILE A 558 28.13 12.26 8.36
CA ILE A 558 29.55 12.60 8.48
C ILE A 558 29.87 13.88 7.70
N MET A 559 29.23 14.06 6.53
CA MET A 559 29.44 15.26 5.74
C MET A 559 28.95 16.53 6.46
N VAL A 560 27.72 16.51 6.99
CA VAL A 560 27.18 17.65 7.73
C VAL A 560 28.00 17.91 8.99
N PHE A 561 28.42 16.83 9.66
CA PHE A 561 29.21 16.92 10.89
C PHE A 561 30.56 17.58 10.63
N VAL A 562 31.26 17.13 9.59
CA VAL A 562 32.60 17.65 9.29
C VAL A 562 32.53 19.09 8.82
N ALA A 563 31.51 19.43 8.02
CA ALA A 563 31.30 20.81 7.58
C ALA A 563 31.09 21.77 8.74
N PHE A 564 30.17 21.43 9.65
CA PHE A 564 29.90 22.33 10.77
C PHE A 564 31.04 22.32 11.79
N MET A 565 31.78 21.22 11.90
CA MET A 565 32.93 21.15 12.80
C MET A 565 34.03 22.10 12.36
N ILE A 566 34.36 22.08 11.06
CA ILE A 566 35.38 22.96 10.53
C ILE A 566 34.93 24.41 10.60
N GLY A 567 33.64 24.68 10.33
CA GLY A 567 33.15 26.04 10.37
C GLY A 567 33.17 26.65 11.76
N MET A 568 32.66 25.92 12.76
CA MET A 568 32.64 26.47 14.11
C MET A 568 34.01 26.48 14.76
N PHE A 569 34.91 25.55 14.37
CA PHE A 569 36.28 25.65 14.85
C PHE A 569 36.99 26.86 14.25
N ASN A 570 36.72 27.17 12.99
CA ASN A 570 37.29 28.39 12.39
C ASN A 570 36.69 29.64 13.01
N LEU A 571 35.46 29.55 13.50
CA LEU A 571 34.84 30.71 14.13
C LEU A 571 35.39 30.97 15.53
N TYR A 572 35.53 29.92 16.35
CA TYR A 572 35.78 30.10 17.77
C TYR A 572 37.21 29.80 18.22
N SER A 573 38.17 29.66 17.31
CA SER A 573 39.51 29.27 17.72
C SER A 573 40.28 30.42 18.35
N TYR A 574 39.92 31.66 18.02
CA TYR A 574 40.65 32.82 18.51
C TYR A 574 40.20 33.27 19.90
N TYR A 575 39.26 32.56 20.52
CA TYR A 575 38.70 32.92 21.81
C TYR A 575 38.87 31.78 22.80
N ILE A 576 40.09 31.23 22.85
CA ILE A 576 40.32 29.97 23.56
C ILE A 576 40.27 30.18 25.07
N GLY A 577 40.82 31.29 25.56
CA GLY A 577 40.76 31.59 26.97
C GLY A 577 39.66 32.54 27.39
N ALA A 578 38.83 32.99 26.46
CA ALA A 578 37.84 34.02 26.73
C ALA A 578 36.40 33.54 26.58
N LYS A 579 36.15 32.26 26.75
CA LYS A 579 34.81 31.69 26.63
C LYS A 579 34.33 31.21 27.99
N GLN A 580 33.05 30.83 28.05
CA GLN A 580 32.50 30.28 29.29
C GLN A 580 33.01 28.86 29.52
N ASN A 581 32.96 28.02 28.50
CA ASN A 581 33.56 26.69 28.57
C ASN A 581 34.51 26.51 27.40
N GLU A 582 35.12 25.33 27.28
CA GLU A 582 36.19 25.12 26.33
C GLU A 582 35.71 24.62 24.97
N ALA A 583 34.41 24.71 24.70
CA ALA A 583 33.86 24.16 23.46
C ALA A 583 34.26 25.01 22.26
N PHE A 584 34.43 24.33 21.12
CA PHE A 584 34.73 24.87 19.79
C PHE A 584 36.08 25.59 19.71
N THR A 585 36.97 25.41 20.69
CA THR A 585 38.26 26.08 20.70
C THR A 585 39.37 25.22 20.12
N THR A 586 39.20 23.91 20.07
CA THR A 586 40.09 23.01 19.35
C THR A 586 39.23 22.08 18.52
N VAL A 587 39.89 21.19 17.77
CA VAL A 587 39.14 20.24 16.95
C VAL A 587 38.51 19.15 17.82
N GLU A 588 39.19 18.77 18.90
CA GLU A 588 38.65 17.77 19.82
C GLU A 588 37.42 18.28 20.54
N GLU A 589 37.45 19.54 20.99
CA GLU A 589 36.31 20.10 21.70
C GLU A 589 35.14 20.38 20.75
N SER A 590 35.43 20.78 19.51
CA SER A 590 34.38 20.94 18.52
C SER A 590 33.73 19.60 18.17
N PHE A 591 34.55 18.55 18.09
CA PHE A 591 34.05 17.19 17.86
C PHE A 591 33.13 16.74 18.99
N LYS A 592 33.61 16.85 20.23
CA LYS A 592 32.80 16.35 21.34
C LYS A 592 31.68 17.30 21.73
N THR A 593 31.63 18.51 21.16
CA THR A 593 30.43 19.32 21.31
C THR A 593 29.37 18.95 20.28
N LEU A 594 29.76 18.90 18.99
CA LEU A 594 28.77 18.63 17.95
C LEU A 594 28.34 17.17 17.91
N PHE A 595 29.11 16.24 18.48
CA PHE A 595 28.64 14.87 18.52
C PHE A 595 27.56 14.69 19.59
N TRP A 596 27.81 15.21 20.78
CA TRP A 596 26.87 15.05 21.87
C TRP A 596 25.75 16.09 21.83
N ALA A 597 25.77 17.01 20.87
CA ALA A 597 24.60 17.82 20.59
C ALA A 597 23.48 17.01 19.91
N ILE A 598 23.81 15.85 19.34
CA ILE A 598 22.80 15.00 18.70
C ILE A 598 21.88 14.39 19.75
N PHE A 599 22.43 13.96 20.88
CA PHE A 599 21.64 13.34 21.94
C PHE A 599 21.24 14.33 23.01
N GLY A 600 21.46 15.63 22.78
CA GLY A 600 21.07 16.63 23.74
C GLY A 600 21.95 16.73 24.96
N LEU A 601 23.21 16.33 24.85
CA LEU A 601 24.14 16.37 25.98
C LEU A 601 25.14 17.51 25.86
N SER A 602 24.92 18.43 24.93
CA SER A 602 25.74 19.62 24.76
C SER A 602 24.87 20.84 25.07
N GLU A 603 25.29 21.63 26.06
CA GLU A 603 24.49 22.75 26.52
C GLU A 603 24.57 23.91 25.54
N VAL A 604 23.60 24.83 25.67
CA VAL A 604 23.48 25.94 24.74
C VAL A 604 24.46 27.06 25.08
N LYS A 605 24.96 27.10 26.31
CA LYS A 605 25.98 28.09 26.68
C LYS A 605 27.38 27.71 26.23
N SER A 606 27.54 26.68 25.40
CA SER A 606 28.80 26.29 24.80
C SER A 606 29.21 27.20 23.65
N VAL A 607 28.42 28.23 23.35
CA VAL A 607 28.58 29.02 22.13
C VAL A 607 28.73 30.50 22.42
N VAL A 608 28.67 30.90 23.69
CA VAL A 608 28.74 32.31 24.07
C VAL A 608 30.17 32.64 24.47
N ILE A 609 30.54 33.90 24.34
CA ILE A 609 31.87 34.38 24.72
C ILE A 609 31.72 35.42 25.83
N ASN A 610 32.87 35.85 26.36
CA ASN A 610 32.88 36.79 27.47
C ASN A 610 32.98 38.25 27.02
N TYR A 611 33.47 38.52 25.82
CA TYR A 611 33.67 39.89 25.37
C TYR A 611 32.35 40.45 24.86
N ASN A 612 32.39 41.68 24.33
CA ASN A 612 31.22 42.30 23.74
C ASN A 612 31.24 42.20 22.22
N HIS A 613 31.79 41.10 21.69
CA HIS A 613 31.73 40.80 20.27
C HIS A 613 30.51 39.93 20.05
N LYS A 614 29.33 40.56 19.97
CA LYS A 614 28.09 39.83 19.78
C LYS A 614 27.87 39.41 18.34
N PHE A 615 28.66 39.95 17.41
CA PHE A 615 28.64 39.49 16.02
C PHE A 615 28.99 38.01 15.93
N ILE A 616 30.14 37.63 16.48
CA ILE A 616 30.64 36.26 16.40
C ILE A 616 29.75 35.33 17.23
N GLU A 617 29.22 35.82 18.35
CA GLU A 617 28.31 35.03 19.17
C GLU A 617 26.99 34.75 18.46
N ASN A 618 26.47 35.72 17.72
CA ASN A 618 25.23 35.49 16.98
C ASN A 618 25.46 34.59 15.77
N ILE A 619 26.64 34.68 15.15
CA ILE A 619 27.02 33.71 14.11
C ILE A 619 27.03 32.29 14.70
N GLY A 620 27.56 32.15 15.91
CA GLY A 620 27.59 30.84 16.55
C GLY A 620 26.22 30.30 16.90
N TYR A 621 25.32 31.16 17.40
CA TYR A 621 23.93 30.75 17.64
C TYR A 621 23.25 30.28 16.36
N VAL A 622 23.40 31.04 15.27
CA VAL A 622 22.73 30.69 14.03
C VAL A 622 23.29 29.39 13.46
N LEU A 623 24.62 29.21 13.52
CA LEU A 623 25.23 28.00 13.00
C LEU A 623 24.85 26.77 13.81
N TYR A 624 24.73 26.91 15.13
CA TYR A 624 24.40 25.78 15.98
C TYR A 624 22.94 25.38 15.83
N GLY A 625 22.04 26.36 15.68
CA GLY A 625 20.65 26.05 15.40
C GLY A 625 20.43 25.40 14.06
N VAL A 626 21.14 25.88 13.03
CA VAL A 626 21.04 25.29 11.69
C VAL A 626 21.59 23.87 11.68
N TYR A 627 22.65 23.62 12.47
CA TYR A 627 23.18 22.26 12.60
C TYR A 627 22.18 21.31 13.23
N ASN A 628 21.50 21.76 14.29
CA ASN A 628 20.53 20.89 14.97
C ASN A 628 19.33 20.58 14.08
N VAL A 629 18.81 21.60 13.37
CA VAL A 629 17.67 21.39 12.49
C VAL A 629 18.05 20.48 11.31
N THR A 630 19.25 20.66 10.76
CA THR A 630 19.71 19.84 9.65
C THR A 630 19.88 18.38 10.07
N MET A 631 20.40 18.14 11.28
CA MET A 631 20.55 16.77 11.76
C MET A 631 19.21 16.10 11.98
N VAL A 632 18.22 16.85 12.49
CA VAL A 632 16.87 16.30 12.65
C VAL A 632 16.25 15.96 11.29
N ILE A 633 16.50 16.79 10.27
CA ILE A 633 15.95 16.55 8.94
C ILE A 633 16.59 15.31 8.30
N VAL A 634 17.90 15.15 8.46
CA VAL A 634 18.57 13.96 7.91
C VAL A 634 18.11 12.69 8.63
N LEU A 635 17.85 12.78 9.93
CA LEU A 635 17.30 11.62 10.65
C LEU A 635 15.89 11.28 10.18
N LEU A 636 15.04 12.28 9.96
CA LEU A 636 13.70 12.03 9.48
C LEU A 636 13.67 11.51 8.04
N ASN A 637 14.69 11.81 7.25
CA ASN A 637 14.76 11.21 5.92
C ASN A 637 15.31 9.79 5.95
N MET A 638 16.22 9.52 6.89
CA MET A 638 16.72 8.15 7.09
C MET A 638 15.59 7.22 7.53
N LEU A 639 14.67 7.72 8.34
CA LEU A 639 13.52 6.92 8.77
C LEU A 639 12.62 6.55 7.59
N ILE A 640 12.36 7.49 6.69
CA ILE A 640 11.50 7.21 5.53
C ILE A 640 12.20 6.27 4.56
N ALA A 641 13.52 6.42 4.39
CA ALA A 641 14.26 5.49 3.54
C ALA A 641 14.25 4.08 4.12
N MET A 642 14.35 3.96 5.44
CA MET A 642 14.28 2.64 6.08
C MET A 642 12.89 2.04 5.99
N ILE A 643 11.84 2.88 5.98
CA ILE A 643 10.48 2.38 5.80
C ILE A 643 10.29 1.86 4.37
N ASN A 644 10.76 2.63 3.39
CA ASN A 644 10.63 2.25 1.98
C ASN A 644 11.47 1.03 1.65
N SER A 645 12.61 0.86 2.33
CA SER A 645 13.44 -0.33 2.12
C SER A 645 12.84 -1.58 2.73
N SER A 646 11.80 -1.47 3.55
CA SER A 646 11.14 -2.63 4.13
C SER A 646 9.76 -2.89 3.55
N PHE A 647 9.12 -1.89 2.93
CA PHE A 647 7.82 -2.14 2.31
C PHE A 647 7.94 -2.77 0.93
N GLN A 648 9.14 -2.92 0.40
CA GLN A 648 9.31 -3.55 -0.91
C GLN A 648 9.15 -5.06 -0.85
N GLU A 649 9.29 -5.66 0.33
CA GLU A 649 9.26 -7.10 0.47
C GLU A 649 7.83 -7.62 0.48
N ILE A 650 7.63 -8.77 -0.17
CA ILE A 650 6.34 -9.44 -0.19
C ILE A 650 6.18 -10.26 1.10
N GLU A 651 4.97 -10.75 1.35
CA GLU A 651 4.71 -11.54 2.55
C GLU A 651 5.32 -12.94 2.48
N ASP A 652 5.46 -13.50 1.29
CA ASP A 652 5.98 -14.86 1.20
C ASP A 652 7.47 -14.85 1.10
N ASP A 653 8.06 -13.69 0.91
CA ASP A 653 9.50 -13.62 0.79
C ASP A 653 10.15 -13.26 2.10
N ALA A 654 9.35 -13.02 3.13
CA ALA A 654 9.92 -12.66 4.42
C ALA A 654 10.17 -13.91 5.23
N ASP A 655 9.46 -14.95 4.84
CA ASP A 655 9.52 -16.29 5.39
C ASP A 655 10.46 -17.19 4.60
N VAL A 656 10.52 -16.98 3.28
CA VAL A 656 11.47 -17.69 2.43
C VAL A 656 12.90 -17.34 2.80
N GLU A 657 13.14 -16.07 3.13
CA GLU A 657 14.47 -15.60 3.53
C GLU A 657 14.91 -16.23 4.86
N TRP A 658 14.01 -16.28 5.83
CA TRP A 658 14.34 -16.88 7.13
C TRP A 658 14.55 -18.39 6.99
N LYS A 659 13.74 -19.06 6.17
CA LYS A 659 13.92 -20.49 5.98
C LYS A 659 15.21 -20.81 5.24
N PHE A 660 15.63 -19.94 4.31
CA PHE A 660 16.91 -20.11 3.65
C PHE A 660 18.08 -19.90 4.61
N ALA A 661 17.97 -18.90 5.49
CA ALA A 661 19.03 -18.66 6.47
C ALA A 661 19.13 -19.79 7.49
N ARG A 662 17.97 -20.32 7.92
CA ARG A 662 17.97 -21.46 8.84
C ARG A 662 18.51 -22.71 8.19
N ALA A 663 18.26 -22.89 6.89
CA ALA A 663 18.81 -24.05 6.20
C ALA A 663 20.31 -23.92 5.98
N LYS A 664 20.82 -22.70 5.77
CA LYS A 664 22.26 -22.51 5.71
C LYS A 664 22.91 -22.79 7.06
N LEU A 665 22.23 -22.40 8.14
CA LEU A 665 22.69 -22.75 9.49
C LEU A 665 22.68 -24.27 9.70
N TRP A 666 21.69 -24.96 9.12
CA TRP A 666 21.61 -26.41 9.22
C TRP A 666 22.76 -27.08 8.47
N PHE A 667 23.04 -26.64 7.24
CA PHE A 667 24.14 -27.19 6.47
C PHE A 667 25.51 -26.80 7.02
N SER A 668 25.57 -25.78 7.89
CA SER A 668 26.81 -25.55 8.61
C SER A 668 27.11 -26.62 9.66
N TYR A 669 26.13 -27.47 10.01
CA TYR A 669 26.35 -28.52 11.01
C TYR A 669 26.23 -29.94 10.45
N PHE A 670 25.90 -30.10 9.16
CA PHE A 670 25.79 -31.45 8.62
C PHE A 670 27.16 -32.07 8.37
N GLU A 671 28.17 -31.23 8.19
CA GLU A 671 29.53 -31.72 7.97
C GLU A 671 30.08 -32.34 9.25
N GLU A 672 30.82 -33.43 9.09
CA GLU A 672 31.38 -34.16 10.24
C GLU A 672 32.71 -33.59 10.70
N GLY A 673 33.02 -32.35 10.33
CA GLY A 673 34.33 -31.80 10.62
C GLY A 673 34.51 -31.38 12.07
N ARG A 674 33.53 -30.63 12.61
CA ARG A 674 33.72 -30.01 13.91
C ARG A 674 33.60 -30.98 15.09
N THR A 675 32.43 -31.60 15.30
CA THR A 675 32.20 -32.80 16.14
C THR A 675 32.34 -32.50 17.65
N LEU A 676 32.88 -31.33 18.01
CA LEU A 676 33.19 -30.94 19.39
C LEU A 676 33.01 -29.43 19.53
N PRO A 677 32.71 -28.92 20.73
CA PRO A 677 32.64 -27.48 20.94
C PRO A 677 34.03 -26.83 20.87
N VAL A 678 34.02 -25.50 20.96
CA VAL A 678 35.21 -24.69 20.66
C VAL A 678 36.36 -24.80 21.68
N PRO A 679 36.19 -25.07 23.03
CA PRO A 679 37.42 -25.23 23.82
C PRO A 679 38.09 -26.58 23.63
N PHE A 680 37.33 -27.58 23.16
CA PHE A 680 37.82 -28.95 23.11
C PHE A 680 38.37 -29.36 21.75
N ASN A 681 38.26 -28.53 20.72
CA ASN A 681 38.75 -28.95 19.40
C ASN A 681 40.26 -28.82 19.25
N LEU A 682 40.96 -28.24 20.23
CA LEU A 682 42.41 -28.13 20.16
C LEU A 682 43.11 -29.46 20.39
N VAL A 683 42.46 -30.40 21.06
CA VAL A 683 43.05 -31.71 21.33
C VAL A 683 42.68 -32.69 20.24
N ARG A 769 17.01 -46.48 -16.32
CA ARG A 769 16.74 -47.16 -15.06
C ARG A 769 15.47 -46.61 -14.42
N GLN A 770 15.52 -46.40 -13.10
CA GLN A 770 14.36 -45.88 -12.39
C GLN A 770 14.33 -44.34 -12.40
N TYR A 771 15.50 -43.71 -12.40
CA TYR A 771 15.56 -42.25 -12.35
C TYR A 771 15.04 -41.62 -13.64
N GLN A 772 15.34 -42.24 -14.78
CA GLN A 772 14.83 -41.74 -16.05
C GLN A 772 13.32 -41.92 -16.15
N LYS A 773 12.80 -43.02 -15.59
CA LYS A 773 11.36 -43.26 -15.57
C LYS A 773 10.64 -42.24 -14.70
N ILE A 774 11.22 -41.94 -13.52
CA ILE A 774 10.63 -40.96 -12.62
C ILE A 774 10.69 -39.56 -13.23
N MET A 775 11.80 -39.23 -13.90
CA MET A 775 11.92 -37.91 -14.51
C MET A 775 10.99 -37.76 -15.71
N LYS A 776 10.74 -38.84 -16.47
CA LYS A 776 9.77 -38.80 -17.56
C LYS A 776 8.36 -38.58 -17.03
N ARG A 777 8.01 -39.28 -15.94
CA ARG A 777 6.71 -39.11 -15.30
C ARG A 777 6.51 -37.68 -14.78
N LEU A 778 7.56 -37.11 -14.18
CA LEU A 778 7.45 -35.77 -13.62
C LEU A 778 7.42 -34.70 -14.71
N ILE A 779 8.13 -34.91 -15.82
CA ILE A 779 8.07 -33.97 -16.93
C ILE A 779 6.69 -34.01 -17.59
N LYS A 780 6.06 -35.18 -17.65
CA LYS A 780 4.71 -35.24 -18.22
C LYS A 780 3.70 -34.56 -17.29
N ARG A 781 3.84 -34.75 -15.98
CA ARG A 781 3.01 -34.01 -15.01
C ARG A 781 3.19 -32.50 -15.14
N TYR A 782 4.43 -32.06 -15.36
CA TYR A 782 4.71 -30.63 -15.47
C TYR A 782 4.08 -30.04 -16.73
N THR A 783 4.13 -30.77 -17.84
CA THR A 783 3.57 -30.25 -19.08
C THR A 783 2.04 -30.22 -19.04
N THR A 784 1.42 -31.22 -18.42
CA THR A 784 -0.05 -31.18 -18.27
C THR A 784 -0.48 -30.06 -17.33
N GLN A 785 0.25 -29.86 -16.23
CA GLN A 785 -0.09 -28.76 -15.32
C GLN A 785 0.16 -27.40 -15.96
N ALA A 786 1.17 -27.29 -16.82
CA ALA A 786 1.43 -26.02 -17.49
C ALA A 786 0.36 -25.70 -18.52
N GLN A 787 -0.16 -26.72 -19.20
CA GLN A 787 -1.29 -26.48 -20.10
C GLN A 787 -2.56 -26.12 -19.34
N ILE A 788 -2.77 -26.71 -18.16
CA ILE A 788 -3.90 -26.30 -17.30
C ILE A 788 -3.75 -24.84 -16.86
N ASP A 789 -2.52 -24.46 -16.50
CA ASP A 789 -2.28 -23.10 -16.02
C ASP A 789 -2.43 -22.06 -17.12
N LYS A 790 -2.05 -22.40 -18.36
CA LYS A 790 -2.31 -21.44 -19.44
C LYS A 790 -3.77 -21.44 -19.85
N GLU A 791 -4.48 -22.56 -19.63
CA GLU A 791 -5.93 -22.53 -19.83
C GLU A 791 -6.66 -21.73 -18.76
N SER A 792 -6.05 -21.52 -17.60
CA SER A 792 -6.64 -20.69 -16.56
C SER A 792 -6.30 -19.21 -16.70
N ASP A 793 -5.77 -18.80 -17.86
CA ASP A 793 -5.43 -17.41 -18.10
C ASP A 793 -6.64 -16.69 -18.69
N GLU A 794 -6.67 -15.36 -18.55
CA GLU A 794 -7.82 -14.57 -18.96
C GLU A 794 -7.96 -14.56 -20.49
N VAL A 795 -9.15 -14.18 -20.94
CA VAL A 795 -9.44 -14.09 -22.38
C VAL A 795 -9.19 -12.67 -22.84
N ASN A 796 -8.36 -12.52 -23.87
CA ASN A 796 -8.20 -11.25 -24.54
C ASN A 796 -9.00 -11.23 -25.83
N GLU A 797 -8.99 -10.10 -26.52
CA GLU A 797 -9.93 -9.89 -27.61
C GLU A 797 -9.46 -10.42 -28.96
N GLY A 798 -8.27 -11.00 -29.06
CA GLY A 798 -7.86 -11.64 -30.30
C GLY A 798 -8.49 -13.01 -30.45
N GLU A 799 -8.70 -13.68 -29.31
CA GLU A 799 -9.31 -15.01 -29.32
C GLU A 799 -10.78 -14.94 -29.68
N LEU A 800 -11.48 -13.91 -29.20
CA LEU A 800 -12.89 -13.72 -29.58
C LEU A 800 -13.01 -13.34 -31.04
N LYS A 801 -12.01 -12.63 -31.58
CA LYS A 801 -11.97 -12.35 -33.01
C LYS A 801 -11.76 -13.63 -33.81
N GLU A 802 -10.98 -14.56 -33.29
CA GLU A 802 -10.81 -15.87 -33.93
C GLU A 802 -12.12 -16.65 -33.95
N ILE A 803 -12.89 -16.58 -32.86
CA ILE A 803 -14.23 -17.18 -32.82
C ILE A 803 -15.15 -16.53 -33.84
N LYS A 804 -15.06 -15.20 -33.97
CA LYS A 804 -15.89 -14.47 -34.94
C LYS A 804 -15.56 -14.88 -36.37
N GLN A 805 -14.28 -15.06 -36.68
CA GLN A 805 -13.90 -15.49 -38.01
C GLN A 805 -14.32 -16.93 -38.30
N ASP A 806 -14.33 -17.77 -37.26
CA ASP A 806 -14.89 -19.12 -37.40
C ASP A 806 -16.36 -19.08 -37.79
N ILE A 807 -17.14 -18.23 -37.11
CA ILE A 807 -18.57 -18.10 -37.41
C ILE A 807 -18.79 -17.55 -38.82
N SER A 808 -17.95 -16.59 -39.24
CA SER A 808 -18.14 -15.98 -40.57
C SER A 808 -17.81 -16.96 -41.69
N SER A 809 -16.72 -17.73 -41.54
CA SER A 809 -16.37 -18.70 -42.58
C SER A 809 -17.38 -19.84 -42.62
N LEU A 810 -17.92 -20.22 -41.46
CA LEU A 810 -18.99 -21.22 -41.42
C LEU A 810 -20.24 -20.70 -42.14
N ARG A 811 -20.55 -19.42 -41.97
CA ARG A 811 -21.69 -18.80 -42.65
C ARG A 811 -21.53 -18.83 -44.16
N TYR A 812 -20.32 -18.49 -44.64
CA TYR A 812 -20.04 -18.49 -46.08
C TYR A 812 -20.17 -19.90 -46.66
N GLU A 813 -19.60 -20.89 -45.97
CA GLU A 813 -19.67 -22.28 -46.42
C GLU A 813 -21.11 -22.79 -46.48
N LEU A 814 -21.92 -22.48 -45.45
CA LEU A 814 -23.28 -22.99 -45.41
C LEU A 814 -24.18 -22.34 -46.45
N LEU A 815 -24.04 -21.02 -46.64
CA LEU A 815 -24.86 -20.34 -47.64
C LEU A 815 -24.50 -20.79 -49.05
N GLU A 816 -23.21 -21.00 -49.32
CA GLU A 816 -22.83 -21.47 -50.65
C GLU A 816 -23.26 -22.93 -50.87
N GLU A 817 -23.22 -23.75 -49.82
CA GLU A 817 -23.65 -25.14 -49.95
C GLU A 817 -25.15 -25.23 -50.24
N LYS A 818 -25.96 -24.43 -49.54
CA LYS A 818 -27.40 -24.39 -49.81
C LYS A 818 -27.70 -23.87 -51.21
N SER A 819 -26.95 -22.85 -51.65
CA SER A 819 -27.15 -22.29 -52.98
C SER A 819 -26.80 -23.30 -54.07
N GLN A 820 -25.66 -23.98 -53.95
CA GLN A 820 -25.24 -24.90 -55.00
C GLN A 820 -26.12 -26.15 -55.00
N ASN A 821 -26.61 -26.58 -53.83
CA ASN A 821 -27.52 -27.72 -53.77
C ASN A 821 -28.84 -27.39 -54.46
N THR A 822 -29.39 -26.20 -54.17
CA THR A 822 -30.65 -25.78 -54.79
C THR A 822 -30.52 -25.65 -56.30
N GLU A 823 -29.45 -25.00 -56.78
CA GLU A 823 -29.36 -24.76 -58.22
C GLU A 823 -29.03 -26.04 -58.99
N ASP A 824 -28.10 -26.86 -58.47
CA ASP A 824 -27.70 -28.07 -59.17
C ASP A 824 -28.75 -29.16 -59.08
N LEU A 825 -29.67 -29.07 -58.12
CA LEU A 825 -30.85 -29.91 -58.20
C LEU A 825 -31.86 -29.35 -59.20
N ALA A 826 -31.98 -28.02 -59.24
CA ALA A 826 -33.01 -27.37 -60.05
C ALA A 826 -32.80 -27.57 -61.54
N GLU A 827 -31.55 -27.51 -62.04
CA GLU A 827 -31.37 -27.63 -63.49
C GLU A 827 -31.70 -29.04 -63.97
N LEU A 828 -31.35 -30.06 -63.19
CA LEU A 828 -31.66 -31.42 -63.63
C LEU A 828 -33.14 -31.74 -63.47
N ILE A 829 -33.81 -31.15 -62.46
CA ILE A 829 -35.25 -31.41 -62.35
C ILE A 829 -36.02 -30.67 -63.45
N ARG A 830 -35.56 -29.48 -63.88
CA ARG A 830 -36.24 -28.85 -65.00
C ARG A 830 -35.90 -29.53 -66.32
N GLU A 831 -34.70 -30.12 -66.43
CA GLU A 831 -34.33 -30.86 -67.63
C GLU A 831 -35.14 -32.15 -67.76
N LEU A 832 -35.51 -32.76 -66.65
CA LEU A 832 -36.50 -33.83 -66.70
C LEU A 832 -37.94 -33.32 -66.67
N GLY A 833 -38.15 -32.03 -66.45
CA GLY A 833 -39.46 -31.44 -66.54
C GLY A 833 -39.86 -30.97 -67.91
N GLU A 834 -38.90 -30.76 -68.81
CA GLU A 834 -39.21 -30.50 -70.20
C GLU A 834 -39.44 -31.78 -71.00
N LYS A 835 -39.27 -32.94 -70.39
CA LYS A 835 -39.50 -34.23 -71.03
C LYS A 835 -40.95 -34.63 -71.06
N LEU A 836 -41.84 -33.85 -70.44
CA LEU A 836 -43.24 -34.21 -70.36
C LEU A 836 -44.13 -33.09 -70.90
N ALA B 1 -46.45 9.63 -11.53
CA ALA B 1 -47.17 9.32 -12.76
C ALA B 1 -46.43 9.87 -13.98
N TYR B 2 -45.13 10.05 -13.84
CA TYR B 2 -44.28 10.58 -14.90
C TYR B 2 -43.45 9.46 -15.52
N MET B 3 -43.15 9.62 -16.81
CA MET B 3 -42.29 8.71 -17.54
C MET B 3 -41.45 9.55 -18.49
N PHE B 4 -40.32 8.99 -18.94
CA PHE B 4 -39.41 9.70 -19.84
C PHE B 4 -40.07 10.01 -21.17
N SER B 5 -40.62 8.98 -21.83
CA SER B 5 -41.47 9.08 -23.03
C SER B 5 -40.74 9.77 -24.19
N ASP B 6 -39.70 9.08 -24.67
CA ASP B 6 -38.89 9.60 -25.77
C ASP B 6 -39.56 9.48 -27.15
N ARG B 7 -40.79 8.98 -27.30
CA ARG B 7 -41.44 8.95 -28.61
C ARG B 7 -42.87 9.48 -28.51
N SER B 8 -43.48 9.35 -27.32
CA SER B 8 -44.77 9.94 -26.96
C SER B 8 -45.92 9.45 -27.86
N THR B 9 -45.79 8.22 -28.35
CA THR B 9 -46.81 7.62 -29.20
C THR B 9 -46.65 6.10 -29.14
N SER B 10 -47.41 5.41 -29.98
CA SER B 10 -47.33 3.96 -30.09
C SER B 10 -47.10 3.58 -31.54
N LEU B 11 -46.38 2.48 -31.74
CA LEU B 11 -46.03 2.01 -33.07
C LEU B 11 -47.11 1.10 -33.64
N SER B 12 -47.04 0.89 -34.95
CA SER B 12 -47.90 -0.09 -35.61
C SER B 12 -47.30 -1.48 -35.43
N ILE B 13 -47.98 -2.51 -35.93
CA ILE B 13 -47.42 -3.84 -35.91
C ILE B 13 -46.41 -4.04 -37.02
N GLU B 14 -46.65 -3.42 -38.18
CA GLU B 14 -45.73 -3.48 -39.31
C GLU B 14 -44.54 -2.55 -39.14
N GLU B 15 -44.48 -1.76 -38.06
CA GLU B 15 -43.31 -0.99 -37.71
C GLU B 15 -42.52 -1.60 -36.59
N GLU B 16 -43.19 -2.14 -35.57
CA GLU B 16 -42.49 -2.87 -34.51
C GLU B 16 -41.87 -4.16 -35.04
N ARG B 17 -42.56 -4.82 -35.99
CA ARG B 17 -42.01 -6.02 -36.62
C ARG B 17 -40.76 -5.69 -37.44
N PHE B 18 -40.79 -4.58 -38.17
CA PHE B 18 -39.64 -4.14 -38.96
C PHE B 18 -38.48 -3.70 -38.08
N LEU B 19 -38.77 -3.04 -36.96
CA LEU B 19 -37.70 -2.62 -36.05
C LEU B 19 -37.07 -3.79 -35.34
N ASP B 20 -37.87 -4.80 -34.96
CA ASP B 20 -37.30 -6.01 -34.36
C ASP B 20 -36.48 -6.79 -35.37
N ALA B 21 -36.93 -6.84 -36.62
CA ALA B 21 -36.17 -7.52 -37.67
C ALA B 21 -34.86 -6.79 -37.96
N ALA B 22 -34.87 -5.46 -37.90
CA ALA B 22 -33.64 -4.70 -38.14
C ALA B 22 -32.69 -4.81 -36.95
N GLU B 23 -33.23 -4.91 -35.74
CA GLU B 23 -32.37 -4.98 -34.56
C GLU B 23 -31.72 -6.35 -34.41
N TYR B 24 -32.49 -7.42 -34.61
CA TYR B 24 -32.02 -8.76 -34.25
C TYR B 24 -31.48 -9.55 -35.44
N GLY B 25 -31.32 -8.91 -36.59
CA GLY B 25 -30.61 -9.54 -37.68
C GLY B 25 -31.46 -10.34 -38.64
N ASN B 26 -32.77 -10.11 -38.66
CA ASN B 26 -33.68 -10.87 -39.53
C ASN B 26 -33.63 -10.25 -40.93
N ILE B 27 -32.61 -10.66 -41.68
CA ILE B 27 -32.35 -10.16 -43.04
C ILE B 27 -33.46 -10.46 -44.05
N PRO B 28 -34.07 -11.66 -44.13
CA PRO B 28 -35.11 -11.83 -45.17
C PRO B 28 -36.39 -11.06 -44.90
N VAL B 29 -36.76 -10.88 -43.63
CA VAL B 29 -37.93 -10.06 -43.30
C VAL B 29 -37.68 -8.60 -43.67
N VAL B 30 -36.46 -8.11 -43.43
CA VAL B 30 -36.10 -6.74 -43.78
C VAL B 30 -36.10 -6.56 -45.30
N ARG B 31 -35.58 -7.56 -46.02
CA ARG B 31 -35.55 -7.49 -47.48
C ARG B 31 -36.96 -7.54 -48.08
N LYS B 32 -37.83 -8.36 -47.50
CA LYS B 32 -39.19 -8.49 -48.01
C LYS B 32 -40.01 -7.24 -47.71
N MET B 33 -39.81 -6.64 -46.54
CA MET B 33 -40.53 -5.42 -46.21
C MET B 33 -39.95 -4.18 -46.87
N LEU B 34 -38.71 -4.24 -47.37
CA LEU B 34 -38.20 -3.17 -48.22
C LEU B 34 -38.56 -3.34 -49.68
N GLU B 35 -38.81 -4.57 -50.14
CA GLU B 35 -39.19 -4.79 -51.52
C GLU B 35 -40.69 -4.87 -51.75
N GLU B 36 -41.46 -5.36 -50.79
CA GLU B 36 -42.89 -5.59 -50.98
C GLU B 36 -43.75 -4.94 -49.89
N CYS B 37 -43.42 -3.71 -49.50
CA CYS B 37 -44.26 -2.96 -48.58
C CYS B 37 -44.06 -1.47 -48.83
N HIS B 38 -45.14 -0.77 -49.14
CA HIS B 38 -45.08 0.63 -49.55
C HIS B 38 -45.69 1.60 -48.55
N SER B 39 -46.51 1.12 -47.60
CA SER B 39 -47.06 1.97 -46.55
C SER B 39 -46.18 1.99 -45.30
N LEU B 40 -44.86 1.81 -45.44
CA LEU B 40 -43.96 1.83 -44.31
C LEU B 40 -43.01 3.00 -44.39
N ASN B 41 -42.66 3.54 -43.24
CA ASN B 41 -41.76 4.63 -43.07
C ASN B 41 -40.42 4.04 -42.67
N VAL B 42 -39.36 4.11 -43.44
CA VAL B 42 -38.13 3.50 -43.00
C VAL B 42 -37.59 4.23 -41.83
N ASN B 43 -38.00 5.44 -41.66
CA ASN B 43 -37.49 6.25 -40.56
C ASN B 43 -38.39 6.16 -39.33
N CYS B 44 -39.14 5.07 -39.19
CA CYS B 44 -39.90 4.83 -37.97
C CYS B 44 -38.94 4.63 -36.80
N VAL B 45 -39.37 5.08 -35.63
CA VAL B 45 -38.46 5.34 -34.52
C VAL B 45 -38.86 4.46 -33.35
N ASP B 46 -37.89 4.15 -32.50
CA ASP B 46 -38.08 3.19 -31.41
C ASP B 46 -38.71 3.89 -30.21
N TYR B 47 -38.73 3.19 -29.08
CA TYR B 47 -39.16 3.78 -27.82
C TYR B 47 -38.15 4.78 -27.29
N MET B 48 -36.89 4.71 -27.72
CA MET B 48 -35.81 5.50 -27.15
C MET B 48 -35.37 6.61 -28.10
N GLY B 49 -35.71 6.51 -29.37
CA GLY B 49 -35.31 7.50 -30.35
C GLY B 49 -34.37 7.02 -31.42
N GLN B 50 -34.41 5.73 -31.76
CA GLN B 50 -33.49 5.15 -32.73
C GLN B 50 -34.25 4.55 -33.90
N ASN B 51 -33.84 4.89 -35.12
CA ASN B 51 -34.44 4.32 -36.32
C ASN B 51 -33.70 3.04 -36.68
N ALA B 52 -34.10 2.39 -37.78
CA ALA B 52 -33.62 1.03 -38.09
C ALA B 52 -32.16 0.99 -38.48
N LEU B 53 -31.64 2.06 -39.08
CA LEU B 53 -30.22 2.10 -39.41
C LEU B 53 -29.35 2.15 -38.17
N GLN B 54 -29.83 2.81 -37.11
CA GLN B 54 -29.04 2.90 -35.89
C GLN B 54 -29.07 1.58 -35.12
N LEU B 55 -30.18 0.84 -35.18
CA LEU B 55 -30.19 -0.49 -34.57
C LEU B 55 -29.33 -1.46 -35.38
N ALA B 56 -29.30 -1.30 -36.70
CA ALA B 56 -28.46 -2.19 -37.52
C ALA B 56 -26.99 -1.89 -37.34
N VAL B 57 -26.61 -0.63 -37.17
CA VAL B 57 -25.20 -0.28 -36.98
C VAL B 57 -24.75 -0.63 -35.57
N ALA B 58 -25.61 -0.39 -34.58
CA ALA B 58 -25.26 -0.65 -33.18
C ALA B 58 -25.13 -2.12 -32.85
N ASN B 59 -25.62 -3.02 -33.70
CA ASN B 59 -25.59 -4.45 -33.43
C ASN B 59 -24.68 -5.24 -34.37
N GLU B 60 -23.88 -4.55 -35.21
CA GLU B 60 -22.97 -5.15 -36.19
C GLU B 60 -23.75 -6.06 -37.15
N HIS B 61 -24.61 -5.42 -37.94
CA HIS B 61 -25.38 -6.07 -38.98
C HIS B 61 -25.01 -5.40 -40.29
N LEU B 62 -24.06 -6.00 -41.01
CA LEU B 62 -23.56 -5.40 -42.25
C LEU B 62 -24.54 -5.57 -43.39
N GLU B 63 -25.26 -6.69 -43.43
CA GLU B 63 -26.16 -6.98 -44.54
C GLU B 63 -27.40 -6.07 -44.49
N ILE B 64 -27.94 -5.86 -43.28
CA ILE B 64 -29.07 -4.96 -43.12
C ILE B 64 -28.64 -3.52 -43.37
N THR B 65 -27.40 -3.18 -43.02
CA THR B 65 -26.90 -1.82 -43.27
C THR B 65 -26.75 -1.55 -44.76
N GLU B 66 -26.16 -2.50 -45.50
CA GLU B 66 -26.04 -2.36 -46.94
C GLU B 66 -27.38 -2.47 -47.65
N LEU B 67 -28.36 -3.10 -47.02
CA LEU B 67 -29.70 -3.19 -47.61
C LEU B 67 -30.50 -1.92 -47.38
N LEU B 68 -30.32 -1.28 -46.23
CA LEU B 68 -31.01 -0.03 -45.93
C LEU B 68 -30.37 1.14 -46.66
N LEU B 69 -29.06 1.09 -46.91
CA LEU B 69 -28.34 2.21 -47.53
C LEU B 69 -28.70 2.45 -49.01
N LYS B 70 -29.65 1.74 -49.63
CA LYS B 70 -30.04 1.99 -51.01
C LYS B 70 -31.46 2.56 -51.11
N LYS B 71 -31.94 3.22 -50.06
CA LYS B 71 -33.32 3.70 -50.03
C LYS B 71 -33.46 5.15 -50.50
N GLU B 72 -32.40 5.95 -50.39
CA GLU B 72 -32.31 7.35 -50.84
C GLU B 72 -33.27 8.29 -50.10
N ASN B 73 -33.82 7.87 -48.96
CA ASN B 73 -34.47 8.80 -48.05
C ASN B 73 -34.18 8.49 -46.59
N LEU B 74 -33.06 7.84 -46.28
CA LEU B 74 -32.71 7.51 -44.92
C LEU B 74 -32.26 8.73 -44.15
N SER B 75 -32.61 8.78 -42.87
CA SER B 75 -32.11 9.77 -41.94
C SER B 75 -31.00 9.17 -41.09
N ARG B 76 -30.25 10.05 -40.43
CA ARG B 76 -29.20 9.72 -39.46
C ARG B 76 -28.09 8.88 -40.08
N VAL B 77 -27.59 9.31 -41.23
CA VAL B 77 -26.46 8.62 -41.86
C VAL B 77 -25.15 9.07 -41.25
N GLY B 78 -25.03 10.36 -40.92
CA GLY B 78 -23.83 10.84 -40.26
C GLY B 78 -23.70 10.32 -38.84
N ASP B 79 -24.83 10.19 -38.14
CA ASP B 79 -24.81 9.59 -36.82
C ASP B 79 -24.47 8.11 -36.88
N ALA B 80 -24.93 7.41 -37.92
CA ALA B 80 -24.56 6.01 -38.10
C ALA B 80 -23.07 5.87 -38.39
N LEU B 81 -22.52 6.82 -39.14
CA LEU B 81 -21.07 6.83 -39.39
C LEU B 81 -20.30 7.07 -38.10
N LEU B 82 -20.76 8.00 -37.26
CA LEU B 82 -20.07 8.28 -36.00
C LEU B 82 -20.18 7.11 -35.03
N LEU B 83 -21.34 6.45 -34.99
CA LEU B 83 -21.53 5.30 -34.11
C LEU B 83 -20.67 4.13 -34.56
N ALA B 84 -20.55 3.91 -35.87
CA ALA B 84 -19.72 2.83 -36.37
C ALA B 84 -18.23 3.13 -36.20
N ILE B 85 -17.86 4.41 -36.22
CA ILE B 85 -16.46 4.77 -35.94
C ILE B 85 -16.14 4.58 -34.48
N SER B 86 -17.05 4.98 -33.58
CA SER B 86 -16.80 4.86 -32.15
C SER B 86 -16.81 3.41 -31.70
N LYS B 87 -17.63 2.57 -32.33
CA LYS B 87 -17.68 1.17 -31.93
C LYS B 87 -16.57 0.34 -32.54
N GLY B 88 -16.00 0.76 -33.67
CA GLY B 88 -14.86 0.08 -34.25
C GLY B 88 -15.16 -0.83 -35.42
N TYR B 89 -16.29 -0.67 -36.09
CA TYR B 89 -16.73 -1.57 -37.15
C TYR B 89 -16.21 -1.05 -38.48
N VAL B 90 -15.16 -1.69 -39.00
CA VAL B 90 -14.48 -1.16 -40.18
C VAL B 90 -15.30 -1.39 -41.44
N ARG B 91 -16.01 -2.54 -41.51
CA ARG B 91 -16.77 -2.85 -42.71
C ARG B 91 -18.01 -1.97 -42.83
N ILE B 92 -18.65 -1.66 -41.70
CA ILE B 92 -19.82 -0.79 -41.72
C ILE B 92 -19.40 0.64 -42.05
N VAL B 93 -18.21 1.07 -41.58
CA VAL B 93 -17.68 2.38 -41.94
C VAL B 93 -17.37 2.45 -43.44
N GLU B 94 -16.79 1.38 -44.00
CA GLU B 94 -16.51 1.36 -45.43
C GLU B 94 -17.79 1.26 -46.26
N ALA B 95 -18.86 0.71 -45.69
CA ALA B 95 -20.13 0.70 -46.40
C ALA B 95 -20.83 2.06 -46.36
N ILE B 96 -20.75 2.74 -45.21
CA ILE B 96 -21.39 4.05 -45.07
C ILE B 96 -20.62 5.13 -45.83
N LEU B 97 -19.30 5.00 -45.96
CA LEU B 97 -18.53 5.98 -46.72
C LEU B 97 -18.73 5.88 -48.22
N SER B 98 -19.50 4.91 -48.72
CA SER B 98 -19.87 4.82 -50.13
C SER B 98 -21.24 5.40 -50.40
N HIS B 99 -21.89 5.96 -49.39
CA HIS B 99 -23.15 6.69 -49.57
C HIS B 99 -22.90 7.94 -50.40
N PRO B 100 -23.90 8.39 -51.19
CA PRO B 100 -23.72 9.65 -51.94
C PRO B 100 -23.95 10.91 -51.13
N ALA B 101 -23.38 10.96 -49.92
CA ALA B 101 -23.23 12.18 -49.15
C ALA B 101 -21.81 12.42 -48.68
N PHE B 102 -20.96 11.39 -48.71
CA PHE B 102 -19.53 11.50 -48.45
C PHE B 102 -18.75 11.26 -49.73
N ALA B 103 -19.24 11.82 -50.85
CA ALA B 103 -18.77 11.45 -52.18
C ALA B 103 -17.34 11.92 -52.44
N GLU B 104 -17.07 13.20 -52.15
CA GLU B 104 -15.74 13.76 -52.35
C GLU B 104 -15.05 14.07 -51.02
N GLY B 105 -15.38 13.32 -49.97
CA GLY B 105 -14.88 13.64 -48.65
C GLY B 105 -15.42 14.94 -48.11
N LYS B 106 -16.73 15.17 -48.27
CA LYS B 106 -17.29 16.50 -48.07
C LYS B 106 -17.50 16.80 -46.60
N ARG B 107 -17.89 15.80 -45.81
CA ARG B 107 -18.32 15.99 -44.44
C ARG B 107 -17.54 15.07 -43.51
N LEU B 108 -16.21 15.04 -43.68
CA LEU B 108 -15.34 14.20 -42.86
C LEU B 108 -14.45 15.04 -41.94
N ALA B 109 -14.42 16.35 -42.13
CA ALA B 109 -13.57 17.23 -41.34
C ALA B 109 -14.19 18.61 -41.31
N THR B 110 -13.76 19.40 -40.31
CA THR B 110 -14.23 20.76 -40.01
C THR B 110 -15.75 20.90 -39.97
N GLN B 119 -24.95 22.39 -37.23
CA GLN B 119 -25.56 23.51 -37.92
C GLN B 119 -26.60 23.03 -38.93
N ASP B 120 -26.20 22.10 -39.79
CA ASP B 120 -27.08 21.56 -40.82
C ASP B 120 -27.90 20.38 -40.33
N ASP B 121 -27.76 20.00 -39.05
CA ASP B 121 -28.44 18.86 -38.43
C ASP B 121 -28.17 17.55 -39.18
N PHE B 122 -26.93 17.38 -39.63
CA PHE B 122 -26.56 16.18 -40.36
C PHE B 122 -26.18 15.05 -39.41
N TYR B 123 -25.53 15.38 -38.30
CA TYR B 123 -25.03 14.40 -37.35
C TYR B 123 -25.93 14.25 -36.12
N ALA B 124 -27.16 14.74 -36.19
CA ALA B 124 -28.09 14.57 -35.08
C ALA B 124 -28.60 13.13 -35.02
N TYR B 125 -28.88 12.65 -33.80
CA TYR B 125 -29.35 11.28 -33.61
C TYR B 125 -30.76 11.27 -33.02
N ASP B 126 -31.39 12.43 -32.94
CA ASP B 126 -32.72 12.58 -32.37
C ASP B 126 -33.30 13.88 -32.92
N GLU B 127 -34.44 14.28 -32.37
CA GLU B 127 -35.02 15.55 -32.76
C GLU B 127 -34.21 16.73 -32.23
N ASP B 128 -33.52 16.53 -31.10
CA ASP B 128 -32.73 17.58 -30.45
C ASP B 128 -31.43 16.97 -29.94
N GLY B 129 -30.33 17.20 -30.67
CA GLY B 129 -29.02 16.86 -30.16
C GLY B 129 -28.20 15.90 -31.00
N THR B 130 -26.88 15.95 -30.83
CA THR B 130 -25.95 15.04 -31.47
C THR B 130 -25.40 14.08 -30.43
N ARG B 131 -24.86 12.96 -30.92
CA ARG B 131 -24.39 11.90 -30.01
C ARG B 131 -23.15 12.33 -29.25
N PHE B 132 -22.21 12.95 -29.95
CA PHE B 132 -21.03 13.56 -29.35
C PHE B 132 -21.15 15.07 -29.46
N SER B 133 -20.08 15.77 -29.12
CA SER B 133 -20.09 17.22 -29.20
C SER B 133 -20.09 17.66 -30.66
N HIS B 134 -20.51 18.90 -30.89
CA HIS B 134 -20.78 19.34 -32.27
C HIS B 134 -19.49 19.58 -33.05
N ASP B 135 -18.37 19.77 -32.36
CA ASP B 135 -17.10 19.95 -33.07
C ASP B 135 -16.49 18.63 -33.50
N VAL B 136 -16.97 17.52 -32.96
CA VAL B 136 -16.33 16.22 -33.17
C VAL B 136 -16.63 15.76 -34.59
N THR B 137 -15.61 15.81 -35.44
CA THR B 137 -15.70 15.32 -36.80
C THR B 137 -15.43 13.82 -36.81
N PRO B 138 -15.67 13.13 -37.94
CA PRO B 138 -15.23 11.72 -38.04
C PRO B 138 -13.74 11.48 -37.83
N ILE B 139 -12.86 12.39 -38.27
CA ILE B 139 -11.43 12.15 -38.12
C ILE B 139 -11.00 12.36 -36.68
N ILE B 140 -11.62 13.31 -35.97
CA ILE B 140 -11.31 13.53 -34.56
C ILE B 140 -11.79 12.36 -33.71
N LEU B 141 -12.98 11.83 -34.03
CA LEU B 141 -13.51 10.67 -33.30
C LEU B 141 -12.71 9.41 -33.61
N ALA B 142 -12.24 9.27 -34.85
CA ALA B 142 -11.41 8.13 -35.20
C ALA B 142 -10.03 8.20 -34.56
N ALA B 143 -9.51 9.41 -34.33
CA ALA B 143 -8.26 9.56 -33.62
C ALA B 143 -8.42 9.39 -32.12
N HIS B 144 -9.60 9.75 -31.58
CA HIS B 144 -9.88 9.50 -30.16
C HIS B 144 -9.95 8.01 -29.85
N CYS B 145 -10.54 7.24 -30.76
CA CYS B 145 -10.84 5.83 -30.52
C CYS B 145 -9.70 4.90 -30.89
N GLN B 146 -8.57 5.45 -31.35
CA GLN B 146 -7.34 4.70 -31.70
C GLN B 146 -7.60 3.67 -32.80
N GLU B 147 -8.41 4.02 -33.78
CA GLU B 147 -8.76 3.12 -34.88
C GLU B 147 -7.82 3.41 -36.05
N TYR B 148 -6.81 2.55 -36.21
CA TYR B 148 -5.73 2.83 -37.16
C TYR B 148 -6.20 2.71 -38.61
N GLU B 149 -7.04 1.72 -38.90
CA GLU B 149 -7.50 1.53 -40.27
C GLU B 149 -8.49 2.61 -40.68
N ILE B 150 -9.37 3.03 -39.76
CA ILE B 150 -10.31 4.10 -40.05
C ILE B 150 -9.60 5.44 -40.20
N VAL B 151 -8.56 5.67 -39.38
CA VAL B 151 -7.77 6.89 -39.51
C VAL B 151 -7.02 6.91 -40.84
N HIS B 152 -6.48 5.77 -41.26
CA HIS B 152 -5.79 5.71 -42.55
C HIS B 152 -6.75 5.91 -43.72
N THR B 153 -7.97 5.35 -43.60
CA THR B 153 -8.98 5.53 -44.64
C THR B 153 -9.44 6.98 -44.73
N LEU B 154 -9.60 7.65 -43.59
CA LEU B 154 -10.07 9.03 -43.60
C LEU B 154 -8.96 9.99 -44.01
N LEU B 155 -7.71 9.65 -43.72
CA LEU B 155 -6.59 10.45 -44.23
C LEU B 155 -6.42 10.25 -45.73
N ARG B 156 -6.79 9.07 -46.23
CA ARG B 156 -6.75 8.82 -47.67
C ARG B 156 -7.77 9.63 -48.45
N LYS B 157 -8.83 10.11 -47.81
CA LYS B 157 -9.84 10.94 -48.46
C LYS B 157 -9.65 12.42 -48.21
N GLY B 158 -8.53 12.81 -47.60
CA GLY B 158 -8.21 14.22 -47.44
C GLY B 158 -8.84 14.89 -46.24
N ALA B 159 -8.98 14.17 -45.13
CA ALA B 159 -9.52 14.74 -43.90
C ALA B 159 -8.39 14.90 -42.90
N ARG B 160 -8.23 16.12 -42.38
CA ARG B 160 -7.19 16.41 -41.40
C ARG B 160 -7.84 17.06 -40.18
N ILE B 161 -7.14 17.01 -39.06
CA ILE B 161 -7.54 17.70 -37.85
C ILE B 161 -6.95 19.10 -37.89
N GLU B 162 -7.81 20.12 -37.89
CA GLU B 162 -7.34 21.49 -37.90
C GLU B 162 -6.76 21.85 -36.54
N ARG B 163 -5.55 22.39 -36.56
CA ARG B 163 -4.88 22.74 -35.31
C ARG B 163 -5.52 23.99 -34.70
N PRO B 164 -5.85 23.98 -33.41
CA PRO B 164 -6.48 25.16 -32.80
C PRO B 164 -5.50 26.32 -32.68
N HIS B 165 -6.06 27.52 -32.55
CA HIS B 165 -5.26 28.73 -32.45
C HIS B 165 -4.65 28.86 -31.06
N ASP B 166 -3.90 29.94 -30.87
CA ASP B 166 -3.30 30.21 -29.57
C ASP B 166 -4.37 30.63 -28.57
N TYR B 167 -4.01 30.54 -27.28
CA TYR B 167 -4.95 30.87 -26.22
C TYR B 167 -5.29 32.35 -26.18
N PHE B 168 -4.39 33.21 -26.66
CA PHE B 168 -4.64 34.64 -26.73
C PHE B 168 -4.95 35.08 -28.15
N CYS B 169 -5.70 34.26 -28.88
CA CYS B 169 -6.20 34.62 -30.20
C CYS B 169 -7.19 35.77 -30.09
N LYS B 170 -7.08 36.73 -31.01
CA LYS B 170 -7.99 37.86 -31.07
C LYS B 170 -8.51 38.07 -32.48
N CYS B 171 -8.72 36.98 -33.23
CA CYS B 171 -9.17 37.08 -34.61
C CYS B 171 -10.67 37.30 -34.67
N ASN B 172 -11.20 37.39 -35.89
CA ASN B 172 -12.64 37.58 -36.07
C ASN B 172 -13.42 36.29 -35.87
N ASP B 173 -12.74 35.15 -35.77
CA ASP B 173 -13.38 33.86 -35.52
C ASP B 173 -13.20 33.37 -34.09
N CYS B 174 -12.15 33.82 -33.40
CA CYS B 174 -11.97 33.46 -32.00
C CYS B 174 -12.90 34.27 -31.10
N ASN B 175 -13.14 35.53 -31.47
CA ASN B 175 -13.86 36.45 -30.59
C ASN B 175 -15.34 36.11 -30.52
N GLN B 176 -15.98 35.83 -31.66
CA GLN B 176 -17.41 35.55 -31.64
C GLN B 176 -17.69 34.15 -31.09
N LYS B 177 -16.74 33.23 -31.26
CA LYS B 177 -16.86 31.91 -30.64
C LYS B 177 -16.73 32.01 -29.13
N GLN B 178 -15.80 32.84 -28.64
CA GLN B 178 -15.65 32.99 -27.20
C GLN B 178 -16.72 33.87 -26.57
N LYS B 179 -17.37 34.73 -27.36
CA LYS B 179 -18.48 35.53 -26.85
C LYS B 179 -19.80 34.79 -26.89
N HIS B 180 -19.96 33.87 -27.85
CA HIS B 180 -21.17 33.06 -27.91
C HIS B 180 -21.23 32.07 -26.75
N ASP B 181 -20.14 31.33 -26.54
CA ASP B 181 -20.07 30.36 -25.46
C ASP B 181 -18.62 30.19 -25.05
N SER B 182 -18.34 30.40 -23.75
CA SER B 182 -16.99 30.29 -23.22
C SER B 182 -16.71 28.91 -22.64
N PHE B 183 -17.66 27.99 -22.74
CA PHE B 183 -17.50 26.62 -22.27
C PHE B 183 -17.31 25.67 -23.44
N SER B 184 -18.15 25.81 -24.47
CA SER B 184 -18.02 25.02 -25.68
C SER B 184 -16.72 25.30 -26.42
N HIS B 185 -16.19 26.52 -26.32
CA HIS B 185 -14.93 26.87 -26.99
C HIS B 185 -13.76 26.14 -26.35
N SER B 186 -13.70 26.12 -25.01
CA SER B 186 -12.64 25.41 -24.32
C SER B 186 -12.77 23.90 -24.51
N ARG B 187 -14.00 23.39 -24.52
CA ARG B 187 -14.21 21.97 -24.79
C ARG B 187 -13.82 21.60 -26.22
N SER B 188 -14.04 22.51 -27.17
CA SER B 188 -13.64 22.27 -28.55
C SER B 188 -12.12 22.27 -28.70
N ARG B 189 -11.45 23.18 -28.00
CA ARG B 189 -9.99 23.21 -28.01
C ARG B 189 -9.40 21.94 -27.40
N ILE B 190 -9.98 21.46 -26.30
CA ILE B 190 -9.44 20.27 -25.66
C ILE B 190 -9.78 19.01 -26.47
N ASN B 191 -10.88 19.02 -27.24
CA ASN B 191 -11.19 17.89 -28.09
C ASN B 191 -10.27 17.83 -29.29
N ALA B 192 -9.94 18.99 -29.86
CA ALA B 192 -8.99 19.02 -30.98
C ALA B 192 -7.59 18.61 -30.53
N TYR B 193 -7.19 18.99 -29.31
CA TYR B 193 -5.88 18.58 -28.82
C TYR B 193 -5.86 17.10 -28.46
N LYS B 194 -6.97 16.56 -27.96
CA LYS B 194 -7.06 15.13 -27.70
C LYS B 194 -7.04 14.33 -28.99
N GLY B 195 -7.54 14.89 -30.09
CA GLY B 195 -7.41 14.26 -31.38
C GLY B 195 -6.00 14.33 -31.93
N LEU B 196 -5.34 15.47 -31.74
CA LEU B 196 -3.98 15.65 -32.28
C LEU B 196 -2.95 14.87 -31.49
N ALA B 197 -3.21 14.57 -30.21
CA ALA B 197 -2.23 13.95 -29.33
C ALA B 197 -2.41 12.44 -29.25
N SER B 198 -2.85 11.80 -30.32
CA SER B 198 -3.06 10.36 -30.30
C SER B 198 -2.02 9.65 -31.16
N PRO B 199 -1.61 8.44 -30.78
CA PRO B 199 -0.59 7.73 -31.58
C PRO B 199 -1.08 7.30 -32.94
N ALA B 200 -2.39 7.07 -33.08
CA ALA B 200 -2.95 6.70 -34.38
C ALA B 200 -2.85 7.85 -35.38
N TYR B 201 -2.97 9.09 -34.90
CA TYR B 201 -2.84 10.25 -35.76
C TYR B 201 -1.39 10.69 -35.91
N LEU B 202 -0.60 10.57 -34.84
CA LEU B 202 0.81 10.96 -34.89
C LEU B 202 1.61 10.05 -35.81
N SER B 203 1.31 8.75 -35.79
CA SER B 203 2.08 7.82 -36.60
C SER B 203 1.75 7.88 -38.08
N LEU B 204 0.55 8.33 -38.45
CA LEU B 204 0.12 8.28 -39.83
C LEU B 204 -0.02 9.65 -40.48
N SER B 205 -0.03 10.75 -39.71
CA SER B 205 -0.34 12.05 -40.27
C SER B 205 0.87 12.82 -40.76
N SER B 206 2.02 12.71 -40.09
CA SER B 206 3.20 13.49 -40.43
C SER B 206 4.32 12.58 -40.92
N GLU B 207 5.33 13.22 -41.52
CA GLU B 207 6.47 12.50 -42.08
C GLU B 207 7.60 12.31 -41.08
N ASP B 208 7.63 13.10 -40.01
CA ASP B 208 8.57 12.91 -38.91
C ASP B 208 7.78 13.01 -37.62
N PRO B 209 7.30 11.88 -37.08
CA PRO B 209 6.42 11.93 -35.91
C PRO B 209 7.15 12.20 -34.61
N VAL B 210 8.47 12.00 -34.55
CA VAL B 210 9.22 12.22 -33.31
C VAL B 210 9.28 13.70 -32.99
N MET B 211 9.62 14.52 -33.98
CA MET B 211 9.73 15.97 -33.80
C MET B 211 8.35 16.58 -33.54
N THR B 212 7.33 16.07 -34.23
CA THR B 212 5.96 16.53 -34.05
C THR B 212 5.45 16.22 -32.66
N ALA B 213 5.73 15.00 -32.16
CA ALA B 213 5.25 14.63 -30.83
C ALA B 213 6.03 15.36 -29.74
N LEU B 214 7.30 15.67 -29.97
CA LEU B 214 8.07 16.44 -29.00
C LEU B 214 7.55 17.87 -28.88
N GLU B 215 7.32 18.53 -30.01
CA GLU B 215 6.78 19.89 -29.97
C GLU B 215 5.35 19.92 -29.45
N LEU B 216 4.57 18.87 -29.74
CA LEU B 216 3.21 18.82 -29.23
C LEU B 216 3.18 18.59 -27.72
N SER B 217 4.13 17.79 -27.21
CA SER B 217 4.23 17.60 -25.76
C SER B 217 4.62 18.88 -25.07
N ASN B 218 5.53 19.66 -25.66
CA ASN B 218 5.91 20.94 -25.08
C ASN B 218 4.75 21.93 -25.12
N GLU B 219 3.99 21.94 -26.22
CA GLU B 219 2.86 22.85 -26.36
C GLU B 219 1.76 22.53 -25.37
N LEU B 220 1.44 21.25 -25.18
CA LEU B 220 0.46 20.88 -24.18
C LEU B 220 0.98 21.12 -22.76
N ALA B 221 2.29 21.03 -22.56
CA ALA B 221 2.86 21.29 -21.25
C ALA B 221 2.75 22.77 -20.86
N VAL B 222 2.96 23.67 -21.82
CA VAL B 222 2.81 25.09 -21.48
C VAL B 222 1.33 25.49 -21.45
N LEU B 223 0.48 24.78 -22.19
CA LEU B 223 -0.95 25.05 -22.12
C LEU B 223 -1.56 24.53 -20.82
N ALA B 224 -0.91 23.55 -20.18
CA ALA B 224 -1.38 23.13 -18.87
C ALA B 224 -1.13 24.19 -17.82
N ASN B 225 -0.10 25.02 -18.01
CA ASN B 225 0.21 26.09 -17.07
C ASN B 225 -0.55 27.37 -17.39
N ILE B 226 -0.85 27.64 -18.66
CA ILE B 226 -1.61 28.82 -19.02
C ILE B 226 -3.06 28.70 -18.54
N GLU B 227 -3.70 27.56 -18.81
CA GLU B 227 -5.07 27.31 -18.38
C GLU B 227 -5.02 26.52 -17.06
N LYS B 228 -5.22 27.22 -15.95
CA LYS B 228 -5.20 26.58 -14.65
C LYS B 228 -6.38 25.64 -14.44
N GLU B 229 -7.49 25.88 -15.12
CA GLU B 229 -8.60 24.94 -15.15
C GLU B 229 -8.40 23.96 -16.30
N PHE B 230 -8.87 22.73 -16.08
CA PHE B 230 -8.66 21.58 -16.98
C PHE B 230 -7.18 21.36 -17.27
N LYS B 231 -6.41 21.21 -16.20
CA LYS B 231 -4.96 21.02 -16.26
C LYS B 231 -4.57 19.55 -16.28
N ASN B 232 -5.32 18.71 -15.56
CA ASN B 232 -5.08 17.28 -15.48
C ASN B 232 -5.36 16.56 -16.79
N ASP B 233 -6.00 17.20 -17.76
CA ASP B 233 -6.17 16.65 -19.10
C ASP B 233 -5.03 17.02 -20.04
N TYR B 234 -4.54 18.26 -19.96
CA TYR B 234 -3.39 18.66 -20.76
C TYR B 234 -2.13 17.93 -20.31
N LYS B 235 -2.01 17.68 -19.00
CA LYS B 235 -0.90 16.88 -18.49
C LYS B 235 -0.97 15.44 -19.02
N LYS B 236 -2.17 14.89 -19.11
CA LYS B 236 -2.35 13.54 -19.63
C LYS B 236 -2.03 13.45 -21.12
N LEU B 237 -2.42 14.47 -21.88
CA LEU B 237 -2.14 14.49 -23.31
C LEU B 237 -0.64 14.64 -23.57
N SER B 238 0.04 15.50 -22.79
CA SER B 238 1.49 15.61 -22.89
C SER B 238 2.20 14.32 -22.51
N MET B 239 1.67 13.61 -21.50
CA MET B 239 2.28 12.36 -21.08
C MET B 239 2.13 11.28 -22.15
N GLN B 240 1.00 11.26 -22.86
CA GLN B 240 0.88 10.26 -23.92
C GLN B 240 1.66 10.67 -25.17
N CYS B 241 1.89 11.97 -25.39
CA CYS B 241 2.82 12.39 -26.45
C CYS B 241 4.25 11.94 -26.14
N LYS B 242 4.64 11.97 -24.86
CA LYS B 242 5.97 11.47 -24.50
C LYS B 242 6.01 9.94 -24.59
N ASP B 243 4.92 9.27 -24.25
CA ASP B 243 4.87 7.81 -24.30
C ASP B 243 4.94 7.29 -25.73
N PHE B 244 4.42 8.07 -26.68
CA PHE B 244 4.56 7.70 -28.10
C PHE B 244 6.03 7.62 -28.52
N VAL B 245 6.83 8.61 -28.13
CA VAL B 245 8.23 8.67 -28.53
C VAL B 245 9.03 7.60 -27.79
N VAL B 246 8.70 7.35 -26.52
CA VAL B 246 9.39 6.30 -25.77
C VAL B 246 9.08 4.92 -26.34
N GLY B 247 7.81 4.68 -26.71
CA GLY B 247 7.45 3.43 -27.35
C GLY B 247 7.99 3.28 -28.76
N LEU B 248 8.26 4.39 -29.44
CA LEU B 248 8.91 4.32 -30.75
C LEU B 248 10.40 4.04 -30.63
N LEU B 249 11.03 4.46 -29.53
CA LEU B 249 12.44 4.14 -29.32
C LEU B 249 12.65 2.68 -28.90
N ASP B 250 11.67 2.09 -28.23
CA ASP B 250 11.83 0.75 -27.67
C ASP B 250 11.91 -0.32 -28.76
N LEU B 251 11.24 -0.12 -29.89
CA LEU B 251 11.22 -1.11 -30.96
C LEU B 251 12.25 -0.76 -32.04
N CYS B 252 13.50 -0.69 -31.59
CA CYS B 252 14.64 -0.46 -32.47
C CYS B 252 15.58 -1.66 -32.38
N ARG B 253 16.10 -2.09 -33.52
CA ARG B 253 16.88 -3.31 -33.60
C ARG B 253 18.32 -3.10 -34.05
N ASN B 254 18.58 -2.15 -34.94
CA ASN B 254 19.91 -1.90 -35.43
C ASN B 254 20.52 -0.69 -34.74
N THR B 255 21.71 -0.30 -35.18
CA THR B 255 22.32 0.94 -34.75
C THR B 255 21.81 2.14 -35.54
N GLU B 256 21.47 1.94 -36.82
CA GLU B 256 20.94 3.02 -37.63
C GLU B 256 19.53 3.42 -37.22
N GLU B 257 18.74 2.48 -36.69
CA GLU B 257 17.40 2.83 -36.22
C GLU B 257 17.46 3.60 -34.90
N VAL B 258 18.37 3.19 -34.02
CA VAL B 258 18.61 3.93 -32.77
C VAL B 258 19.14 5.33 -33.07
N GLU B 259 20.03 5.44 -34.06
CA GLU B 259 20.56 6.75 -34.45
C GLU B 259 19.56 7.57 -35.26
N ALA B 260 18.51 6.94 -35.81
CA ALA B 260 17.48 7.71 -36.47
C ALA B 260 16.39 8.16 -35.50
N ILE B 261 16.23 7.47 -34.38
CA ILE B 261 15.28 7.94 -33.37
C ILE B 261 15.95 8.97 -32.45
N LEU B 262 17.15 8.66 -31.95
CA LEU B 262 17.82 9.56 -31.01
C LEU B 262 18.34 10.81 -31.72
N ASN B 263 18.94 10.65 -32.89
CA ASN B 263 19.43 11.76 -33.68
C ASN B 263 18.53 11.92 -34.90
N GLY B 264 18.59 13.07 -35.54
CA GLY B 264 17.74 13.29 -36.70
C GLY B 264 18.26 12.67 -37.97
N ASP B 265 18.12 13.39 -39.09
CA ASP B 265 18.68 12.94 -40.35
C ASP B 265 20.19 13.20 -40.34
N VAL B 266 20.99 12.14 -40.21
CA VAL B 266 22.43 12.32 -39.96
C VAL B 266 23.15 12.75 -41.23
N GLU B 267 22.52 12.56 -42.40
CA GLU B 267 23.11 13.05 -43.63
C GLU B 267 22.91 14.55 -43.81
N THR B 268 21.88 15.13 -43.19
CA THR B 268 21.59 16.55 -43.34
C THR B 268 21.85 17.33 -42.05
N LEU B 269 22.62 16.77 -41.13
CA LEU B 269 22.98 17.43 -39.88
C LEU B 269 24.49 17.52 -39.75
N GLN B 270 24.94 18.51 -38.98
CA GLN B 270 26.36 18.65 -38.67
C GLN B 270 26.81 17.50 -37.79
N SER B 271 27.98 16.94 -38.10
CA SER B 271 28.41 15.71 -37.45
C SER B 271 28.86 15.95 -36.00
N GLY B 272 29.28 17.16 -35.68
CA GLY B 272 29.75 17.48 -34.36
C GLY B 272 31.22 17.90 -34.35
N ASP B 273 31.71 18.17 -33.15
CA ASP B 273 33.09 18.61 -32.98
C ASP B 273 34.06 17.45 -33.20
N HIS B 274 33.68 16.26 -32.74
CA HIS B 274 34.52 15.07 -32.83
C HIS B 274 33.72 13.98 -33.52
N GLY B 275 34.21 12.74 -33.43
CA GLY B 275 33.52 11.58 -33.98
C GLY B 275 32.23 11.19 -33.28
N ARG B 276 31.88 11.89 -32.21
CA ARG B 276 30.61 11.72 -31.52
C ARG B 276 29.45 12.17 -32.42
N PRO B 277 28.24 11.66 -32.20
CA PRO B 277 27.10 12.06 -33.04
C PRO B 277 26.59 13.47 -32.77
N ASN B 278 25.46 13.81 -33.40
CA ASN B 278 24.85 15.13 -33.28
C ASN B 278 23.80 15.08 -32.18
N LEU B 279 24.05 15.80 -31.09
CA LEU B 279 23.24 15.70 -29.88
C LEU B 279 22.14 16.75 -29.80
N SER B 280 21.63 17.23 -30.93
CA SER B 280 20.66 18.32 -30.92
C SER B 280 19.27 17.89 -30.47
N ARG B 281 18.88 16.63 -30.71
CA ARG B 281 17.55 16.18 -30.34
C ARG B 281 17.48 15.75 -28.89
N LEU B 282 18.56 15.18 -28.34
CA LEU B 282 18.57 14.80 -26.94
C LEU B 282 18.60 16.01 -26.02
N LYS B 283 19.23 17.11 -26.46
CA LYS B 283 19.14 18.37 -25.73
C LYS B 283 17.70 18.87 -25.68
N LEU B 284 16.96 18.69 -26.77
CA LEU B 284 15.56 19.08 -26.81
C LEU B 284 14.71 18.18 -25.93
N ALA B 285 15.05 16.89 -25.87
CA ALA B 285 14.30 15.97 -25.01
C ALA B 285 14.59 16.22 -23.53
N ILE B 286 15.79 16.70 -23.20
CA ILE B 286 16.08 17.09 -21.83
C ILE B 286 15.41 18.42 -21.50
N LYS B 287 15.33 19.32 -22.49
CA LYS B 287 14.66 20.60 -22.30
C LYS B 287 13.16 20.41 -22.09
N TYR B 288 12.55 19.47 -22.81
CA TYR B 288 11.12 19.21 -22.68
C TYR B 288 10.80 18.19 -21.60
N GLU B 289 11.81 17.69 -20.88
CA GLU B 289 11.68 16.76 -19.75
C GLU B 289 10.99 15.45 -20.15
N VAL B 290 11.47 14.85 -21.22
CA VAL B 290 10.99 13.53 -21.64
C VAL B 290 11.94 12.52 -21.00
N LYS B 291 11.61 12.13 -19.78
CA LYS B 291 12.58 11.44 -18.92
C LYS B 291 12.76 9.98 -19.28
N LYS B 292 11.71 9.30 -19.73
CA LYS B 292 11.84 7.88 -20.10
C LYS B 292 12.51 7.71 -21.46
N PHE B 293 12.55 8.76 -22.27
CA PHE B 293 13.29 8.73 -23.53
C PHE B 293 14.79 8.78 -23.29
N VAL B 294 15.21 9.38 -22.17
CA VAL B 294 16.62 9.60 -21.88
C VAL B 294 17.09 8.48 -20.95
N ALA B 295 16.19 8.00 -20.11
CA ALA B 295 16.50 6.89 -19.21
C ALA B 295 16.35 5.52 -19.87
N HIS B 296 16.00 5.47 -21.15
CA HIS B 296 15.88 4.21 -21.86
C HIS B 296 17.26 3.63 -22.14
N PRO B 297 17.43 2.31 -22.05
CA PRO B 297 18.76 1.70 -22.27
C PRO B 297 19.38 1.94 -23.64
N ASN B 298 18.56 2.09 -24.68
CA ASN B 298 19.09 2.40 -26.00
C ASN B 298 19.67 3.80 -26.07
N CYS B 299 19.17 4.73 -25.25
CA CYS B 299 19.82 6.02 -25.12
C CYS B 299 20.99 5.98 -24.14
N GLN B 300 20.89 5.13 -23.13
CA GLN B 300 21.92 5.05 -22.09
C GLN B 300 23.23 4.50 -22.65
N GLN B 301 23.16 3.54 -23.57
CA GLN B 301 24.40 2.99 -24.13
C GLN B 301 25.11 3.99 -25.02
N GLN B 302 24.37 4.80 -25.78
CA GLN B 302 24.97 5.85 -26.59
C GLN B 302 25.56 6.96 -25.73
N LEU B 303 24.83 7.37 -24.68
CA LEU B 303 25.35 8.41 -23.80
C LEU B 303 26.55 7.92 -22.99
N LEU B 304 26.61 6.63 -22.67
CA LEU B 304 27.78 6.08 -22.00
C LEU B 304 28.98 6.04 -22.94
N SER B 305 28.77 5.68 -24.21
CA SER B 305 29.87 5.66 -25.16
C SER B 305 30.38 7.07 -25.48
N ILE B 306 29.51 8.08 -25.40
CA ILE B 306 29.99 9.45 -25.54
C ILE B 306 30.67 9.92 -24.25
N TRP B 307 30.18 9.46 -23.10
CA TRP B 307 30.67 9.93 -21.80
C TRP B 307 32.08 9.40 -21.52
N TYR B 308 32.35 8.16 -21.90
CA TYR B 308 33.66 7.60 -21.60
C TYR B 308 34.73 8.12 -22.56
N GLU B 309 34.55 7.87 -23.87
CA GLU B 309 35.26 8.57 -24.95
C GLU B 309 36.79 8.47 -24.87
N ASN B 310 37.32 7.29 -25.21
CA ASN B 310 38.74 6.88 -25.22
C ASN B 310 39.28 6.60 -23.83
N LEU B 311 38.41 6.25 -22.88
CA LEU B 311 38.81 5.52 -21.67
C LEU B 311 37.86 4.33 -21.55
N SER B 312 38.20 3.25 -22.26
CA SER B 312 37.46 2.01 -22.13
C SER B 312 38.07 1.08 -21.09
N GLY B 313 39.30 1.36 -20.66
CA GLY B 313 39.91 0.64 -19.56
C GLY B 313 39.25 0.97 -18.24
N LEU B 314 39.03 2.26 -17.99
CA LEU B 314 38.42 2.72 -16.75
C LEU B 314 36.91 2.50 -16.70
N ARG B 315 36.31 1.99 -17.78
CA ARG B 315 34.87 1.76 -17.79
C ARG B 315 34.50 0.56 -16.93
N GLN B 316 35.25 -0.52 -17.04
CA GLN B 316 34.92 -1.77 -16.35
C GLN B 316 35.60 -1.89 -14.99
N GLN B 317 36.25 -0.84 -14.50
CA GLN B 317 36.92 -0.92 -13.20
C GLN B 317 35.90 -0.76 -12.07
N THR B 318 36.41 -0.81 -10.84
CA THR B 318 35.60 -0.70 -9.65
C THR B 318 35.68 0.71 -9.07
N MET B 319 34.85 0.97 -8.06
CA MET B 319 34.82 2.28 -7.42
C MET B 319 36.05 2.52 -6.56
N ALA B 320 36.71 1.47 -6.08
CA ALA B 320 37.97 1.65 -5.37
C ALA B 320 39.07 2.09 -6.33
N VAL B 321 38.97 1.68 -7.60
CA VAL B 321 39.89 2.18 -8.61
C VAL B 321 39.58 3.63 -8.94
N LYS B 322 38.30 4.00 -9.07
CA LYS B 322 37.94 5.38 -9.34
C LYS B 322 37.82 6.24 -8.08
N PHE B 323 38.81 6.14 -7.19
CA PHE B 323 39.01 7.08 -6.11
C PHE B 323 40.49 7.41 -6.12
N LEU B 324 41.29 6.41 -6.48
CA LEU B 324 42.73 6.60 -6.59
C LEU B 324 43.08 7.47 -7.78
N VAL B 325 42.31 7.37 -8.87
CA VAL B 325 42.55 8.24 -10.02
C VAL B 325 42.15 9.67 -9.70
N VAL B 326 41.11 9.85 -8.86
CA VAL B 326 40.72 11.20 -8.44
C VAL B 326 41.78 11.80 -7.54
N LEU B 327 42.37 10.99 -6.66
CA LEU B 327 43.48 11.47 -5.84
C LEU B 327 44.73 11.73 -6.67
N ALA B 328 44.91 10.98 -7.76
CA ALA B 328 46.05 11.20 -8.64
C ALA B 328 45.93 12.52 -9.41
N VAL B 329 44.73 12.83 -9.89
CA VAL B 329 44.46 14.16 -10.45
C VAL B 329 44.55 15.24 -9.38
N ALA B 330 44.23 14.91 -8.12
CA ALA B 330 44.37 15.89 -7.04
C ALA B 330 45.84 16.21 -6.76
N ILE B 331 46.72 15.21 -6.84
CA ILE B 331 48.16 15.48 -6.64
C ILE B 331 48.74 16.21 -7.84
N GLY B 332 48.65 15.61 -9.02
CA GLY B 332 49.28 16.16 -10.20
C GLY B 332 48.41 17.07 -11.04
N LEU B 333 47.73 18.03 -10.40
CA LEU B 333 46.86 18.93 -11.16
C LEU B 333 47.63 20.01 -11.95
N PRO B 334 48.67 20.69 -11.42
CA PRO B 334 49.42 21.60 -12.30
C PRO B 334 50.19 20.91 -13.41
N PHE B 335 50.54 19.62 -13.23
CA PHE B 335 51.23 18.90 -14.29
C PHE B 335 50.34 18.70 -15.51
N LEU B 336 49.13 18.19 -15.29
CA LEU B 336 48.18 18.05 -16.39
C LEU B 336 47.71 19.40 -16.89
N ALA B 337 47.73 20.41 -16.02
CA ALA B 337 47.39 21.77 -16.44
C ALA B 337 48.40 22.33 -17.43
N LEU B 338 49.70 22.20 -17.16
CA LEU B 338 50.63 22.83 -18.09
C LEU B 338 50.88 21.96 -19.31
N ILE B 339 50.62 20.64 -19.23
CA ILE B 339 50.73 19.87 -20.47
C ILE B 339 49.46 20.03 -21.31
N TYR B 340 48.36 20.46 -20.69
CA TYR B 340 47.20 20.85 -21.48
C TYR B 340 47.39 22.24 -22.08
N TRP B 341 48.11 23.12 -21.38
CA TRP B 341 48.42 24.44 -21.92
C TRP B 341 49.44 24.37 -23.05
N PHE B 342 50.53 23.63 -22.84
CA PHE B 342 51.73 23.74 -23.66
C PHE B 342 51.77 22.72 -24.79
N ALA B 343 51.04 21.61 -24.70
CA ALA B 343 51.08 20.56 -25.73
C ALA B 343 49.74 19.83 -25.79
N PRO B 344 48.76 20.39 -26.49
CA PRO B 344 47.53 19.64 -26.77
C PRO B 344 47.76 18.60 -27.85
N CYS B 345 46.71 17.81 -28.10
CA CYS B 345 46.66 16.77 -29.13
C CYS B 345 47.77 15.74 -28.97
N SER B 346 47.82 15.16 -27.77
CA SER B 346 48.84 14.18 -27.43
C SER B 346 48.21 12.89 -26.96
N LYS B 347 49.01 11.98 -26.43
CA LYS B 347 48.46 10.75 -25.87
C LYS B 347 47.66 11.01 -24.59
N MET B 348 48.05 12.02 -23.82
CA MET B 348 47.31 12.39 -22.62
C MET B 348 46.42 13.62 -22.83
N GLY B 349 46.74 14.48 -23.80
CA GLY B 349 45.90 15.63 -24.08
C GLY B 349 44.56 15.27 -24.71
N LYS B 350 44.48 14.12 -25.36
CA LYS B 350 43.21 13.64 -25.89
C LYS B 350 42.38 12.93 -24.82
N ILE B 351 43.04 12.33 -23.82
CA ILE B 351 42.33 11.74 -22.71
C ILE B 351 41.78 12.81 -21.77
N MET B 352 42.59 13.83 -21.47
CA MET B 352 42.22 14.87 -20.51
C MET B 352 41.14 15.83 -21.02
N ARG B 353 40.65 15.73 -22.26
CA ARG B 353 39.54 16.55 -22.70
C ARG B 353 38.25 15.77 -22.91
N GLY B 354 38.22 14.50 -22.50
CA GLY B 354 36.99 13.74 -22.47
C GLY B 354 36.09 14.23 -21.35
N PRO B 355 34.81 13.85 -21.40
CA PRO B 355 33.88 14.31 -20.36
C PRO B 355 34.13 13.72 -18.99
N PHE B 356 34.45 12.42 -18.93
CA PHE B 356 34.67 11.77 -17.64
C PHE B 356 35.94 12.28 -16.96
N MET B 357 36.98 12.55 -17.74
CA MET B 357 38.20 13.10 -17.16
C MET B 357 38.01 14.55 -16.76
N LYS B 358 37.15 15.29 -17.45
CA LYS B 358 36.79 16.64 -17.01
C LYS B 358 36.04 16.61 -15.69
N PHE B 359 35.16 15.63 -15.52
CA PHE B 359 34.45 15.46 -14.25
C PHE B 359 35.40 15.10 -13.12
N VAL B 360 36.37 14.21 -13.41
CA VAL B 360 37.36 13.81 -12.41
C VAL B 360 38.26 14.98 -12.04
N ALA B 361 38.60 15.82 -13.02
CA ALA B 361 39.43 17.00 -12.76
C ALA B 361 38.70 18.03 -11.92
N HIS B 362 37.41 18.23 -12.18
CA HIS B 362 36.64 19.18 -11.39
CA HIS B 362 36.62 19.17 -11.40
C HIS B 362 36.43 18.68 -9.96
N ALA B 363 36.21 17.37 -9.79
CA ALA B 363 36.09 16.80 -8.46
C ALA B 363 37.41 16.89 -7.71
N ALA B 364 38.53 16.73 -8.41
CA ALA B 364 39.84 16.84 -7.78
C ALA B 364 40.14 18.28 -7.37
N SER B 365 39.72 19.25 -8.18
CA SER B 365 39.94 20.66 -7.80
C SER B 365 39.07 21.04 -6.61
N PHE B 366 37.85 20.50 -6.52
CA PHE B 366 37.02 20.75 -5.35
C PHE B 366 37.59 20.07 -4.11
N THR B 367 38.22 18.90 -4.28
CA THR B 367 38.87 18.23 -3.16
C THR B 367 40.08 19.02 -2.67
N ILE B 368 40.83 19.62 -3.60
CA ILE B 368 41.97 20.48 -3.23
C ILE B 368 41.47 21.73 -2.49
N PHE B 369 40.34 22.28 -2.92
CA PHE B 369 39.77 23.45 -2.25
C PHE B 369 39.33 23.13 -0.83
N LEU B 370 38.69 21.97 -0.64
CA LEU B 370 38.29 21.56 0.71
C LEU B 370 39.49 21.24 1.58
N GLY B 371 40.54 20.65 1.01
CA GLY B 371 41.75 20.40 1.77
C GLY B 371 42.47 21.68 2.18
N LEU B 372 42.41 22.70 1.32
CA LEU B 372 42.96 24.00 1.67
C LEU B 372 42.16 24.65 2.79
N LEU B 373 40.83 24.53 2.74
CA LEU B 373 40.00 25.06 3.82
C LEU B 373 40.23 24.34 5.14
N VAL B 374 40.55 23.04 5.09
CA VAL B 374 40.93 22.32 6.31
C VAL B 374 42.28 22.79 6.81
N MET B 375 43.29 22.76 5.95
CA MET B 375 44.67 22.99 6.36
C MET B 375 45.03 24.46 6.54
N ASN B 376 44.11 25.38 6.29
CA ASN B 376 44.41 26.80 6.54
C ASN B 376 44.54 27.08 8.03
N ALA B 377 43.68 26.50 8.86
CA ALA B 377 43.77 26.66 10.31
C ALA B 377 44.52 25.51 10.95
N ALA B 378 45.72 25.20 10.45
CA ALA B 378 46.47 24.04 10.91
C ALA B 378 47.38 24.34 12.09
N ASP B 379 47.66 25.60 12.36
CA ASP B 379 48.48 25.96 13.52
C ASP B 379 47.67 26.02 14.80
N ARG B 380 46.36 25.86 14.74
CA ARG B 380 45.49 25.96 15.90
C ARG B 380 44.71 24.68 16.18
N PHE B 381 45.18 23.53 15.66
CA PHE B 381 44.45 22.27 15.82
C PHE B 381 44.41 21.80 17.27
N GLU B 382 45.53 21.89 17.97
CA GLU B 382 45.62 21.43 19.35
C GLU B 382 45.78 22.58 20.34
N GLY B 383 45.59 23.81 19.90
CA GLY B 383 45.80 24.98 20.73
C GLY B 383 46.30 26.16 19.93
N THR B 384 45.80 27.35 20.24
CA THR B 384 46.12 28.53 19.44
C THR B 384 47.54 29.01 19.71
N LYS B 385 47.96 28.98 20.97
CA LYS B 385 49.20 29.54 21.51
C LYS B 385 49.31 31.05 21.29
N LEU B 386 48.18 31.74 21.08
CA LEU B 386 48.11 33.20 20.99
C LEU B 386 46.83 33.56 21.74
N LEU B 387 46.99 33.94 23.01
CA LEU B 387 45.85 34.23 23.86
C LEU B 387 45.22 35.55 23.43
N PRO B 388 43.92 35.74 23.70
CA PRO B 388 43.28 37.03 23.40
C PRO B 388 43.77 38.18 24.27
N ASN B 389 44.48 37.91 25.36
CA ASN B 389 45.05 38.96 26.21
C ASN B 389 46.47 39.35 25.83
N GLU B 390 47.22 38.43 25.22
CA GLU B 390 48.61 38.70 24.90
C GLU B 390 48.72 39.31 23.51
N THR B 391 49.95 39.53 23.05
CA THR B 391 50.20 40.08 21.73
C THR B 391 51.61 39.67 21.30
N SER B 392 51.75 39.25 20.04
CA SER B 392 53.02 38.80 19.51
C SER B 392 53.25 39.46 18.16
N THR B 393 54.45 40.03 17.98
CA THR B 393 54.82 40.69 16.73
C THR B 393 55.99 40.03 16.02
N ASP B 394 56.93 39.45 16.77
CA ASP B 394 58.08 38.68 16.30
C ASP B 394 59.05 39.46 15.40
N ASN B 395 58.96 40.80 15.42
CA ASN B 395 59.89 41.64 14.69
C ASN B 395 60.37 42.85 15.45
N ALA B 396 59.71 43.22 16.56
CA ALA B 396 60.03 44.33 17.47
C ALA B 396 60.01 45.71 16.80
N LYS B 397 59.51 45.81 15.59
CA LYS B 397 59.33 47.08 14.89
C LYS B 397 57.92 47.24 14.35
N GLN B 398 57.31 46.16 13.86
CA GLN B 398 55.94 46.23 13.37
C GLN B 398 54.96 46.14 14.53
N LEU B 399 53.75 46.60 14.27
CA LEU B 399 52.71 46.57 15.28
C LEU B 399 51.98 45.23 15.24
N PHE B 400 51.10 45.00 16.22
CA PHE B 400 50.47 43.70 16.37
C PHE B 400 49.44 43.46 15.28
N ARG B 401 48.81 44.52 14.77
CA ARG B 401 47.77 44.36 13.77
C ARG B 401 48.31 44.11 12.37
N MET B 402 49.63 44.04 12.19
CA MET B 402 50.21 43.63 10.91
C MET B 402 50.43 42.12 10.84
N LYS B 403 50.60 41.47 12.00
CA LYS B 403 50.76 40.02 12.01
C LYS B 403 49.42 39.32 11.81
N THR B 404 48.34 39.94 12.28
CA THR B 404 47.02 39.33 12.22
C THR B 404 46.27 39.66 10.94
N SER B 405 46.80 40.54 10.09
CA SER B 405 46.11 40.96 8.88
C SER B 405 46.84 40.60 7.60
N CYS B 406 48.05 40.04 7.69
CA CYS B 406 48.79 39.68 6.50
C CYS B 406 48.23 38.40 5.89
N PHE B 407 48.11 38.38 4.57
CA PHE B 407 47.59 37.20 3.89
C PHE B 407 48.67 36.13 3.80
N SER B 408 48.31 34.91 4.15
CA SER B 408 49.21 33.78 3.95
C SER B 408 49.11 33.29 2.51
N TRP B 409 49.92 32.28 2.18
CA TRP B 409 49.86 31.72 0.83
C TRP B 409 48.62 30.85 0.65
N MET B 410 48.18 30.18 1.72
CA MET B 410 46.95 29.38 1.63
C MET B 410 45.72 30.28 1.47
N GLU B 411 45.71 31.44 2.11
CA GLU B 411 44.62 32.38 1.92
C GLU B 411 44.64 32.97 0.52
N MET B 412 45.84 33.16 -0.06
CA MET B 412 45.94 33.63 -1.43
C MET B 412 45.45 32.57 -2.41
N LEU B 413 45.72 31.30 -2.12
CA LEU B 413 45.20 30.22 -2.95
C LEU B 413 43.67 30.10 -2.83
N ILE B 414 43.13 30.28 -1.63
CA ILE B 414 41.68 30.27 -1.45
C ILE B 414 41.02 31.44 -2.18
N ILE B 415 41.67 32.61 -2.16
CA ILE B 415 41.16 33.77 -2.91
C ILE B 415 41.21 33.50 -4.41
N SER B 416 42.25 32.81 -4.88
CA SER B 416 42.35 32.44 -6.29
C SER B 416 41.25 31.48 -6.71
N TRP B 417 41.00 30.45 -5.88
CA TRP B 417 39.92 29.50 -6.14
C TRP B 417 38.55 30.18 -6.15
N VAL B 418 38.28 31.08 -5.21
CA VAL B 418 36.94 31.67 -5.18
C VAL B 418 36.80 32.73 -6.28
N ILE B 419 37.89 33.36 -6.72
CA ILE B 419 37.82 34.27 -7.86
C ILE B 419 37.53 33.48 -9.14
N GLY B 420 38.16 32.30 -9.28
CA GLY B 420 37.83 31.43 -10.39
C GLY B 420 36.40 30.92 -10.35
N MET B 421 35.86 30.69 -9.15
CA MET B 421 34.47 30.25 -9.02
C MET B 421 33.50 31.36 -9.39
N ILE B 422 33.75 32.60 -8.94
CA ILE B 422 32.91 33.73 -9.33
C ILE B 422 32.99 33.99 -10.83
N TRP B 423 34.18 33.77 -11.42
CA TRP B 423 34.31 33.95 -12.87
C TRP B 423 33.56 32.89 -13.65
N ALA B 424 33.66 31.63 -13.22
CA ALA B 424 32.95 30.55 -13.90
C ALA B 424 31.45 30.57 -13.65
N GLU B 425 31.00 31.26 -12.61
CA GLU B 425 29.56 31.44 -12.39
C GLU B 425 29.02 32.64 -13.16
N CYS B 426 29.81 33.72 -13.24
CA CYS B 426 29.38 34.91 -13.97
C CYS B 426 29.46 34.69 -15.47
N LYS B 427 30.27 33.74 -15.92
CA LYS B 427 30.27 33.36 -17.33
C LYS B 427 29.00 32.60 -17.68
N GLU B 428 28.43 31.88 -16.72
CA GLU B 428 27.26 31.04 -16.98
C GLU B 428 25.93 31.73 -16.66
N ILE B 429 25.94 32.83 -15.90
CA ILE B 429 24.68 33.48 -15.58
C ILE B 429 24.14 34.25 -16.81
N TRP B 430 25.05 34.74 -17.66
CA TRP B 430 24.60 35.51 -18.82
C TRP B 430 24.32 34.61 -20.02
N THR B 431 24.87 33.40 -20.03
CA THR B 431 24.53 32.41 -21.05
C THR B 431 23.09 31.95 -20.93
N GLN B 432 22.58 31.82 -19.70
CA GLN B 432 21.20 31.39 -19.47
C GLN B 432 20.26 32.54 -19.12
N GLY B 433 20.78 33.72 -18.81
CA GLY B 433 19.96 34.85 -18.45
C GLY B 433 19.44 34.77 -17.03
N PRO B 434 18.84 35.86 -16.54
CA PRO B 434 18.26 35.83 -15.18
C PRO B 434 16.83 35.29 -15.17
N LYS B 435 16.56 34.25 -15.94
CA LYS B 435 15.28 33.57 -15.96
C LYS B 435 15.42 32.07 -15.75
N GLU B 436 16.48 31.46 -16.28
CA GLU B 436 16.75 30.06 -16.04
C GLU B 436 17.72 29.87 -14.89
N TYR B 437 18.50 30.92 -14.59
CA TYR B 437 19.45 30.86 -13.49
C TYR B 437 18.76 31.11 -12.16
N LEU B 438 17.98 32.20 -12.06
CA LEU B 438 17.34 32.56 -10.81
C LEU B 438 16.16 31.65 -10.47
N PHE B 439 15.66 30.88 -11.44
CA PHE B 439 14.54 29.97 -11.16
C PHE B 439 14.99 28.79 -10.32
N GLU B 440 16.20 28.29 -10.55
CA GLU B 440 16.74 27.23 -9.72
C GLU B 440 17.22 27.80 -8.38
N LEU B 441 16.89 27.10 -7.30
CA LEU B 441 17.13 27.61 -5.96
C LEU B 441 18.45 27.14 -5.36
N TRP B 442 19.22 26.32 -6.07
CA TRP B 442 20.58 26.00 -5.62
C TRP B 442 21.59 27.00 -6.14
N ASN B 443 21.25 27.71 -7.21
CA ASN B 443 22.06 28.84 -7.66
C ASN B 443 22.03 29.97 -6.64
N MET B 444 20.93 30.10 -5.89
CA MET B 444 20.88 31.02 -4.76
C MET B 444 21.90 30.66 -3.70
N LEU B 445 22.05 29.37 -3.40
CA LEU B 445 23.00 28.92 -2.40
C LEU B 445 24.44 29.11 -2.87
N ASP B 446 24.70 28.85 -4.16
CA ASP B 446 26.03 29.04 -4.71
C ASP B 446 26.43 30.52 -4.73
N PHE B 447 25.51 31.38 -5.18
CA PHE B 447 25.78 32.81 -5.23
C PHE B 447 25.91 33.39 -3.82
N GLY B 448 25.16 32.84 -2.86
CA GLY B 448 25.30 33.28 -1.48
C GLY B 448 26.64 32.90 -0.88
N MET B 449 27.10 31.68 -1.15
CA MET B 449 28.42 31.26 -0.66
C MET B 449 29.54 32.10 -1.26
N LEU B 450 29.47 32.36 -2.57
CA LEU B 450 30.50 33.17 -3.21
C LEU B 450 30.46 34.63 -2.75
N ALA B 451 29.26 35.17 -2.52
CA ALA B 451 29.13 36.54 -2.04
C ALA B 451 29.64 36.69 -0.62
N ILE B 452 29.41 35.68 0.22
CA ILE B 452 29.89 35.75 1.61
C ILE B 452 31.40 35.60 1.66
N PHE B 453 31.98 34.74 0.81
CA PHE B 453 33.45 34.69 0.68
C PHE B 453 34.02 36.02 0.20
N ALA B 454 33.38 36.64 -0.78
CA ALA B 454 33.86 37.91 -1.32
C ALA B 454 33.80 39.02 -0.28
N ALA B 455 32.71 39.06 0.51
CA ALA B 455 32.57 40.07 1.55
C ALA B 455 33.58 39.86 2.66
N SER B 456 33.89 38.59 2.99
CA SER B 456 34.89 38.28 4.00
C SER B 456 36.28 38.75 3.57
N PHE B 457 36.65 38.49 2.31
CA PHE B 457 37.96 38.92 1.84
C PHE B 457 38.02 40.44 1.66
N ILE B 458 36.88 41.06 1.31
CA ILE B 458 36.82 42.52 1.21
C ILE B 458 37.03 43.18 2.57
N ALA B 459 36.41 42.65 3.63
CA ALA B 459 36.62 43.16 4.97
C ALA B 459 38.03 42.92 5.50
N ARG B 460 38.62 41.75 5.21
CA ARG B 460 39.99 41.50 5.61
C ARG B 460 40.99 42.41 4.89
N PHE B 461 40.71 42.73 3.62
CA PHE B 461 41.59 43.62 2.87
C PHE B 461 41.56 45.04 3.41
N MET B 462 40.38 45.54 3.79
CA MET B 462 40.34 46.91 4.30
C MET B 462 40.86 46.99 5.73
N ALA B 463 40.75 45.91 6.52
CA ALA B 463 41.41 45.88 7.82
C ALA B 463 42.93 45.91 7.66
N PHE B 464 43.45 45.13 6.71
CA PHE B 464 44.89 45.15 6.42
C PHE B 464 45.33 46.49 5.86
N TRP B 465 44.46 47.16 5.09
CA TRP B 465 44.80 48.47 4.53
C TRP B 465 44.88 49.53 5.61
N HIS B 466 43.94 49.52 6.56
CA HIS B 466 43.99 50.44 7.69
C HIS B 466 45.23 50.19 8.55
N ALA B 467 45.57 48.91 8.78
CA ALA B 467 46.75 48.59 9.58
C ALA B 467 48.03 49.01 8.87
N SER B 468 48.12 48.81 7.55
CA SER B 468 49.32 49.18 6.82
C SER B 468 49.46 50.70 6.70
N LYS B 469 48.33 51.41 6.59
CA LYS B 469 48.37 52.88 6.59
C LYS B 469 48.85 53.41 7.93
N ALA B 470 48.34 52.84 9.03
CA ALA B 470 48.75 53.27 10.36
C ALA B 470 50.21 52.92 10.64
N GLN B 471 50.71 51.82 10.08
CA GLN B 471 52.12 51.48 10.28
C GLN B 471 53.02 52.29 9.35
N SER B 472 52.49 52.79 8.23
CA SER B 472 53.29 53.58 7.31
C SER B 472 53.41 55.03 7.78
N ILE B 473 52.35 55.60 8.36
CA ILE B 473 52.41 57.01 8.77
C ILE B 473 53.25 57.16 10.04
N ILE B 474 53.43 56.08 10.78
CA ILE B 474 54.27 56.07 11.98
C ILE B 474 55.19 54.87 11.86
N ASP B 475 56.37 55.06 11.27
CA ASP B 475 57.32 53.98 11.08
C ASP B 475 58.41 54.00 12.15
N LYS B 485 60.04 52.01 23.17
CA LYS B 485 58.60 51.89 23.31
C LYS B 485 58.04 53.00 24.20
N VAL B 486 57.48 54.03 23.58
CA VAL B 486 56.92 55.16 24.30
C VAL B 486 55.41 55.19 24.08
N THR B 487 54.73 56.15 24.70
CA THR B 487 53.29 56.29 24.52
C THR B 487 52.98 56.85 23.13
N LEU B 488 52.31 56.04 22.31
CA LEU B 488 52.00 56.43 20.95
C LEU B 488 50.88 57.46 20.92
N GLY B 489 50.85 58.25 19.85
CA GLY B 489 49.89 59.33 19.74
C GLY B 489 48.48 58.82 19.47
N ASP B 490 47.52 59.76 19.52
CA ASP B 490 46.12 59.41 19.38
C ASP B 490 45.67 59.34 17.93
N ASN B 491 46.44 58.64 17.09
CA ASN B 491 46.01 58.28 15.75
C ASN B 491 46.36 56.86 15.35
N VAL B 492 47.28 56.19 16.04
CA VAL B 492 47.63 54.81 15.80
C VAL B 492 47.57 54.04 17.12
N LYS B 493 46.90 54.62 18.11
CA LYS B 493 46.85 53.98 19.42
C LYS B 493 45.81 52.87 19.47
N TYR B 494 44.88 52.85 18.51
CA TYR B 494 43.98 51.71 18.35
C TYR B 494 44.62 50.69 17.40
N TYR B 495 45.91 50.42 17.64
CA TYR B 495 46.67 49.35 17.01
C TYR B 495 47.67 48.91 18.06
N ASN B 496 48.35 47.79 17.79
CA ASN B 496 49.19 47.08 18.75
C ASN B 496 48.44 46.70 20.03
N LEU B 497 47.13 46.44 19.91
CA LEU B 497 46.26 46.14 21.03
C LEU B 497 45.76 44.70 20.96
N ALA B 498 45.32 44.19 22.11
CA ALA B 498 44.87 42.81 22.23
C ALA B 498 43.41 42.69 21.80
N ARG B 499 42.86 41.48 21.96
CA ARG B 499 41.52 41.18 21.46
C ARG B 499 40.43 41.83 22.32
N ILE B 500 40.74 42.15 23.58
CA ILE B 500 39.77 42.77 24.46
C ILE B 500 39.41 44.18 23.97
N LYS B 501 40.41 44.93 23.53
CA LYS B 501 40.25 46.35 23.26
C LYS B 501 39.96 46.66 21.80
N TRP B 502 39.57 45.66 21.02
CA TRP B 502 39.04 45.95 19.69
C TRP B 502 37.61 46.47 19.80
N ASP B 503 37.19 47.20 18.76
CA ASP B 503 35.80 47.64 18.70
C ASP B 503 34.89 46.47 18.35
N PRO B 504 33.61 46.53 18.73
CA PRO B 504 32.67 45.48 18.32
C PRO B 504 32.35 45.47 16.84
N SER B 505 32.74 46.51 16.09
CA SER B 505 32.55 46.56 14.65
C SER B 505 33.88 46.64 13.93
N ASP B 506 34.89 45.94 14.45
CA ASP B 506 36.20 45.90 13.80
C ASP B 506 36.10 45.13 12.48
N PRO B 507 36.73 45.62 11.41
CA PRO B 507 36.60 44.95 10.10
C PRO B 507 37.33 43.63 9.98
N GLN B 508 38.02 43.16 11.02
CA GLN B 508 38.58 41.82 11.02
C GLN B 508 37.65 40.79 11.65
N ILE B 509 36.87 41.17 12.66
CA ILE B 509 35.93 40.21 13.21
C ILE B 509 34.73 40.03 12.28
N ILE B 510 34.45 41.01 11.41
CA ILE B 510 33.44 40.81 10.37
C ILE B 510 33.93 39.78 9.36
N SER B 511 35.21 39.85 9.00
CA SER B 511 35.81 38.86 8.10
C SER B 511 35.81 37.47 8.73
N GLU B 512 36.16 37.39 10.02
CA GLU B 512 36.19 36.10 10.70
C GLU B 512 34.78 35.54 10.93
N GLY B 513 33.77 36.41 11.02
CA GLY B 513 32.42 35.95 11.15
C GLY B 513 31.84 35.45 9.85
N LEU B 514 32.13 36.13 8.75
CA LEU B 514 31.61 35.68 7.46
C LEU B 514 32.38 34.48 6.90
N TYR B 515 33.66 34.34 7.28
CA TYR B 515 34.47 33.25 6.76
C TYR B 515 33.98 31.89 7.26
N ALA B 516 33.46 31.83 8.48
CA ALA B 516 32.93 30.57 9.01
C ALA B 516 31.65 30.14 8.29
N ILE B 517 30.76 31.10 8.01
CA ILE B 517 29.54 30.81 7.26
C ILE B 517 29.89 30.35 5.85
N ALA B 518 30.89 30.98 5.24
CA ALA B 518 31.28 30.59 3.88
C ALA B 518 31.94 29.21 3.87
N VAL B 519 32.71 28.87 4.91
CA VAL B 519 33.34 27.57 5.01
C VAL B 519 32.28 26.47 5.23
N VAL B 520 31.22 26.76 5.98
CA VAL B 520 30.14 25.80 6.13
C VAL B 520 29.38 25.62 4.82
N LEU B 521 29.05 26.74 4.15
CA LEU B 521 28.27 26.67 2.92
C LEU B 521 29.04 26.09 1.74
N SER B 522 30.37 26.11 1.77
CA SER B 522 31.14 25.59 0.65
C SER B 522 31.11 24.06 0.57
N PHE B 523 30.65 23.37 1.61
CA PHE B 523 30.49 21.93 1.57
C PHE B 523 29.21 21.49 0.87
N SER B 524 28.37 22.43 0.44
CA SER B 524 27.14 22.07 -0.26
C SER B 524 27.37 21.76 -1.73
N ARG B 525 28.60 21.92 -2.23
CA ARG B 525 28.91 21.61 -3.62
C ARG B 525 29.18 20.14 -3.85
N ILE B 526 29.06 19.29 -2.81
CA ILE B 526 29.09 17.85 -3.00
C ILE B 526 27.87 17.38 -3.76
N ALA B 527 26.75 18.10 -3.67
CA ALA B 527 25.52 17.79 -4.40
C ALA B 527 25.64 18.01 -5.90
N TYR B 528 26.71 18.68 -6.37
CA TYR B 528 26.94 18.82 -7.80
C TYR B 528 27.70 17.65 -8.39
N ILE B 529 28.44 16.91 -7.58
CA ILE B 529 29.18 15.74 -8.06
C ILE B 529 28.58 14.43 -7.57
N LEU B 530 27.61 14.48 -6.67
CA LEU B 530 26.99 13.30 -6.09
C LEU B 530 25.98 12.54 -6.97
N PRO B 531 25.16 13.16 -7.84
CA PRO B 531 24.29 12.34 -8.70
C PRO B 531 24.99 11.55 -9.81
N ALA B 532 26.32 11.54 -9.89
CA ALA B 532 27.03 10.69 -10.84
C ALA B 532 27.27 9.29 -10.30
N ASN B 533 26.90 9.01 -9.06
CA ASN B 533 27.17 7.74 -8.42
C ASN B 533 25.89 6.90 -8.38
N GLU B 534 26.05 5.59 -8.48
CA GLU B 534 24.92 4.68 -8.51
C GLU B 534 24.33 4.41 -7.14
N SER B 535 25.03 4.76 -6.07
CA SER B 535 24.55 4.53 -4.72
C SER B 535 24.07 5.78 -4.00
N PHE B 536 24.57 6.96 -4.36
CA PHE B 536 24.21 8.21 -3.71
C PHE B 536 23.45 9.15 -4.63
N GLY B 537 23.00 8.66 -5.78
CA GLY B 537 22.15 9.40 -6.68
C GLY B 537 20.67 9.33 -6.32
N PRO B 538 20.11 8.11 -6.23
CA PRO B 538 18.71 7.99 -5.75
C PRO B 538 18.49 8.47 -4.33
N LEU B 539 19.52 8.48 -3.48
CA LEU B 539 19.40 9.05 -2.15
C LEU B 539 19.18 10.55 -2.22
N GLN B 540 19.94 11.23 -3.07
CA GLN B 540 19.74 12.65 -3.32
C GLN B 540 18.38 12.93 -3.96
N ILE B 541 17.92 12.03 -4.82
CA ILE B 541 16.59 12.16 -5.43
C ILE B 541 15.50 12.06 -4.37
N SER B 542 15.67 11.16 -3.39
CA SER B 542 14.69 11.01 -2.32
C SER B 542 14.70 12.21 -1.38
N LEU B 543 15.89 12.76 -1.10
CA LEU B 543 15.98 13.98 -0.30
C LEU B 543 15.28 15.15 -0.98
N GLY B 544 15.51 15.32 -2.28
CA GLY B 544 14.83 16.38 -3.01
C GLY B 544 13.34 16.14 -3.17
N ARG B 545 12.92 14.88 -3.10
CA ARG B 545 11.49 14.58 -3.12
C ARG B 545 10.83 14.98 -1.82
N THR B 546 11.49 14.73 -0.68
CA THR B 546 10.87 15.05 0.61
C THR B 546 11.10 16.49 1.06
N VAL B 547 11.97 17.26 0.39
CA VAL B 547 12.31 18.59 0.88
C VAL B 547 11.15 19.58 0.67
N LYS B 548 10.23 19.24 -0.24
CA LYS B 548 9.16 20.19 -0.56
C LYS B 548 8.11 20.28 0.53
N ASP B 549 7.89 19.21 1.30
CA ASP B 549 6.93 19.19 2.38
C ASP B 549 7.53 19.61 3.71
N ILE B 550 8.76 20.14 3.70
CA ILE B 550 9.41 20.66 4.89
C ILE B 550 9.31 22.17 4.97
N PHE B 551 9.48 22.86 3.84
CA PHE B 551 9.37 24.31 3.79
C PHE B 551 7.94 24.81 3.88
N LYS B 552 6.94 23.93 3.81
CA LYS B 552 5.56 24.29 4.10
C LYS B 552 5.20 24.08 5.55
N PHE B 553 5.86 23.16 6.25
CA PHE B 553 5.65 23.00 7.68
C PHE B 553 6.52 23.94 8.52
N MET B 554 7.60 24.46 7.93
CA MET B 554 8.37 25.50 8.61
C MET B 554 7.55 26.78 8.80
N VAL B 555 6.59 27.03 7.92
CA VAL B 555 5.70 28.18 8.09
C VAL B 555 4.77 27.98 9.29
N ILE B 556 4.29 26.75 9.49
CA ILE B 556 3.45 26.45 10.65
C ILE B 556 4.28 26.54 11.93
N PHE B 557 5.53 26.06 11.88
CA PHE B 557 6.46 26.19 13.00
C PHE B 557 6.70 27.65 13.36
N ILE B 558 6.87 28.50 12.33
CA ILE B 558 7.12 29.93 12.56
C ILE B 558 5.88 30.61 13.13
N MET B 559 4.68 30.20 12.69
CA MET B 559 3.45 30.76 13.21
C MET B 559 3.25 30.44 14.70
N VAL B 560 3.40 29.17 15.08
CA VAL B 560 3.26 28.78 16.48
C VAL B 560 4.35 29.43 17.34
N PHE B 561 5.57 29.52 16.80
CA PHE B 561 6.70 30.13 17.49
C PHE B 561 6.47 31.61 17.77
N VAL B 562 6.01 32.34 16.76
CA VAL B 562 5.81 33.78 16.89
C VAL B 562 4.64 34.08 17.82
N ALA B 563 3.57 33.28 17.74
CA ALA B 563 2.43 33.43 18.64
C ALA B 563 2.82 33.25 20.11
N PHE B 564 3.52 32.15 20.42
CA PHE B 564 3.90 31.91 21.81
C PHE B 564 4.99 32.86 22.28
N MET B 565 5.84 33.34 21.36
CA MET B 565 6.87 34.30 21.71
C MET B 565 6.27 35.62 22.15
N ILE B 566 5.31 36.13 21.37
CA ILE B 566 4.65 37.38 21.73
C ILE B 566 3.82 37.23 22.99
N GLY B 567 3.15 36.07 23.16
CA GLY B 567 2.35 35.86 24.35
C GLY B 567 3.16 35.80 25.64
N MET B 568 4.24 35.02 25.63
CA MET B 568 5.04 34.91 26.85
C MET B 568 5.89 36.14 27.11
N PHE B 569 6.28 36.89 26.05
CA PHE B 569 6.93 38.17 26.28
C PHE B 569 5.97 39.18 26.87
N ASN B 570 4.71 39.18 26.45
CA ASN B 570 3.72 40.06 27.06
C ASN B 570 3.41 39.64 28.49
N LEU B 571 3.58 38.36 28.80
CA LEU B 571 3.33 37.90 30.16
C LEU B 571 4.46 38.28 31.11
N TYR B 572 5.71 38.08 30.70
CA TYR B 572 6.83 38.15 31.63
C TYR B 572 7.69 39.41 31.51
N SER B 573 7.24 40.44 30.79
CA SER B 573 8.11 41.60 30.58
C SER B 573 8.18 42.49 31.82
N TYR B 574 7.17 42.44 32.69
CA TYR B 574 7.13 43.31 33.86
C TYR B 574 7.91 42.76 35.04
N TYR B 575 8.57 41.62 34.89
CA TYR B 575 9.30 40.96 35.96
C TYR B 575 10.75 40.76 35.56
N ILE B 576 11.38 41.82 35.04
CA ILE B 576 12.67 41.68 34.38
C ILE B 576 13.78 41.45 35.40
N GLY B 577 13.71 42.13 36.54
CA GLY B 577 14.69 41.93 37.59
C GLY B 577 14.27 41.01 38.71
N ALA B 578 13.07 40.42 38.62
CA ALA B 578 12.51 39.63 39.71
C ALA B 578 12.31 38.17 39.36
N LYS B 579 13.08 37.63 38.41
CA LYS B 579 12.96 36.24 38.00
C LYS B 579 14.22 35.48 38.41
N GLN B 580 14.17 34.15 38.25
CA GLN B 580 15.34 33.33 38.54
C GLN B 580 16.40 33.50 37.46
N ASN B 581 16.00 33.43 36.20
CA ASN B 581 16.91 33.74 35.10
C ASN B 581 16.27 34.78 34.20
N GLU B 582 16.95 35.16 33.12
CA GLU B 582 16.54 36.29 32.31
C GLU B 582 15.59 35.91 31.17
N ALA B 583 15.01 34.72 31.21
CA ALA B 583 14.17 34.26 30.11
C ALA B 583 12.83 34.99 30.09
N PHE B 584 12.30 35.18 28.88
CA PHE B 584 11.01 35.79 28.55
C PHE B 584 10.89 37.24 28.98
N THR B 585 11.99 37.92 29.31
CA THR B 585 11.93 39.31 29.75
C THR B 585 12.18 40.30 28.62
N THR B 586 12.81 39.87 27.52
CA THR B 586 12.90 40.65 26.31
C THR B 586 12.52 39.75 25.14
N VAL B 587 12.54 40.32 23.93
CA VAL B 587 12.20 39.52 22.75
C VAL B 587 13.33 38.57 22.41
N GLU B 588 14.58 38.99 22.66
CA GLU B 588 15.73 38.13 22.39
C GLU B 588 15.76 36.93 23.32
N GLU B 589 15.46 37.15 24.61
CA GLU B 589 15.47 36.06 25.57
C GLU B 589 14.28 35.13 25.37
N SER B 590 13.12 35.66 24.97
CA SER B 590 11.98 34.82 24.64
C SER B 590 12.26 33.98 23.39
N PHE B 591 12.94 34.57 22.41
CA PHE B 591 13.37 33.84 21.21
C PHE B 591 14.31 32.71 21.57
N LYS B 592 15.37 33.00 22.30
CA LYS B 592 16.35 31.96 22.59
C LYS B 592 15.90 31.01 23.69
N THR B 593 14.78 31.28 24.36
CA THR B 593 14.18 30.26 25.22
C THR B 593 13.30 29.32 24.43
N LEU B 594 12.38 29.88 23.63
CA LEU B 594 11.44 29.02 22.91
C LEU B 594 12.08 28.31 21.73
N PHE B 595 13.22 28.78 21.22
CA PHE B 595 13.87 28.04 20.15
C PHE B 595 14.58 26.80 20.70
N TRP B 596 15.34 26.98 21.78
CA TRP B 596 16.08 25.87 22.34
C TRP B 596 15.24 25.01 23.27
N ALA B 597 13.97 25.35 23.48
CA ALA B 597 13.03 24.42 24.09
C ALA B 597 12.65 23.28 23.15
N ILE B 598 12.88 23.44 21.84
CA ILE B 598 12.58 22.39 20.87
C ILE B 598 13.54 21.22 21.03
N PHE B 599 14.81 21.49 21.27
CA PHE B 599 15.82 20.46 21.43
C PHE B 599 16.07 20.11 22.88
N GLY B 600 15.25 20.61 23.80
CA GLY B 600 15.40 20.31 25.20
C GLY B 600 16.55 21.00 25.89
N LEU B 601 16.98 22.15 25.38
CA LEU B 601 18.08 22.90 25.97
C LEU B 601 17.61 24.11 26.75
N SER B 602 16.31 24.23 27.00
CA SER B 602 15.74 25.29 27.83
C SER B 602 15.14 24.64 29.07
N GLU B 603 15.62 25.07 30.24
CA GLU B 603 15.21 24.45 31.49
C GLU B 603 13.81 24.90 31.89
N VAL B 604 13.21 24.13 32.80
CA VAL B 604 11.83 24.38 33.19
C VAL B 604 11.74 25.50 34.23
N LYS B 605 12.84 25.83 34.90
CA LYS B 605 12.86 26.95 35.84
C LYS B 605 13.03 28.30 35.16
N SER B 606 12.92 28.36 33.83
CA SER B 606 12.94 29.60 33.06
C SER B 606 11.61 30.36 33.13
N VAL B 607 10.64 29.83 33.86
CA VAL B 607 9.27 30.32 33.81
C VAL B 607 8.75 30.72 35.18
N VAL B 608 9.55 30.56 36.23
CA VAL B 608 9.13 30.87 37.60
C VAL B 608 9.62 32.26 37.97
N ILE B 609 8.92 32.90 38.91
CA ILE B 609 9.28 34.21 39.39
C ILE B 609 9.61 34.12 40.88
N ASN B 610 10.07 35.24 41.44
CA ASN B 610 10.47 35.28 42.84
C ASN B 610 9.36 35.74 43.78
N TYR B 611 8.36 36.45 43.27
CA TYR B 611 7.31 36.98 44.12
C TYR B 611 6.28 35.90 44.42
N ASN B 612 5.21 36.26 45.14
CA ASN B 612 4.13 35.34 45.42
C ASN B 612 2.95 35.56 44.46
N HIS B 613 3.24 35.95 43.22
CA HIS B 613 2.22 36.04 42.18
C HIS B 613 2.22 34.71 41.45
N LYS B 614 1.54 33.72 42.02
CA LYS B 614 1.50 32.40 41.42
C LYS B 614 0.48 32.30 40.29
N PHE B 615 -0.37 33.31 40.13
CA PHE B 615 -1.27 33.40 38.99
C PHE B 615 -0.47 33.46 37.68
N ILE B 616 0.45 34.41 37.58
CA ILE B 616 1.23 34.62 36.36
C ILE B 616 2.19 33.45 36.14
N GLU B 617 2.71 32.88 37.23
CA GLU B 617 3.60 31.73 37.12
C GLU B 617 2.86 30.49 36.60
N ASN B 618 1.61 30.29 37.03
CA ASN B 618 0.85 29.15 36.52
C ASN B 618 0.40 29.36 35.09
N ILE B 619 0.11 30.62 34.70
CA ILE B 619 -0.12 30.94 33.30
C ILE B 619 1.11 30.57 32.46
N GLY B 620 2.30 30.89 32.98
CA GLY B 620 3.52 30.56 32.26
C GLY B 620 3.77 29.06 32.13
N TYR B 621 3.51 28.29 33.20
CA TYR B 621 3.60 26.83 33.11
C TYR B 621 2.65 26.26 32.07
N VAL B 622 1.39 26.72 32.07
CA VAL B 622 0.41 26.18 31.14
C VAL B 622 0.77 26.55 29.71
N LEU B 623 1.23 27.78 29.47
CA LEU B 623 1.59 28.22 28.12
C LEU B 623 2.82 27.47 27.61
N TYR B 624 3.78 27.20 28.48
CA TYR B 624 5.00 26.53 28.06
C TYR B 624 4.75 25.04 27.76
N GLY B 625 3.90 24.40 28.58
CA GLY B 625 3.51 23.02 28.29
C GLY B 625 2.71 22.88 27.01
N VAL B 626 1.78 23.82 26.76
CA VAL B 626 0.99 23.80 25.54
C VAL B 626 1.87 24.04 24.32
N TYR B 627 2.89 24.90 24.46
CA TYR B 627 3.84 25.12 23.37
C TYR B 627 4.62 23.86 23.02
N ASN B 628 5.09 23.15 24.06
CA ASN B 628 5.88 21.93 23.81
C ASN B 628 5.03 20.84 23.16
N VAL B 629 3.79 20.64 23.64
CA VAL B 629 2.92 19.62 23.07
C VAL B 629 2.53 19.98 21.63
N THR B 630 2.28 21.26 21.36
CA THR B 630 1.91 21.70 20.02
C THR B 630 3.07 21.51 19.04
N MET B 631 4.30 21.78 19.48
CA MET B 631 5.46 21.59 18.61
C MET B 631 5.68 20.11 18.30
N VAL B 632 5.46 19.23 19.29
CA VAL B 632 5.57 17.80 19.04
C VAL B 632 4.50 17.32 18.06
N ILE B 633 3.29 17.88 18.15
CA ILE B 633 2.20 17.50 17.25
C ILE B 633 2.48 17.96 15.82
N VAL B 634 3.02 19.17 15.65
CA VAL B 634 3.36 19.67 14.31
C VAL B 634 4.51 18.85 13.71
N LEU B 635 5.46 18.42 14.54
CA LEU B 635 6.53 17.55 14.04
C LEU B 635 6.00 16.18 13.61
N LEU B 636 5.09 15.60 14.39
CA LEU B 636 4.52 14.32 14.02
C LEU B 636 3.62 14.40 12.79
N ASN B 637 3.05 15.56 12.51
CA ASN B 637 2.30 15.70 11.26
C ASN B 637 3.22 15.95 10.07
N MET B 638 4.35 16.64 10.29
CA MET B 638 5.35 16.81 9.23
C MET B 638 5.94 15.46 8.81
N LEU B 639 6.11 14.56 9.77
CA LEU B 639 6.62 13.22 9.45
C LEU B 639 5.65 12.44 8.55
N ILE B 640 4.36 12.51 8.84
CA ILE B 640 3.36 11.81 8.04
C ILE B 640 3.23 12.42 6.66
N ALA B 641 3.33 13.76 6.57
CA ALA B 641 3.30 14.41 5.26
C ALA B 641 4.52 14.04 4.43
N MET B 642 5.69 13.91 5.07
CA MET B 642 6.88 13.48 4.35
C MET B 642 6.81 12.01 3.93
N ILE B 643 6.10 11.18 4.70
CA ILE B 643 5.91 9.79 4.30
C ILE B 643 4.97 9.70 3.09
N ASN B 644 3.87 10.46 3.13
CA ASN B 644 2.91 10.47 2.04
C ASN B 644 3.48 11.08 0.77
N SER B 645 4.39 12.04 0.91
CA SER B 645 5.04 12.64 -0.24
C SER B 645 6.08 11.72 -0.88
N SER B 646 6.44 10.61 -0.24
CA SER B 646 7.37 9.65 -0.81
C SER B 646 6.71 8.35 -1.22
N PHE B 647 5.53 8.02 -0.70
CA PHE B 647 4.85 6.81 -1.13
C PHE B 647 4.08 6.99 -2.43
N GLN B 648 4.01 8.21 -2.98
CA GLN B 648 3.33 8.43 -4.24
C GLN B 648 4.15 7.96 -5.43
N GLU B 649 5.45 7.80 -5.27
CA GLU B 649 6.33 7.46 -6.38
C GLU B 649 6.28 5.96 -6.68
N ILE B 650 6.31 5.63 -7.97
CA ILE B 650 6.36 4.25 -8.42
C ILE B 650 7.80 3.75 -8.35
N GLU B 651 7.98 2.44 -8.51
CA GLU B 651 9.31 1.85 -8.46
C GLU B 651 10.14 2.16 -9.70
N ASP B 652 9.51 2.36 -10.85
CA ASP B 652 10.28 2.60 -12.06
C ASP B 652 10.55 4.06 -12.24
N ASP B 653 9.91 4.90 -11.44
CA ASP B 653 10.11 6.31 -11.57
C ASP B 653 11.14 6.83 -10.60
N ALA B 654 11.67 5.96 -9.75
CA ALA B 654 12.65 6.39 -8.78
C ALA B 654 14.03 6.26 -9.37
N ASP B 655 14.10 5.42 -10.38
CA ASP B 655 15.28 5.12 -11.18
C ASP B 655 15.33 5.97 -12.44
N VAL B 656 14.16 6.26 -13.03
CA VAL B 656 14.08 7.16 -14.18
C VAL B 656 14.52 8.57 -13.80
N GLU B 657 14.17 9.01 -12.58
CA GLU B 657 14.57 10.33 -12.10
C GLU B 657 16.08 10.43 -11.90
N TRP B 658 16.69 9.41 -11.32
CA TRP B 658 18.14 9.42 -11.12
C TRP B 658 18.88 9.34 -12.45
N LYS B 659 18.38 8.53 -13.39
CA LYS B 659 19.03 8.45 -14.69
C LYS B 659 18.90 9.74 -15.48
N PHE B 660 17.78 10.45 -15.33
CA PHE B 660 17.64 11.76 -15.96
C PHE B 660 18.57 12.80 -15.34
N ALA B 661 18.74 12.76 -14.01
CA ALA B 661 19.65 13.70 -13.35
C ALA B 661 21.11 13.41 -13.72
N ARG B 662 21.47 12.12 -13.82
CA ARG B 662 22.81 11.74 -14.22
C ARG B 662 23.08 12.12 -15.67
N ALA B 663 22.06 12.03 -16.53
CA ALA B 663 22.25 12.43 -17.92
C ALA B 663 22.35 13.94 -18.08
N LYS B 664 21.64 14.71 -17.23
CA LYS B 664 21.84 16.16 -17.23
C LYS B 664 23.24 16.53 -16.76
N LEU B 665 23.76 15.79 -15.76
CA LEU B 665 25.15 15.96 -15.34
C LEU B 665 26.12 15.62 -16.46
N TRP B 666 25.78 14.61 -17.26
CA TRP B 666 26.61 14.22 -18.41
C TRP B 666 26.63 15.30 -19.47
N PHE B 667 25.46 15.83 -19.82
CA PHE B 667 25.39 16.92 -20.82
C PHE B 667 25.95 18.23 -20.30
N SER B 668 26.12 18.37 -18.98
CA SER B 668 26.88 19.52 -18.50
C SER B 668 28.37 19.43 -18.81
N TYR B 669 28.88 18.27 -19.23
CA TYR B 669 30.29 18.11 -19.55
C TYR B 669 30.57 17.80 -21.01
N PHE B 670 29.55 17.62 -21.84
CA PHE B 670 29.78 17.32 -23.26
C PHE B 670 30.23 18.56 -24.02
N GLU B 671 29.88 19.74 -23.52
CA GLU B 671 30.28 20.99 -24.17
C GLU B 671 31.77 21.21 -24.01
N GLU B 672 32.41 21.73 -25.05
CA GLU B 672 33.85 21.95 -25.06
C GLU B 672 34.25 23.29 -24.44
N GLY B 673 33.36 23.90 -23.65
CA GLY B 673 33.61 25.23 -23.15
C GLY B 673 34.60 25.27 -22.01
N ARG B 674 34.42 24.41 -21.01
CA ARG B 674 35.19 24.53 -19.78
C ARG B 674 36.63 24.03 -19.91
N THR B 675 36.86 22.74 -20.19
CA THR B 675 38.14 22.17 -20.69
C THR B 675 39.24 22.14 -19.60
N LEU B 676 39.03 22.84 -18.49
CA LEU B 676 40.01 23.02 -17.42
C LEU B 676 39.28 23.13 -16.08
N PRO B 677 39.92 22.77 -14.96
CA PRO B 677 39.30 22.96 -13.65
C PRO B 677 39.23 24.44 -13.27
N VAL B 678 38.59 24.70 -12.13
CA VAL B 678 38.20 26.06 -11.74
C VAL B 678 39.36 27.00 -11.36
N PRO B 679 40.56 26.59 -10.80
CA PRO B 679 41.58 27.62 -10.59
C PRO B 679 42.29 28.03 -11.88
N PHE B 680 42.26 27.17 -12.89
CA PHE B 680 43.07 27.36 -14.10
C PHE B 680 42.31 28.02 -15.25
N ASN B 681 41.01 28.23 -15.13
CA ASN B 681 40.27 28.81 -16.26
C ASN B 681 40.43 30.32 -16.37
N LEU B 682 41.08 30.96 -15.40
CA LEU B 682 41.31 32.40 -15.47
C LEU B 682 42.36 32.78 -16.51
N VAL B 683 43.26 31.86 -16.84
CA VAL B 683 44.32 32.13 -17.81
C VAL B 683 43.86 31.73 -19.21
N ARG B 769 15.44 9.43 -48.87
CA ARG B 769 16.76 8.84 -48.71
C ARG B 769 16.70 7.63 -47.78
N GLN B 770 17.66 7.52 -46.86
CA GLN B 770 17.69 6.41 -45.93
C GLN B 770 16.87 6.69 -44.68
N TYR B 771 16.79 7.96 -44.26
CA TYR B 771 16.08 8.31 -43.04
C TYR B 771 14.58 8.12 -43.20
N GLN B 772 14.03 8.45 -44.38
CA GLN B 772 12.62 8.24 -44.65
C GLN B 772 12.28 6.76 -44.71
N LYS B 773 13.20 5.95 -45.26
CA LYS B 773 13.01 4.50 -45.31
C LYS B 773 13.00 3.89 -43.92
N ILE B 774 13.93 4.33 -43.07
CA ILE B 774 14.01 3.82 -41.69
C ILE B 774 12.79 4.26 -40.89
N MET B 775 12.32 5.50 -41.09
CA MET B 775 11.14 5.97 -40.37
C MET B 775 9.87 5.28 -40.84
N LYS B 776 9.78 4.94 -42.13
CA LYS B 776 8.65 4.16 -42.62
C LYS B 776 8.63 2.76 -42.02
N ARG B 777 9.80 2.12 -41.96
CA ARG B 777 9.93 0.80 -41.34
C ARG B 777 9.54 0.83 -39.85
N LEU B 778 9.97 1.87 -39.14
CA LEU B 778 9.69 1.95 -37.72
C LEU B 778 8.23 2.30 -37.45
N ILE B 779 7.61 3.11 -38.31
CA ILE B 779 6.18 3.40 -38.15
C ILE B 779 5.34 2.16 -38.43
N LYS B 780 5.77 1.32 -39.38
CA LYS B 780 5.02 0.08 -39.62
C LYS B 780 5.17 -0.90 -38.46
N ARG B 781 6.38 -0.99 -37.88
CA ARG B 781 6.58 -1.79 -36.67
C ARG B 781 5.71 -1.29 -35.52
N TYR B 782 5.59 0.04 -35.38
CA TYR B 782 4.80 0.61 -34.29
C TYR B 782 3.32 0.30 -34.47
N THR B 783 2.82 0.37 -35.70
CA THR B 783 1.40 0.11 -35.91
C THR B 783 1.06 -1.37 -35.73
N THR B 784 1.95 -2.27 -36.15
CA THR B 784 1.71 -3.69 -35.91
C THR B 784 1.77 -4.03 -34.42
N GLN B 785 2.73 -3.44 -33.69
CA GLN B 785 2.81 -3.68 -32.25
C GLN B 785 1.63 -3.06 -31.52
N ALA B 786 1.11 -1.94 -32.00
CA ALA B 786 -0.06 -1.33 -31.36
C ALA B 786 -1.31 -2.16 -31.57
N GLN B 787 -1.45 -2.77 -32.76
CA GLN B 787 -2.57 -3.68 -32.97
C GLN B 787 -2.45 -4.95 -32.13
N ILE B 788 -1.22 -5.45 -31.92
CA ILE B 788 -1.01 -6.57 -31.01
C ILE B 788 -1.39 -6.20 -29.58
N ASP B 789 -1.01 -4.99 -29.17
CA ASP B 789 -1.28 -4.55 -27.80
C ASP B 789 -2.76 -4.32 -27.55
N LYS B 790 -3.51 -3.84 -28.56
CA LYS B 790 -4.96 -3.74 -28.36
C LYS B 790 -5.63 -5.09 -28.47
N GLU B 791 -5.03 -6.04 -29.19
CA GLU B 791 -5.54 -7.41 -29.16
C GLU B 791 -5.27 -8.11 -27.83
N SER B 792 -4.30 -7.65 -27.06
CA SER B 792 -4.03 -8.20 -25.74
C SER B 792 -4.86 -7.55 -24.64
N ASP B 793 -5.89 -6.78 -24.99
CA ASP B 793 -6.74 -6.14 -24.02
C ASP B 793 -7.89 -7.07 -23.66
N GLU B 794 -8.48 -6.86 -22.49
CA GLU B 794 -9.52 -7.75 -21.96
C GLU B 794 -10.80 -7.66 -22.80
N VAL B 795 -11.65 -8.67 -22.63
CA VAL B 795 -12.92 -8.72 -23.35
C VAL B 795 -14.00 -8.13 -22.47
N ASN B 796 -14.73 -7.14 -22.99
CA ASN B 796 -15.91 -6.61 -22.33
C ASN B 796 -17.16 -7.21 -22.98
N GLU B 797 -18.31 -6.86 -22.43
CA GLU B 797 -19.53 -7.58 -22.80
C GLU B 797 -20.24 -7.03 -24.03
N GLY B 798 -19.74 -5.97 -24.67
CA GLY B 798 -20.30 -5.54 -25.93
C GLY B 798 -19.85 -6.40 -27.09
N GLU B 799 -18.62 -6.90 -26.98
CA GLU B 799 -18.06 -7.76 -28.02
C GLU B 799 -18.74 -9.13 -28.04
N LEU B 800 -19.06 -9.67 -26.87
CA LEU B 800 -19.78 -10.92 -26.79
C LEU B 800 -21.22 -10.76 -27.29
N LYS B 801 -21.79 -9.57 -27.09
CA LYS B 801 -23.10 -9.26 -27.68
C LYS B 801 -23.02 -9.20 -29.20
N GLU B 802 -21.91 -8.70 -29.73
CA GLU B 802 -21.71 -8.72 -31.19
C GLU B 802 -21.61 -10.14 -31.73
N ILE B 803 -20.94 -11.03 -30.99
CA ILE B 803 -20.90 -12.46 -31.34
C ILE B 803 -22.30 -13.07 -31.30
N LYS B 804 -23.09 -12.70 -30.29
CA LYS B 804 -24.46 -13.20 -30.16
C LYS B 804 -25.33 -12.76 -31.34
N GLN B 805 -25.18 -11.51 -31.78
CA GLN B 805 -25.95 -11.04 -32.91
C GLN B 805 -25.51 -11.69 -34.21
N ASP B 806 -24.23 -12.02 -34.32
CA ASP B 806 -23.75 -12.82 -35.46
C ASP B 806 -24.44 -14.17 -35.51
N ILE B 807 -24.53 -14.86 -34.36
CA ILE B 807 -25.17 -16.18 -34.30
C ILE B 807 -26.66 -16.07 -34.62
N SER B 808 -27.32 -15.01 -34.15
CA SER B 808 -28.76 -14.87 -34.38
C SER B 808 -29.08 -14.57 -35.85
N SER B 809 -28.29 -13.70 -36.48
CA SER B 809 -28.54 -13.41 -37.90
C SER B 809 -28.19 -14.60 -38.78
N LEU B 810 -27.17 -15.39 -38.39
CA LEU B 810 -26.87 -16.63 -39.09
C LEU B 810 -28.02 -17.63 -38.96
N ARG B 811 -28.65 -17.69 -37.79
CA ARG B 811 -29.78 -18.58 -37.56
C ARG B 811 -30.97 -18.19 -38.45
N TYR B 812 -31.26 -16.89 -38.54
CA TYR B 812 -32.35 -16.41 -39.37
C TYR B 812 -32.11 -16.72 -40.85
N GLU B 813 -30.88 -16.49 -41.32
CA GLU B 813 -30.54 -16.77 -42.72
C GLU B 813 -30.65 -18.26 -43.04
N LEU B 814 -30.17 -19.13 -42.14
CA LEU B 814 -30.18 -20.56 -42.42
C LEU B 814 -31.58 -21.14 -42.40
N LEU B 815 -32.40 -20.72 -41.42
CA LEU B 815 -33.77 -21.23 -41.36
C LEU B 815 -34.60 -20.76 -42.54
N GLU B 816 -34.40 -19.52 -42.99
CA GLU B 816 -35.15 -19.05 -44.16
C GLU B 816 -34.65 -19.72 -45.43
N GLU B 817 -33.35 -20.01 -45.53
CA GLU B 817 -32.82 -20.69 -46.70
C GLU B 817 -33.36 -22.11 -46.81
N LYS B 818 -33.41 -22.84 -45.69
CA LYS B 818 -33.97 -24.19 -45.69
C LYS B 818 -35.46 -24.17 -46.02
N SER B 819 -36.20 -23.18 -45.49
CA SER B 819 -37.62 -23.06 -45.77
C SER B 819 -37.89 -22.76 -47.24
N GLN B 820 -37.16 -21.80 -47.83
CA GLN B 820 -37.42 -21.44 -49.22
C GLN B 820 -36.97 -22.54 -50.17
N ASN B 821 -35.89 -23.28 -49.82
CA ASN B 821 -35.46 -24.40 -50.64
C ASN B 821 -36.50 -25.51 -50.65
N THR B 822 -37.02 -25.85 -49.45
CA THR B 822 -38.04 -26.88 -49.34
C THR B 822 -39.31 -26.51 -50.10
N GLU B 823 -39.81 -25.28 -49.93
CA GLU B 823 -41.08 -24.93 -50.54
C GLU B 823 -40.96 -24.75 -52.07
N ASP B 824 -39.88 -24.09 -52.53
CA ASP B 824 -39.71 -23.86 -53.95
C ASP B 824 -39.30 -25.10 -54.70
N LEU B 825 -38.78 -26.12 -54.01
CA LEU B 825 -38.67 -27.42 -54.64
C LEU B 825 -40.03 -28.14 -54.66
N ALA B 826 -40.80 -27.98 -53.58
CA ALA B 826 -42.04 -28.73 -53.40
C ALA B 826 -43.11 -28.34 -54.43
N GLU B 827 -43.24 -27.05 -54.77
CA GLU B 827 -44.32 -26.69 -55.70
C GLU B 827 -44.03 -27.21 -57.10
N LEU B 828 -42.78 -27.20 -57.53
CA LEU B 828 -42.48 -27.71 -58.87
C LEU B 828 -42.53 -29.24 -58.90
N ILE B 829 -42.17 -29.91 -57.80
CA ILE B 829 -42.29 -31.37 -57.82
C ILE B 829 -43.76 -31.80 -57.77
N ARG B 830 -44.62 -31.06 -57.07
CA ARG B 830 -46.04 -31.43 -57.13
C ARG B 830 -46.67 -31.03 -58.47
N GLU B 831 -46.16 -29.98 -59.11
CA GLU B 831 -46.66 -29.60 -60.43
C GLU B 831 -46.28 -30.63 -61.48
N LEU B 832 -45.12 -31.28 -61.33
CA LEU B 832 -44.83 -32.45 -62.15
C LEU B 832 -45.42 -33.74 -61.60
N GLY B 833 -45.97 -33.71 -60.39
CA GLY B 833 -46.67 -34.85 -59.84
C GLY B 833 -48.14 -34.94 -60.19
N GLU B 834 -48.73 -33.83 -60.60
CA GLU B 834 -50.08 -33.87 -61.15
C GLU B 834 -50.11 -34.24 -62.62
N LYS B 835 -48.95 -34.40 -63.26
CA LYS B 835 -48.85 -34.78 -64.66
C LYS B 835 -49.00 -36.28 -64.88
N LEU B 836 -49.11 -37.06 -63.82
CA LEU B 836 -49.19 -38.51 -63.94
C LEU B 836 -50.43 -39.05 -63.24
N ALA C 1 20.50 -33.77 -28.68
CA ALA C 1 19.85 -34.73 -29.57
C ALA C 1 18.81 -35.55 -28.82
N TYR C 2 18.30 -35.01 -27.73
CA TYR C 2 17.31 -35.67 -26.89
C TYR C 2 15.93 -35.05 -27.11
N MET C 3 14.91 -35.88 -26.96
CA MET C 3 13.52 -35.46 -27.04
C MET C 3 12.75 -36.25 -25.98
N PHE C 4 11.58 -35.72 -25.60
CA PHE C 4 10.76 -36.34 -24.57
C PHE C 4 10.27 -37.72 -25.00
N SER C 5 9.63 -37.80 -26.18
CA SER C 5 9.26 -39.04 -26.88
C SER C 5 8.32 -39.91 -26.03
N ASP C 6 7.12 -39.38 -25.80
CA ASP C 6 6.13 -40.08 -24.99
C ASP C 6 5.42 -41.23 -25.74
N ARG C 7 5.75 -41.57 -26.99
CA ARG C 7 5.13 -42.72 -27.64
C ARG C 7 6.20 -43.59 -28.32
N SER C 8 7.32 -42.97 -28.69
CA SER C 8 8.53 -43.65 -29.19
C SER C 8 8.27 -44.47 -30.46
N THR C 9 7.32 -44.01 -31.27
CA THR C 9 6.98 -44.68 -32.53
C THR C 9 6.28 -43.66 -33.42
N SER C 10 5.76 -44.15 -34.54
CA SER C 10 5.01 -43.32 -35.48
C SER C 10 3.66 -43.97 -35.76
N LEU C 11 2.66 -43.15 -36.00
CA LEU C 11 1.30 -43.61 -36.22
C LEU C 11 1.07 -43.92 -37.70
N SER C 12 -0.01 -44.65 -37.96
CA SER C 12 -0.47 -44.90 -39.32
C SER C 12 -1.26 -43.68 -39.80
N ILE C 13 -1.71 -43.71 -41.05
CA ILE C 13 -2.57 -42.65 -41.55
C ILE C 13 -4.01 -42.84 -41.09
N GLU C 14 -4.45 -44.11 -40.99
CA GLU C 14 -5.78 -44.43 -40.50
C GLU C 14 -5.88 -44.35 -38.99
N GLU C 15 -4.79 -44.06 -38.29
CA GLU C 15 -4.82 -43.78 -36.86
C GLU C 15 -4.70 -42.30 -36.56
N GLU C 16 -3.83 -41.58 -37.28
CA GLU C 16 -3.76 -40.14 -37.14
C GLU C 16 -5.03 -39.46 -37.62
N ARG C 17 -5.64 -40.00 -38.69
CA ARG C 17 -6.91 -39.49 -39.18
C ARG C 17 -8.02 -39.68 -38.15
N PHE C 18 -8.06 -40.85 -37.51
CA PHE C 18 -9.05 -41.15 -36.48
C PHE C 18 -8.84 -40.30 -35.24
N LEU C 19 -7.58 -40.07 -34.85
CA LEU C 19 -7.31 -39.24 -33.67
C LEU C 19 -7.64 -37.78 -33.93
N ASP C 20 -7.38 -37.28 -35.14
CA ASP C 20 -7.77 -35.91 -35.47
C ASP C 20 -9.28 -35.77 -35.53
N ALA C 21 -9.97 -36.78 -36.05
CA ALA C 21 -11.43 -36.76 -36.08
C ALA C 21 -12.03 -36.81 -34.67
N ALA C 22 -11.40 -37.56 -33.78
CA ALA C 22 -11.89 -37.63 -32.40
C ALA C 22 -11.58 -36.36 -31.63
N GLU C 23 -10.45 -35.71 -31.94
CA GLU C 23 -10.09 -34.50 -31.22
C GLU C 23 -10.92 -33.31 -31.65
N TYR C 24 -11.12 -33.13 -32.96
CA TYR C 24 -11.69 -31.90 -33.48
C TYR C 24 -13.19 -32.00 -33.76
N GLY C 25 -13.83 -33.08 -33.36
CA GLY C 25 -15.27 -33.14 -33.41
C GLY C 25 -15.87 -33.68 -34.69
N ASN C 26 -15.09 -34.41 -35.49
CA ASN C 26 -15.57 -34.94 -36.77
C ASN C 26 -16.34 -36.22 -36.50
N ILE C 27 -17.60 -36.05 -36.12
CA ILE C 27 -18.51 -37.15 -35.77
C ILE C 27 -18.78 -38.14 -36.90
N PRO C 28 -19.05 -37.75 -38.16
CA PRO C 28 -19.33 -38.80 -39.17
C PRO C 28 -18.11 -39.63 -39.55
N VAL C 29 -16.91 -39.04 -39.53
CA VAL C 29 -15.70 -39.81 -39.78
C VAL C 29 -15.46 -40.83 -38.66
N VAL C 30 -15.72 -40.42 -37.42
CA VAL C 30 -15.57 -41.32 -36.27
C VAL C 30 -16.59 -42.45 -36.33
N ARG C 31 -17.83 -42.12 -36.73
CA ARG C 31 -18.88 -43.13 -36.84
C ARG C 31 -18.58 -44.12 -37.97
N LYS C 32 -18.05 -43.62 -39.10
CA LYS C 32 -17.76 -44.49 -40.23
C LYS C 32 -16.57 -45.39 -39.94
N MET C 33 -15.56 -44.85 -39.25
CA MET C 33 -14.39 -45.67 -38.91
C MET C 33 -14.65 -46.60 -37.73
N LEU C 34 -15.69 -46.37 -36.94
CA LEU C 34 -16.12 -47.35 -35.94
C LEU C 34 -17.07 -48.40 -36.50
N GLU C 35 -17.80 -48.09 -37.57
CA GLU C 35 -18.70 -49.05 -38.18
C GLU C 35 -18.10 -49.82 -39.34
N GLU C 36 -17.21 -49.21 -40.11
CA GLU C 36 -16.69 -49.82 -41.33
C GLU C 36 -15.16 -49.86 -41.38
N CYS C 37 -14.51 -50.17 -40.26
CA CYS C 37 -13.07 -50.37 -40.25
C CYS C 37 -12.71 -51.33 -39.13
N HIS C 38 -12.05 -52.43 -39.48
CA HIS C 38 -11.77 -53.51 -38.54
C HIS C 38 -10.30 -53.68 -38.21
N SER C 39 -9.38 -53.11 -38.99
CA SER C 39 -7.96 -53.13 -38.70
C SER C 39 -7.51 -51.93 -37.88
N LEU C 40 -8.39 -51.34 -37.07
CA LEU C 40 -8.03 -50.20 -36.25
C LEU C 40 -8.10 -50.52 -34.79
N ASN C 41 -7.21 -49.93 -34.03
CA ASN C 41 -7.09 -50.07 -32.61
C ASN C 41 -7.76 -48.85 -32.00
N VAL C 42 -8.86 -48.96 -31.26
CA VAL C 42 -9.46 -47.77 -30.74
C VAL C 42 -8.58 -47.17 -29.70
N ASN C 43 -7.71 -47.95 -29.15
CA ASN C 43 -6.81 -47.47 -28.11
C ASN C 43 -5.49 -46.98 -28.66
N CYS C 44 -5.47 -46.56 -29.92
CA CYS C 44 -4.28 -45.93 -30.48
C CYS C 44 -4.03 -44.60 -29.77
N VAL C 45 -2.76 -44.26 -29.64
CA VAL C 45 -2.33 -43.28 -28.67
C VAL C 45 -1.64 -42.13 -29.40
N ASP C 46 -1.68 -40.95 -28.80
CA ASP C 46 -1.20 -39.73 -29.44
C ASP C 46 0.31 -39.60 -29.28
N TYR C 47 0.84 -38.44 -29.63
CA TYR C 47 2.24 -38.11 -29.38
C TYR C 47 2.53 -37.91 -27.90
N MET C 48 1.52 -37.61 -27.10
CA MET C 48 1.70 -37.23 -25.70
C MET C 48 1.26 -38.33 -24.75
N GLY C 49 0.47 -39.29 -25.23
CA GLY C 49 -0.02 -40.36 -24.39
C GLY C 49 -1.51 -40.38 -24.17
N GLN C 50 -2.30 -39.87 -25.11
CA GLN C 50 -3.74 -39.77 -24.95
C GLN C 50 -4.45 -40.55 -26.05
N ASN C 51 -5.41 -41.39 -25.68
CA ASN C 51 -6.21 -42.12 -26.65
C ASN C 51 -7.43 -41.27 -27.03
N ALA C 52 -8.30 -41.81 -27.90
CA ALA C 52 -9.35 -41.01 -28.51
C ALA C 52 -10.45 -40.60 -27.52
N LEU C 53 -10.69 -41.41 -26.50
CA LEU C 53 -11.67 -41.06 -25.48
C LEU C 53 -11.20 -39.87 -24.66
N GLN C 54 -9.89 -39.75 -24.43
CA GLN C 54 -9.38 -38.63 -23.64
C GLN C 54 -9.38 -37.35 -24.45
N LEU C 55 -9.16 -37.43 -25.77
CA LEU C 55 -9.30 -36.23 -26.60
C LEU C 55 -10.76 -35.83 -26.73
N ALA C 56 -11.67 -36.80 -26.77
CA ALA C 56 -13.09 -36.47 -26.86
C ALA C 56 -13.62 -35.87 -25.57
N VAL C 57 -13.14 -36.35 -24.42
CA VAL C 57 -13.60 -35.81 -23.14
C VAL C 57 -12.97 -34.45 -22.87
N ALA C 58 -11.68 -34.29 -23.21
CA ALA C 58 -10.98 -33.05 -22.95
C ALA C 58 -11.44 -31.88 -23.82
N ASN C 59 -12.20 -32.14 -24.88
CA ASN C 59 -12.64 -31.10 -25.79
C ASN C 59 -14.15 -30.87 -25.78
N GLU C 60 -14.87 -31.50 -24.85
CA GLU C 60 -16.33 -31.41 -24.70
C GLU C 60 -17.02 -31.85 -26.01
N HIS C 61 -16.86 -33.14 -26.30
CA HIS C 61 -17.48 -33.79 -27.44
C HIS C 61 -18.34 -34.91 -26.87
N LEU C 62 -19.63 -34.64 -26.67
CA LEU C 62 -20.53 -35.61 -26.07
C LEU C 62 -20.92 -36.71 -27.04
N GLU C 63 -21.05 -36.37 -28.33
CA GLU C 63 -21.50 -37.36 -29.31
C GLU C 63 -20.42 -38.39 -29.59
N ILE C 64 -19.16 -37.94 -29.69
CA ILE C 64 -18.05 -38.86 -29.88
C ILE C 64 -17.83 -39.70 -28.63
N THR C 65 -18.08 -39.13 -27.45
CA THR C 65 -17.94 -39.88 -26.20
C THR C 65 -18.99 -40.98 -26.10
N GLU C 66 -20.25 -40.66 -26.41
CA GLU C 66 -21.30 -41.67 -26.40
C GLU C 66 -21.15 -42.67 -27.53
N LEU C 67 -20.45 -42.30 -28.60
CA LEU C 67 -20.21 -43.22 -29.70
C LEU C 67 -19.05 -44.17 -29.40
N LEU C 68 -18.04 -43.69 -28.69
CA LEU C 68 -16.91 -44.54 -28.31
C LEU C 68 -17.26 -45.45 -27.14
N LEU C 69 -18.16 -45.02 -26.26
CA LEU C 69 -18.51 -45.79 -25.06
C LEU C 69 -19.29 -47.09 -25.35
N LYS C 70 -19.55 -47.50 -26.59
CA LYS C 70 -20.23 -48.75 -26.88
C LYS C 70 -19.30 -49.77 -27.55
N LYS C 71 -18.00 -49.67 -27.30
CA LYS C 71 -17.03 -50.53 -27.98
C LYS C 71 -16.67 -51.76 -27.17
N GLU C 72 -16.79 -51.70 -25.85
CA GLU C 72 -16.56 -52.80 -24.89
C GLU C 72 -15.12 -53.29 -24.87
N ASN C 73 -14.17 -52.51 -25.39
CA ASN C 73 -12.76 -52.73 -25.13
C ASN C 73 -11.99 -51.44 -24.93
N LEU C 74 -12.64 -50.35 -24.52
CA LEU C 74 -11.97 -49.08 -24.33
C LEU C 74 -11.13 -49.09 -23.07
N SER C 75 -9.99 -48.41 -23.14
CA SER C 75 -9.15 -48.15 -21.98
C SER C 75 -9.39 -46.73 -21.48
N ARG C 76 -8.91 -46.48 -20.26
CA ARG C 76 -8.92 -45.16 -19.60
C ARG C 76 -10.32 -44.61 -19.43
N VAL C 77 -11.24 -45.43 -18.92
CA VAL C 77 -12.59 -44.95 -18.65
C VAL C 77 -12.65 -44.23 -17.31
N GLY C 78 -11.91 -44.72 -16.32
CA GLY C 78 -11.86 -44.03 -15.04
C GLY C 78 -11.12 -42.72 -15.12
N ASP C 79 -10.08 -42.66 -15.94
CA ASP C 79 -9.38 -41.39 -16.17
C ASP C 79 -10.26 -40.41 -16.92
N ALA C 80 -11.07 -40.89 -17.87
CA ALA C 80 -12.01 -40.03 -18.56
C ALA C 80 -13.06 -39.49 -17.62
N LEU C 81 -13.51 -40.31 -16.66
CA LEU C 81 -14.43 -39.86 -15.64
C LEU C 81 -13.81 -38.79 -14.75
N LEU C 82 -12.55 -38.98 -14.36
CA LEU C 82 -11.88 -38.00 -13.50
C LEU C 82 -11.62 -36.69 -14.25
N LEU C 83 -11.26 -36.78 -15.54
CA LEU C 83 -11.03 -35.59 -16.34
C LEU C 83 -12.33 -34.82 -16.56
N ALA C 84 -13.44 -35.52 -16.78
CA ALA C 84 -14.72 -34.84 -16.98
C ALA C 84 -15.25 -34.27 -15.67
N ILE C 85 -14.91 -34.88 -14.54
CA ILE C 85 -15.29 -34.30 -13.24
C ILE C 85 -14.47 -33.04 -12.96
N SER C 86 -13.17 -33.09 -13.23
CA SER C 86 -12.31 -31.94 -12.96
C SER C 86 -12.61 -30.77 -13.89
N LYS C 87 -13.01 -31.06 -15.13
CA LYS C 87 -13.29 -29.98 -16.06
C LYS C 87 -14.70 -29.41 -15.89
N GLY C 88 -15.63 -30.18 -15.34
CA GLY C 88 -16.95 -29.67 -15.04
C GLY C 88 -18.04 -30.05 -16.02
N TYR C 89 -17.85 -31.09 -16.82
CA TYR C 89 -18.78 -31.46 -17.88
C TYR C 89 -19.80 -32.44 -17.31
N VAL C 90 -21.02 -31.96 -17.05
CA VAL C 90 -22.00 -32.77 -16.35
C VAL C 90 -22.59 -33.84 -17.26
N ARG C 91 -22.76 -33.52 -18.55
CA ARG C 91 -23.36 -34.48 -19.47
C ARG C 91 -22.40 -35.61 -19.80
N ILE C 92 -21.11 -35.32 -19.90
CA ILE C 92 -20.12 -36.36 -20.16
C ILE C 92 -19.96 -37.25 -18.93
N VAL C 93 -20.07 -36.67 -17.73
CA VAL C 93 -20.04 -37.46 -16.50
C VAL C 93 -21.26 -38.38 -16.42
N GLU C 94 -22.44 -37.87 -16.79
CA GLU C 94 -23.64 -38.71 -16.78
C GLU C 94 -23.61 -39.76 -17.87
N ALA C 95 -22.86 -39.52 -18.95
CA ALA C 95 -22.70 -40.55 -19.98
C ALA C 95 -21.72 -41.62 -19.56
N ILE C 96 -20.63 -41.23 -18.89
CA ILE C 96 -19.61 -42.19 -18.46
C ILE C 96 -20.10 -43.00 -17.27
N LEU C 97 -20.96 -42.43 -16.42
CA LEU C 97 -21.48 -43.20 -15.29
C LEU C 97 -22.52 -44.25 -15.68
N SER C 98 -22.89 -44.33 -16.96
CA SER C 98 -23.76 -45.39 -17.47
C SER C 98 -22.98 -46.53 -18.11
N HIS C 99 -21.65 -46.47 -18.08
CA HIS C 99 -20.80 -47.56 -18.52
C HIS C 99 -20.99 -48.77 -17.61
N PRO C 100 -20.83 -50.00 -18.12
CA PRO C 100 -20.92 -51.17 -17.23
C PRO C 100 -19.67 -51.47 -16.44
N ALA C 101 -19.07 -50.44 -15.84
CA ALA C 101 -18.05 -50.58 -14.81
C ALA C 101 -18.36 -49.78 -13.56
N PHE C 102 -19.28 -48.82 -13.64
CA PHE C 102 -19.81 -48.09 -12.49
C PHE C 102 -21.27 -48.47 -12.26
N ALA C 103 -21.56 -49.77 -12.37
CA ALA C 103 -22.94 -50.24 -12.45
C ALA C 103 -23.68 -50.08 -11.12
N GLU C 104 -23.07 -50.53 -10.02
CA GLU C 104 -23.66 -50.42 -8.71
C GLU C 104 -22.94 -49.39 -7.83
N GLY C 105 -22.32 -48.39 -8.44
CA GLY C 105 -21.49 -47.46 -7.70
C GLY C 105 -20.24 -48.11 -7.15
N LYS C 106 -19.56 -48.93 -7.96
CA LYS C 106 -18.54 -49.83 -7.44
C LYS C 106 -17.22 -49.10 -7.21
N ARG C 107 -16.89 -48.15 -8.07
CA ARG C 107 -15.58 -47.52 -8.08
C ARG C 107 -15.73 -45.99 -8.02
N LEU C 108 -16.57 -45.51 -7.10
CA LEU C 108 -16.80 -44.09 -6.93
C LEU C 108 -16.23 -43.57 -5.60
N ALA C 109 -15.81 -44.47 -4.72
CA ALA C 109 -15.31 -44.08 -3.41
C ALA C 109 -14.36 -45.16 -2.91
N THR C 110 -13.51 -44.76 -1.95
CA THR C 110 -12.45 -45.58 -1.33
C THR C 110 -11.55 -46.30 -2.33
N GLN C 119 -4.04 -49.34 -7.67
CA GLN C 119 -3.72 -50.74 -7.44
C GLN C 119 -4.11 -51.59 -8.65
N ASP C 120 -5.36 -51.45 -9.09
CA ASP C 120 -5.86 -52.21 -10.23
C ASP C 120 -5.59 -51.54 -11.57
N ASP C 121 -4.91 -50.38 -11.56
CA ASP C 121 -4.58 -49.57 -12.74
C ASP C 121 -5.84 -49.19 -13.52
N PHE C 122 -6.91 -48.85 -12.79
CA PHE C 122 -8.16 -48.47 -13.43
C PHE C 122 -8.17 -46.99 -13.80
N TYR C 123 -7.55 -46.15 -12.96
CA TYR C 123 -7.55 -44.71 -13.15
C TYR C 123 -6.25 -44.19 -13.74
N ALA C 124 -5.44 -45.05 -14.32
CA ALA C 124 -4.21 -44.61 -14.96
C ALA C 124 -4.53 -43.94 -16.29
N TYR C 125 -3.70 -42.96 -16.67
CA TYR C 125 -3.91 -42.22 -17.91
C TYR C 125 -2.74 -42.41 -18.87
N ASP C 126 -1.84 -43.33 -18.54
CA ASP C 126 -0.65 -43.61 -19.32
C ASP C 126 -0.18 -45.00 -18.94
N GLU C 127 1.01 -45.38 -19.43
CA GLU C 127 1.59 -46.65 -19.04
C GLU C 127 2.06 -46.63 -17.60
N ASP C 128 2.42 -45.46 -17.08
CA ASP C 128 2.93 -45.29 -15.73
C ASP C 128 2.34 -44.02 -15.12
N GLY C 129 1.34 -44.18 -14.27
CA GLY C 129 0.86 -43.05 -13.47
C GLY C 129 -0.60 -42.70 -13.64
N THR C 130 -1.17 -42.04 -12.62
CA THR C 130 -2.52 -41.51 -12.64
C THR C 130 -2.47 -40.00 -12.76
N ARG C 131 -3.61 -39.42 -13.19
CA ARG C 131 -3.65 -37.99 -13.45
C ARG C 131 -3.58 -37.19 -12.16
N PHE C 132 -4.31 -37.62 -11.14
CA PHE C 132 -4.24 -37.06 -9.80
C PHE C 132 -3.59 -38.08 -8.88
N SER C 133 -3.61 -37.80 -7.59
CA SER C 133 -3.03 -38.72 -6.62
C SER C 133 -3.91 -39.97 -6.51
N HIS C 134 -3.31 -41.05 -6.00
CA HIS C 134 -3.96 -42.36 -6.08
C HIS C 134 -5.12 -42.46 -5.09
N ASP C 135 -5.13 -41.63 -4.04
CA ASP C 135 -6.23 -41.66 -3.10
C ASP C 135 -7.45 -40.90 -3.59
N VAL C 136 -7.30 -40.08 -4.62
CA VAL C 136 -8.35 -39.17 -5.07
C VAL C 136 -9.42 -39.99 -5.77
N THR C 137 -10.56 -40.15 -5.11
CA THR C 137 -11.71 -40.82 -5.66
C THR C 137 -12.52 -39.81 -6.49
N PRO C 138 -13.51 -40.27 -7.27
CA PRO C 138 -14.43 -39.31 -7.92
C PRO C 138 -15.17 -38.38 -6.98
N ILE C 139 -15.56 -38.83 -5.79
CA ILE C 139 -16.32 -37.97 -4.88
C ILE C 139 -15.41 -36.92 -4.24
N ILE C 140 -14.15 -37.28 -3.96
CA ILE C 140 -13.20 -36.32 -3.41
C ILE C 140 -12.84 -35.27 -4.44
N LEU C 141 -12.67 -35.68 -5.71
CA LEU C 141 -12.36 -34.73 -6.78
C LEU C 141 -13.56 -33.85 -7.10
N ALA C 142 -14.78 -34.40 -7.00
CA ALA C 142 -15.97 -33.58 -7.22
C ALA C 142 -16.19 -32.60 -6.08
N ALA C 143 -15.79 -32.94 -4.86
CA ALA C 143 -15.87 -32.00 -3.76
C ALA C 143 -14.76 -30.95 -3.81
N HIS C 144 -13.59 -31.31 -4.35
CA HIS C 144 -12.52 -30.34 -4.54
C HIS C 144 -12.91 -29.27 -5.56
N CYS C 145 -13.58 -29.68 -6.63
CA CYS C 145 -13.87 -28.81 -7.76
C CYS C 145 -15.15 -28.02 -7.61
N GLN C 146 -15.85 -28.16 -6.48
CA GLN C 146 -17.08 -27.41 -6.14
C GLN C 146 -18.19 -27.65 -7.16
N GLU C 147 -18.32 -28.88 -7.63
CA GLU C 147 -19.33 -29.24 -8.63
C GLU C 147 -20.55 -29.78 -7.90
N TYR C 148 -21.58 -28.95 -7.77
CA TYR C 148 -22.72 -29.29 -6.91
C TYR C 148 -23.57 -30.41 -7.51
N GLU C 149 -23.77 -30.38 -8.83
CA GLU C 149 -24.59 -31.39 -9.48
C GLU C 149 -23.89 -32.75 -9.51
N ILE C 150 -22.59 -32.75 -9.74
CA ILE C 150 -21.82 -34.00 -9.75
C ILE C 150 -21.73 -34.58 -8.34
N VAL C 151 -21.59 -33.71 -7.33
CA VAL C 151 -21.57 -34.17 -5.94
C VAL C 151 -22.92 -34.76 -5.56
N HIS C 152 -24.02 -34.13 -5.99
CA HIS C 152 -25.35 -34.67 -5.69
C HIS C 152 -25.59 -35.99 -6.41
N THR C 153 -25.10 -36.12 -7.64
CA THR C 153 -25.25 -37.36 -8.39
C THR C 153 -24.43 -38.49 -7.76
N LEU C 154 -23.22 -38.18 -7.28
CA LEU C 154 -22.38 -39.22 -6.68
C LEU C 154 -22.85 -39.58 -5.28
N LEU C 155 -23.46 -38.64 -4.57
CA LEU C 155 -24.06 -38.97 -3.28
C LEU C 155 -25.33 -39.79 -3.48
N ARG C 156 -26.02 -39.59 -4.60
CA ARG C 156 -27.20 -40.39 -4.92
C ARG C 156 -26.87 -41.85 -5.22
N LYS C 157 -25.63 -42.16 -5.58
CA LYS C 157 -25.21 -43.53 -5.84
C LYS C 157 -24.48 -44.16 -4.67
N GLY C 158 -24.46 -43.50 -3.52
CA GLY C 158 -23.90 -44.09 -2.33
C GLY C 158 -22.40 -43.95 -2.16
N ALA C 159 -21.84 -42.84 -2.61
CA ALA C 159 -20.41 -42.57 -2.47
C ALA C 159 -20.21 -41.51 -1.41
N ARG C 160 -19.38 -41.80 -0.41
CA ARG C 160 -19.09 -40.86 0.67
C ARG C 160 -17.58 -40.71 0.79
N ILE C 161 -17.17 -39.60 1.41
CA ILE C 161 -15.76 -39.38 1.73
C ILE C 161 -15.50 -39.98 3.11
N GLU C 162 -14.60 -40.96 3.17
CA GLU C 162 -14.26 -41.58 4.43
C GLU C 162 -13.43 -40.63 5.27
N ARG C 163 -13.85 -40.43 6.52
CA ARG C 163 -13.14 -39.50 7.40
C ARG C 163 -11.82 -40.12 7.84
N PRO C 164 -10.71 -39.38 7.77
CA PRO C 164 -9.42 -39.94 8.18
C PRO C 164 -9.34 -40.12 9.69
N HIS C 165 -8.43 -40.99 10.10
CA HIS C 165 -8.26 -41.29 11.52
C HIS C 165 -7.51 -40.17 12.22
N ASP C 166 -7.30 -40.36 13.53
CA ASP C 166 -6.56 -39.38 14.31
C ASP C 166 -5.08 -39.41 13.94
N TYR C 167 -4.37 -38.34 14.30
CA TYR C 167 -2.95 -38.22 13.97
C TYR C 167 -2.10 -39.22 14.73
N PHE C 168 -2.55 -39.67 15.90
CA PHE C 168 -1.85 -40.67 16.69
C PHE C 168 -2.53 -42.03 16.58
N CYS C 169 -3.02 -42.36 15.39
CA CYS C 169 -3.55 -43.68 15.10
C CYS C 169 -2.44 -44.72 15.17
N LYS C 170 -2.74 -45.87 15.78
CA LYS C 170 -1.81 -46.98 15.88
C LYS C 170 -2.48 -48.28 15.47
N CYS C 171 -3.38 -48.23 14.48
CA CYS C 171 -4.10 -49.42 14.05
C CYS C 171 -3.24 -50.24 13.10
N ASN C 172 -3.81 -51.35 12.63
CA ASN C 172 -3.10 -52.22 11.68
C ASN C 172 -3.11 -51.66 10.27
N ASP C 173 -3.89 -50.61 9.99
CA ASP C 173 -3.92 -49.96 8.69
C ASP C 173 -3.20 -48.62 8.68
N CYS C 174 -3.06 -47.97 9.84
CA CYS C 174 -2.30 -46.73 9.90
C CYS C 174 -0.80 -47.01 9.89
N ASN C 175 -0.39 -48.11 10.52
CA ASN C 175 1.04 -48.38 10.72
C ASN C 175 1.73 -48.78 9.42
N GLN C 176 1.11 -49.66 8.63
CA GLN C 176 1.76 -50.09 7.40
C GLN C 176 1.70 -49.02 6.33
N LYS C 177 0.67 -48.17 6.37
CA LYS C 177 0.62 -47.02 5.47
C LYS C 177 1.69 -46.00 5.82
N GLN C 178 1.91 -45.76 7.12
CA GLN C 178 2.94 -44.81 7.51
C GLN C 178 4.35 -45.38 7.41
N LYS C 179 4.50 -46.70 7.41
CA LYS C 179 5.81 -47.31 7.22
C LYS C 179 6.16 -47.48 5.75
N HIS C 180 5.14 -47.65 4.89
CA HIS C 180 5.39 -47.74 3.45
C HIS C 180 5.82 -46.39 2.89
N ASP C 181 5.08 -45.33 3.22
CA ASP C 181 5.40 -44.00 2.74
C ASP C 181 4.86 -42.98 3.73
N SER C 182 5.75 -42.12 4.24
CA SER C 182 5.37 -41.10 5.21
C SER C 182 5.04 -39.76 4.55
N PHE C 183 5.07 -39.70 3.23
CA PHE C 183 4.73 -38.50 2.49
C PHE C 183 3.36 -38.64 1.83
N SER C 184 3.12 -39.79 1.18
CA SER C 184 1.82 -40.09 0.58
C SER C 184 0.72 -40.18 1.63
N HIS C 185 1.05 -40.60 2.86
CA HIS C 185 0.05 -40.71 3.92
C HIS C 185 -0.44 -39.34 4.36
N SER C 186 0.50 -38.40 4.56
CA SER C 186 0.13 -37.05 4.93
C SER C 186 -0.59 -36.33 3.79
N ARG C 187 -0.18 -36.58 2.56
CA ARG C 187 -0.88 -36.00 1.41
C ARG C 187 -2.28 -36.58 1.27
N SER C 188 -2.47 -37.86 1.60
CA SER C 188 -3.79 -38.47 1.56
C SER C 188 -4.70 -37.91 2.63
N ARG C 189 -4.16 -37.68 3.82
CA ARG C 189 -4.92 -37.07 4.91
C ARG C 189 -5.34 -35.65 4.56
N ILE C 190 -4.44 -34.88 3.95
CA ILE C 190 -4.79 -33.50 3.62
C ILE C 190 -5.75 -33.45 2.42
N ASN C 191 -5.70 -34.45 1.53
CA ASN C 191 -6.66 -34.49 0.43
C ASN C 191 -8.05 -34.86 0.91
N ALA C 192 -8.14 -35.80 1.86
CA ALA C 192 -9.43 -36.15 2.43
C ALA C 192 -10.02 -34.99 3.23
N TYR C 193 -9.18 -34.22 3.93
CA TYR C 193 -9.72 -33.08 4.66
C TYR C 193 -10.11 -31.94 3.73
N LYS C 194 -9.38 -31.78 2.61
CA LYS C 194 -9.77 -30.79 1.62
C LYS C 194 -11.08 -31.17 0.93
N GLY C 195 -11.35 -32.47 0.80
CA GLY C 195 -12.64 -32.91 0.32
C GLY C 195 -13.76 -32.71 1.32
N LEU C 196 -13.47 -32.97 2.60
CA LEU C 196 -14.51 -32.85 3.63
C LEU C 196 -14.83 -31.40 3.95
N ALA C 197 -13.89 -30.47 3.73
CA ALA C 197 -14.04 -29.08 4.12
C ALA C 197 -14.54 -28.20 2.99
N SER C 198 -15.37 -28.74 2.10
CA SER C 198 -15.87 -27.96 0.98
C SER C 198 -17.36 -27.67 1.15
N PRO C 199 -17.83 -26.51 0.67
CA PRO C 199 -19.26 -26.19 0.83
C PRO C 199 -20.17 -27.06 0.02
N ALA C 200 -19.68 -27.60 -1.11
CA ALA C 200 -20.49 -28.50 -1.93
C ALA C 200 -20.76 -29.81 -1.21
N TYR C 201 -19.81 -30.27 -0.39
CA TYR C 201 -20.00 -31.49 0.37
C TYR C 201 -20.68 -31.22 1.71
N LEU C 202 -20.37 -30.08 2.34
CA LEU C 202 -20.99 -29.73 3.61
C LEU C 202 -22.48 -29.47 3.47
N SER C 203 -22.88 -28.81 2.37
CA SER C 203 -24.28 -28.46 2.20
C SER C 203 -25.16 -29.65 1.82
N LEU C 204 -24.60 -30.68 1.20
CA LEU C 204 -25.39 -31.79 0.69
C LEU C 204 -25.19 -33.10 1.43
N SER C 205 -24.15 -33.23 2.26
CA SER C 205 -23.82 -34.52 2.84
C SER C 205 -24.49 -34.78 4.18
N SER C 206 -24.65 -33.76 5.02
CA SER C 206 -25.19 -33.94 6.37
C SER C 206 -26.54 -33.25 6.50
N GLU C 207 -27.23 -33.58 7.59
CA GLU C 207 -28.55 -33.04 7.87
C GLU C 207 -28.52 -31.76 8.69
N ASP C 208 -27.40 -31.49 9.37
CA ASP C 208 -27.19 -30.22 10.07
C ASP C 208 -25.79 -29.75 9.72
N PRO C 209 -25.64 -28.93 8.68
CA PRO C 209 -24.29 -28.55 8.22
C PRO C 209 -23.62 -27.52 9.10
N VAL C 210 -24.36 -26.78 9.92
CA VAL C 210 -23.76 -25.75 10.77
C VAL C 210 -22.92 -26.39 11.86
N MET C 211 -23.47 -27.40 12.54
CA MET C 211 -22.75 -28.08 13.61
C MET C 211 -21.57 -28.87 13.06
N THR C 212 -21.75 -29.49 11.89
CA THR C 212 -20.69 -30.23 11.22
C THR C 212 -19.55 -29.32 10.82
N ALA C 213 -19.86 -28.14 10.26
CA ALA C 213 -18.81 -27.24 9.84
C ALA C 213 -18.10 -26.59 11.02
N LEU C 214 -18.82 -26.38 12.13
CA LEU C 214 -18.19 -25.84 13.33
C LEU C 214 -17.20 -26.84 13.93
N GLU C 215 -17.61 -28.10 14.08
CA GLU C 215 -16.70 -29.12 14.61
C GLU C 215 -15.55 -29.41 13.65
N LEU C 216 -15.80 -29.31 12.34
CA LEU C 216 -14.73 -29.54 11.37
C LEU C 216 -13.72 -28.39 11.39
N SER C 217 -14.20 -27.16 11.60
CA SER C 217 -13.29 -26.02 11.73
C SER C 217 -12.42 -26.14 12.96
N ASN C 218 -13.01 -26.60 14.08
CA ASN C 218 -12.23 -26.82 15.30
C ASN C 218 -11.20 -27.94 15.12
N GLU C 219 -11.60 -29.02 14.44
CA GLU C 219 -10.70 -30.14 14.21
C GLU C 219 -9.53 -29.77 13.31
N LEU C 220 -9.79 -29.02 12.25
CA LEU C 220 -8.70 -28.54 11.40
C LEU C 220 -7.85 -27.50 12.12
N ALA C 221 -8.44 -26.75 13.05
CA ALA C 221 -7.67 -25.76 13.80
C ALA C 221 -6.68 -26.42 14.76
N VAL C 222 -7.10 -27.52 15.41
CA VAL C 222 -6.16 -28.20 16.30
C VAL C 222 -5.17 -29.06 15.50
N LEU C 223 -5.57 -29.51 14.31
CA LEU C 223 -4.64 -30.25 13.46
C LEU C 223 -3.60 -29.33 12.84
N ALA C 224 -3.90 -28.04 12.71
CA ALA C 224 -2.89 -27.09 12.26
C ALA C 224 -1.79 -26.91 13.30
N ASN C 225 -2.12 -27.08 14.58
CA ASN C 225 -1.13 -26.96 15.64
C ASN C 225 -0.40 -28.26 15.91
N ILE C 226 -1.06 -29.41 15.71
CA ILE C 226 -0.39 -30.68 15.92
C ILE C 226 0.67 -30.92 14.85
N GLU C 227 0.32 -30.70 13.58
CA GLU C 227 1.25 -30.86 12.46
C GLU C 227 1.83 -29.48 12.14
N LYS C 228 3.06 -29.23 12.60
CA LYS C 228 3.71 -27.96 12.35
C LYS C 228 4.08 -27.77 10.88
N GLU C 229 4.28 -28.87 10.15
CA GLU C 229 4.44 -28.81 8.71
C GLU C 229 3.07 -28.91 8.04
N PHE C 230 2.94 -28.24 6.90
CA PHE C 230 1.68 -28.08 6.16
C PHE C 230 0.58 -27.49 7.05
N LYS C 231 0.88 -26.34 7.65
CA LYS C 231 -0.01 -25.65 8.56
C LYS C 231 -0.87 -24.61 7.84
N ASN C 232 -0.32 -23.95 6.83
CA ASN C 232 -1.01 -22.94 6.04
C ASN C 232 -2.13 -23.52 5.19
N ASP C 233 -2.21 -24.84 5.03
CA ASP C 233 -3.33 -25.49 4.37
C ASP C 233 -4.46 -25.85 5.32
N TYR C 234 -4.12 -26.32 6.53
CA TYR C 234 -5.14 -26.59 7.53
C TYR C 234 -5.80 -25.31 8.02
N LYS C 235 -5.02 -24.22 8.10
CA LYS C 235 -5.60 -22.92 8.44
C LYS C 235 -6.57 -22.45 7.35
N LYS C 236 -6.24 -22.71 6.08
CA LYS C 236 -7.11 -22.33 4.98
C LYS C 236 -8.39 -23.14 4.98
N LEU C 237 -8.29 -24.44 5.27
CA LEU C 237 -9.48 -25.29 5.32
C LEU C 237 -10.40 -24.91 6.48
N SER C 238 -9.81 -24.59 7.64
CA SER C 238 -10.62 -24.10 8.76
C SER C 238 -11.27 -22.76 8.44
N MET C 239 -10.57 -21.89 7.71
CA MET C 239 -11.13 -20.59 7.35
C MET C 239 -12.31 -20.74 6.39
N GLN C 240 -12.23 -21.70 5.46
CA GLN C 240 -13.37 -21.87 4.57
C GLN C 240 -14.52 -22.62 5.26
N CYS C 241 -14.23 -23.44 6.27
CA CYS C 241 -15.30 -24.00 7.10
C CYS C 241 -16.04 -22.90 7.87
N LYS C 242 -15.30 -21.88 8.35
CA LYS C 242 -15.96 -20.76 9.01
C LYS C 242 -16.73 -19.90 8.00
N ASP C 243 -16.18 -19.75 6.79
CA ASP C 243 -16.83 -18.94 5.76
C ASP C 243 -18.13 -19.56 5.28
N PHE C 244 -18.22 -20.89 5.32
CA PHE C 244 -19.47 -21.58 4.99
C PHE C 244 -20.60 -21.17 5.95
N VAL C 245 -20.30 -21.14 7.25
CA VAL C 245 -21.32 -20.84 8.25
C VAL C 245 -21.68 -19.36 8.21
N VAL C 246 -20.69 -18.50 7.96
CA VAL C 246 -20.96 -17.06 7.85
C VAL C 246 -21.81 -16.77 6.61
N GLY C 247 -21.51 -17.43 5.49
CA GLY C 247 -22.33 -17.26 4.30
C GLY C 247 -23.71 -17.90 4.41
N LEU C 248 -23.86 -18.90 5.28
CA LEU C 248 -25.18 -19.46 5.54
C LEU C 248 -26.01 -18.56 6.44
N LEU C 249 -25.36 -17.79 7.32
CA LEU C 249 -26.09 -16.84 8.15
C LEU C 249 -26.54 -15.61 7.38
N ASP C 250 -25.80 -15.23 6.34
CA ASP C 250 -26.06 -13.99 5.63
C ASP C 250 -27.36 -14.05 4.83
N LEU C 251 -27.73 -15.22 4.33
CA LEU C 251 -28.94 -15.37 3.52
C LEU C 251 -30.12 -15.85 4.37
N CYS C 252 -30.42 -15.05 5.38
CA CYS C 252 -31.57 -15.28 6.26
C CYS C 252 -32.52 -14.10 6.13
N ARG C 253 -33.81 -14.39 6.08
CA ARG C 253 -34.82 -13.37 5.81
C ARG C 253 -35.82 -13.17 6.94
N ASN C 254 -36.19 -14.23 7.66
CA ASN C 254 -37.14 -14.12 8.74
C ASN C 254 -36.43 -14.11 10.09
N THR C 255 -37.22 -14.13 11.15
CA THR C 255 -36.69 -14.30 12.49
C THR C 255 -36.47 -15.77 12.82
N GLU C 256 -37.30 -16.67 12.28
CA GLU C 256 -37.14 -18.10 12.53
C GLU C 256 -35.92 -18.67 11.83
N GLU C 257 -35.52 -18.09 10.68
CA GLU C 257 -34.32 -18.57 10.00
C GLU C 257 -33.06 -18.11 10.74
N VAL C 258 -33.08 -16.87 11.24
CA VAL C 258 -31.98 -16.36 12.06
C VAL C 258 -31.87 -17.17 13.35
N GLU C 259 -33.01 -17.51 13.96
CA GLU C 259 -33.00 -18.32 15.16
C GLU C 259 -32.71 -19.79 14.90
N ALA C 260 -32.82 -20.24 13.65
CA ALA C 260 -32.41 -21.60 13.33
C ALA C 260 -30.94 -21.69 12.96
N ILE C 261 -30.34 -20.59 12.53
CA ILE C 261 -28.89 -20.60 12.28
C ILE C 261 -28.13 -20.31 13.58
N LEU C 262 -28.54 -19.26 14.30
CA LEU C 262 -27.82 -18.87 15.51
C LEU C 262 -28.07 -19.85 16.65
N ASN C 263 -29.31 -20.29 16.83
CA ASN C 263 -29.66 -21.27 17.83
C ASN C 263 -30.00 -22.58 17.13
N GLY C 264 -30.00 -23.67 17.88
CA GLY C 264 -30.29 -24.96 17.27
C GLY C 264 -31.76 -25.22 17.05
N ASP C 265 -32.18 -26.47 17.30
CA ASP C 265 -33.59 -26.81 17.26
C ASP C 265 -34.28 -26.31 18.53
N VAL C 266 -35.06 -25.23 18.40
CA VAL C 266 -35.57 -24.54 19.60
C VAL C 266 -36.69 -25.34 20.25
N GLU C 267 -37.28 -26.29 19.53
CA GLU C 267 -38.28 -27.16 20.13
C GLU C 267 -37.65 -28.25 20.98
N THR C 268 -36.40 -28.63 20.70
CA THR C 268 -35.73 -29.71 21.43
C THR C 268 -34.59 -29.18 22.30
N LEU C 269 -34.59 -27.89 22.60
CA LEU C 269 -33.58 -27.29 23.46
C LEU C 269 -34.25 -26.59 24.64
N GLN C 270 -33.49 -26.46 25.73
CA GLN C 270 -33.97 -25.72 26.89
C GLN C 270 -34.06 -24.24 26.56
N SER C 271 -35.16 -23.61 26.99
CA SER C 271 -35.44 -22.24 26.56
C SER C 271 -34.53 -21.22 27.22
N GLY C 272 -33.99 -21.54 28.39
CA GLY C 272 -33.14 -20.63 29.12
C GLY C 272 -33.73 -20.24 30.46
N ASP C 273 -33.00 -19.38 31.15
CA ASP C 273 -33.42 -18.92 32.47
C ASP C 273 -34.59 -17.95 32.36
N HIS C 274 -34.59 -17.10 31.34
CA HIS C 274 -35.61 -16.09 31.15
C HIS C 274 -36.17 -16.25 29.74
N GLY C 275 -36.90 -15.24 29.27
CA GLY C 275 -37.44 -15.23 27.91
C GLY C 275 -36.42 -15.08 26.79
N ARG C 276 -35.14 -14.93 27.14
CA ARG C 276 -34.04 -14.92 26.19
C ARG C 276 -33.89 -16.30 25.55
N PRO C 277 -33.30 -16.37 24.34
CA PRO C 277 -33.14 -17.68 23.69
C PRO C 277 -32.05 -18.55 24.30
N ASN C 278 -31.77 -19.67 23.63
CA ASN C 278 -30.78 -20.64 24.09
C ASN C 278 -29.44 -20.33 23.44
N LEU C 279 -28.47 -19.91 24.25
CA LEU C 279 -27.20 -19.38 23.73
C LEU C 279 -26.10 -20.44 23.66
N SER C 280 -26.45 -21.71 23.47
CA SER C 280 -25.45 -22.77 23.50
C SER C 280 -24.57 -22.82 22.27
N ARG C 281 -25.09 -22.40 21.10
CA ARG C 281 -24.31 -22.46 19.88
C ARG C 281 -23.39 -21.26 19.71
N LEU C 282 -23.82 -20.08 20.19
CA LEU C 282 -22.98 -18.90 20.11
C LEU C 282 -21.80 -18.99 21.07
N LYS C 283 -21.97 -19.66 22.21
CA LYS C 283 -20.85 -19.95 23.09
C LYS C 283 -19.83 -20.85 22.39
N LEU C 284 -20.31 -21.80 21.59
CA LEU C 284 -19.42 -22.67 20.83
C LEU C 284 -18.72 -21.91 19.71
N ALA C 285 -19.42 -20.95 19.10
CA ALA C 285 -18.79 -20.16 18.05
C ALA C 285 -17.77 -19.19 18.61
N ILE C 286 -17.96 -18.72 19.84
CA ILE C 286 -16.94 -17.90 20.49
C ILE C 286 -15.77 -18.76 20.95
N LYS C 287 -16.05 -19.99 21.37
CA LYS C 287 -14.99 -20.92 21.77
C LYS C 287 -14.13 -21.31 20.58
N TYR C 288 -14.75 -21.50 19.41
CA TYR C 288 -14.00 -21.89 18.22
C TYR C 288 -13.49 -20.70 17.42
N GLU C 289 -13.73 -19.47 17.92
CA GLU C 289 -13.25 -18.21 17.34
C GLU C 289 -13.73 -18.01 15.90
N VAL C 290 -15.04 -18.16 15.70
CA VAL C 290 -15.66 -17.87 14.41
C VAL C 290 -16.14 -16.43 14.50
N LYS C 291 -15.24 -15.51 14.14
CA LYS C 291 -15.44 -14.10 14.49
C LYS C 291 -16.44 -13.39 13.59
N LYS C 292 -16.50 -13.75 12.31
CA LYS C 292 -17.45 -13.11 11.41
C LYS C 292 -18.87 -13.63 11.60
N PHE C 293 -19.02 -14.78 12.24
CA PHE C 293 -20.35 -15.29 12.60
C PHE C 293 -20.93 -14.51 13.75
N VAL C 294 -20.09 -13.92 14.60
CA VAL C 294 -20.53 -13.24 15.81
C VAL C 294 -20.59 -11.75 15.53
N ALA C 295 -19.72 -11.28 14.64
CA ALA C 295 -19.71 -9.88 14.23
C ALA C 295 -20.71 -9.58 13.11
N HIS C 296 -21.47 -10.57 12.67
CA HIS C 296 -22.47 -10.34 11.63
C HIS C 296 -23.66 -9.58 12.22
N PRO C 297 -24.27 -8.67 11.45
CA PRO C 297 -25.40 -7.87 11.99
C PRO C 297 -26.62 -8.67 12.42
N ASN C 298 -26.87 -9.83 11.80
CA ASN C 298 -27.99 -10.67 12.23
C ASN C 298 -27.74 -11.29 13.58
N CYS C 299 -26.47 -11.51 13.95
CA CYS C 299 -26.15 -11.91 15.32
C CYS C 299 -26.08 -10.71 16.26
N GLN C 300 -25.65 -9.56 15.74
CA GLN C 300 -25.49 -8.38 16.57
C GLN C 300 -26.83 -7.84 17.07
N GLN C 301 -27.88 -7.93 16.26
CA GLN C 301 -29.18 -7.45 16.72
C GLN C 301 -29.78 -8.33 17.80
N GLN C 302 -29.59 -9.64 17.71
CA GLN C 302 -30.04 -10.55 18.76
C GLN C 302 -29.23 -10.37 20.04
N LEU C 303 -27.91 -10.22 19.92
CA LEU C 303 -27.09 -10.02 21.11
C LEU C 303 -27.35 -8.67 21.76
N LEU C 304 -27.71 -7.65 20.97
CA LEU C 304 -28.09 -6.37 21.53
C LEU C 304 -29.43 -6.45 22.26
N SER C 305 -30.39 -7.18 21.70
CA SER C 305 -31.68 -7.34 22.37
C SER C 305 -31.56 -8.17 23.64
N ILE C 306 -30.61 -9.10 23.70
CA ILE C 306 -30.36 -9.80 24.96
C ILE C 306 -29.58 -8.90 25.94
N TRP C 307 -28.68 -8.07 25.41
CA TRP C 307 -27.81 -7.25 26.25
C TRP C 307 -28.57 -6.15 26.95
N TYR C 308 -29.54 -5.54 26.26
CA TYR C 308 -30.25 -4.43 26.88
C TYR C 308 -31.30 -4.93 27.88
N GLU C 309 -32.27 -5.74 27.42
CA GLU C 309 -33.12 -6.57 28.28
C GLU C 309 -33.92 -5.79 29.33
N ASN C 310 -34.96 -5.09 28.87
CA ASN C 310 -35.90 -4.23 29.63
C ASN C 310 -35.30 -2.89 30.01
N LEU C 311 -34.31 -2.42 29.25
CA LEU C 311 -33.95 -1.00 29.20
C LEU C 311 -33.88 -0.62 27.72
N SER C 312 -35.04 -0.32 27.15
CA SER C 312 -35.10 0.19 25.79
C SER C 312 -35.07 1.72 25.74
N GLY C 313 -35.29 2.37 26.88
CA GLY C 313 -35.13 3.80 26.97
C GLY C 313 -33.67 4.22 26.89
N LEU C 314 -32.81 3.51 27.62
CA LEU C 314 -31.39 3.81 27.65
C LEU C 314 -30.65 3.33 26.41
N ARG C 315 -31.34 2.64 25.49
CA ARG C 315 -30.67 2.14 24.29
C ARG C 315 -30.38 3.27 23.32
N GLN C 316 -31.33 4.17 23.11
CA GLN C 316 -31.20 5.23 22.12
C GLN C 316 -30.63 6.52 22.70
N GLN C 317 -30.15 6.51 23.94
CA GLN C 317 -29.59 7.72 24.54
C GLN C 317 -28.17 7.96 24.05
N THR C 318 -27.57 9.03 24.55
CA THR C 318 -26.23 9.43 24.18
C THR C 318 -25.23 9.01 25.26
N MET C 319 -23.95 9.18 24.96
CA MET C 319 -22.90 8.82 25.90
C MET C 319 -22.80 9.78 27.07
N ALA C 320 -23.28 11.03 26.90
CA ALA C 320 -23.36 11.95 28.02
C ALA C 320 -24.44 11.52 29.00
N VAL C 321 -25.49 10.87 28.50
CA VAL C 321 -26.50 10.29 29.37
C VAL C 321 -25.93 9.07 30.09
N LYS C 322 -25.19 8.20 29.39
CA LYS C 322 -24.59 7.03 30.03
C LYS C 322 -23.25 7.33 30.67
N PHE C 323 -23.17 8.42 31.44
CA PHE C 323 -22.07 8.68 32.36
C PHE C 323 -22.72 9.13 33.67
N LEU C 324 -23.85 9.82 33.52
CA LEU C 324 -24.61 10.26 34.67
C LEU C 324 -25.28 9.09 35.37
N VAL C 325 -25.70 8.08 34.61
CA VAL C 325 -26.28 6.89 35.22
C VAL C 325 -25.22 6.07 35.94
N VAL C 326 -23.98 6.08 35.41
CA VAL C 326 -22.88 5.40 36.08
C VAL C 326 -22.52 6.11 37.38
N LEU C 327 -22.56 7.45 37.37
CA LEU C 327 -22.34 8.20 38.60
C LEU C 327 -23.49 8.03 39.58
N ALA C 328 -24.71 7.81 39.07
CA ALA C 328 -25.86 7.59 39.94
C ALA C 328 -25.77 6.23 40.64
N VAL C 329 -25.35 5.20 39.92
CA VAL C 329 -25.04 3.91 40.56
C VAL C 329 -23.83 4.03 41.48
N ALA C 330 -22.89 4.94 41.20
CA ALA C 330 -21.76 5.15 42.08
C ALA C 330 -22.20 5.79 43.41
N ILE C 331 -23.15 6.72 43.36
CA ILE C 331 -23.65 7.32 44.61
C ILE C 331 -24.52 6.33 45.37
N GLY C 332 -25.59 5.85 44.75
CA GLY C 332 -26.53 5.00 45.43
C GLY C 332 -26.28 3.51 45.31
N LEU C 333 -25.04 3.08 45.56
CA LEU C 333 -24.74 1.64 45.44
C LEU C 333 -25.26 0.81 46.62
N PRO C 334 -25.12 1.21 47.90
CA PRO C 334 -25.76 0.40 48.95
C PRO C 334 -27.28 0.40 48.90
N PHE C 335 -27.90 1.43 48.31
CA PHE C 335 -29.36 1.46 48.19
C PHE C 335 -29.86 0.36 47.25
N LEU C 336 -29.27 0.29 46.05
CA LEU C 336 -29.62 -0.79 45.13
C LEU C 336 -29.15 -2.14 45.66
N ALA C 337 -28.08 -2.14 46.46
CA ALA C 337 -27.62 -3.38 47.07
C ALA C 337 -28.63 -3.95 48.06
N LEU C 338 -29.19 -3.11 48.95
CA LEU C 338 -30.08 -3.71 49.95
C LEU C 338 -31.48 -3.91 49.37
N ILE C 339 -31.86 -3.19 48.31
CA ILE C 339 -33.15 -3.53 47.72
C ILE C 339 -33.02 -4.73 46.79
N TYR C 340 -31.79 -5.05 46.35
CA TYR C 340 -31.59 -6.32 45.68
C TYR C 340 -31.51 -7.47 46.68
N TRP C 341 -31.01 -7.21 47.89
CA TRP C 341 -30.98 -8.22 48.94
C TRP C 341 -32.38 -8.50 49.49
N PHE C 342 -33.13 -7.44 49.81
CA PHE C 342 -34.31 -7.53 50.64
C PHE C 342 -35.60 -7.69 49.85
N ALA C 343 -35.63 -7.27 48.58
CA ALA C 343 -36.85 -7.34 47.78
C ALA C 343 -36.51 -7.52 46.29
N PRO C 344 -36.25 -8.76 45.88
CA PRO C 344 -36.13 -9.03 44.44
C PRO C 344 -37.49 -9.05 43.77
N CYS C 345 -37.46 -9.20 42.43
CA CYS C 345 -38.62 -9.32 41.57
C CYS C 345 -39.55 -8.10 41.70
N SER C 346 -38.96 -6.92 41.49
CA SER C 346 -39.68 -5.67 41.63
C SER C 346 -39.57 -4.86 40.34
N LYS C 347 -40.00 -3.60 40.38
CA LYS C 347 -39.85 -2.73 39.22
C LYS C 347 -38.38 -2.38 38.98
N MET C 348 -37.59 -2.29 40.04
CA MET C 348 -36.16 -2.02 39.92
C MET C 348 -35.31 -3.28 40.05
N GLY C 349 -35.80 -4.30 40.75
CA GLY C 349 -35.05 -5.54 40.87
C GLY C 349 -34.96 -6.34 39.59
N LYS C 350 -35.89 -6.14 38.67
CA LYS C 350 -35.81 -6.76 37.35
C LYS C 350 -34.91 -5.97 36.41
N ILE C 351 -34.79 -4.66 36.62
CA ILE C 351 -33.85 -3.86 35.83
C ILE C 351 -32.42 -4.11 36.28
N MET C 352 -32.19 -4.15 37.59
CA MET C 352 -30.84 -4.28 38.15
C MET C 352 -30.23 -5.67 37.94
N ARG C 353 -30.91 -6.67 37.37
CA ARG C 353 -30.28 -7.94 37.06
C ARG C 353 -30.09 -8.17 35.57
N GLY C 354 -30.33 -7.15 34.74
CA GLY C 354 -29.98 -7.21 33.34
C GLY C 354 -28.47 -7.15 33.16
N PRO C 355 -28.00 -7.51 31.96
CA PRO C 355 -26.54 -7.50 31.73
C PRO C 355 -25.95 -6.10 31.68
N PHE C 356 -26.63 -5.15 31.05
CA PHE C 356 -26.10 -3.80 30.93
C PHE C 356 -26.06 -3.09 32.28
N MET C 357 -27.06 -3.32 33.12
CA MET C 357 -27.04 -2.72 34.45
C MET C 357 -26.01 -3.40 35.35
N LYS C 358 -25.75 -4.68 35.12
CA LYS C 358 -24.65 -5.34 35.84
C LYS C 358 -23.29 -4.76 35.44
N PHE C 359 -23.13 -4.45 34.15
CA PHE C 359 -21.91 -3.79 33.68
C PHE C 359 -21.76 -2.40 34.27
N VAL C 360 -22.86 -1.65 34.33
CA VAL C 360 -22.84 -0.30 34.91
C VAL C 360 -22.54 -0.36 36.41
N ALA C 361 -23.07 -1.37 37.10
CA ALA C 361 -22.81 -1.52 38.53
C ALA C 361 -21.35 -1.90 38.80
N HIS C 362 -20.77 -2.76 37.97
CA HIS C 362 -19.37 -3.12 38.15
CA HIS C 362 -19.37 -3.12 38.13
C HIS C 362 -18.44 -1.95 37.84
N ALA C 363 -18.77 -1.15 36.81
CA ALA C 363 -17.99 0.04 36.51
C ALA C 363 -18.11 1.07 37.62
N ALA C 364 -19.29 1.18 38.23
CA ALA C 364 -19.47 2.11 39.34
C ALA C 364 -18.70 1.66 40.58
N SER C 365 -18.64 0.35 40.85
CA SER C 365 -17.87 -0.13 41.99
C SER C 365 -16.38 0.07 41.77
N PHE C 366 -15.90 -0.09 40.53
CA PHE C 366 -14.51 0.20 40.24
C PHE C 366 -14.20 1.69 40.36
N THR C 367 -15.17 2.55 40.00
CA THR C 367 -15.00 3.99 40.16
C THR C 367 -14.94 4.37 41.63
N ILE C 368 -15.75 3.72 42.47
CA ILE C 368 -15.70 3.95 43.91
C ILE C 368 -14.36 3.49 44.49
N PHE C 369 -13.83 2.38 43.99
CA PHE C 369 -12.54 1.88 44.45
C PHE C 369 -11.41 2.85 44.09
N LEU C 370 -11.44 3.39 42.87
CA LEU C 370 -10.42 4.36 42.47
C LEU C 370 -10.56 5.67 43.24
N GLY C 371 -11.79 6.08 43.54
CA GLY C 371 -12.00 7.28 44.34
C GLY C 371 -11.53 7.11 45.77
N LEU C 372 -11.68 5.90 46.31
CA LEU C 372 -11.14 5.60 47.64
C LEU C 372 -9.62 5.62 47.65
N LEU C 373 -9.00 5.08 46.58
CA LEU C 373 -7.54 5.13 46.47
C LEU C 373 -7.03 6.56 46.32
N VAL C 374 -7.80 7.43 45.66
CA VAL C 374 -7.43 8.84 45.61
C VAL C 374 -7.57 9.50 46.97
N MET C 375 -8.75 9.37 47.58
CA MET C 375 -9.08 10.12 48.79
C MET C 375 -8.50 9.53 50.06
N ASN C 376 -7.78 8.39 49.98
CA ASN C 376 -7.16 7.86 51.19
C ASN C 376 -6.02 8.75 51.67
N ALA C 377 -5.21 9.27 50.75
CA ALA C 377 -4.14 10.20 51.10
C ALA C 377 -4.58 11.66 50.95
N ALA C 378 -5.71 12.01 51.56
CA ALA C 378 -6.28 13.35 51.37
C ALA C 378 -5.78 14.37 52.38
N ASP C 379 -5.17 13.92 53.48
CA ASP C 379 -4.61 14.84 54.46
C ASP C 379 -3.22 15.34 54.08
N ARG C 380 -2.64 14.81 52.99
CA ARG C 380 -1.29 15.16 52.58
C ARG C 380 -1.24 15.77 51.19
N PHE C 381 -2.36 16.30 50.68
CA PHE C 381 -2.41 16.83 49.32
C PHE C 381 -1.54 18.07 49.16
N GLU C 382 -1.58 19.00 50.13
CA GLU C 382 -0.83 20.24 50.06
C GLU C 382 0.30 20.29 51.07
N GLY C 383 0.63 19.17 51.71
CA GLY C 383 1.62 19.14 52.75
C GLY C 383 1.28 18.11 53.81
N THR C 384 2.30 17.39 54.30
CA THR C 384 2.07 16.29 55.21
C THR C 384 1.72 16.80 56.61
N LYS C 385 2.39 17.87 57.05
CA LYS C 385 2.39 18.43 58.41
C LYS C 385 2.81 17.43 59.47
N LEU C 386 3.56 16.39 59.10
CA LEU C 386 4.17 15.43 60.01
C LEU C 386 5.55 15.17 59.42
N LEU C 387 6.55 15.87 59.95
CA LEU C 387 7.90 15.77 59.44
C LEU C 387 8.51 14.42 59.82
N PRO C 388 9.47 13.93 59.03
CA PRO C 388 10.15 12.67 59.41
C PRO C 388 11.04 12.79 60.64
N ASN C 389 11.33 14.00 61.11
CA ASN C 389 12.11 14.20 62.33
C ASN C 389 11.24 14.34 63.58
N GLU C 390 10.00 14.80 63.44
CA GLU C 390 9.14 15.03 64.59
C GLU C 390 8.33 13.77 64.90
N THR C 391 7.45 13.86 65.89
CA THR C 391 6.59 12.75 66.28
C THR C 391 5.36 13.32 66.98
N SER C 392 4.20 12.78 66.63
CA SER C 392 2.92 13.24 67.18
C SER C 392 2.11 12.04 67.63
N THR C 393 1.60 12.10 68.86
CA THR C 393 0.78 11.03 69.41
C THR C 393 -0.65 11.44 69.74
N ASP C 394 -0.85 12.72 70.12
CA ASP C 394 -2.15 13.35 70.38
C ASP C 394 -2.96 12.70 71.49
N ASN C 395 -2.32 11.88 72.33
CA ASN C 395 -2.99 11.29 73.49
C ASN C 395 -2.14 11.30 74.75
N ALA C 396 -0.84 11.54 74.66
CA ALA C 396 0.13 11.64 75.76
C ALA C 396 0.26 10.36 76.60
N LYS C 397 -0.31 9.26 76.14
CA LYS C 397 -0.17 7.96 76.77
C LYS C 397 0.25 6.87 75.79
N GLN C 398 -0.24 6.92 74.57
CA GLN C 398 0.15 5.95 73.56
C GLN C 398 1.48 6.35 72.93
N LEU C 399 2.15 5.38 72.32
CA LEU C 399 3.41 5.63 71.67
C LEU C 399 3.18 6.08 70.23
N PHE C 400 4.26 6.49 69.57
CA PHE C 400 4.14 7.10 68.24
C PHE C 400 3.78 6.06 67.19
N ARG C 401 4.22 4.81 67.40
CA ARG C 401 3.97 3.77 66.41
C ARG C 401 2.56 3.20 66.46
N MET C 402 1.69 3.70 67.34
CA MET C 402 0.29 3.34 67.32
C MET C 402 -0.55 4.28 66.45
N LYS C 403 -0.08 5.53 66.29
CA LYS C 403 -0.79 6.46 65.43
C LYS C 403 -0.52 6.16 63.95
N THR C 404 0.66 5.64 63.64
CA THR C 404 1.06 5.38 62.27
C THR C 404 0.67 4.00 61.77
N SER C 405 0.15 3.14 62.65
CA SER C 405 -0.17 1.77 62.28
C SER C 405 -1.66 1.43 62.42
N CYS C 406 -2.47 2.35 62.92
CA CYS C 406 -3.90 2.08 63.07
C CYS C 406 -4.60 2.19 61.72
N PHE C 407 -5.49 1.26 61.45
CA PHE C 407 -6.23 1.27 60.20
C PHE C 407 -7.33 2.31 60.25
N SER C 408 -7.43 3.13 59.20
CA SER C 408 -8.54 4.06 59.07
C SER C 408 -9.75 3.33 58.49
N TRP C 409 -10.85 4.05 58.36
CA TRP C 409 -12.04 3.45 57.76
C TRP C 409 -11.91 3.31 56.24
N MET C 410 -11.17 4.23 55.60
CA MET C 410 -10.94 4.11 54.17
C MET C 410 -10.02 2.94 53.86
N GLU C 411 -9.03 2.68 54.73
CA GLU C 411 -8.19 1.51 54.54
C GLU C 411 -8.96 0.22 54.77
N MET C 412 -9.93 0.25 55.69
CA MET C 412 -10.78 -0.92 55.92
C MET C 412 -11.69 -1.17 54.73
N LEU C 413 -12.18 -0.10 54.09
CA LEU C 413 -12.98 -0.25 52.88
C LEU C 413 -12.13 -0.75 51.71
N ILE C 414 -10.88 -0.29 51.60
CA ILE C 414 -9.99 -0.79 50.55
C ILE C 414 -9.67 -2.26 50.77
N ILE C 415 -9.48 -2.68 52.03
CA ILE C 415 -9.25 -4.08 52.35
C ILE C 415 -10.49 -4.92 52.02
N SER C 416 -11.68 -4.37 52.26
CA SER C 416 -12.92 -5.07 51.90
C SER C 416 -13.06 -5.25 50.39
N TRP C 417 -12.77 -4.18 49.62
CA TRP C 417 -12.80 -4.28 48.16
C TRP C 417 -11.78 -5.27 47.62
N VAL C 418 -10.56 -5.30 48.16
CA VAL C 418 -9.57 -6.22 47.59
C VAL C 418 -9.83 -7.65 48.06
N ILE C 419 -10.47 -7.84 49.22
CA ILE C 419 -10.86 -9.18 49.64
C ILE C 419 -11.97 -9.71 48.74
N GLY C 420 -12.92 -8.82 48.38
CA GLY C 420 -13.94 -9.21 47.42
C GLY C 420 -13.36 -9.50 46.04
N MET C 421 -12.31 -8.78 45.64
CA MET C 421 -11.67 -9.04 44.35
C MET C 421 -10.93 -10.38 44.34
N ILE C 422 -10.21 -10.69 45.42
CA ILE C 422 -9.55 -12.00 45.53
C ILE C 422 -10.58 -13.13 45.57
N TRP C 423 -11.73 -12.89 46.22
CA TRP C 423 -12.77 -13.91 46.25
C TRP C 423 -13.39 -14.13 44.88
N ALA C 424 -13.69 -13.05 44.16
CA ALA C 424 -14.28 -13.17 42.84
C ALA C 424 -13.29 -13.68 41.79
N GLU C 425 -11.99 -13.59 42.06
CA GLU C 425 -11.00 -14.17 41.17
C GLU C 425 -10.74 -15.64 41.49
N CYS C 426 -10.75 -15.98 42.78
CA CYS C 426 -10.53 -17.37 43.17
C CYS C 426 -11.76 -18.22 42.90
N LYS C 427 -12.93 -17.61 42.79
CA LYS C 427 -14.12 -18.33 42.35
C LYS C 427 -14.04 -18.68 40.87
N GLU C 428 -13.34 -17.85 40.09
CA GLU C 428 -13.28 -18.03 38.65
C GLU C 428 -12.05 -18.80 38.19
N ILE C 429 -11.02 -18.94 39.03
CA ILE C 429 -9.83 -19.67 38.60
C ILE C 429 -10.10 -21.18 38.57
N TRP C 430 -10.98 -21.66 39.45
CA TRP C 430 -11.25 -23.09 39.50
C TRP C 430 -12.37 -23.49 38.54
N THR C 431 -13.20 -22.54 38.12
CA THR C 431 -14.18 -22.79 37.08
C THR C 431 -13.53 -23.06 35.73
N GLN C 432 -12.43 -22.38 35.43
CA GLN C 432 -11.72 -22.57 34.17
C GLN C 432 -10.47 -23.42 34.30
N GLY C 433 -10.00 -23.69 35.52
CA GLY C 433 -8.80 -24.48 35.73
C GLY C 433 -7.54 -23.69 35.48
N PRO C 434 -6.38 -24.27 35.84
CA PRO C 434 -5.10 -23.59 35.57
C PRO C 434 -4.57 -23.88 34.17
N LYS C 435 -5.44 -23.91 33.17
CA LYS C 435 -5.06 -24.07 31.78
C LYS C 435 -5.64 -22.98 30.90
N GLU C 436 -6.86 -22.51 31.19
CA GLU C 436 -7.44 -21.39 30.47
C GLU C 436 -7.19 -20.08 31.18
N TYR C 437 -6.94 -20.17 32.50
CA TYR C 437 -6.67 -18.98 33.29
C TYR C 437 -5.23 -18.52 33.13
N LEU C 438 -4.28 -19.44 33.31
CA LEU C 438 -2.86 -19.09 33.23
C LEU C 438 -2.39 -18.83 31.81
N PHE C 439 -3.16 -19.26 30.81
CA PHE C 439 -2.76 -19.02 29.42
C PHE C 439 -2.91 -17.55 29.04
N GLU C 440 -3.93 -16.88 29.57
CA GLU C 440 -4.09 -15.45 29.34
C GLU C 440 -3.11 -14.68 30.24
N LEU C 441 -2.46 -13.67 29.67
CA LEU C 441 -1.39 -12.97 30.35
C LEU C 441 -1.86 -11.70 31.07
N TRP C 442 -3.14 -11.36 30.99
CA TRP C 442 -3.68 -10.27 31.81
C TRP C 442 -4.15 -10.79 33.16
N ASN C 443 -4.45 -12.08 33.26
CA ASN C 443 -4.70 -12.69 34.55
C ASN C 443 -3.46 -12.69 35.43
N MET C 444 -2.28 -12.74 34.80
CA MET C 444 -1.02 -12.55 35.53
C MET C 444 -0.96 -11.17 36.17
N LEU C 445 -1.38 -10.14 35.43
CA LEU C 445 -1.35 -8.78 35.94
C LEU C 445 -2.38 -8.58 37.06
N ASP C 446 -3.56 -9.18 36.90
CA ASP C 446 -4.59 -9.09 37.94
C ASP C 446 -4.16 -9.81 39.22
N PHE C 447 -3.63 -11.03 39.08
CA PHE C 447 -3.17 -11.79 40.23
C PHE C 447 -1.98 -11.12 40.90
N GLY C 448 -1.12 -10.48 40.11
CA GLY C 448 0.00 -9.75 40.68
C GLY C 448 -0.44 -8.54 41.48
N MET C 449 -1.42 -7.79 40.95
CA MET C 449 -1.94 -6.63 41.68
C MET C 449 -2.61 -7.04 42.99
N LEU C 450 -3.41 -8.12 42.95
CA LEU C 450 -4.07 -8.58 44.17
C LEU C 450 -3.08 -9.16 45.18
N ALA C 451 -2.04 -9.84 44.70
CA ALA C 451 -1.03 -10.39 45.59
C ALA C 451 -0.20 -9.30 46.24
N ILE C 452 0.10 -8.23 45.50
CA ILE C 452 0.88 -7.13 46.07
C ILE C 452 0.05 -6.34 47.08
N PHE C 453 -1.26 -6.15 46.81
CA PHE C 453 -2.14 -5.57 47.81
C PHE C 453 -2.21 -6.43 49.07
N ALA C 454 -2.32 -7.75 48.91
CA ALA C 454 -2.42 -8.65 50.05
C ALA C 454 -1.14 -8.64 50.88
N ALA C 455 0.03 -8.61 50.22
CA ALA C 455 1.30 -8.57 50.93
C ALA C 455 1.48 -7.24 51.66
N SER C 456 1.00 -6.14 51.07
CA SER C 456 1.06 -4.84 51.72
C SER C 456 0.22 -4.80 52.99
N PHE C 457 -1.00 -5.33 52.91
CA PHE C 457 -1.86 -5.34 54.11
C PHE C 457 -1.36 -6.33 55.15
N ILE C 458 -0.73 -7.44 54.71
CA ILE C 458 -0.14 -8.40 55.63
C ILE C 458 1.03 -7.77 56.40
N ALA C 459 1.90 -7.01 55.72
CA ALA C 459 2.98 -6.32 56.39
C ALA C 459 2.51 -5.21 57.32
N ARG C 460 1.47 -4.46 56.92
CA ARG C 460 0.93 -3.43 57.80
C ARG C 460 0.28 -4.03 59.05
N PHE C 461 -0.37 -5.19 58.90
CA PHE C 461 -0.99 -5.84 60.05
C PHE C 461 0.04 -6.34 61.05
N MET C 462 1.17 -6.89 60.58
CA MET C 462 2.16 -7.38 61.54
C MET C 462 2.96 -6.24 62.15
N ALA C 463 3.11 -5.11 61.44
CA ALA C 463 3.69 -3.92 62.06
C ALA C 463 2.79 -3.40 63.17
N PHE C 464 1.47 -3.33 62.90
CA PHE C 464 0.52 -2.92 63.92
C PHE C 464 0.46 -3.91 65.09
N TRP C 465 0.65 -5.20 64.81
CA TRP C 465 0.63 -6.20 65.86
C TRP C 465 1.83 -6.08 66.78
N HIS C 466 3.02 -5.84 66.19
CA HIS C 466 4.21 -5.60 67.01
C HIS C 466 4.08 -4.33 67.84
N ALA C 467 3.51 -3.27 67.25
CA ALA C 467 3.31 -2.02 68.00
C ALA C 467 2.30 -2.19 69.13
N SER C 468 1.22 -2.93 68.88
CA SER C 468 0.21 -3.11 69.92
C SER C 468 0.70 -4.03 71.03
N LYS C 469 1.54 -5.03 70.68
CA LYS C 469 2.14 -5.88 71.70
C LYS C 469 3.11 -5.09 72.57
N ALA C 470 3.93 -4.22 71.95
CA ALA C 470 4.86 -3.40 72.71
C ALA C 470 4.13 -2.37 73.58
N GLN C 471 2.99 -1.87 73.12
CA GLN C 471 2.23 -0.93 73.94
C GLN C 471 1.43 -1.65 75.03
N SER C 472 1.11 -2.92 74.83
CA SER C 472 0.37 -3.67 75.84
C SER C 472 1.28 -4.17 76.96
N ILE C 473 2.51 -4.56 76.64
CA ILE C 473 3.39 -5.10 77.69
C ILE C 473 3.93 -3.97 78.57
N ILE C 474 3.91 -2.74 78.06
CA ILE C 474 4.32 -1.57 78.82
C ILE C 474 3.22 -0.53 78.65
N ASP C 475 2.27 -0.53 79.57
CA ASP C 475 1.14 0.41 79.50
C ASP C 475 1.35 1.58 80.45
N LYS C 485 7.62 10.93 81.67
CA LYS C 485 8.44 10.46 80.55
C LYS C 485 9.86 10.16 81.02
N VAL C 486 10.16 8.88 81.22
CA VAL C 486 11.48 8.45 81.67
C VAL C 486 12.13 7.63 80.56
N THR C 487 13.36 7.18 80.81
CA THR C 487 14.06 6.35 79.82
C THR C 487 13.46 4.95 79.80
N LEU C 488 12.86 4.59 78.67
CA LEU C 488 12.20 3.29 78.54
C LEU C 488 13.23 2.17 78.41
N GLY C 489 12.82 0.97 78.79
CA GLY C 489 13.71 -0.16 78.80
C GLY C 489 14.04 -0.67 77.41
N ASP C 490 15.00 -1.60 77.35
CA ASP C 490 15.50 -2.11 76.08
C ASP C 490 14.64 -3.23 75.52
N ASN C 491 13.32 -3.05 75.50
CA ASN C 491 12.42 -3.93 74.78
C ASN C 491 11.32 -3.20 74.02
N VAL C 492 11.04 -1.94 74.34
CA VAL C 492 10.07 -1.12 73.62
C VAL C 492 10.73 0.19 73.23
N LYS C 493 12.07 0.23 73.25
CA LYS C 493 12.77 1.47 72.94
C LYS C 493 12.86 1.71 71.45
N TYR C 494 12.66 0.67 70.63
CA TYR C 494 12.51 0.85 69.19
C TYR C 494 11.04 1.09 68.85
N TYR C 495 10.42 1.98 69.63
CA TYR C 495 9.09 2.51 69.37
C TYR C 495 9.13 3.92 69.95
N ASN C 496 8.09 4.70 69.65
CA ASN C 496 8.02 6.15 69.90
C ASN C 496 9.18 6.90 69.25
N LEU C 497 9.67 6.41 68.11
CA LEU C 497 10.82 6.97 67.42
C LEU C 497 10.41 7.56 66.08
N ALA C 498 11.26 8.44 65.55
CA ALA C 498 10.99 9.14 64.31
C ALA C 498 11.39 8.30 63.11
N ARG C 499 11.27 8.88 61.92
CA ARG C 499 11.49 8.13 60.68
C ARG C 499 12.97 7.85 60.44
N ILE C 500 13.86 8.65 61.04
CA ILE C 500 15.31 8.45 60.86
C ILE C 500 15.74 7.13 61.49
N LYS C 501 15.22 6.81 62.67
CA LYS C 501 15.73 5.73 63.48
C LYS C 501 14.96 4.43 63.29
N TRP C 502 14.16 4.31 62.24
CA TRP C 502 13.60 3.02 61.88
C TRP C 502 14.67 2.15 61.21
N ASP C 503 14.46 0.85 61.26
CA ASP C 503 15.34 -0.07 60.55
C ASP C 503 15.05 0.00 59.05
N PRO C 504 16.04 -0.34 58.21
CA PRO C 504 15.79 -0.40 56.77
C PRO C 504 14.88 -1.55 56.35
N SER C 505 14.58 -2.50 57.23
CA SER C 505 13.66 -3.58 56.94
C SER C 505 12.45 -3.53 57.88
N ASP C 506 11.99 -2.32 58.20
CA ASP C 506 10.82 -2.17 59.03
C ASP C 506 9.58 -2.65 58.28
N PRO C 507 8.67 -3.39 58.94
CA PRO C 507 7.50 -3.94 58.24
C PRO C 507 6.45 -2.90 57.84
N GLN C 508 6.63 -1.62 58.17
CA GLN C 508 5.75 -0.58 57.66
C GLN C 508 6.25 0.04 56.38
N ILE C 509 7.56 0.17 56.19
CA ILE C 509 8.05 0.70 54.93
C ILE C 509 7.93 -0.34 53.82
N ILE C 510 7.87 -1.64 54.16
CA ILE C 510 7.56 -2.66 53.17
C ILE C 510 6.13 -2.52 52.70
N SER C 511 5.21 -2.24 53.63
CA SER C 511 3.82 -2.00 53.29
C SER C 511 3.66 -0.75 52.43
N GLU C 512 4.38 0.32 52.79
CA GLU C 512 4.29 1.55 52.03
C GLU C 512 4.96 1.43 50.66
N GLY C 513 5.94 0.54 50.52
CA GLY C 513 6.56 0.31 49.23
C GLY C 513 5.70 -0.52 48.31
N LEU C 514 5.04 -1.56 48.85
CA LEU C 514 4.18 -2.38 48.01
C LEU C 514 2.86 -1.71 47.69
N TYR C 515 2.39 -0.81 48.57
CA TYR C 515 1.10 -0.16 48.36
C TYR C 515 1.13 0.76 47.15
N ALA C 516 2.27 1.40 46.88
CA ALA C 516 2.38 2.28 45.71
C ALA C 516 2.35 1.49 44.40
N ILE C 517 3.04 0.34 44.36
CA ILE C 517 3.02 -0.52 43.19
C ILE C 517 1.60 -1.05 42.95
N ALA C 518 0.91 -1.40 44.03
CA ALA C 518 -0.46 -1.91 43.88
C ALA C 518 -1.42 -0.81 43.43
N VAL C 519 -1.21 0.43 43.89
CA VAL C 519 -2.04 1.55 43.47
C VAL C 519 -1.81 1.88 42.00
N VAL C 520 -0.57 1.75 41.51
CA VAL C 520 -0.31 1.95 40.09
C VAL C 520 -0.94 0.83 39.26
N LEU C 521 -0.76 -0.42 39.69
CA LEU C 521 -1.27 -1.55 38.92
C LEU C 521 -2.78 -1.66 38.94
N SER C 522 -3.46 -1.08 39.93
CA SER C 522 -4.92 -1.19 39.99
C SER C 522 -5.62 -0.35 38.93
N PHE C 523 -4.92 0.57 38.27
CA PHE C 523 -5.49 1.33 37.17
C PHE C 523 -5.51 0.56 35.85
N SER C 524 -4.96 -0.66 35.81
CA SER C 524 -4.98 -1.45 34.60
C SER C 524 -6.31 -2.16 34.37
N ARG C 525 -7.25 -2.06 35.31
CA ARG C 525 -8.56 -2.68 35.15
C ARG C 525 -9.52 -1.84 34.33
N ILE C 526 -9.07 -0.70 33.80
CA ILE C 526 -9.84 0.05 32.81
C ILE C 526 -9.96 -0.72 31.51
N ALA C 527 -8.98 -1.57 31.21
CA ALA C 527 -9.00 -2.41 30.01
C ALA C 527 -10.05 -3.50 30.06
N TYR C 528 -10.66 -3.75 31.22
CA TYR C 528 -11.76 -4.71 31.32
C TYR C 528 -13.11 -4.08 31.00
N ILE C 529 -13.24 -2.77 31.13
CA ILE C 529 -14.50 -2.07 30.82
C ILE C 529 -14.39 -1.23 29.56
N LEU C 530 -13.20 -1.07 29.00
CA LEU C 530 -12.95 -0.25 27.82
C LEU C 530 -13.39 -0.83 26.46
N PRO C 531 -13.33 -2.15 26.19
CA PRO C 531 -13.85 -2.62 24.89
C PRO C 531 -15.37 -2.59 24.73
N ALA C 532 -16.13 -2.06 25.68
CA ALA C 532 -17.57 -1.89 25.50
C ALA C 532 -17.92 -0.59 24.79
N ASN C 533 -16.95 0.25 24.50
CA ASN C 533 -17.17 1.56 23.91
C ASN C 533 -16.83 1.53 22.43
N GLU C 534 -17.57 2.31 21.64
CA GLU C 534 -17.38 2.33 20.20
C GLU C 534 -16.18 3.16 19.75
N SER C 535 -15.62 3.98 20.65
CA SER C 535 -14.49 4.83 20.30
C SER C 535 -13.17 4.36 20.89
N PHE C 536 -13.19 3.63 22.00
CA PHE C 536 -11.98 3.17 22.67
C PHE C 536 -11.83 1.66 22.63
N GLY C 537 -12.65 0.98 21.83
CA GLY C 537 -12.51 -0.45 21.60
C GLY C 537 -11.50 -0.81 20.53
N PRO C 538 -11.67 -0.27 19.31
CA PRO C 538 -10.64 -0.47 18.27
C PRO C 538 -9.27 0.10 18.62
N LEU C 539 -9.21 1.12 19.47
CA LEU C 539 -7.91 1.64 19.93
C LEU C 539 -7.20 0.60 20.79
N GLN C 540 -7.93 -0.05 21.69
CA GLN C 540 -7.38 -1.16 22.47
C GLN C 540 -7.00 -2.34 21.60
N ILE C 541 -7.78 -2.59 20.54
CA ILE C 541 -7.46 -3.66 19.59
C ILE C 541 -6.15 -3.36 18.86
N SER C 542 -5.92 -2.09 18.50
CA SER C 542 -4.69 -1.71 17.82
C SER C 542 -3.49 -1.78 18.75
N LEU C 543 -3.68 -1.40 20.03
CA LEU C 543 -2.61 -1.54 21.02
C LEU C 543 -2.22 -3.00 21.21
N GLY C 544 -3.22 -3.89 21.33
CA GLY C 544 -2.92 -5.30 21.46
C GLY C 544 -2.35 -5.92 20.20
N ARG C 545 -2.63 -5.30 19.05
CA ARG C 545 -2.02 -5.76 17.80
C ARG C 545 -0.53 -5.41 17.77
N THR C 546 -0.17 -4.20 18.21
CA THR C 546 1.23 -3.80 18.14
C THR C 546 2.06 -4.24 19.34
N VAL C 547 1.45 -4.77 20.40
CA VAL C 547 2.21 -5.08 21.62
C VAL C 547 3.09 -6.32 21.41
N LYS C 548 2.78 -7.13 20.41
CA LYS C 548 3.53 -8.38 20.23
C LYS C 548 4.93 -8.15 19.65
N ASP C 549 5.13 -7.09 18.88
CA ASP C 549 6.42 -6.77 18.30
C ASP C 549 7.25 -5.86 19.19
N ILE C 550 6.82 -5.65 20.44
CA ILE C 550 7.56 -4.87 21.41
C ILE C 550 8.33 -5.76 22.37
N PHE C 551 7.72 -6.85 22.81
CA PHE C 551 8.37 -7.80 23.71
C PHE C 551 9.42 -8.66 23.02
N LYS C 552 9.51 -8.62 21.69
CA LYS C 552 10.61 -9.24 20.97
C LYS C 552 11.78 -8.29 20.74
N PHE C 553 11.53 -6.98 20.69
CA PHE C 553 12.61 -6.02 20.61
C PHE C 553 13.16 -5.63 21.98
N MET C 554 12.40 -5.87 23.05
CA MET C 554 12.93 -5.69 24.39
C MET C 554 14.05 -6.67 24.68
N VAL C 555 14.04 -7.84 24.05
CA VAL C 555 15.13 -8.80 24.20
C VAL C 555 16.41 -8.27 23.54
N ILE C 556 16.28 -7.62 22.38
CA ILE C 556 17.44 -7.01 21.72
C ILE C 556 17.97 -5.84 22.53
N PHE C 557 17.06 -5.05 23.12
CA PHE C 557 17.44 -3.96 24.02
C PHE C 557 18.20 -4.49 25.23
N ILE C 558 17.74 -5.61 25.80
CA ILE C 558 18.39 -6.20 26.97
C ILE C 558 19.76 -6.75 26.61
N MET C 559 19.89 -7.33 25.40
CA MET C 559 21.19 -7.85 24.95
C MET C 559 22.22 -6.74 24.77
N VAL C 560 21.87 -5.67 24.07
CA VAL C 560 22.79 -4.54 23.89
C VAL C 560 23.12 -3.87 25.23
N PHE C 561 22.11 -3.76 26.11
CA PHE C 561 22.29 -3.16 27.42
C PHE C 561 23.26 -3.95 28.28
N VAL C 562 23.08 -5.28 28.33
CA VAL C 562 23.91 -6.13 29.17
C VAL C 562 25.34 -6.19 28.64
N ALA C 563 25.51 -6.23 27.31
CA ALA C 563 26.83 -6.21 26.69
C ALA C 563 27.60 -4.94 27.04
N PHE C 564 26.98 -3.77 26.84
CA PHE C 564 27.69 -2.53 27.13
C PHE C 564 27.86 -2.30 28.63
N MET C 565 26.95 -2.83 29.45
CA MET C 565 27.08 -2.72 30.90
C MET C 565 28.29 -3.47 31.41
N ILE C 566 28.46 -4.72 30.95
CA ILE C 566 29.62 -5.52 31.37
C ILE C 566 30.90 -4.92 30.82
N GLY C 567 30.88 -4.42 29.58
CA GLY C 567 32.08 -3.83 29.00
C GLY C 567 32.55 -2.57 29.71
N MET C 568 31.64 -1.64 29.96
CA MET C 568 32.04 -0.41 30.63
C MET C 568 32.32 -0.60 32.11
N PHE C 569 31.68 -1.59 32.76
CA PHE C 569 32.05 -1.90 34.12
C PHE C 569 33.43 -2.52 34.19
N ASN C 570 33.79 -3.36 33.22
CA ASN C 570 35.14 -3.90 33.16
C ASN C 570 36.16 -2.82 32.84
N LEU C 571 35.75 -1.77 32.13
CA LEU C 571 36.67 -0.69 31.81
C LEU C 571 36.93 0.22 33.01
N TYR C 572 35.87 0.59 33.74
CA TYR C 572 35.98 1.68 34.71
C TYR C 572 35.98 1.22 36.17
N SER C 573 36.15 -0.07 36.45
CA SER C 573 36.05 -0.52 37.84
C SER C 573 37.30 -0.18 38.65
N TYR C 574 38.44 -0.02 37.99
CA TYR C 574 39.69 0.25 38.70
C TYR C 574 39.90 1.71 39.04
N TYR C 575 38.94 2.57 38.73
CA TYR C 575 39.04 4.01 38.95
C TYR C 575 37.89 4.49 39.81
N ILE C 576 37.64 3.79 40.92
CA ILE C 576 36.42 3.99 41.68
C ILE C 576 36.47 5.30 42.46
N GLY C 577 37.63 5.63 43.02
CA GLY C 577 37.79 6.89 43.72
C GLY C 577 38.42 8.00 42.94
N ALA C 578 38.73 7.78 41.66
CA ALA C 578 39.48 8.73 40.86
C ALA C 578 38.69 9.28 39.68
N LYS C 579 37.37 9.29 39.76
CA LYS C 579 36.52 9.79 38.67
C LYS C 579 35.82 11.07 39.12
N GLN C 580 35.16 11.73 38.17
CA GLN C 580 34.38 12.93 38.50
C GLN C 580 33.10 12.56 39.25
N ASN C 581 32.37 11.57 38.76
CA ASN C 581 31.22 11.04 39.48
C ASN C 581 31.37 9.53 39.62
N GLU C 582 30.38 8.87 40.23
CA GLU C 582 30.51 7.47 40.59
C GLU C 582 30.02 6.52 39.51
N ALA C 583 29.84 7.00 38.28
CA ALA C 583 29.29 6.16 37.22
C ALA C 583 30.30 5.14 36.74
N PHE C 584 29.78 3.97 36.34
CA PHE C 584 30.50 2.82 35.77
C PHE C 584 31.52 2.19 36.71
N THR C 585 31.46 2.49 38.01
CA THR C 585 32.41 1.94 38.97
C THR C 585 31.89 0.70 39.67
N THR C 586 30.58 0.49 39.70
CA THR C 586 29.98 -0.76 40.14
C THR C 586 28.95 -1.18 39.11
N VAL C 587 28.31 -2.32 39.36
CA VAL C 587 27.29 -2.80 38.42
C VAL C 587 26.01 -1.97 38.57
N GLU C 588 25.72 -1.50 39.78
CA GLU C 588 24.54 -0.68 40.01
C GLU C 588 24.67 0.68 39.33
N GLU C 589 25.86 1.29 39.42
CA GLU C 589 26.08 2.59 38.81
C GLU C 589 26.16 2.50 37.30
N SER C 590 26.72 1.40 36.76
CA SER C 590 26.71 1.18 35.33
C SER C 590 25.29 0.96 34.80
N PHE C 591 24.48 0.23 35.58
CA PHE C 591 23.07 0.04 35.25
C PHE C 591 22.33 1.38 35.20
N LYS C 592 22.42 2.17 36.27
CA LYS C 592 21.66 3.41 36.31
C LYS C 592 22.28 4.51 35.48
N THR C 593 23.48 4.31 34.93
CA THR C 593 23.99 5.23 33.92
C THR C 593 23.47 4.87 32.54
N LEU C 594 23.62 3.61 32.15
CA LEU C 594 23.22 3.22 30.80
C LEU C 594 21.71 3.12 30.63
N PHE C 595 20.94 3.00 31.71
CA PHE C 595 19.49 3.00 31.55
C PHE C 595 18.98 4.41 31.31
N TRP C 596 19.44 5.37 32.11
CA TRP C 596 18.97 6.74 31.97
C TRP C 596 19.71 7.51 30.89
N ALA C 597 20.69 6.88 30.23
CA ALA C 597 21.22 7.45 28.99
C ALA C 597 20.24 7.32 27.83
N ILE C 598 19.24 6.45 27.94
CA ILE C 598 18.24 6.28 26.88
C ILE C 598 17.34 7.51 26.81
N PHE C 599 16.95 8.06 27.95
CA PHE C 599 16.08 9.21 28.01
C PHE C 599 16.85 10.52 28.13
N GLY C 600 18.17 10.48 27.99
CA GLY C 600 18.98 11.68 28.07
C GLY C 600 19.18 12.23 29.46
N LEU C 601 19.09 11.40 30.49
CA LEU C 601 19.24 11.83 31.86
C LEU C 601 20.60 11.43 32.45
N SER C 602 21.51 10.96 31.61
CA SER C 602 22.88 10.64 32.02
C SER C 602 23.82 11.59 31.30
N GLU C 603 24.60 12.34 32.08
CA GLU C 603 25.45 13.38 31.52
C GLU C 603 26.68 12.78 30.87
N VAL C 604 27.33 13.58 30.02
CA VAL C 604 28.46 13.10 29.23
C VAL C 604 29.75 13.09 30.06
N LYS C 605 29.80 13.83 31.16
CA LYS C 605 30.96 13.81 32.05
C LYS C 605 30.96 12.62 33.00
N SER C 606 30.08 11.64 32.80
CA SER C 606 30.05 10.39 33.55
C SER C 606 31.13 9.41 33.11
N VAL C 607 31.95 9.79 32.14
CA VAL C 607 32.86 8.87 31.46
C VAL C 607 34.32 9.33 31.54
N VAL C 608 34.58 10.49 32.14
CA VAL C 608 35.92 11.05 32.20
C VAL C 608 36.55 10.68 33.55
N ILE C 609 37.87 10.63 33.60
CA ILE C 609 38.60 10.33 34.81
C ILE C 609 39.48 11.52 35.17
N ASN C 610 40.12 11.45 36.33
CA ASN C 610 40.94 12.54 36.83
C ASN C 610 42.41 12.42 36.44
N TYR C 611 42.89 11.23 36.13
CA TYR C 611 44.30 11.03 35.83
C TYR C 611 44.58 11.42 34.39
N ASN C 612 45.83 11.23 33.96
CA ASN C 612 46.21 11.49 32.58
C ASN C 612 46.24 10.19 31.75
N HIS C 613 45.36 9.26 32.07
CA HIS C 613 45.17 8.05 31.26
C HIS C 613 44.06 8.35 30.27
N LYS C 614 44.41 9.02 29.18
CA LYS C 614 43.43 9.39 28.17
C LYS C 614 43.10 8.24 27.23
N PHE C 615 43.88 7.15 27.28
CA PHE C 615 43.55 5.94 26.55
C PHE C 615 42.21 5.37 26.99
N ILE C 616 42.06 5.14 28.29
CA ILE C 616 40.85 4.53 28.85
C ILE C 616 39.67 5.49 28.73
N GLU C 617 39.93 6.80 28.86
CA GLU C 617 38.89 7.80 28.71
C GLU C 617 38.37 7.86 27.28
N ASN C 618 39.25 7.71 26.29
CA ASN C 618 38.80 7.72 24.89
C ASN C 618 38.08 6.43 24.53
N ILE C 619 38.50 5.30 25.13
CA ILE C 619 37.74 4.06 25.00
C ILE C 619 36.32 4.24 25.54
N GLY C 620 36.21 4.93 26.68
CA GLY C 620 34.89 5.18 27.26
C GLY C 620 34.00 6.08 26.41
N TYR C 621 34.59 7.15 25.85
CA TYR C 621 33.84 8.00 24.90
C TYR C 621 33.34 7.21 23.70
N VAL C 622 34.21 6.40 23.09
CA VAL C 622 33.82 5.66 21.90
C VAL C 622 32.74 4.63 22.23
N LEU C 623 32.87 3.94 23.37
CA LEU C 623 31.89 2.93 23.76
C LEU C 623 30.54 3.56 24.07
N TYR C 624 30.54 4.73 24.70
CA TYR C 624 29.29 5.38 25.08
C TYR C 624 28.56 5.95 23.86
N GLY C 625 29.33 6.51 22.91
CA GLY C 625 28.73 6.97 21.66
C GLY C 625 28.16 5.83 20.82
N VAL C 626 28.88 4.71 20.75
CA VAL C 626 28.40 3.55 20.01
C VAL C 626 27.15 2.96 20.65
N TYR C 627 27.09 2.99 21.99
CA TYR C 627 25.89 2.53 22.70
C TYR C 627 24.67 3.39 22.37
N ASN C 628 24.86 4.72 22.36
CA ASN C 628 23.74 5.62 22.07
C ASN C 628 23.24 5.47 20.64
N VAL C 629 24.16 5.36 19.67
CA VAL C 629 23.76 5.20 18.28
C VAL C 629 23.07 3.85 18.05
N THR C 630 23.58 2.80 18.70
CA THR C 630 22.99 1.47 18.57
C THR C 630 21.58 1.41 19.16
N MET C 631 21.36 2.09 20.29
CA MET C 631 20.04 2.12 20.89
C MET C 631 19.05 2.89 20.01
N VAL C 632 19.49 3.99 19.39
CA VAL C 632 18.63 4.72 18.46
C VAL C 632 18.28 3.87 17.24
N ILE C 633 19.24 3.07 16.76
CA ILE C 633 18.99 2.21 15.59
C ILE C 633 18.00 1.10 15.93
N VAL C 634 18.12 0.50 17.11
CA VAL C 634 17.18 -0.56 17.53
C VAL C 634 15.78 0.03 17.74
N LEU C 635 15.70 1.26 18.24
CA LEU C 635 14.38 1.90 18.37
C LEU C 635 13.75 2.20 17.01
N LEU C 636 14.55 2.68 16.05
CA LEU C 636 14.03 2.94 14.72
C LEU C 636 13.65 1.67 13.98
N ASN C 637 14.25 0.54 14.30
CA ASN C 637 13.80 -0.71 13.70
C ASN C 637 12.56 -1.28 14.39
N MET C 638 12.42 -1.04 15.69
CA MET C 638 11.20 -1.42 16.40
C MET C 638 9.99 -0.66 15.87
N LEU C 639 10.20 0.62 15.50
CA LEU C 639 9.11 1.42 14.93
C LEU C 639 8.63 0.85 13.59
N ILE C 640 9.57 0.44 12.73
CA ILE C 640 9.21 -0.11 11.43
C ILE C 640 8.53 -1.47 11.58
N ALA C 641 9.00 -2.28 12.54
CA ALA C 641 8.35 -3.57 12.80
C ALA C 641 6.94 -3.38 13.33
N MET C 642 6.73 -2.36 14.16
CA MET C 642 5.38 -2.07 14.65
C MET C 642 4.48 -1.52 13.56
N ILE C 643 5.05 -0.80 12.58
CA ILE C 643 4.25 -0.33 11.45
C ILE C 643 3.84 -1.51 10.55
N ASN C 644 4.79 -2.41 10.28
CA ASN C 644 4.51 -3.57 9.44
C ASN C 644 3.54 -4.54 10.11
N SER C 645 3.58 -4.62 11.44
CA SER C 645 2.66 -5.47 12.18
C SER C 645 1.24 -4.92 12.23
N SER C 646 1.03 -3.66 11.82
CA SER C 646 -0.29 -3.07 11.77
C SER C 646 -0.81 -2.86 10.36
N PHE C 647 0.05 -2.83 9.35
CA PHE C 647 -0.43 -2.69 7.98
C PHE C 647 -0.89 -4.02 7.38
N GLN C 648 -0.71 -5.14 8.09
CA GLN C 648 -1.17 -6.42 7.59
C GLN C 648 -2.68 -6.59 7.71
N GLU C 649 -3.33 -5.82 8.57
CA GLU C 649 -4.75 -5.98 8.84
C GLU C 649 -5.59 -5.32 7.75
N ILE C 650 -6.69 -5.98 7.39
CA ILE C 650 -7.64 -5.44 6.43
C ILE C 650 -8.57 -4.47 7.14
N GLU C 651 -9.36 -3.72 6.37
CA GLU C 651 -10.29 -2.75 6.96
C GLU C 651 -11.49 -3.42 7.61
N ASP C 652 -11.91 -4.58 7.14
CA ASP C 652 -13.09 -5.21 7.72
C ASP C 652 -12.73 -6.08 8.87
N ASP C 653 -11.44 -6.33 9.07
CA ASP C 653 -11.02 -7.17 10.16
C ASP C 653 -10.63 -6.37 11.37
N ALA C 654 -10.69 -5.04 11.28
CA ALA C 654 -10.31 -4.21 12.40
C ALA C 654 -11.53 -3.93 13.25
N ASP C 655 -12.67 -4.08 12.60
CA ASP C 655 -14.01 -3.94 13.16
C ASP C 655 -14.58 -5.27 13.61
N VAL C 656 -14.26 -6.35 12.89
CA VAL C 656 -14.66 -7.70 13.29
C VAL C 656 -14.01 -8.08 14.61
N GLU C 657 -12.74 -7.68 14.80
CA GLU C 657 -12.02 -7.97 16.04
C GLU C 657 -12.64 -7.23 17.24
N TRP C 658 -12.99 -5.96 17.06
CA TRP C 658 -13.61 -5.20 18.15
C TRP C 658 -15.00 -5.73 18.46
N LYS C 659 -15.77 -6.10 17.44
CA LYS C 659 -17.10 -6.65 17.69
C LYS C 659 -17.04 -8.01 18.37
N PHE C 660 -16.02 -8.82 18.06
CA PHE C 660 -15.83 -10.08 18.76
C PHE C 660 -15.43 -9.87 20.21
N ALA C 661 -14.56 -8.88 20.47
CA ALA C 661 -14.17 -8.59 21.86
C ALA C 661 -15.33 -8.03 22.67
N ARG C 662 -16.16 -7.18 22.05
CA ARG C 662 -17.33 -6.65 22.73
C ARG C 662 -18.36 -7.73 22.99
N ALA C 663 -18.49 -8.70 22.08
CA ALA C 663 -19.42 -9.79 22.32
C ALA C 663 -18.92 -10.75 23.38
N LYS C 664 -17.60 -10.95 23.50
CA LYS C 664 -17.07 -11.72 24.62
C LYS C 664 -17.31 -11.01 25.94
N LEU C 665 -17.19 -9.68 25.95
CA LEU C 665 -17.54 -8.89 27.13
C LEU C 665 -19.02 -9.02 27.46
N TRP C 666 -19.87 -9.10 26.43
CA TRP C 666 -21.31 -9.29 26.63
C TRP C 666 -21.62 -10.65 27.24
N PHE C 667 -21.02 -11.71 26.71
CA PHE C 667 -21.23 -13.05 27.26
C PHE C 667 -20.58 -13.24 28.62
N SER C 668 -19.66 -12.35 29.00
CA SER C 668 -19.21 -12.38 30.39
C SER C 668 -20.26 -11.89 31.38
N TYR C 669 -21.35 -11.25 30.91
CA TYR C 669 -22.39 -10.76 31.80
C TYR C 669 -23.74 -11.44 31.60
N PHE C 670 -23.88 -12.35 30.63
CA PHE C 670 -25.16 -13.02 30.42
C PHE C 670 -25.41 -14.08 31.49
N GLU C 671 -24.35 -14.59 32.10
CA GLU C 671 -24.49 -15.60 33.15
C GLU C 671 -25.07 -14.97 34.40
N GLU C 672 -25.94 -15.71 35.08
CA GLU C 672 -26.61 -15.21 36.28
C GLU C 672 -25.79 -15.42 37.55
N GLY C 673 -24.48 -15.64 37.41
CA GLY C 673 -23.67 -15.99 38.56
C GLY C 673 -23.34 -14.81 39.46
N ARG C 674 -22.90 -13.69 38.86
CA ARG C 674 -22.36 -12.59 39.65
C ARG C 674 -23.44 -11.76 40.36
N THR C 675 -24.33 -11.09 39.61
CA THR C 675 -25.62 -10.52 40.08
C THR C 675 -25.43 -9.29 41.01
N LEU C 676 -24.20 -9.05 41.47
CA LEU C 676 -23.86 -8.00 42.42
C LEU C 676 -22.46 -7.48 42.15
N PRO C 677 -22.15 -6.23 42.51
CA PRO C 677 -20.77 -5.73 42.35
C PRO C 677 -19.81 -6.39 43.35
N VAL C 678 -18.54 -6.05 43.20
CA VAL C 678 -17.45 -6.76 43.88
C VAL C 678 -17.39 -6.56 45.41
N PRO C 679 -17.80 -5.41 46.07
CA PRO C 679 -17.73 -5.45 47.54
C PRO C 679 -18.87 -6.24 48.17
N PHE C 680 -19.97 -6.42 47.44
CA PHE C 680 -21.18 -7.00 48.01
C PHE C 680 -21.33 -8.50 47.75
N ASN C 681 -20.46 -9.12 46.96
CA ASN C 681 -20.64 -10.54 46.68
C ASN C 681 -20.15 -11.45 47.80
N LEU C 682 -19.50 -10.90 48.84
CA LEU C 682 -19.05 -11.70 49.97
C LEU C 682 -20.20 -12.16 50.85
N VAL C 683 -21.32 -11.45 50.84
CA VAL C 683 -22.47 -11.80 51.67
C VAL C 683 -23.42 -12.71 50.89
N ARG C 769 -39.58 -31.89 11.44
CA ARG C 769 -40.42 -30.86 12.03
C ARG C 769 -40.25 -29.53 11.29
N GLN C 770 -40.14 -28.44 12.04
CA GLN C 770 -39.97 -27.13 11.42
C GLN C 770 -38.50 -26.82 11.17
N TYR C 771 -37.61 -27.32 12.02
CA TYR C 771 -36.19 -27.01 11.89
C TYR C 771 -35.59 -27.66 10.65
N GLN C 772 -36.01 -28.88 10.34
CA GLN C 772 -35.54 -29.56 9.13
C GLN C 772 -36.06 -28.87 7.88
N LYS C 773 -37.30 -28.36 7.93
CA LYS C 773 -37.86 -27.62 6.80
C LYS C 773 -37.11 -26.31 6.56
N ILE C 774 -36.80 -25.59 7.65
CA ILE C 774 -36.06 -24.34 7.53
C ILE C 774 -34.63 -24.59 7.04
N MET C 775 -34.00 -25.66 7.51
CA MET C 775 -32.65 -25.97 7.06
C MET C 775 -32.61 -26.43 5.61
N LYS C 776 -33.64 -27.13 5.15
CA LYS C 776 -33.74 -27.50 3.75
C LYS C 776 -33.91 -26.27 2.86
N ARG C 777 -34.76 -25.34 3.29
CA ARG C 777 -34.95 -24.08 2.56
C ARG C 777 -33.66 -23.26 2.49
N LEU C 778 -32.92 -23.21 3.60
CA LEU C 778 -31.69 -22.42 3.62
C LEU C 778 -30.57 -23.08 2.83
N ILE C 779 -30.52 -24.41 2.82
CA ILE C 779 -29.52 -25.10 2.00
C ILE C 779 -29.82 -24.92 0.52
N LYS C 780 -31.10 -24.88 0.14
CA LYS C 780 -31.42 -24.63 -1.27
C LYS C 780 -31.08 -23.20 -1.67
N ARG C 781 -31.34 -22.23 -0.78
CA ARG C 781 -30.91 -20.84 -1.03
C ARG C 781 -29.39 -20.74 -1.17
N TYR C 782 -28.66 -21.49 -0.35
CA TYR C 782 -27.19 -21.44 -0.40
C TYR C 782 -26.67 -22.02 -1.70
N THR C 783 -27.28 -23.11 -2.18
CA THR C 783 -26.78 -23.72 -3.42
C THR C 783 -27.11 -22.86 -4.64
N THR C 784 -28.29 -22.23 -4.65
CA THR C 784 -28.61 -21.32 -5.76
C THR C 784 -27.70 -20.09 -5.75
N GLN C 785 -27.43 -19.53 -4.57
CA GLN C 785 -26.53 -18.38 -4.49
C GLN C 785 -25.10 -18.76 -4.84
N ALA C 786 -24.67 -19.99 -4.53
CA ALA C 786 -23.33 -20.42 -4.87
C ALA C 786 -23.18 -20.62 -6.37
N GLN C 787 -24.23 -21.11 -7.03
CA GLN C 787 -24.19 -21.21 -8.49
C GLN C 787 -24.20 -19.84 -9.15
N ILE C 788 -24.92 -18.87 -8.57
CA ILE C 788 -24.86 -17.49 -9.06
C ILE C 788 -23.46 -16.91 -8.91
N ASP C 789 -22.83 -17.18 -7.76
CA ASP C 789 -21.50 -16.64 -7.49
C ASP C 789 -20.43 -17.25 -8.38
N LYS C 790 -20.56 -18.54 -8.73
CA LYS C 790 -19.59 -19.10 -9.68
C LYS C 790 -19.91 -18.67 -11.10
N GLU C 791 -21.17 -18.33 -11.40
CA GLU C 791 -21.47 -17.72 -12.69
C GLU C 791 -20.96 -16.29 -12.80
N SER C 792 -20.71 -15.61 -11.68
CA SER C 792 -20.14 -14.27 -11.70
C SER C 792 -18.61 -14.27 -11.72
N ASP C 793 -17.99 -15.42 -11.99
CA ASP C 793 -16.54 -15.52 -12.06
C ASP C 793 -16.08 -15.22 -13.48
N GLU C 794 -14.82 -14.82 -13.62
CA GLU C 794 -14.28 -14.38 -14.91
C GLU C 794 -14.17 -15.56 -15.88
N VAL C 795 -14.04 -15.22 -17.16
CA VAL C 795 -13.91 -16.23 -18.21
C VAL C 795 -12.43 -16.46 -18.48
N ASN C 796 -12.00 -17.71 -18.41
CA ASN C 796 -10.66 -18.09 -18.83
C ASN C 796 -10.72 -18.72 -20.22
N GLU C 797 -9.56 -19.06 -20.76
CA GLU C 797 -9.49 -19.41 -22.17
C GLU C 797 -9.77 -20.88 -22.47
N GLY C 798 -10.04 -21.71 -21.47
CA GLY C 798 -10.47 -23.08 -21.74
C GLY C 798 -11.93 -23.15 -22.14
N GLU C 799 -12.73 -22.24 -21.58
CA GLU C 799 -14.15 -22.19 -21.88
C GLU C 799 -14.40 -21.69 -23.29
N LEU C 800 -13.61 -20.71 -23.74
CA LEU C 800 -13.72 -20.23 -25.11
C LEU C 800 -13.25 -21.30 -26.10
N LYS C 801 -12.28 -22.12 -25.69
CA LYS C 801 -11.88 -23.27 -26.50
C LYS C 801 -13.00 -24.30 -26.60
N GLU C 802 -13.76 -24.47 -25.53
CA GLU C 802 -14.93 -25.36 -25.57
C GLU C 802 -15.99 -24.83 -26.53
N ILE C 803 -16.20 -23.51 -26.55
CA ILE C 803 -17.10 -22.89 -27.53
C ILE C 803 -16.60 -23.11 -28.96
N LYS C 804 -15.28 -22.99 -29.15
CA LYS C 804 -14.68 -23.20 -30.47
C LYS C 804 -14.86 -24.63 -30.96
N GLN C 805 -14.73 -25.60 -30.06
CA GLN C 805 -14.94 -26.99 -30.44
C GLN C 805 -16.40 -27.30 -30.73
N ASP C 806 -17.31 -26.60 -30.03
CA ASP C 806 -18.74 -26.70 -30.36
C ASP C 806 -19.00 -26.23 -31.78
N ILE C 807 -18.42 -25.08 -32.17
CA ILE C 807 -18.60 -24.54 -33.51
C ILE C 807 -18.00 -25.47 -34.57
N SER C 808 -16.84 -26.07 -34.27
CA SER C 808 -16.18 -26.93 -35.26
C SER C 808 -16.95 -28.23 -35.48
N SER C 809 -17.45 -28.84 -34.39
CA SER C 809 -18.22 -30.08 -34.54
C SER C 809 -19.56 -29.81 -35.22
N LEU C 810 -20.16 -28.65 -34.95
CA LEU C 810 -21.38 -28.25 -35.66
C LEU C 810 -21.11 -28.07 -37.15
N ARG C 811 -19.95 -27.50 -37.50
CA ARG C 811 -19.57 -27.33 -38.90
C ARG C 811 -19.42 -28.66 -39.61
N TYR C 812 -18.76 -29.64 -38.95
CA TYR C 812 -18.57 -30.96 -39.53
C TYR C 812 -19.92 -31.66 -39.75
N GLU C 813 -20.81 -31.59 -38.76
CA GLU C 813 -22.13 -32.21 -38.88
C GLU C 813 -22.95 -31.59 -40.00
N LEU C 814 -22.93 -30.26 -40.13
CA LEU C 814 -23.75 -29.61 -41.13
C LEU C 814 -23.24 -29.85 -42.55
N LEU C 815 -21.92 -29.81 -42.73
CA LEU C 815 -21.36 -30.06 -44.06
C LEU C 815 -21.58 -31.50 -44.50
N GLU C 816 -21.47 -32.45 -43.57
CA GLU C 816 -21.72 -33.84 -43.95
C GLU C 816 -23.20 -34.09 -44.20
N GLU C 817 -24.09 -33.41 -43.46
CA GLU C 817 -25.52 -33.57 -43.68
C GLU C 817 -25.93 -33.03 -45.05
N LYS C 818 -25.40 -31.87 -45.43
CA LYS C 818 -25.69 -31.31 -46.75
C LYS C 818 -25.13 -32.20 -47.86
N SER C 819 -23.93 -32.74 -47.66
CA SER C 819 -23.32 -33.62 -48.64
C SER C 819 -24.11 -34.91 -48.84
N GLN C 820 -24.51 -35.56 -47.73
CA GLN C 820 -25.23 -36.82 -47.85
C GLN C 820 -26.64 -36.62 -48.38
N ASN C 821 -27.27 -35.48 -48.06
CA ASN C 821 -28.59 -35.18 -48.60
C ASN C 821 -28.53 -34.98 -50.11
N THR C 822 -27.53 -34.20 -50.56
CA THR C 822 -27.36 -33.96 -51.99
C THR C 822 -27.07 -35.24 -52.76
N GLU C 823 -26.15 -36.08 -52.26
CA GLU C 823 -25.77 -37.25 -53.03
C GLU C 823 -26.85 -38.32 -53.00
N ASP C 824 -27.49 -38.56 -51.84
CA ASP C 824 -28.50 -39.59 -51.73
C ASP C 824 -29.80 -39.17 -52.38
N LEU C 825 -30.03 -37.88 -52.59
CA LEU C 825 -31.11 -37.49 -53.48
C LEU C 825 -30.71 -37.66 -54.94
N ALA C 826 -29.44 -37.36 -55.26
CA ALA C 826 -28.99 -37.35 -56.65
C ALA C 826 -29.00 -38.72 -57.30
N GLU C 827 -28.61 -39.79 -56.56
CA GLU C 827 -28.56 -41.10 -57.21
C GLU C 827 -29.96 -41.61 -57.54
N LEU C 828 -30.93 -41.36 -56.67
CA LEU C 828 -32.28 -41.83 -56.96
C LEU C 828 -32.95 -40.97 -58.04
N ILE C 829 -32.64 -39.67 -58.10
CA ILE C 829 -33.22 -38.86 -59.17
C ILE C 829 -32.59 -39.21 -60.53
N ARG C 830 -31.30 -39.56 -60.56
CA ARG C 830 -30.75 -40.00 -61.85
C ARG C 830 -31.22 -41.41 -62.21
N GLU C 831 -31.50 -42.25 -61.21
CA GLU C 831 -32.02 -43.58 -61.48
C GLU C 831 -33.44 -43.53 -62.03
N LEU C 832 -34.23 -42.53 -61.61
CA LEU C 832 -35.48 -42.26 -62.29
C LEU C 832 -35.33 -41.38 -63.52
N GLY C 833 -34.15 -40.82 -63.75
CA GLY C 833 -33.88 -40.08 -64.96
C GLY C 833 -33.39 -40.90 -66.13
N GLU C 834 -32.89 -42.10 -65.86
CA GLU C 834 -32.59 -43.03 -66.94
C GLU C 834 -33.81 -43.81 -67.40
N LYS C 835 -34.95 -43.64 -66.74
CA LYS C 835 -36.20 -44.32 -67.10
C LYS C 835 -36.92 -43.64 -68.26
N LEU C 836 -36.44 -42.50 -68.73
CA LEU C 836 -37.12 -41.76 -69.78
C LEU C 836 -36.19 -41.51 -70.96
N ALA D 1 -25.39 -41.34 5.46
CA ALA D 1 -26.38 -41.92 4.57
C ALA D 1 -27.50 -40.91 4.27
N TYR D 2 -27.17 -39.62 4.40
CA TYR D 2 -28.12 -38.55 4.15
C TYR D 2 -27.83 -37.87 2.82
N MET D 3 -28.89 -37.36 2.20
CA MET D 3 -28.80 -36.62 0.96
C MET D 3 -29.84 -35.50 1.04
N PHE D 4 -29.63 -34.45 0.23
CA PHE D 4 -30.52 -33.28 0.23
C PHE D 4 -31.94 -33.68 -0.21
N SER D 5 -32.06 -34.32 -1.37
CA SER D 5 -33.28 -34.94 -1.89
C SER D 5 -34.41 -33.93 -2.04
N ASP D 6 -34.20 -32.99 -2.97
CA ASP D 6 -35.18 -31.94 -3.22
C ASP D 6 -36.40 -32.41 -4.05
N ARG D 7 -36.53 -33.67 -4.44
CA ARG D 7 -37.74 -34.12 -5.14
C ARG D 7 -38.27 -35.42 -4.52
N SER D 8 -37.39 -36.21 -3.91
CA SER D 8 -37.71 -37.39 -3.11
C SER D 8 -38.45 -38.46 -3.91
N THR D 9 -38.17 -38.53 -5.21
CA THR D 9 -38.78 -39.51 -6.10
C THR D 9 -37.88 -39.67 -7.32
N SER D 10 -38.37 -40.42 -8.31
CA SER D 10 -37.67 -40.61 -9.56
C SER D 10 -38.60 -40.27 -10.72
N LEU D 11 -38.01 -39.76 -11.79
CA LEU D 11 -38.75 -39.32 -12.96
C LEU D 11 -38.98 -40.47 -13.93
N SER D 12 -39.92 -40.25 -14.85
CA SER D 12 -40.15 -41.17 -15.95
C SER D 12 -39.11 -40.91 -17.04
N ILE D 13 -39.14 -41.71 -18.10
CA ILE D 13 -38.27 -41.44 -19.24
C ILE D 13 -38.84 -40.33 -20.12
N GLU D 14 -40.16 -40.28 -20.25
CA GLU D 14 -40.84 -39.23 -21.00
C GLU D 14 -40.91 -37.91 -20.25
N GLU D 15 -40.44 -37.86 -19.01
CA GLU D 15 -40.30 -36.62 -18.28
C GLU D 15 -38.87 -36.13 -18.22
N GLU D 16 -37.91 -37.04 -18.02
CA GLU D 16 -36.50 -36.67 -18.09
C GLU D 16 -36.10 -36.26 -19.51
N ARG D 17 -36.68 -36.91 -20.52
CA ARG D 17 -36.44 -36.54 -21.91
C ARG D 17 -36.98 -35.14 -22.20
N PHE D 18 -38.17 -34.84 -21.70
CA PHE D 18 -38.78 -33.52 -21.89
C PHE D 18 -38.02 -32.43 -21.13
N LEU D 19 -37.53 -32.74 -19.93
CA LEU D 19 -36.78 -31.75 -19.17
C LEU D 19 -35.40 -31.49 -19.78
N ASP D 20 -34.75 -32.52 -20.33
CA ASP D 20 -33.49 -32.31 -21.03
C ASP D 20 -33.70 -31.52 -22.32
N ALA D 21 -34.80 -31.77 -23.03
CA ALA D 21 -35.11 -31.02 -24.24
C ALA D 21 -35.43 -29.57 -23.92
N ALA D 22 -36.09 -29.31 -22.79
CA ALA D 22 -36.39 -27.94 -22.41
C ALA D 22 -35.16 -27.21 -21.91
N GLU D 23 -34.24 -27.93 -21.26
CA GLU D 23 -33.04 -27.29 -20.73
C GLU D 23 -32.04 -26.97 -21.83
N TYR D 24 -31.81 -27.90 -22.75
CA TYR D 24 -30.70 -27.77 -23.69
C TYR D 24 -31.12 -27.23 -25.05
N GLY D 25 -32.35 -26.77 -25.20
CA GLY D 25 -32.75 -26.05 -26.39
C GLY D 25 -33.29 -26.90 -27.51
N ASN D 26 -33.74 -28.12 -27.23
CA ASN D 26 -34.26 -29.02 -28.26
C ASN D 26 -35.71 -28.65 -28.54
N ILE D 27 -35.88 -27.63 -29.38
CA ILE D 27 -37.17 -27.08 -29.77
C ILE D 27 -38.11 -28.07 -30.48
N PRO D 28 -37.68 -28.88 -31.46
CA PRO D 28 -38.67 -29.78 -32.10
C PRO D 28 -39.16 -30.90 -31.20
N VAL D 29 -38.32 -31.41 -30.31
CA VAL D 29 -38.75 -32.42 -29.34
C VAL D 29 -39.78 -31.83 -28.38
N VAL D 30 -39.56 -30.58 -27.94
CA VAL D 30 -40.49 -29.90 -27.04
C VAL D 30 -41.82 -29.65 -27.74
N ARG D 31 -41.76 -29.24 -29.02
CA ARG D 31 -42.97 -29.00 -29.79
C ARG D 31 -43.75 -30.27 -30.04
N LYS D 32 -43.05 -31.37 -30.32
CA LYS D 32 -43.72 -32.64 -30.59
C LYS D 32 -44.33 -33.21 -29.33
N MET D 33 -43.65 -33.07 -28.19
CA MET D 33 -44.20 -33.58 -26.93
C MET D 33 -45.25 -32.67 -26.34
N LEU D 34 -45.34 -31.41 -26.79
CA LEU D 34 -46.48 -30.57 -26.42
C LEU D 34 -47.67 -30.74 -27.35
N GLU D 35 -47.45 -31.16 -28.60
CA GLU D 35 -48.55 -31.37 -29.54
C GLU D 35 -49.05 -32.80 -29.58
N GLU D 36 -48.17 -33.80 -29.38
CA GLU D 36 -48.53 -35.20 -29.56
C GLU D 36 -48.20 -36.06 -28.34
N CYS D 37 -48.46 -35.55 -27.13
CA CYS D 37 -48.31 -36.35 -25.92
C CYS D 37 -49.26 -35.81 -24.86
N HIS D 38 -50.15 -36.68 -24.36
CA HIS D 38 -51.19 -36.27 -23.45
C HIS D 38 -51.04 -36.81 -22.04
N SER D 39 -50.21 -37.83 -21.82
CA SER D 39 -49.93 -38.35 -20.49
C SER D 39 -48.73 -37.68 -19.84
N LEU D 40 -48.44 -36.42 -20.19
CA LEU D 40 -47.32 -35.71 -19.61
C LEU D 40 -47.77 -34.54 -18.78
N ASN D 41 -47.05 -34.26 -17.72
CA ASN D 41 -47.29 -33.19 -16.81
C ASN D 41 -46.33 -32.07 -17.19
N VAL D 42 -46.75 -30.92 -17.64
CA VAL D 42 -45.79 -29.92 -18.01
C VAL D 42 -45.07 -29.42 -16.80
N ASN D 43 -45.69 -29.59 -15.66
CA ASN D 43 -45.11 -29.10 -14.42
C ASN D 43 -44.27 -30.16 -13.73
N CYS D 44 -43.75 -31.13 -14.48
CA CYS D 44 -42.82 -32.09 -13.93
C CYS D 44 -41.53 -31.38 -13.52
N VAL D 45 -40.91 -31.87 -12.45
CA VAL D 45 -39.94 -31.10 -11.70
C VAL D 45 -38.61 -31.84 -11.72
N ASP D 46 -37.52 -31.09 -11.59
CA ASP D 46 -36.18 -31.62 -11.74
C ASP D 46 -35.71 -32.26 -10.44
N TYR D 47 -34.43 -32.60 -10.38
CA TYR D 47 -33.81 -33.07 -9.15
C TYR D 47 -33.68 -31.97 -8.10
N MET D 48 -33.69 -30.70 -8.52
CA MET D 48 -33.40 -29.58 -7.65
C MET D 48 -34.66 -28.79 -7.30
N GLY D 49 -35.72 -28.95 -8.08
CA GLY D 49 -36.95 -28.23 -7.84
C GLY D 49 -37.34 -27.25 -8.93
N GLN D 50 -36.94 -27.50 -10.17
CA GLN D 50 -37.20 -26.59 -11.28
C GLN D 50 -38.03 -27.28 -12.36
N ASN D 51 -39.10 -26.62 -12.80
CA ASN D 51 -39.91 -27.15 -13.90
C ASN D 51 -39.34 -26.63 -15.22
N ALA D 52 -39.99 -26.99 -16.34
CA ALA D 52 -39.40 -26.77 -17.66
C ALA D 52 -39.36 -25.30 -18.05
N LEU D 53 -40.29 -24.49 -17.55
CA LEU D 53 -40.26 -23.06 -17.83
C LEU D 53 -39.07 -22.40 -17.16
N GLN D 54 -38.67 -22.88 -15.99
CA GLN D 54 -37.54 -22.28 -15.29
C GLN D 54 -36.22 -22.68 -15.93
N LEU D 55 -36.14 -23.89 -16.48
CA LEU D 55 -34.94 -24.27 -17.24
C LEU D 55 -34.87 -23.52 -18.57
N ALA D 56 -36.02 -23.26 -19.18
CA ALA D 56 -36.03 -22.51 -20.44
C ALA D 56 -35.69 -21.04 -20.24
N VAL D 57 -36.13 -20.45 -19.13
CA VAL D 57 -35.83 -19.05 -18.86
C VAL D 57 -34.40 -18.89 -18.39
N ALA D 58 -33.91 -19.82 -17.55
CA ALA D 58 -32.56 -19.73 -17.01
C ALA D 58 -31.47 -19.96 -18.05
N ASN D 59 -31.80 -20.48 -19.23
CA ASN D 59 -30.82 -20.78 -20.25
C ASN D 59 -30.95 -19.93 -21.50
N GLU D 60 -31.81 -18.89 -21.48
CA GLU D 60 -32.07 -17.99 -22.60
C GLU D 60 -32.55 -18.79 -23.82
N HIS D 61 -33.74 -19.36 -23.67
CA HIS D 61 -34.41 -20.10 -24.73
C HIS D 61 -35.76 -19.41 -24.95
N LEU D 62 -35.81 -18.50 -25.92
CA LEU D 62 -37.01 -17.73 -26.17
C LEU D 62 -38.08 -18.54 -26.87
N GLU D 63 -37.68 -19.46 -27.75
CA GLU D 63 -38.65 -20.23 -28.53
C GLU D 63 -39.37 -21.24 -27.66
N ILE D 64 -38.63 -21.89 -26.75
CA ILE D 64 -39.24 -22.84 -25.82
C ILE D 64 -40.12 -22.10 -24.82
N THR D 65 -39.73 -20.88 -24.44
CA THR D 65 -40.53 -20.09 -23.52
C THR D 65 -41.85 -19.67 -24.15
N GLU D 66 -41.81 -19.17 -25.39
CA GLU D 66 -43.03 -18.81 -26.10
C GLU D 66 -43.87 -20.03 -26.46
N LEU D 67 -43.25 -21.21 -26.55
CA LEU D 67 -43.99 -22.42 -26.85
C LEU D 67 -44.66 -22.98 -25.60
N LEU D 68 -44.02 -22.85 -24.44
CA LEU D 68 -44.61 -23.31 -23.19
C LEU D 68 -45.68 -22.34 -22.69
N LEU D 69 -45.55 -21.04 -22.97
CA LEU D 69 -46.48 -20.03 -22.47
C LEU D 69 -47.90 -20.12 -23.08
N LYS D 70 -48.25 -21.08 -23.93
CA LYS D 70 -49.60 -21.22 -24.45
C LYS D 70 -50.31 -22.46 -23.93
N LYS D 71 -49.92 -22.95 -22.75
CA LYS D 71 -50.47 -24.18 -22.23
C LYS D 71 -51.66 -23.97 -21.29
N GLU D 72 -51.74 -22.79 -20.65
CA GLU D 72 -52.83 -22.36 -19.76
C GLU D 72 -52.96 -23.21 -18.50
N ASN D 73 -51.93 -23.98 -18.14
CA ASN D 73 -51.85 -24.56 -16.81
C ASN D 73 -50.43 -24.55 -16.26
N LEU D 74 -49.57 -23.65 -16.73
CA LEU D 74 -48.20 -23.58 -16.26
C LEU D 74 -48.12 -23.00 -14.86
N SER D 75 -47.18 -23.52 -14.07
CA SER D 75 -46.84 -22.97 -12.77
C SER D 75 -45.57 -22.14 -12.90
N ARG D 76 -45.32 -21.33 -11.86
CA ARG D 76 -44.10 -20.53 -11.68
C ARG D 76 -43.90 -19.53 -12.82
N VAL D 77 -44.96 -18.79 -13.15
CA VAL D 77 -44.85 -17.75 -14.18
C VAL D 77 -44.27 -16.47 -13.57
N GLY D 78 -44.66 -16.15 -12.34
CA GLY D 78 -44.10 -14.98 -11.69
C GLY D 78 -42.64 -15.17 -11.31
N ASP D 79 -42.27 -16.39 -10.94
CA ASP D 79 -40.86 -16.69 -10.69
C ASP D 79 -40.05 -16.65 -11.97
N ALA D 80 -40.62 -17.09 -13.09
CA ALA D 80 -39.95 -16.99 -14.37
C ALA D 80 -39.75 -15.53 -14.77
N LEU D 81 -40.74 -14.69 -14.48
CA LEU D 81 -40.61 -13.25 -14.72
C LEU D 81 -39.50 -12.64 -13.87
N LEU D 82 -39.43 -13.02 -12.60
CA LEU D 82 -38.40 -12.48 -11.72
C LEU D 82 -37.00 -12.97 -12.11
N LEU D 83 -36.89 -14.23 -12.53
CA LEU D 83 -35.61 -14.78 -12.97
C LEU D 83 -35.15 -14.11 -14.26
N ALA D 84 -36.07 -13.85 -15.18
CA ALA D 84 -35.70 -13.19 -16.43
C ALA D 84 -35.38 -11.72 -16.21
N ILE D 85 -36.00 -11.09 -15.21
CA ILE D 85 -35.64 -9.71 -14.88
C ILE D 85 -34.26 -9.65 -14.24
N SER D 86 -33.96 -10.58 -13.33
CA SER D 86 -32.67 -10.58 -12.64
C SER D 86 -31.54 -10.94 -13.58
N LYS D 87 -31.80 -11.81 -14.55
CA LYS D 87 -30.74 -12.21 -15.47
C LYS D 87 -30.54 -11.20 -16.60
N GLY D 88 -31.54 -10.41 -16.93
CA GLY D 88 -31.39 -9.36 -17.92
C GLY D 88 -31.92 -9.66 -19.30
N TYR D 89 -32.82 -10.63 -19.44
CA TYR D 89 -33.29 -11.08 -20.75
C TYR D 89 -34.53 -10.27 -21.11
N VAL D 90 -34.37 -9.31 -22.02
CA VAL D 90 -35.46 -8.37 -22.31
C VAL D 90 -36.55 -9.03 -23.14
N ARG D 91 -36.17 -9.93 -24.06
CA ARG D 91 -37.15 -10.57 -24.92
C ARG D 91 -38.00 -11.57 -24.17
N ILE D 92 -37.40 -12.29 -23.21
CA ILE D 92 -38.16 -13.23 -22.41
C ILE D 92 -39.09 -12.50 -21.45
N VAL D 93 -38.65 -11.33 -20.95
CA VAL D 93 -39.53 -10.50 -20.12
C VAL D 93 -40.71 -9.96 -20.93
N GLU D 94 -40.45 -9.54 -22.17
CA GLU D 94 -41.55 -9.06 -23.01
C GLU D 94 -42.47 -10.19 -23.45
N ALA D 95 -41.97 -11.42 -23.49
CA ALA D 95 -42.83 -12.56 -23.79
C ALA D 95 -43.69 -12.96 -22.59
N ILE D 96 -43.10 -12.91 -21.38
CA ILE D 96 -43.83 -13.29 -20.18
C ILE D 96 -44.84 -12.22 -19.79
N LEU D 97 -44.56 -10.95 -20.09
CA LEU D 97 -45.52 -9.89 -19.77
C LEU D 97 -46.75 -9.89 -20.68
N SER D 98 -46.81 -10.75 -21.69
CA SER D 98 -48.00 -10.92 -22.52
C SER D 98 -48.85 -12.09 -22.08
N HIS D 99 -48.49 -12.76 -21.00
CA HIS D 99 -49.30 -13.81 -20.40
C HIS D 99 -50.60 -13.19 -19.86
N PRO D 100 -51.71 -13.94 -19.83
CA PRO D 100 -52.95 -13.41 -19.25
C PRO D 100 -53.01 -13.49 -17.72
N ALA D 101 -51.92 -13.11 -17.05
CA ALA D 101 -51.91 -12.83 -15.63
C ALA D 101 -51.31 -11.48 -15.30
N PHE D 102 -50.60 -10.86 -16.23
CA PHE D 102 -50.11 -9.48 -16.12
C PHE D 102 -50.84 -8.59 -17.11
N ALA D 103 -52.16 -8.78 -17.23
CA ALA D 103 -52.93 -8.21 -18.32
C ALA D 103 -53.06 -6.70 -18.20
N GLU D 104 -53.45 -6.22 -17.03
CA GLU D 104 -53.59 -4.79 -16.78
C GLU D 104 -52.52 -4.25 -15.85
N GLY D 105 -51.35 -4.87 -15.84
CA GLY D 105 -50.32 -4.52 -14.87
C GLY D 105 -50.70 -4.86 -13.46
N LYS D 106 -51.26 -6.06 -13.24
CA LYS D 106 -51.94 -6.36 -11.99
C LYS D 106 -50.95 -6.72 -10.89
N ARG D 107 -49.87 -7.42 -11.25
CA ARG D 107 -48.95 -7.99 -10.27
C ARG D 107 -47.51 -7.55 -10.58
N LEU D 108 -47.33 -6.26 -10.83
CA LEU D 108 -46.01 -5.70 -11.12
C LEU D 108 -45.50 -4.81 -10.00
N ALA D 109 -46.35 -4.49 -9.02
CA ALA D 109 -45.96 -3.60 -7.93
C ALA D 109 -46.83 -3.91 -6.71
N THR D 110 -46.33 -3.49 -5.55
CA THR D 110 -46.93 -3.71 -4.22
C THR D 110 -47.33 -5.16 -3.94
N GLN D 119 -48.05 -14.17 -0.39
CA GLN D 119 -49.35 -14.43 0.20
C GLN D 119 -50.16 -15.38 -0.67
N ASP D 120 -50.27 -15.06 -1.95
CA ASP D 120 -51.02 -15.88 -2.89
C ASP D 120 -50.19 -16.98 -3.52
N ASP D 121 -48.91 -17.11 -3.13
CA ASP D 121 -47.96 -18.09 -3.66
C ASP D 121 -47.81 -17.98 -5.17
N PHE D 122 -47.80 -16.75 -5.68
CA PHE D 122 -47.67 -16.53 -7.11
C PHE D 122 -46.20 -16.53 -7.54
N TYR D 123 -45.32 -16.00 -6.70
CA TYR D 123 -43.91 -15.85 -7.02
C TYR D 123 -43.05 -16.94 -6.36
N ALA D 124 -43.64 -18.01 -5.90
CA ALA D 124 -42.87 -19.11 -5.32
C ALA D 124 -42.18 -19.90 -6.43
N TYR D 125 -41.00 -20.46 -6.12
CA TYR D 125 -40.22 -21.21 -7.09
C TYR D 125 -40.06 -22.67 -6.65
N ASP D 126 -40.76 -23.05 -5.60
CA ASP D 126 -40.69 -24.39 -5.04
C ASP D 126 -41.95 -24.61 -4.23
N GLU D 127 -41.99 -25.71 -3.48
CA GLU D 127 -43.13 -25.97 -2.61
C GLU D 127 -43.12 -25.01 -1.41
N ASP D 128 -41.95 -24.56 -1.00
CA ASP D 128 -41.79 -23.68 0.15
C ASP D 128 -40.75 -22.61 -0.17
N GLY D 129 -41.20 -21.39 -0.49
CA GLY D 129 -40.31 -20.27 -0.60
C GLY D 129 -40.29 -19.54 -1.93
N THR D 130 -39.87 -18.28 -1.90
CA THR D 130 -39.68 -17.47 -3.10
C THR D 130 -38.20 -17.29 -3.35
N ARG D 131 -37.86 -16.92 -4.59
CA ARG D 131 -36.46 -16.81 -5.00
C ARG D 131 -35.78 -15.64 -4.32
N PHE D 132 -36.46 -14.49 -4.27
CA PHE D 132 -36.02 -13.32 -3.55
C PHE D 132 -36.93 -13.11 -2.35
N SER D 133 -36.78 -11.98 -1.68
CA SER D 133 -37.63 -11.69 -0.54
C SER D 133 -39.05 -11.38 -1.00
N HIS D 134 -39.99 -11.50 -0.07
CA HIS D 134 -41.41 -11.47 -0.45
C HIS D 134 -41.87 -10.07 -0.82
N ASP D 135 -41.15 -9.04 -0.36
CA ASP D 135 -41.52 -7.67 -0.73
C ASP D 135 -41.03 -7.29 -2.11
N VAL D 136 -40.11 -8.05 -2.68
CA VAL D 136 -39.43 -7.67 -3.92
C VAL D 136 -40.42 -7.85 -5.07
N THR D 137 -40.90 -6.73 -5.60
CA THR D 137 -41.77 -6.71 -6.76
C THR D 137 -40.91 -6.75 -8.02
N PRO D 138 -41.52 -6.95 -9.20
CA PRO D 138 -40.75 -6.80 -10.45
C PRO D 138 -40.10 -5.44 -10.66
N ILE D 139 -40.74 -4.34 -10.24
CA ILE D 139 -40.15 -3.03 -10.48
C ILE D 139 -38.99 -2.78 -9.53
N ILE D 140 -39.06 -3.29 -8.29
CA ILE D 140 -37.96 -3.15 -7.34
C ILE D 140 -36.77 -3.98 -7.80
N LEU D 141 -37.01 -5.19 -8.30
CA LEU D 141 -35.93 -6.04 -8.80
C LEU D 141 -35.33 -5.48 -10.08
N ALA D 142 -36.15 -4.87 -10.93
CA ALA D 142 -35.62 -4.25 -12.15
C ALA D 142 -34.82 -2.99 -11.83
N ALA D 143 -35.16 -2.28 -10.76
CA ALA D 143 -34.36 -1.13 -10.35
C ALA D 143 -33.09 -1.55 -9.63
N HIS D 144 -33.12 -2.69 -8.93
CA HIS D 144 -31.91 -3.23 -8.31
C HIS D 144 -30.88 -3.64 -9.35
N CYS D 145 -31.34 -4.23 -10.44
CA CYS D 145 -30.46 -4.84 -11.44
C CYS D 145 -30.01 -3.88 -12.52
N GLN D 146 -30.41 -2.60 -12.43
CA GLN D 146 -30.01 -1.52 -13.35
C GLN D 146 -30.41 -1.81 -14.79
N GLU D 147 -31.59 -2.38 -14.98
CA GLU D 147 -32.09 -2.74 -16.31
C GLU D 147 -32.96 -1.60 -16.82
N TYR D 148 -32.41 -0.77 -17.70
CA TYR D 148 -33.08 0.47 -18.09
C TYR D 148 -34.30 0.20 -18.96
N GLU D 149 -34.21 -0.77 -19.87
CA GLU D 149 -35.33 -1.06 -20.76
C GLU D 149 -36.47 -1.74 -20.01
N ILE D 150 -36.15 -2.63 -19.07
CA ILE D 150 -37.18 -3.29 -18.28
C ILE D 150 -37.84 -2.31 -17.32
N VAL D 151 -37.06 -1.37 -16.77
CA VAL D 151 -37.63 -0.34 -15.90
C VAL D 151 -38.54 0.59 -16.70
N HIS D 152 -38.15 0.94 -17.92
CA HIS D 152 -39.00 1.78 -18.76
C HIS D 152 -40.29 1.06 -19.16
N THR D 153 -40.18 -0.25 -19.45
CA THR D 153 -41.35 -1.04 -19.80
C THR D 153 -42.31 -1.18 -18.62
N LEU D 154 -41.77 -1.37 -17.41
CA LEU D 154 -42.63 -1.54 -16.24
C LEU D 154 -43.21 -0.21 -15.78
N LEU D 155 -42.50 0.89 -16.01
CA LEU D 155 -43.08 2.21 -15.73
C LEU D 155 -44.15 2.55 -16.75
N ARG D 156 -44.03 2.03 -17.97
CA ARG D 156 -45.05 2.23 -18.99
C ARG D 156 -46.36 1.52 -18.68
N LYS D 157 -46.34 0.50 -17.83
CA LYS D 157 -47.54 -0.22 -17.43
C LYS D 157 -48.09 0.23 -16.09
N GLY D 158 -47.54 1.31 -15.52
CA GLY D 158 -48.09 1.87 -14.31
C GLY D 158 -47.61 1.23 -13.02
N ALA D 159 -46.37 0.78 -12.97
CA ALA D 159 -45.78 0.20 -11.77
C ALA D 159 -44.80 1.18 -11.17
N ARG D 160 -44.98 1.51 -9.89
CA ARG D 160 -44.10 2.42 -9.18
C ARG D 160 -43.61 1.75 -7.90
N ILE D 161 -42.49 2.26 -7.38
CA ILE D 161 -41.97 1.83 -6.10
C ILE D 161 -42.61 2.69 -5.02
N GLU D 162 -43.35 2.06 -4.11
CA GLU D 162 -43.99 2.80 -3.03
C GLU D 162 -42.94 3.24 -2.01
N ARG D 163 -42.95 4.52 -1.69
CA ARG D 163 -41.96 5.06 -0.75
C ARG D 163 -42.29 4.60 0.67
N PRO D 164 -41.31 4.09 1.41
CA PRO D 164 -41.59 3.63 2.78
C PRO D 164 -41.88 4.79 3.71
N HIS D 165 -42.54 4.47 4.82
CA HIS D 165 -42.93 5.48 5.80
C HIS D 165 -41.71 5.89 6.64
N ASP D 166 -41.96 6.82 7.57
CA ASP D 166 -40.91 7.26 8.47
C ASP D 166 -40.56 6.16 9.47
N TYR D 167 -39.39 6.30 10.09
CA TYR D 167 -38.91 5.30 11.05
C TYR D 167 -39.76 5.27 12.31
N PHE D 168 -40.38 6.38 12.67
CA PHE D 168 -41.26 6.45 13.83
C PHE D 168 -42.73 6.44 13.42
N CYS D 169 -43.06 5.66 12.39
CA CYS D 169 -44.44 5.44 12.00
C CYS D 169 -45.20 4.69 13.10
N LYS D 170 -46.43 5.12 13.34
CA LYS D 170 -47.29 4.48 14.32
C LYS D 170 -48.68 4.23 13.75
N CYS D 171 -48.75 3.92 12.46
CA CYS D 171 -50.03 3.71 11.80
C CYS D 171 -50.54 2.30 12.08
N ASN D 172 -51.72 1.99 11.52
CA ASN D 172 -52.30 0.65 11.68
C ASN D 172 -51.64 -0.40 10.80
N ASP D 173 -50.79 0.01 9.86
CA ASP D 173 -50.05 -0.90 9.02
C ASP D 173 -48.58 -1.02 9.40
N CYS D 174 -48.02 -0.02 10.05
CA CYS D 174 -46.64 -0.13 10.52
C CYS D 174 -46.56 -0.99 11.78
N ASN D 175 -47.58 -0.91 12.64
CA ASN D 175 -47.53 -1.56 13.94
C ASN D 175 -47.64 -3.07 13.84
N GLN D 176 -48.57 -3.57 13.02
CA GLN D 176 -48.74 -5.02 12.92
C GLN D 176 -47.60 -5.65 12.11
N LYS D 177 -47.04 -4.90 11.16
CA LYS D 177 -45.86 -5.37 10.45
C LYS D 177 -44.65 -5.44 11.38
N GLN D 178 -44.48 -4.45 12.25
CA GLN D 178 -43.35 -4.48 13.16
C GLN D 178 -43.56 -5.43 14.33
N LYS D 179 -44.80 -5.77 14.66
CA LYS D 179 -45.07 -6.75 15.70
C LYS D 179 -45.02 -8.19 15.19
N HIS D 180 -45.36 -8.38 13.91
CA HIS D 180 -45.26 -9.71 13.31
C HIS D 180 -43.80 -10.13 13.15
N ASP D 181 -42.97 -9.26 12.57
CA ASP D 181 -41.57 -9.55 12.36
C ASP D 181 -40.80 -8.23 12.34
N SER D 182 -39.81 -8.12 13.22
CA SER D 182 -38.98 -6.91 13.31
C SER D 182 -37.72 -7.00 12.48
N PHE D 183 -37.53 -8.09 11.75
CA PHE D 183 -36.38 -8.29 10.87
C PHE D 183 -36.78 -8.13 9.41
N SER D 184 -37.89 -8.76 9.02
CA SER D 184 -38.43 -8.62 7.67
C SER D 184 -38.87 -7.19 7.38
N HIS D 185 -39.31 -6.45 8.40
CA HIS D 185 -39.75 -5.07 8.19
C HIS D 185 -38.57 -4.16 7.86
N SER D 186 -37.46 -4.31 8.59
CA SER D 186 -36.26 -3.53 8.29
C SER D 186 -35.65 -3.93 6.96
N ARG D 187 -35.68 -5.23 6.63
CA ARG D 187 -35.19 -5.67 5.34
C ARG D 187 -36.06 -5.17 4.20
N SER D 188 -37.38 -5.06 4.42
CA SER D 188 -38.28 -4.51 3.42
C SER D 188 -38.03 -3.03 3.20
N ARG D 189 -37.79 -2.29 4.28
CA ARG D 189 -37.47 -0.87 4.18
C ARG D 189 -36.17 -0.64 3.42
N ILE D 190 -35.16 -1.46 3.71
CA ILE D 190 -33.87 -1.27 3.04
C ILE D 190 -33.95 -1.74 1.58
N ASN D 191 -34.82 -2.69 1.25
CA ASN D 191 -34.99 -3.10 -0.14
C ASN D 191 -35.72 -2.04 -0.95
N ALA D 192 -36.72 -1.40 -0.34
CA ALA D 192 -37.42 -0.32 -1.02
C ALA D 192 -36.51 0.89 -1.23
N TYR D 193 -35.62 1.17 -0.26
CA TYR D 193 -34.71 2.29 -0.44
C TYR D 193 -33.62 1.96 -1.45
N LYS D 194 -33.19 0.70 -1.52
CA LYS D 194 -32.23 0.28 -2.54
C LYS D 194 -32.85 0.34 -3.93
N GLY D 195 -34.16 0.12 -4.04
CA GLY D 195 -34.85 0.31 -5.29
C GLY D 195 -35.00 1.77 -5.67
N LEU D 196 -35.30 2.62 -4.68
CA LEU D 196 -35.51 4.04 -4.96
C LEU D 196 -34.21 4.77 -5.25
N ALA D 197 -33.08 4.27 -4.75
CA ALA D 197 -31.80 4.95 -4.86
C ALA D 197 -30.97 4.47 -6.03
N SER D 198 -31.61 4.07 -7.12
CA SER D 198 -30.87 3.58 -8.27
C SER D 198 -30.96 4.57 -9.43
N PRO D 199 -29.90 4.67 -10.25
CA PRO D 199 -29.94 5.62 -11.37
C PRO D 199 -30.93 5.26 -12.45
N ALA D 200 -31.23 3.97 -12.61
CA ALA D 200 -32.23 3.54 -13.59
C ALA D 200 -33.63 4.01 -13.21
N TYR D 201 -33.92 4.08 -11.92
CA TYR D 201 -35.20 4.56 -11.46
C TYR D 201 -35.22 6.08 -11.30
N LEU D 202 -34.11 6.66 -10.87
CA LEU D 202 -34.02 8.11 -10.70
C LEU D 202 -34.10 8.84 -12.03
N SER D 203 -33.46 8.29 -13.07
CA SER D 203 -33.44 8.97 -14.36
C SER D 203 -34.75 8.87 -15.11
N LEU D 204 -35.58 7.85 -14.84
CA LEU D 204 -36.78 7.63 -15.62
C LEU D 204 -38.07 7.86 -14.85
N SER D 205 -38.02 7.96 -13.52
CA SER D 205 -39.25 8.01 -12.73
C SER D 205 -39.77 9.41 -12.49
N SER D 206 -38.90 10.40 -12.30
CA SER D 206 -39.31 11.75 -11.95
C SER D 206 -38.98 12.72 -13.06
N GLU D 207 -39.56 13.92 -12.97
CA GLU D 207 -39.37 14.96 -13.97
C GLU D 207 -38.20 15.87 -13.66
N ASP D 208 -37.74 15.90 -12.42
CA ASP D 208 -36.52 16.62 -12.04
C ASP D 208 -35.70 15.67 -11.15
N PRO D 209 -34.77 14.91 -11.75
CA PRO D 209 -34.05 13.89 -10.96
C PRO D 209 -32.97 14.47 -10.08
N VAL D 210 -32.50 15.69 -10.33
CA VAL D 210 -31.44 16.28 -9.51
C VAL D 210 -31.96 16.59 -8.11
N MET D 211 -33.12 17.24 -8.03
CA MET D 211 -33.70 17.60 -6.75
C MET D 211 -34.14 16.35 -5.98
N THR D 212 -34.68 15.37 -6.70
CA THR D 212 -35.10 14.11 -6.10
C THR D 212 -33.91 13.35 -5.53
N ALA D 213 -32.80 13.30 -6.27
CA ALA D 213 -31.63 12.57 -5.78
C ALA D 213 -30.95 13.30 -4.64
N LEU D 214 -31.00 14.64 -4.63
CA LEU D 214 -30.45 15.39 -3.51
C LEU D 214 -31.23 15.16 -2.23
N GLU D 215 -32.57 15.24 -2.30
CA GLU D 215 -33.37 14.99 -1.11
C GLU D 215 -33.30 13.53 -0.67
N LEU D 216 -33.16 12.61 -1.63
CA LEU D 216 -33.05 11.20 -1.27
C LEU D 216 -31.69 10.91 -0.60
N SER D 217 -30.64 11.59 -1.05
CA SER D 217 -29.33 11.43 -0.42
C SER D 217 -29.35 11.96 1.01
N ASN D 218 -30.03 13.10 1.23
CA ASN D 218 -30.16 13.64 2.58
C ASN D 218 -30.99 12.72 3.48
N GLU D 219 -32.07 12.15 2.94
CA GLU D 219 -32.94 11.26 3.71
C GLU D 219 -32.22 9.97 4.10
N LEU D 220 -31.45 9.39 3.17
CA LEU D 220 -30.67 8.22 3.51
C LEU D 220 -29.53 8.56 4.46
N ALA D 221 -29.01 9.79 4.39
CA ALA D 221 -27.94 10.20 5.29
C ALA D 221 -28.44 10.33 6.74
N VAL D 222 -29.66 10.86 6.92
CA VAL D 222 -30.17 10.96 8.29
C VAL D 222 -30.69 9.60 8.76
N LEU D 223 -31.13 8.74 7.83
CA LEU D 223 -31.55 7.39 8.21
C LEU D 223 -30.36 6.52 8.59
N ALA D 224 -29.17 6.84 8.08
CA ALA D 224 -27.97 6.12 8.51
C ALA D 224 -27.63 6.43 9.95
N ASN D 225 -27.98 7.62 10.44
CA ASN D 225 -27.72 7.99 11.82
C ASN D 225 -28.84 7.56 12.76
N ILE D 226 -30.08 7.51 12.28
CA ILE D 226 -31.19 7.07 13.12
C ILE D 226 -31.07 5.58 13.42
N GLU D 227 -30.83 4.77 12.39
CA GLU D 227 -30.67 3.32 12.54
C GLU D 227 -29.17 3.02 12.62
N LYS D 228 -28.68 2.80 13.85
CA LYS D 228 -27.27 2.50 14.05
C LYS D 228 -26.89 1.14 13.51
N GLU D 229 -27.82 0.21 13.41
CA GLU D 229 -27.61 -1.05 12.72
C GLU D 229 -27.98 -0.88 11.25
N PHE D 230 -27.26 -1.63 10.39
CA PHE D 230 -27.34 -1.53 8.93
C PHE D 230 -27.10 -0.09 8.46
N LYS D 231 -25.96 0.47 8.87
CA LYS D 231 -25.58 1.83 8.55
C LYS D 231 -24.72 1.93 7.30
N ASN D 232 -23.86 0.92 7.08
CA ASN D 232 -22.98 0.85 5.93
C ASN D 232 -23.72 0.63 4.62
N ASP D 233 -25.00 0.28 4.66
CA ASP D 233 -25.84 0.20 3.47
C ASP D 233 -26.53 1.51 3.15
N TYR D 234 -27.02 2.23 4.17
CA TYR D 234 -27.61 3.54 3.95
C TYR D 234 -26.56 4.55 3.49
N LYS D 235 -25.33 4.42 4.01
CA LYS D 235 -24.23 5.26 3.54
C LYS D 235 -23.92 4.98 2.07
N LYS D 236 -23.98 3.71 1.67
CA LYS D 236 -23.71 3.34 0.28
C LYS D 236 -24.81 3.86 -0.65
N LEU D 237 -26.06 3.80 -0.21
CA LEU D 237 -27.17 4.28 -1.02
C LEU D 237 -27.12 5.80 -1.17
N SER D 238 -26.77 6.52 -0.09
CA SER D 238 -26.59 7.96 -0.18
C SER D 238 -25.42 8.33 -1.09
N MET D 239 -24.34 7.52 -1.06
CA MET D 239 -23.19 7.80 -1.90
C MET D 239 -23.52 7.59 -3.38
N GLN D 240 -24.35 6.59 -3.70
CA GLN D 240 -24.72 6.45 -5.11
C GLN D 240 -25.76 7.46 -5.55
N CYS D 241 -26.59 7.98 -4.62
CA CYS D 241 -27.44 9.12 -4.95
C CYS D 241 -26.62 10.36 -5.27
N LYS D 242 -25.51 10.57 -4.55
CA LYS D 242 -24.63 11.69 -4.89
C LYS D 242 -23.88 11.44 -6.20
N ASP D 243 -23.50 10.19 -6.46
CA ASP D 243 -22.78 9.85 -7.68
C ASP D 243 -23.65 10.03 -8.92
N PHE D 244 -24.96 9.83 -8.78
CA PHE D 244 -25.89 10.10 -9.89
C PHE D 244 -25.85 11.56 -10.31
N VAL D 245 -25.87 12.48 -9.34
CA VAL D 245 -25.89 13.90 -9.65
C VAL D 245 -24.53 14.36 -10.19
N VAL D 246 -23.45 13.81 -9.65
CA VAL D 246 -22.11 14.14 -10.14
C VAL D 246 -21.92 13.64 -11.57
N GLY D 247 -22.39 12.42 -11.86
CA GLY D 247 -22.33 11.92 -13.22
C GLY D 247 -23.27 12.61 -14.19
N LEU D 248 -24.35 13.20 -13.67
CA LEU D 248 -25.22 14.00 -14.53
C LEU D 248 -24.63 15.37 -14.82
N LEU D 249 -23.81 15.91 -13.92
CA LEU D 249 -23.13 17.18 -14.18
C LEU D 249 -21.97 17.02 -15.16
N ASP D 250 -21.34 15.85 -15.20
CA ASP D 250 -20.13 15.65 -15.99
C ASP D 250 -20.42 15.68 -17.49
N LEU D 251 -21.61 15.23 -17.90
CA LEU D 251 -21.97 15.17 -19.32
C LEU D 251 -22.78 16.40 -19.73
N CYS D 252 -22.16 17.56 -19.52
CA CYS D 252 -22.74 18.84 -19.93
C CYS D 252 -21.81 19.49 -20.94
N ARG D 253 -22.38 20.07 -21.99
CA ARG D 253 -21.61 20.61 -23.11
C ARG D 253 -21.76 22.10 -23.31
N ASN D 254 -22.93 22.66 -23.05
CA ASN D 254 -23.14 24.09 -23.23
C ASN D 254 -23.08 24.82 -21.90
N THR D 255 -23.36 26.11 -21.93
CA THR D 255 -23.53 26.89 -20.72
C THR D 255 -24.94 26.75 -20.14
N GLU D 256 -25.95 26.56 -21.00
CA GLU D 256 -27.31 26.40 -20.52
C GLU D 256 -27.52 25.05 -19.84
N GLU D 257 -26.78 24.01 -20.24
CA GLU D 257 -26.89 22.73 -19.57
C GLU D 257 -26.21 22.75 -18.21
N VAL D 258 -25.06 23.42 -18.11
CA VAL D 258 -24.39 23.61 -16.84
C VAL D 258 -25.25 24.46 -15.91
N GLU D 259 -25.90 25.49 -16.44
CA GLU D 259 -26.79 26.32 -15.64
C GLU D 259 -28.12 25.64 -15.34
N ALA D 260 -28.48 24.58 -16.06
CA ALA D 260 -29.68 23.83 -15.71
C ALA D 260 -29.39 22.72 -14.70
N ILE D 261 -28.14 22.26 -14.62
CA ILE D 261 -27.80 21.30 -13.58
C ILE D 261 -27.43 22.01 -12.28
N LEU D 262 -26.58 23.04 -12.36
CA LEU D 262 -26.14 23.73 -11.15
C LEU D 262 -27.25 24.60 -10.56
N ASN D 263 -27.97 25.32 -11.40
CA ASN D 263 -29.11 26.12 -10.98
C ASN D 263 -30.38 25.46 -11.47
N GLY D 264 -31.51 25.85 -10.88
CA GLY D 264 -32.77 25.24 -11.28
C GLY D 264 -33.36 25.80 -12.55
N ASP D 265 -34.67 25.99 -12.58
CA ASP D 265 -35.34 26.63 -13.70
C ASP D 265 -35.11 28.13 -13.62
N VAL D 266 -34.24 28.67 -14.47
CA VAL D 266 -33.80 30.06 -14.33
C VAL D 266 -34.89 31.03 -14.75
N GLU D 267 -35.89 30.56 -15.50
CA GLU D 267 -37.02 31.41 -15.84
C GLU D 267 -38.00 31.55 -14.69
N THR D 268 -38.06 30.57 -13.78
CA THR D 268 -39.00 30.60 -12.67
C THR D 268 -38.31 30.83 -11.33
N LEU D 269 -37.08 31.33 -11.35
CA LEU D 269 -36.33 31.62 -10.13
C LEU D 269 -35.93 33.08 -10.10
N GLN D 270 -35.72 33.60 -8.90
CA GLN D 270 -35.21 34.96 -8.74
C GLN D 270 -33.77 35.04 -9.22
N SER D 271 -33.45 36.11 -9.96
CA SER D 271 -32.16 36.17 -10.63
C SER D 271 -31.02 36.45 -9.67
N GLY D 272 -31.30 37.05 -8.53
CA GLY D 272 -30.28 37.38 -7.56
C GLY D 272 -30.16 38.89 -7.34
N ASP D 273 -29.20 39.24 -6.48
CA ASP D 273 -28.99 40.65 -6.15
C ASP D 273 -28.31 41.38 -7.31
N HIS D 274 -27.40 40.70 -8.00
CA HIS D 274 -26.64 41.29 -9.09
C HIS D 274 -26.81 40.39 -10.31
N GLY D 275 -25.96 40.60 -11.32
CA GLY D 275 -25.95 39.78 -12.51
C GLY D 275 -25.48 38.34 -12.34
N ARG D 276 -25.06 37.99 -11.13
CA ARG D 276 -24.71 36.63 -10.77
C ARG D 276 -25.94 35.73 -10.81
N PRO D 277 -25.78 34.42 -11.00
CA PRO D 277 -26.95 33.52 -11.04
C PRO D 277 -27.60 33.27 -9.69
N ASN D 278 -28.54 32.34 -9.66
CA ASN D 278 -29.30 32.00 -8.46
C ASN D 278 -28.63 30.81 -7.79
N LEU D 279 -28.06 31.04 -6.61
CA LEU D 279 -27.22 30.06 -5.94
C LEU D 279 -27.97 29.19 -4.93
N SER D 280 -29.27 28.97 -5.13
CA SER D 280 -30.06 28.24 -4.14
C SER D 280 -29.79 26.75 -4.13
N ARG D 281 -29.41 26.15 -5.25
CA ARG D 281 -29.18 24.72 -5.30
C ARG D 281 -27.79 24.35 -4.83
N LEU D 282 -26.79 25.20 -5.08
CA LEU D 282 -25.44 24.92 -4.61
C LEU D 282 -25.33 25.07 -3.11
N LYS D 283 -26.12 25.96 -2.50
CA LYS D 283 -26.22 26.02 -1.05
C LYS D 283 -26.78 24.73 -0.49
N LEU D 284 -27.75 24.13 -1.18
CA LEU D 284 -28.32 22.86 -0.76
C LEU D 284 -27.32 21.72 -0.93
N ALA D 285 -26.50 21.78 -1.98
CA ALA D 285 -25.49 20.75 -2.19
C ALA D 285 -24.36 20.86 -1.18
N ILE D 286 -24.06 22.07 -0.71
CA ILE D 286 -23.09 22.23 0.36
C ILE D 286 -23.68 21.80 1.70
N LYS D 287 -24.99 22.05 1.89
CA LYS D 287 -25.67 21.63 3.11
C LYS D 287 -25.74 20.11 3.21
N TYR D 288 -25.97 19.44 2.07
CA TYR D 288 -26.06 17.98 2.06
C TYR D 288 -24.72 17.30 1.86
N GLU D 289 -23.63 18.08 1.76
CA GLU D 289 -22.24 17.61 1.64
C GLU D 289 -22.04 16.72 0.41
N VAL D 290 -22.47 17.22 -0.74
CA VAL D 290 -22.23 16.55 -2.02
C VAL D 290 -20.95 17.17 -2.56
N LYS D 291 -19.81 16.60 -2.18
CA LYS D 291 -18.53 17.27 -2.34
C LYS D 291 -18.00 17.21 -3.77
N LYS D 292 -18.24 16.11 -4.49
CA LYS D 292 -17.77 16.01 -5.86
C LYS D 292 -18.63 16.82 -6.83
N PHE D 293 -19.84 17.19 -6.42
CA PHE D 293 -20.67 18.08 -7.23
C PHE D 293 -20.15 19.51 -7.18
N VAL D 294 -19.47 19.88 -6.09
CA VAL D 294 -19.02 21.24 -5.87
C VAL D 294 -17.55 21.34 -6.30
N ALA D 295 -16.81 20.24 -6.16
CA ALA D 295 -15.42 20.19 -6.58
C ALA D 295 -15.27 19.85 -8.07
N HIS D 296 -16.36 19.69 -8.80
CA HIS D 296 -16.30 19.43 -10.23
C HIS D 296 -15.89 20.70 -10.97
N PRO D 297 -15.09 20.58 -12.04
CA PRO D 297 -14.62 21.78 -12.76
C PRO D 297 -15.72 22.62 -13.39
N ASN D 298 -16.84 22.01 -13.79
CA ASN D 298 -17.96 22.78 -14.33
C ASN D 298 -18.62 23.65 -13.26
N CYS D 299 -18.56 23.23 -12.00
CA CYS D 299 -19.00 24.10 -10.92
C CYS D 299 -17.91 25.07 -10.50
N GLN D 300 -16.63 24.66 -10.62
CA GLN D 300 -15.52 25.50 -10.19
C GLN D 300 -15.37 26.72 -11.07
N GLN D 301 -15.63 26.59 -12.37
CA GLN D 301 -15.50 27.76 -13.25
C GLN D 301 -16.59 28.79 -12.98
N GLN D 302 -17.82 28.34 -12.69
CA GLN D 302 -18.90 29.26 -12.34
C GLN D 302 -18.64 29.93 -10.98
N LEU D 303 -18.18 29.15 -10.00
CA LEU D 303 -17.88 29.73 -8.69
C LEU D 303 -16.69 30.68 -8.74
N LEU D 304 -15.73 30.43 -9.63
CA LEU D 304 -14.62 31.36 -9.81
C LEU D 304 -15.07 32.65 -10.47
N SER D 305 -15.97 32.55 -11.46
CA SER D 305 -16.48 33.75 -12.12
C SER D 305 -17.37 34.57 -11.18
N ILE D 306 -18.04 33.93 -10.23
CA ILE D 306 -18.78 34.69 -9.22
C ILE D 306 -17.81 35.26 -8.17
N TRP D 307 -16.75 34.52 -7.85
CA TRP D 307 -15.83 34.91 -6.78
C TRP D 307 -14.99 36.12 -7.18
N TYR D 308 -14.58 36.18 -8.44
CA TYR D 308 -13.72 37.30 -8.84
C TYR D 308 -14.54 38.58 -9.05
N GLU D 309 -15.51 38.55 -9.98
CA GLU D 309 -16.59 39.54 -10.06
C GLU D 309 -16.12 40.98 -10.24
N ASN D 310 -15.64 41.31 -11.45
CA ASN D 310 -15.10 42.60 -11.91
C ASN D 310 -13.69 42.86 -11.41
N LEU D 311 -12.94 41.81 -11.09
CA LEU D 311 -11.47 41.87 -11.03
C LEU D 311 -10.95 40.70 -11.86
N SER D 312 -10.88 40.90 -13.18
CA SER D 312 -10.29 39.92 -14.06
C SER D 312 -8.81 40.18 -14.30
N GLY D 313 -8.32 41.35 -13.93
CA GLY D 313 -6.90 41.64 -13.97
C GLY D 313 -6.16 40.88 -12.88
N LEU D 314 -6.69 40.89 -11.66
CA LEU D 314 -6.07 40.21 -10.54
C LEU D 314 -6.27 38.69 -10.56
N ARG D 315 -7.01 38.17 -11.53
CA ARG D 315 -7.23 36.73 -11.60
C ARG D 315 -5.98 36.00 -12.07
N GLN D 316 -5.32 36.52 -13.09
CA GLN D 316 -4.18 35.85 -13.70
C GLN D 316 -2.84 36.28 -13.10
N GLN D 317 -2.85 37.06 -12.02
CA GLN D 317 -1.60 37.49 -11.40
C GLN D 317 -0.99 36.38 -10.54
N THR D 318 0.15 36.69 -9.94
CA THR D 318 0.88 35.75 -9.10
C THR D 318 0.61 36.03 -7.63
N MET D 319 1.10 35.12 -6.78
CA MET D 319 0.91 35.27 -5.34
C MET D 319 1.77 36.38 -4.75
N ALA D 320 2.88 36.73 -5.41
CA ALA D 320 3.65 37.89 -4.98
C ALA D 320 2.90 39.18 -5.24
N VAL D 321 2.07 39.19 -6.29
CA VAL D 321 1.19 40.33 -6.52
C VAL D 321 0.08 40.38 -5.49
N LYS D 322 -0.52 39.23 -5.14
CA LYS D 322 -1.57 39.19 -4.14
C LYS D 322 -1.03 39.08 -2.71
N PHE D 323 -0.02 39.87 -2.39
CA PHE D 323 0.41 40.10 -1.02
C PHE D 323 0.58 41.61 -0.87
N LEU D 324 1.00 42.24 -1.97
CA LEU D 324 1.15 43.69 -2.01
C LEU D 324 -0.21 44.38 -1.99
N VAL D 325 -1.22 43.76 -2.62
CA VAL D 325 -2.57 44.34 -2.57
C VAL D 325 -3.17 44.19 -1.18
N VAL D 326 -2.81 43.10 -0.47
CA VAL D 326 -3.28 42.93 0.90
C VAL D 326 -2.62 43.96 1.82
N LEU D 327 -1.33 44.23 1.59
CA LEU D 327 -0.66 45.28 2.36
C LEU D 327 -1.18 46.67 1.99
N ALA D 328 -1.64 46.85 0.74
CA ALA D 328 -2.20 48.14 0.33
C ALA D 328 -3.55 48.39 1.00
N VAL D 329 -4.39 47.36 1.08
CA VAL D 329 -5.62 47.45 1.88
C VAL D 329 -5.30 47.60 3.38
N ALA D 330 -4.18 47.05 3.84
CA ALA D 330 -3.78 47.22 5.24
C ALA D 330 -3.38 48.67 5.52
N ILE D 331 -2.71 49.34 4.58
CA ILE D 331 -2.35 50.74 4.79
C ILE D 331 -3.58 51.63 4.66
N GLY D 332 -4.24 51.59 3.51
CA GLY D 332 -5.34 52.49 3.25
C GLY D 332 -6.71 51.94 3.60
N LEU D 333 -6.86 51.40 4.81
CA LEU D 333 -8.17 50.85 5.21
C LEU D 333 -9.20 51.93 5.58
N PRO D 334 -8.90 52.99 6.34
CA PRO D 334 -9.92 54.03 6.54
C PRO D 334 -10.26 54.79 5.27
N PHE D 335 -9.37 54.85 4.29
CA PHE D 335 -9.67 55.53 3.03
C PHE D 335 -10.76 54.81 2.26
N LEU D 336 -10.60 53.50 2.06
CA LEU D 336 -11.64 52.70 1.42
C LEU D 336 -12.88 52.61 2.29
N ALA D 337 -12.71 52.70 3.62
CA ALA D 337 -13.85 52.71 4.52
C ALA D 337 -14.73 53.94 4.34
N LEU D 338 -14.13 55.14 4.26
CA LEU D 338 -15.00 56.31 4.18
C LEU D 338 -15.47 56.55 2.76
N ILE D 339 -14.77 56.02 1.74
CA ILE D 339 -15.35 56.15 0.40
C ILE D 339 -16.41 55.07 0.17
N TYR D 340 -16.39 54.00 0.96
CA TYR D 340 -17.51 53.08 0.94
C TYR D 340 -18.69 53.62 1.73
N TRP D 341 -18.42 54.40 2.78
CA TRP D 341 -19.49 55.06 3.54
C TRP D 341 -20.14 56.19 2.75
N PHE D 342 -19.31 57.06 2.17
CA PHE D 342 -19.75 58.36 1.69
C PHE D 342 -20.14 58.36 0.22
N ALA D 343 -19.63 57.42 -0.59
CA ALA D 343 -19.91 57.39 -2.02
C ALA D 343 -19.87 55.96 -2.54
N PRO D 344 -20.98 55.22 -2.39
CA PRO D 344 -21.08 53.92 -3.06
C PRO D 344 -21.37 54.09 -4.54
N CYS D 345 -21.38 52.95 -5.24
CA CYS D 345 -21.69 52.84 -6.68
C CYS D 345 -20.74 53.69 -7.52
N SER D 346 -19.46 53.44 -7.33
CA SER D 346 -18.42 54.18 -8.02
C SER D 346 -17.50 53.23 -8.78
N LYS D 347 -16.38 53.75 -9.29
CA LYS D 347 -15.41 52.88 -9.95
C LYS D 347 -14.70 51.99 -8.95
N MET D 348 -14.52 52.45 -7.71
CA MET D 348 -13.92 51.64 -6.66
C MET D 348 -14.94 51.05 -5.70
N GLY D 349 -16.11 51.67 -5.57
CA GLY D 349 -17.15 51.14 -4.71
C GLY D 349 -17.79 49.86 -5.22
N LYS D 350 -17.73 49.64 -6.54
CA LYS D 350 -18.19 48.39 -7.12
C LYS D 350 -17.14 47.29 -7.03
N ILE D 351 -15.86 47.66 -7.01
CA ILE D 351 -14.80 46.69 -6.82
C ILE D 351 -14.74 46.24 -5.35
N MET D 352 -14.84 47.19 -4.42
CA MET D 352 -14.70 46.90 -3.00
C MET D 352 -15.89 46.12 -2.41
N ARG D 353 -16.95 45.81 -3.13
CA ARG D 353 -18.01 44.97 -2.61
C ARG D 353 -18.06 43.59 -3.26
N GLY D 354 -17.07 43.24 -4.08
CA GLY D 354 -16.92 41.89 -4.57
C GLY D 354 -16.48 40.96 -3.47
N PRO D 355 -16.62 39.64 -3.70
CA PRO D 355 -16.25 38.68 -2.64
C PRO D 355 -14.75 38.61 -2.39
N PHE D 356 -13.93 38.65 -3.44
CA PHE D 356 -12.48 38.54 -3.27
C PHE D 356 -11.91 39.77 -2.58
N MET D 357 -12.45 40.96 -2.89
CA MET D 357 -11.98 42.16 -2.21
C MET D 357 -12.46 42.22 -0.78
N LYS D 358 -13.63 41.63 -0.49
CA LYS D 358 -14.07 41.50 0.91
C LYS D 358 -13.16 40.56 1.69
N PHE D 359 -12.71 39.48 1.05
CA PHE D 359 -11.75 38.58 1.68
C PHE D 359 -10.41 39.26 1.94
N VAL D 360 -9.95 40.06 0.96
CA VAL D 360 -8.69 40.79 1.11
C VAL D 360 -8.80 41.85 2.21
N ALA D 361 -9.96 42.50 2.32
CA ALA D 361 -10.18 43.50 3.36
C ALA D 361 -10.23 42.87 4.75
N HIS D 362 -10.85 41.70 4.88
CA HIS D 362 -10.88 41.03 6.17
CA HIS D 362 -10.89 41.02 6.16
C HIS D 362 -9.50 40.52 6.57
N ALA D 363 -8.73 40.01 5.61
CA ALA D 363 -7.36 39.59 5.90
C ALA D 363 -6.49 40.78 6.28
N ALA D 364 -6.71 41.93 5.66
CA ALA D 364 -5.96 43.13 5.99
C ALA D 364 -6.32 43.66 7.39
N SER D 365 -7.59 43.56 7.77
CA SER D 365 -7.98 44.00 9.11
C SER D 365 -7.42 43.07 10.17
N PHE D 366 -7.35 41.76 9.89
CA PHE D 366 -6.72 40.84 10.82
C PHE D 366 -5.21 41.07 10.92
N THR D 367 -4.58 41.47 9.79
CA THR D 367 -3.16 41.80 9.81
C THR D 367 -2.90 43.06 10.63
N ILE D 368 -3.80 44.04 10.54
CA ILE D 368 -3.69 45.26 11.36
C ILE D 368 -3.87 44.93 12.84
N PHE D 369 -4.78 44.00 13.16
CA PHE D 369 -4.99 43.60 14.55
C PHE D 369 -3.76 42.89 15.12
N LEU D 370 -3.14 42.01 14.33
CA LEU D 370 -1.92 41.35 14.79
C LEU D 370 -0.76 42.31 14.91
N GLY D 371 -0.68 43.30 14.02
CA GLY D 371 0.37 44.31 14.13
C GLY D 371 0.19 45.20 15.34
N LEU D 372 -1.06 45.48 15.70
CA LEU D 372 -1.35 46.22 16.93
C LEU D 372 -0.97 45.42 18.17
N LEU D 373 -1.25 44.11 18.15
CA LEU D 373 -0.86 43.25 19.27
C LEU D 373 0.66 43.14 19.39
N VAL D 374 1.39 43.20 18.27
CA VAL D 374 2.84 43.23 18.33
C VAL D 374 3.33 44.56 18.88
N MET D 375 2.87 45.67 18.29
CA MET D 375 3.42 46.99 18.59
C MET D 375 2.86 47.60 19.87
N ASN D 376 1.95 46.93 20.58
CA ASN D 376 1.47 47.48 21.84
C ASN D 376 2.56 47.45 22.91
N ALA D 377 3.33 46.37 22.97
CA ALA D 377 4.45 46.28 23.90
C ALA D 377 5.77 46.68 23.25
N ALA D 378 5.80 47.86 22.62
CA ALA D 378 6.97 48.27 21.85
C ALA D 378 7.98 49.05 22.68
N ASP D 379 7.61 49.53 23.85
CA ASP D 379 8.54 50.23 24.73
C ASP D 379 9.38 49.28 25.57
N ARG D 380 9.09 47.97 25.51
CA ARG D 380 9.78 46.99 26.33
C ARG D 380 10.51 45.93 25.49
N PHE D 381 10.80 46.23 24.22
CA PHE D 381 11.43 45.24 23.34
C PHE D 381 12.85 44.90 23.77
N GLU D 382 13.65 45.90 24.15
CA GLU D 382 15.04 45.69 24.54
C GLU D 382 15.26 45.93 26.02
N GLY D 383 14.20 46.06 26.81
CA GLY D 383 14.32 46.39 28.21
C GLY D 383 13.14 47.22 28.68
N THR D 384 12.64 46.92 29.89
CA THR D 384 11.44 47.59 30.38
C THR D 384 11.73 49.03 30.80
N LYS D 385 12.89 49.25 31.45
CA LYS D 385 13.31 50.48 32.12
C LYS D 385 12.35 50.93 33.21
N LEU D 386 11.55 50.01 33.75
CA LEU D 386 10.68 50.24 34.91
C LEU D 386 10.81 48.96 35.74
N LEU D 387 11.68 49.02 36.75
CA LEU D 387 11.93 47.85 37.57
C LEU D 387 10.74 47.56 38.48
N PRO D 388 10.55 46.31 38.89
CA PRO D 388 9.47 46.01 39.85
C PRO D 388 9.68 46.57 41.24
N ASN D 389 10.88 47.05 41.57
CA ASN D 389 11.15 47.68 42.85
C ASN D 389 10.97 49.19 42.83
N GLU D 390 11.14 49.82 41.67
CA GLU D 390 11.06 51.28 41.59
C GLU D 390 9.62 51.70 41.30
N THR D 391 9.41 53.01 41.12
CA THR D 391 8.11 53.57 40.81
C THR D 391 8.31 54.90 40.11
N SER D 392 7.54 55.12 39.04
CA SER D 392 7.64 56.35 38.25
C SER D 392 6.25 56.91 38.01
N THR D 393 6.08 58.20 38.28
CA THR D 393 4.80 58.88 38.09
C THR D 393 4.85 59.99 37.05
N ASP D 394 5.99 60.67 36.91
CA ASP D 394 6.28 61.70 35.91
C ASP D 394 5.37 62.91 35.97
N ASN D 395 4.65 63.10 37.08
CA ASN D 395 3.82 64.29 37.27
C ASN D 395 3.92 64.88 38.67
N ALA D 396 4.47 64.16 39.65
CA ALA D 396 4.69 64.56 41.05
C ALA D 396 3.41 64.92 41.81
N LYS D 397 2.25 64.63 41.24
CA LYS D 397 0.97 64.81 41.91
C LYS D 397 0.10 63.56 41.86
N GLN D 398 0.14 62.83 40.76
CA GLN D 398 -0.62 61.59 40.66
C GLN D 398 0.14 60.45 41.32
N LEU D 399 -0.60 59.40 41.66
CA LEU D 399 0.00 58.24 42.29
C LEU D 399 0.51 57.27 41.23
N PHE D 400 1.22 56.23 41.68
CA PHE D 400 1.89 55.33 40.74
C PHE D 400 0.88 54.45 40.01
N ARG D 401 -0.23 54.12 40.66
CA ARG D 401 -1.22 53.23 40.06
C ARG D 401 -2.10 53.92 39.02
N MET D 402 -1.89 55.21 38.74
CA MET D 402 -2.57 55.86 37.63
C MET D 402 -1.78 55.78 36.34
N LYS D 403 -0.46 55.65 36.43
CA LYS D 403 0.36 55.51 35.23
C LYS D 403 0.26 54.10 34.67
N THR D 404 0.07 53.11 35.53
CA THR D 404 0.03 51.71 35.11
C THR D 404 -1.37 51.24 34.73
N SER D 405 -2.40 52.06 34.93
CA SER D 405 -3.77 51.65 34.66
C SER D 405 -4.44 52.48 33.57
N CYS D 406 -3.79 53.52 33.07
CA CYS D 406 -4.40 54.34 32.02
C CYS D 406 -4.33 53.63 30.68
N PHE D 407 -5.44 53.69 29.94
CA PHE D 407 -5.48 53.06 28.63
C PHE D 407 -4.74 53.89 27.60
N SER D 408 -3.87 53.25 26.82
CA SER D 408 -3.22 53.91 25.71
C SER D 408 -4.16 53.93 24.50
N TRP D 409 -3.71 54.57 23.42
CA TRP D 409 -4.52 54.58 22.21
C TRP D 409 -4.49 53.24 21.49
N MET D 410 -3.38 52.51 21.58
CA MET D 410 -3.31 51.18 20.98
C MET D 410 -4.20 50.20 21.73
N GLU D 411 -4.30 50.34 23.06
CA GLU D 411 -5.21 49.49 23.81
C GLU D 411 -6.67 49.84 23.50
N MET D 412 -6.95 51.12 23.25
CA MET D 412 -8.29 51.52 22.83
C MET D 412 -8.65 50.97 21.46
N LEU D 413 -7.66 50.93 20.55
CA LEU D 413 -7.89 50.32 19.24
C LEU D 413 -8.08 48.81 19.34
N ILE D 414 -7.34 48.15 20.23
CA ILE D 414 -7.51 46.71 20.44
C ILE D 414 -8.88 46.42 21.04
N ILE D 415 -9.35 47.27 21.96
CA ILE D 415 -10.68 47.13 22.53
C ILE D 415 -11.76 47.34 21.46
N SER D 416 -11.53 48.28 20.54
CA SER D 416 -12.46 48.51 19.44
C SER D 416 -12.54 47.31 18.50
N TRP D 417 -11.37 46.74 18.15
CA TRP D 417 -11.33 45.53 17.33
C TRP D 417 -12.02 44.34 17.99
N VAL D 418 -11.81 44.13 19.29
CA VAL D 418 -12.42 42.96 19.91
C VAL D 418 -13.90 43.19 20.17
N ILE D 419 -14.34 44.44 20.33
CA ILE D 419 -15.76 44.72 20.45
C ILE D 419 -16.46 44.47 19.11
N GLY D 420 -15.79 44.85 18.01
CA GLY D 420 -16.32 44.53 16.69
C GLY D 420 -16.35 43.03 16.43
N MET D 421 -15.36 42.29 16.95
CA MET D 421 -15.36 40.83 16.79
C MET D 421 -16.48 40.16 17.58
N ILE D 422 -16.71 40.60 18.82
CA ILE D 422 -17.83 40.07 19.61
C ILE D 422 -19.16 40.43 18.96
N TRP D 423 -19.26 41.61 18.36
CA TRP D 423 -20.50 41.99 17.68
C TRP D 423 -20.74 41.15 16.43
N ALA D 424 -19.69 40.94 15.63
CA ALA D 424 -19.84 40.14 14.42
C ALA D 424 -20.00 38.65 14.71
N GLU D 425 -19.63 38.20 15.90
CA GLU D 425 -19.89 36.82 16.29
C GLU D 425 -21.28 36.65 16.90
N CYS D 426 -21.73 37.64 17.67
CA CYS D 426 -23.05 37.57 18.27
C CYS D 426 -24.15 37.82 17.24
N LYS D 427 -23.81 38.48 16.13
CA LYS D 427 -24.75 38.60 15.03
C LYS D 427 -24.93 37.27 14.32
N GLU D 428 -23.91 36.43 14.32
CA GLU D 428 -23.94 35.18 13.59
C GLU D 428 -24.36 33.99 14.44
N ILE D 429 -24.32 34.11 15.77
CA ILE D 429 -24.71 32.96 16.60
C ILE D 429 -26.24 32.78 16.59
N TRP D 430 -26.98 33.88 16.44
CA TRP D 430 -28.44 33.78 16.46
C TRP D 430 -29.00 33.50 15.06
N THR D 431 -28.24 33.79 14.01
CA THR D 431 -28.62 33.41 12.66
C THR D 431 -28.62 31.90 12.47
N GLN D 432 -27.66 31.20 13.10
CA GLN D 432 -27.58 29.75 13.00
C GLN D 432 -28.12 29.02 14.22
N GLY D 433 -28.38 29.71 15.32
CA GLY D 433 -28.88 29.08 16.52
C GLY D 433 -27.80 28.37 17.30
N PRO D 434 -28.12 27.93 18.53
CA PRO D 434 -27.15 27.16 19.31
C PRO D 434 -27.17 25.68 19.01
N LYS D 435 -27.32 25.32 17.74
CA LYS D 435 -27.26 23.93 17.29
C LYS D 435 -26.26 23.74 16.16
N GLU D 436 -26.12 24.72 15.26
CA GLU D 436 -25.12 24.67 14.22
C GLU D 436 -23.85 25.39 14.64
N TYR D 437 -23.99 26.31 15.59
CA TYR D 437 -22.84 27.06 16.08
C TYR D 437 -22.05 26.26 17.10
N LEU D 438 -22.74 25.71 18.11
CA LEU D 438 -22.06 24.97 19.17
C LEU D 438 -21.57 23.60 18.72
N PHE D 439 -22.07 23.10 17.58
CA PHE D 439 -21.63 21.79 17.08
C PHE D 439 -20.21 21.86 16.55
N GLU D 440 -19.84 22.97 15.91
CA GLU D 440 -18.47 23.16 15.45
C GLU D 440 -17.58 23.53 16.63
N LEU D 441 -16.40 22.92 16.69
CA LEU D 441 -15.52 23.06 17.84
C LEU D 441 -14.48 24.15 17.69
N TRP D 442 -14.44 24.84 16.55
CA TRP D 442 -13.58 26.02 16.41
C TRP D 442 -14.30 27.28 16.86
N ASN D 443 -15.64 27.25 16.87
CA ASN D 443 -16.41 28.33 17.48
C ASN D 443 -16.18 28.39 18.98
N MET D 444 -15.91 27.23 19.60
CA MET D 444 -15.49 27.20 21.00
C MET D 444 -14.19 27.97 21.21
N LEU D 445 -13.23 27.80 20.30
CA LEU D 445 -11.95 28.48 20.41
C LEU D 445 -12.10 29.99 20.18
N ASP D 446 -12.94 30.36 19.22
CA ASP D 446 -13.19 31.78 18.95
C ASP D 446 -13.89 32.46 20.12
N PHE D 447 -14.94 31.82 20.66
CA PHE D 447 -15.67 32.37 21.79
C PHE D 447 -14.80 32.42 23.03
N GLY D 448 -13.91 31.44 23.19
CA GLY D 448 -12.99 31.46 24.32
C GLY D 448 -11.98 32.60 24.23
N MET D 449 -11.45 32.84 23.03
CA MET D 449 -10.51 33.95 22.85
C MET D 449 -11.18 35.30 23.10
N LEU D 450 -12.40 35.47 22.59
CA LEU D 450 -13.12 36.73 22.80
C LEU D 450 -13.53 36.92 24.26
N ALA D 451 -13.91 35.83 24.94
CA ALA D 451 -14.28 35.92 26.34
C ALA D 451 -13.08 36.23 27.22
N ILE D 452 -11.91 35.68 26.89
CA ILE D 452 -10.71 35.96 27.69
C ILE D 452 -10.23 37.38 27.46
N PHE D 453 -10.33 37.89 26.22
CA PHE D 453 -10.06 39.31 25.98
C PHE D 453 -11.02 40.21 26.76
N ALA D 454 -12.31 39.86 26.77
CA ALA D 454 -13.31 40.67 27.46
C ALA D 454 -13.07 40.67 28.97
N ALA D 455 -12.72 39.52 29.54
CA ALA D 455 -12.43 39.44 30.97
C ALA D 455 -11.17 40.20 31.33
N SER D 456 -10.16 40.20 30.45
CA SER D 456 -8.94 40.97 30.68
C SER D 456 -9.21 42.47 30.70
N PHE D 457 -10.01 42.95 29.74
CA PHE D 457 -10.32 44.38 29.72
C PHE D 457 -11.26 44.77 30.87
N ILE D 458 -12.14 43.85 31.28
CA ILE D 458 -13.01 44.10 32.43
C ILE D 458 -12.20 44.23 33.72
N ALA D 459 -11.21 43.37 33.93
CA ALA D 459 -10.34 43.48 35.08
C ALA D 459 -9.46 44.73 35.06
N ARG D 460 -8.94 45.10 33.89
CA ARG D 460 -8.14 46.32 33.79
C ARG D 460 -8.99 47.56 34.05
N PHE D 461 -10.25 47.55 33.61
CA PHE D 461 -11.13 48.70 33.84
C PHE D 461 -11.45 48.88 35.32
N MET D 462 -11.69 47.78 36.05
CA MET D 462 -12.01 47.93 37.46
C MET D 462 -10.77 48.25 38.30
N ALA D 463 -9.59 47.81 37.86
CA ALA D 463 -8.35 48.26 38.50
C ALA D 463 -8.15 49.75 38.31
N PHE D 464 -8.38 50.25 37.09
CA PHE D 464 -8.28 51.68 36.82
C PHE D 464 -9.35 52.47 37.57
N TRP D 465 -10.53 51.87 37.76
CA TRP D 465 -11.60 52.54 38.48
C TRP D 465 -11.28 52.68 39.97
N HIS D 466 -10.72 51.62 40.56
CA HIS D 466 -10.28 51.70 41.96
C HIS D 466 -9.16 52.72 42.13
N ALA D 467 -8.21 52.75 41.18
CA ALA D 467 -7.11 53.71 41.27
C ALA D 467 -7.61 55.15 41.10
N SER D 468 -8.55 55.38 40.19
CA SER D 468 -9.07 56.73 39.98
C SER D 468 -9.94 57.18 41.14
N LYS D 469 -10.68 56.26 41.76
CA LYS D 469 -11.44 56.60 42.95
C LYS D 469 -10.53 56.97 44.12
N ALA D 470 -9.45 56.20 44.31
CA ALA D 470 -8.50 56.50 45.37
C ALA D 470 -7.74 57.79 45.12
N GLN D 471 -7.49 58.14 43.86
CA GLN D 471 -6.83 59.40 43.56
C GLN D 471 -7.80 60.57 43.63
N SER D 472 -9.10 60.32 43.45
CA SER D 472 -10.08 61.39 43.52
C SER D 472 -10.45 61.73 44.96
N ILE D 473 -10.52 60.74 45.85
CA ILE D 473 -10.92 61.02 47.23
C ILE D 473 -9.78 61.69 48.00
N ILE D 474 -8.54 61.52 47.52
CA ILE D 474 -7.38 62.17 48.11
C ILE D 474 -6.61 62.82 46.97
N ASP D 475 -6.92 64.09 46.70
CA ASP D 475 -6.27 64.82 45.62
C ASP D 475 -5.16 65.74 46.15
N LYS D 485 5.25 65.29 50.56
CA LYS D 485 5.09 63.84 50.68
C LYS D 485 5.09 63.40 52.13
N VAL D 486 3.89 63.16 52.67
CA VAL D 486 3.75 62.74 54.06
C VAL D 486 3.20 61.32 54.09
N THR D 487 3.04 60.76 55.29
CA THR D 487 2.48 59.42 55.43
C THR D 487 0.98 59.44 55.14
N LEU D 488 0.59 58.75 54.07
CA LEU D 488 -0.81 58.73 53.65
C LEU D 488 -1.63 57.85 54.58
N GLY D 489 -2.93 58.13 54.62
CA GLY D 489 -3.83 57.44 55.53
C GLY D 489 -4.11 56.02 55.09
N ASP D 490 -4.78 55.28 55.97
CA ASP D 490 -5.04 53.86 55.73
C ASP D 490 -6.29 53.63 54.89
N ASN D 491 -6.42 54.36 53.78
CA ASN D 491 -7.42 54.06 52.76
C ASN D 491 -6.91 54.17 51.34
N VAL D 492 -5.77 54.83 51.11
CA VAL D 492 -5.14 54.92 49.79
C VAL D 492 -3.68 54.51 49.92
N LYS D 493 -3.34 53.83 51.02
CA LYS D 493 -1.95 53.46 51.23
C LYS D 493 -1.56 52.24 50.42
N TYR D 494 -2.55 51.46 49.95
CA TYR D 494 -2.28 50.38 49.00
C TYR D 494 -2.36 50.94 47.57
N TYR D 495 -1.73 52.09 47.38
CA TYR D 495 -1.49 52.70 46.07
C TYR D 495 -0.17 53.44 46.22
N ASN D 496 0.37 53.90 45.09
CA ASN D 496 1.73 54.44 44.97
C ASN D 496 2.79 53.43 45.44
N LEU D 497 2.53 52.14 45.27
CA LEU D 497 3.41 51.07 45.73
C LEU D 497 4.00 50.31 44.55
N ALA D 498 5.09 49.60 44.82
CA ALA D 498 5.82 48.87 43.80
C ALA D 498 5.19 47.50 43.58
N ARG D 499 5.84 46.71 42.72
CA ARG D 499 5.27 45.42 42.31
C ARG D 499 5.37 44.37 43.42
N ILE D 500 6.30 44.55 44.37
CA ILE D 500 6.46 43.59 45.47
C ILE D 500 5.23 43.61 46.37
N LYS D 501 4.70 44.79 46.66
CA LYS D 501 3.70 44.97 47.69
C LYS D 501 2.27 44.96 47.14
N TRP D 502 2.07 44.49 45.92
CA TRP D 502 0.71 44.24 45.45
C TRP D 502 0.18 42.94 46.06
N ASP D 503 -1.13 42.83 46.12
CA ASP D 503 -1.76 41.60 46.57
C ASP D 503 -1.62 40.52 45.48
N PRO D 504 -1.64 39.24 45.87
CA PRO D 504 -1.64 38.17 44.85
C PRO D 504 -2.92 38.09 44.04
N SER D 505 -3.99 38.77 44.44
CA SER D 505 -5.23 38.81 43.68
C SER D 505 -5.55 40.23 43.22
N ASP D 506 -4.52 40.98 42.84
CA ASP D 506 -4.71 42.33 42.34
C ASP D 506 -5.41 42.28 40.98
N PRO D 507 -6.39 43.14 40.73
CA PRO D 507 -7.13 43.08 39.45
C PRO D 507 -6.34 43.52 38.23
N GLN D 508 -5.10 43.96 38.37
CA GLN D 508 -4.25 44.22 37.21
C GLN D 508 -3.41 43.02 36.81
N ILE D 509 -2.97 42.20 37.75
CA ILE D 509 -2.23 41.01 37.36
C ILE D 509 -3.17 39.95 36.79
N ILE D 510 -4.46 39.99 37.13
CA ILE D 510 -5.44 39.14 36.46
C ILE D 510 -5.60 39.55 35.01
N SER D 511 -5.63 40.86 34.75
CA SER D 511 -5.69 41.37 33.40
C SER D 511 -4.45 41.00 32.60
N GLU D 512 -3.27 41.13 33.23
CA GLU D 512 -2.02 40.79 32.55
C GLU D 512 -1.87 39.29 32.33
N GLY D 513 -2.49 38.48 33.18
CA GLY D 513 -2.46 37.04 33.00
C GLY D 513 -3.39 36.58 31.90
N LEU D 514 -4.59 37.16 31.82
CA LEU D 514 -5.51 36.75 30.77
C LEU D 514 -5.15 37.33 29.41
N TYR D 515 -4.46 38.49 29.39
CA TYR D 515 -4.12 39.14 28.13
C TYR D 515 -3.11 38.31 27.34
N ALA D 516 -2.20 37.61 28.02
CA ALA D 516 -1.22 36.77 27.32
C ALA D 516 -1.88 35.55 26.68
N ILE D 517 -2.82 34.92 27.39
CA ILE D 517 -3.56 33.79 26.84
C ILE D 517 -4.39 34.24 25.63
N ALA D 518 -4.99 35.42 25.72
CA ALA D 518 -5.78 35.93 24.61
C ALA D 518 -4.90 36.29 23.40
N VAL D 519 -3.70 36.81 23.65
CA VAL D 519 -2.77 37.13 22.58
C VAL D 519 -2.26 35.86 21.89
N VAL D 520 -2.05 34.79 22.65
CA VAL D 520 -1.68 33.52 22.03
C VAL D 520 -2.84 32.94 21.21
N LEU D 521 -4.05 32.95 21.78
CA LEU D 521 -5.20 32.35 21.10
C LEU D 521 -5.66 33.15 19.90
N SER D 522 -5.34 34.45 19.82
CA SER D 522 -5.79 35.25 18.68
C SER D 522 -5.05 34.92 17.39
N PHE D 523 -3.94 34.19 17.46
CA PHE D 523 -3.24 33.74 16.26
C PHE D 523 -3.88 32.52 15.61
N SER D 524 -4.92 31.94 16.21
CA SER D 524 -5.59 30.79 15.63
C SER D 524 -6.57 31.17 14.53
N ARG D 525 -6.78 32.46 14.27
CA ARG D 525 -7.66 32.91 13.21
C ARG D 525 -7.01 32.91 11.85
N ILE D 526 -5.76 32.46 11.75
CA ILE D 526 -5.12 32.22 10.45
C ILE D 526 -5.78 31.06 9.74
N ALA D 527 -6.34 30.11 10.48
CA ALA D 527 -7.06 28.97 9.93
C ALA D 527 -8.37 29.35 9.25
N TYR D 528 -8.86 30.58 9.44
CA TYR D 528 -10.04 31.05 8.74
C TYR D 528 -9.73 31.63 7.37
N ILE D 529 -8.50 32.08 7.15
CA ILE D 529 -8.09 32.63 5.86
C ILE D 529 -7.14 31.72 5.12
N LEU D 530 -6.66 30.65 5.74
CA LEU D 530 -5.70 29.72 5.15
C LEU D 530 -6.25 28.72 4.12
N PRO D 531 -7.49 28.18 4.21
CA PRO D 531 -7.95 27.30 3.13
C PRO D 531 -8.27 27.98 1.80
N ALA D 532 -8.01 29.27 1.63
CA ALA D 532 -8.17 29.93 0.34
C ALA D 532 -6.94 29.80 -0.54
N ASN D 533 -5.86 29.21 -0.03
CA ASN D 533 -4.60 29.11 -0.74
C ASN D 533 -4.42 27.70 -1.29
N GLU D 534 -3.77 27.60 -2.45
CA GLU D 534 -3.58 26.32 -3.12
C GLU D 534 -2.46 25.50 -2.52
N SER D 535 -1.61 26.09 -1.68
CA SER D 535 -0.49 25.38 -1.06
C SER D 535 -0.69 25.06 0.40
N PHE D 536 -1.49 25.85 1.13
CA PHE D 536 -1.71 25.65 2.55
C PHE D 536 -3.14 25.24 2.87
N GLY D 537 -3.92 24.87 1.86
CA GLY D 537 -5.24 24.33 2.04
C GLY D 537 -5.27 22.83 2.31
N PRO D 538 -4.67 22.03 1.41
CA PRO D 538 -4.55 20.59 1.70
C PRO D 538 -3.70 20.27 2.92
N LEU D 539 -2.77 21.13 3.30
CA LEU D 539 -2.01 20.93 4.54
C LEU D 539 -2.92 21.03 5.76
N GLN D 540 -3.81 22.04 5.76
CA GLN D 540 -4.80 22.18 6.82
C GLN D 540 -5.79 21.01 6.80
N ILE D 541 -6.12 20.50 5.61
CA ILE D 541 -7.00 19.33 5.49
C ILE D 541 -6.34 18.09 6.10
N SER D 542 -5.03 17.94 5.89
CA SER D 542 -4.31 16.80 6.46
C SER D 542 -4.17 16.91 7.98
N LEU D 543 -3.96 18.14 8.49
CA LEU D 543 -3.94 18.36 9.94
C LEU D 543 -5.27 18.01 10.57
N GLY D 544 -6.38 18.46 9.96
CA GLY D 544 -7.69 18.12 10.49
C GLY D 544 -8.04 16.65 10.32
N ARG D 545 -7.41 15.98 9.36
CA ARG D 545 -7.60 14.54 9.22
C ARG D 545 -6.91 13.80 10.36
N THR D 546 -5.70 14.21 10.72
CA THR D 546 -4.96 13.49 11.76
C THR D 546 -5.31 13.94 13.18
N VAL D 547 -6.06 15.03 13.35
CA VAL D 547 -6.29 15.57 14.71
C VAL D 547 -7.26 14.68 15.49
N LYS D 548 -8.04 13.85 14.80
CA LYS D 548 -9.05 13.05 15.48
C LYS D 548 -8.46 11.89 16.26
N ASP D 549 -7.31 11.35 15.83
CA ASP D 549 -6.64 10.26 16.51
C ASP D 549 -5.65 10.73 17.56
N ILE D 550 -5.65 12.03 17.87
CA ILE D 550 -4.81 12.59 18.91
C ILE D 550 -5.58 12.78 20.21
N PHE D 551 -6.81 13.25 20.13
CA PHE D 551 -7.65 13.45 21.29
C PHE D 551 -8.18 12.15 21.88
N LYS D 552 -8.01 11.02 21.21
CA LYS D 552 -8.28 9.72 21.78
C LYS D 552 -7.07 9.10 22.46
N PHE D 553 -5.86 9.46 22.04
CA PHE D 553 -4.67 9.01 22.74
C PHE D 553 -4.28 9.92 23.89
N MET D 554 -4.78 11.16 23.91
CA MET D 554 -4.60 12.02 25.08
C MET D 554 -5.32 11.46 26.30
N VAL D 555 -6.40 10.70 26.09
CA VAL D 555 -7.09 10.05 27.21
C VAL D 555 -6.21 8.94 27.81
N ILE D 556 -5.51 8.19 26.96
CA ILE D 556 -4.59 7.15 27.43
C ILE D 556 -3.40 7.77 28.15
N PHE D 557 -2.90 8.90 27.62
CA PHE D 557 -1.84 9.66 28.28
C PHE D 557 -2.28 10.15 29.66
N ILE D 558 -3.52 10.63 29.77
CA ILE D 558 -4.04 11.13 31.05
C ILE D 558 -4.22 9.98 32.04
N MET D 559 -4.65 8.81 31.56
CA MET D 559 -4.81 7.64 32.43
C MET D 559 -3.48 7.17 33.01
N VAL D 560 -2.45 7.00 32.17
CA VAL D 560 -1.13 6.59 32.64
C VAL D 560 -0.54 7.65 33.57
N PHE D 561 -0.74 8.93 33.23
CA PHE D 561 -0.23 10.03 34.03
C PHE D 561 -0.84 10.07 35.42
N VAL D 562 -2.17 9.92 35.49
CA VAL D 562 -2.88 10.00 36.77
C VAL D 562 -2.55 8.80 37.64
N ALA D 563 -2.43 7.61 37.02
CA ALA D 563 -2.04 6.41 37.75
C ALA D 563 -0.68 6.53 38.39
N PHE D 564 0.33 6.94 37.61
CA PHE D 564 1.68 7.05 38.16
C PHE D 564 1.81 8.24 39.11
N MET D 565 1.01 9.29 38.92
CA MET D 565 1.02 10.44 39.82
C MET D 565 0.53 10.06 41.20
N ILE D 566 -0.59 9.34 41.27
CA ILE D 566 -1.13 8.90 42.54
C ILE D 566 -0.21 7.88 43.20
N GLY D 567 0.39 6.98 42.41
CA GLY D 567 1.28 5.98 42.98
C GLY D 567 2.55 6.58 43.58
N MET D 568 3.21 7.46 42.84
CA MET D 568 4.45 8.04 43.37
C MET D 568 4.20 9.08 44.45
N PHE D 569 3.03 9.74 44.43
CA PHE D 569 2.69 10.61 45.55
C PHE D 569 2.41 9.80 46.81
N ASN D 570 1.78 8.64 46.66
CA ASN D 570 1.57 7.77 47.83
C ASN D 570 2.89 7.18 48.32
N LEU D 571 3.86 7.03 47.42
CA LEU D 571 5.15 6.49 47.84
C LEU D 571 5.99 7.53 48.59
N TYR D 572 6.05 8.76 48.08
CA TYR D 572 7.03 9.73 48.57
C TYR D 572 6.46 10.83 49.45
N SER D 573 5.23 10.71 49.94
CA SER D 573 4.64 11.81 50.71
C SER D 573 5.19 11.88 52.12
N TYR D 574 5.69 10.77 52.66
CA TYR D 574 6.16 10.72 54.03
C TYR D 574 7.61 11.21 54.18
N TYR D 575 8.25 11.63 53.10
CA TYR D 575 9.64 12.05 53.10
C TYR D 575 9.76 13.47 52.58
N ILE D 576 8.92 14.37 53.10
CA ILE D 576 8.76 15.70 52.50
C ILE D 576 9.97 16.57 52.79
N GLY D 577 10.52 16.48 54.00
CA GLY D 577 11.71 17.23 54.34
C GLY D 577 13.01 16.47 54.25
N ALA D 578 12.98 15.21 53.82
CA ALA D 578 14.16 14.35 53.83
C ALA D 578 14.60 13.91 52.45
N LYS D 579 14.29 14.67 51.41
CA LYS D 579 14.67 14.34 50.05
C LYS D 579 15.70 15.34 49.54
N GLN D 580 16.27 15.05 48.37
CA GLN D 580 17.21 15.98 47.74
C GLN D 580 16.50 17.19 47.18
N ASN D 581 15.41 16.98 46.46
CA ASN D 581 14.56 18.08 46.01
C ASN D 581 13.12 17.81 46.42
N GLU D 582 12.20 18.70 46.06
CA GLU D 582 10.84 18.65 46.57
C GLU D 582 9.90 17.82 45.71
N ALA D 583 10.44 17.00 44.80
CA ALA D 583 9.59 16.26 43.87
C ALA D 583 8.87 15.12 44.58
N PHE D 584 7.65 14.83 44.10
CA PHE D 584 6.76 13.74 44.53
C PHE D 584 6.31 13.85 45.98
N THR D 585 6.47 15.00 46.62
CA THR D 585 6.08 15.17 48.02
C THR D 585 4.70 15.78 48.17
N THR D 586 4.18 16.45 47.15
CA THR D 586 2.79 16.89 47.09
C THR D 586 2.24 16.50 45.74
N VAL D 587 0.96 16.81 45.52
CA VAL D 587 0.34 16.49 44.23
C VAL D 587 0.83 17.45 43.16
N GLU D 588 1.10 18.71 43.52
CA GLU D 588 1.61 19.69 42.58
C GLU D 588 3.01 19.34 42.11
N GLU D 589 3.87 18.91 43.04
CA GLU D 589 5.24 18.55 42.68
C GLU D 589 5.29 17.24 41.90
N SER D 590 4.41 16.29 42.22
CA SER D 590 4.32 15.07 41.44
C SER D 590 3.82 15.34 40.02
N PHE D 591 2.87 16.27 39.90
CA PHE D 591 2.38 16.71 38.59
C PHE D 591 3.49 17.34 37.77
N LYS D 592 4.19 18.32 38.33
CA LYS D 592 5.21 19.00 37.56
C LYS D 592 6.50 18.21 37.44
N THR D 593 6.63 17.09 38.13
CA THR D 593 7.74 16.18 37.83
C THR D 593 7.39 15.25 36.69
N LEU D 594 6.23 14.58 36.78
CA LEU D 594 5.88 13.62 35.75
C LEU D 594 5.44 14.26 34.44
N PHE D 595 5.04 15.53 34.44
CA PHE D 595 4.72 16.17 33.18
C PHE D 595 5.99 16.53 32.41
N TRP D 596 6.96 17.14 33.10
CA TRP D 596 8.18 17.55 32.44
C TRP D 596 9.19 16.42 32.32
N ALA D 597 8.89 15.23 32.84
CA ALA D 597 9.66 14.05 32.49
C ALA D 597 9.41 13.59 31.06
N ILE D 598 8.31 14.03 30.43
CA ILE D 598 8.01 13.67 29.05
C ILE D 598 8.99 14.33 28.09
N PHE D 599 9.34 15.59 28.35
CA PHE D 599 10.25 16.34 27.49
C PHE D 599 11.68 16.30 28.01
N GLY D 600 11.96 15.47 29.00
CA GLY D 600 13.31 15.35 29.53
C GLY D 600 13.77 16.49 30.40
N LEU D 601 12.85 17.22 31.02
CA LEU D 601 13.18 18.35 31.86
C LEU D 601 13.07 18.04 33.35
N SER D 602 12.90 16.76 33.69
CA SER D 602 12.88 16.30 35.07
C SER D 602 14.08 15.40 35.30
N GLU D 603 14.92 15.79 36.26
CA GLU D 603 16.17 15.08 36.49
C GLU D 603 15.93 13.76 37.21
N VAL D 604 16.93 12.89 37.14
CA VAL D 604 16.81 11.54 37.69
C VAL D 604 17.03 11.53 39.20
N LYS D 605 17.66 12.56 39.76
CA LYS D 605 17.83 12.67 41.20
C LYS D 605 16.60 13.21 41.91
N SER D 606 15.46 13.32 41.22
CA SER D 606 14.18 13.70 41.81
C SER D 606 13.51 12.55 42.58
N VAL D 607 14.17 11.40 42.65
CA VAL D 607 13.55 10.17 43.14
C VAL D 607 14.33 9.55 44.29
N VAL D 608 15.45 10.14 44.68
CA VAL D 608 16.31 9.60 45.74
C VAL D 608 15.98 10.30 47.05
N ILE D 609 16.24 9.62 48.16
CA ILE D 609 16.02 10.17 49.48
C ILE D 609 17.35 10.24 50.22
N ASN D 610 17.32 10.84 51.41
CA ASN D 610 18.53 11.03 52.20
C ASN D 610 18.79 9.91 53.20
N TYR D 611 17.77 9.16 53.59
CA TYR D 611 17.93 8.12 54.60
C TYR D 611 18.51 6.87 53.95
N ASN D 612 18.64 5.80 54.75
CA ASN D 612 19.11 4.52 54.24
C ASN D 612 17.94 3.56 54.00
N HIS D 613 16.80 4.10 53.60
CA HIS D 613 15.66 3.29 53.17
C HIS D 613 15.77 3.13 51.66
N LYS D 614 16.60 2.18 51.24
CA LYS D 614 16.82 1.95 49.81
C LYS D 614 15.70 1.12 49.18
N PHE D 615 14.84 0.52 50.00
CA PHE D 615 13.64 -0.16 49.50
C PHE D 615 12.74 0.82 48.75
N ILE D 616 12.37 1.92 49.40
CA ILE D 616 11.45 2.89 48.82
C ILE D 616 12.11 3.62 47.65
N GLU D 617 13.43 3.85 47.74
CA GLU D 617 14.17 4.49 46.65
C GLU D 617 14.22 3.60 45.41
N ASN D 618 14.39 2.28 45.60
CA ASN D 618 14.41 1.38 44.44
C ASN D 618 13.02 1.20 43.85
N ILE D 619 11.97 1.24 44.68
CA ILE D 619 10.60 1.29 44.18
C ILE D 619 10.40 2.52 43.30
N GLY D 620 10.94 3.67 43.75
CA GLY D 620 10.81 4.89 42.97
C GLY D 620 11.56 4.85 41.64
N TYR D 621 12.77 4.29 41.63
CA TYR D 621 13.51 4.08 40.38
C TYR D 621 12.74 3.20 39.40
N VAL D 622 12.20 2.08 39.89
CA VAL D 622 11.50 1.15 39.01
C VAL D 622 10.22 1.79 38.47
N LEU D 623 9.48 2.51 39.32
CA LEU D 623 8.24 3.15 38.88
C LEU D 623 8.50 4.26 37.87
N TYR D 624 9.59 5.02 38.05
CA TYR D 624 9.89 6.12 37.15
C TYR D 624 10.38 5.62 35.79
N GLY D 625 11.18 4.55 35.80
CA GLY D 625 11.58 3.93 34.54
C GLY D 625 10.43 3.31 33.77
N VAL D 626 9.52 2.64 34.48
CA VAL D 626 8.35 2.05 33.84
C VAL D 626 7.43 3.13 33.28
N TYR D 627 7.33 4.27 33.98
CA TYR D 627 6.55 5.40 33.47
C TYR D 627 7.12 5.95 32.17
N ASN D 628 8.45 6.11 32.12
CA ASN D 628 9.08 6.66 30.92
C ASN D 628 8.94 5.71 29.72
N VAL D 629 9.14 4.40 29.94
CA VAL D 629 9.01 3.44 28.85
C VAL D 629 7.57 3.34 28.37
N THR D 630 6.60 3.40 29.30
CA THR D 630 5.19 3.33 28.94
C THR D 630 4.76 4.55 28.13
N MET D 631 5.26 5.73 28.49
CA MET D 631 4.93 6.94 27.74
C MET D 631 5.52 6.90 26.34
N VAL D 632 6.74 6.37 26.19
CA VAL D 632 7.34 6.22 24.85
C VAL D 632 6.53 5.23 24.00
N ILE D 633 6.02 4.16 24.63
CA ILE D 633 5.24 3.16 23.90
C ILE D 633 3.90 3.74 23.44
N VAL D 634 3.24 4.52 24.30
CA VAL D 634 1.97 5.15 23.92
C VAL D 634 2.17 6.19 22.82
N LEU D 635 3.30 6.90 22.85
CA LEU D 635 3.61 7.83 21.76
C LEU D 635 3.87 7.11 20.44
N LEU D 636 4.60 5.99 20.48
CA LEU D 636 4.86 5.23 19.26
C LEU D 636 3.61 4.57 18.72
N ASN D 637 2.61 4.28 19.56
CA ASN D 637 1.35 3.77 19.04
C ASN D 637 0.46 4.88 18.49
N MET D 638 0.54 6.08 19.09
CA MET D 638 -0.17 7.24 18.54
C MET D 638 0.33 7.60 17.15
N LEU D 639 1.65 7.44 16.93
CA LEU D 639 2.21 7.71 15.60
C LEU D 639 1.67 6.75 14.54
N ILE D 640 1.55 5.46 14.88
CA ILE D 640 1.05 4.48 13.93
C ILE D 640 -0.43 4.68 13.68
N ALA D 641 -1.19 5.05 14.71
CA ALA D 641 -2.60 5.35 14.51
C ALA D 641 -2.80 6.58 13.64
N MET D 642 -1.95 7.59 13.79
CA MET D 642 -2.02 8.76 12.93
C MET D 642 -1.60 8.46 11.49
N ILE D 643 -0.69 7.50 11.29
CA ILE D 643 -0.32 7.08 9.95
C ILE D 643 -1.48 6.33 9.28
N ASN D 644 -2.11 5.42 10.03
CA ASN D 644 -3.22 4.64 9.50
C ASN D 644 -4.44 5.51 9.23
N SER D 645 -4.64 6.56 10.03
CA SER D 645 -5.74 7.50 9.81
C SER D 645 -5.53 8.39 8.60
N SER D 646 -4.33 8.43 8.02
CA SER D 646 -4.07 9.21 6.83
C SER D 646 -3.85 8.37 5.59
N PHE D 647 -3.54 7.08 5.72
CA PHE D 647 -3.41 6.25 4.53
C PHE D 647 -4.75 5.74 4.01
N GLN D 648 -5.84 5.99 4.72
CA GLN D 648 -7.15 5.56 4.26
C GLN D 648 -7.68 6.43 3.12
N GLU D 649 -7.16 7.63 2.97
CA GLU D 649 -7.67 8.58 1.98
C GLU D 649 -7.14 8.27 0.60
N ILE D 650 -7.99 8.42 -0.41
CA ILE D 650 -7.61 8.25 -1.80
C ILE D 650 -6.96 9.54 -2.30
N GLU D 651 -6.34 9.46 -3.49
CA GLU D 651 -5.69 10.63 -4.05
C GLU D 651 -6.67 11.68 -4.57
N ASP D 652 -7.85 11.28 -5.00
CA ASP D 652 -8.78 12.25 -5.55
C ASP D 652 -9.65 12.83 -4.47
N ASP D 653 -9.59 12.26 -3.28
CA ASP D 653 -10.41 12.77 -2.21
C ASP D 653 -9.64 13.72 -1.33
N ALA D 654 -8.37 13.93 -1.61
CA ALA D 654 -7.57 14.83 -0.79
C ALA D 654 -7.67 16.23 -1.35
N ASP D 655 -8.02 16.28 -2.61
CA ASP D 655 -8.24 17.47 -3.42
C ASP D 655 -9.71 17.88 -3.43
N VAL D 656 -10.61 16.89 -3.42
CA VAL D 656 -12.05 17.16 -3.32
C VAL D 656 -12.39 17.82 -1.99
N GLU D 657 -11.72 17.40 -0.91
CA GLU D 657 -11.92 17.97 0.42
C GLU D 657 -11.47 19.43 0.48
N TRP D 658 -10.30 19.73 -0.10
CA TRP D 658 -9.81 21.10 -0.09
C TRP D 658 -10.66 22.00 -0.98
N LYS D 659 -11.13 21.49 -2.12
CA LYS D 659 -11.99 22.29 -2.98
C LYS D 659 -13.35 22.54 -2.35
N PHE D 660 -13.87 21.58 -1.58
CA PHE D 660 -15.11 21.80 -0.85
C PHE D 660 -14.93 22.82 0.26
N ALA D 661 -13.80 22.78 0.97
CA ALA D 661 -13.55 23.76 2.03
C ALA D 661 -13.34 25.17 1.46
N ARG D 662 -12.66 25.27 0.31
CA ARG D 662 -12.47 26.55 -0.34
C ARG D 662 -13.79 27.10 -0.87
N ALA D 663 -14.68 26.22 -1.34
CA ALA D 663 -15.98 26.69 -1.81
C ALA D 663 -16.88 27.12 -0.66
N LYS D 664 -16.77 26.47 0.51
CA LYS D 664 -17.50 26.95 1.68
C LYS D 664 -16.98 28.31 2.13
N LEU D 665 -15.66 28.51 2.03
CA LEU D 665 -15.08 29.83 2.30
C LEU D 665 -15.58 30.86 1.29
N TRP D 666 -15.78 30.45 0.04
CA TRP D 666 -16.31 31.35 -0.98
C TRP D 666 -17.74 31.74 -0.70
N PHE D 667 -18.59 30.76 -0.36
CA PHE D 667 -19.99 31.06 -0.02
C PHE D 667 -20.13 31.80 1.30
N SER D 668 -19.10 31.80 2.14
CA SER D 668 -19.14 32.69 3.29
C SER D 668 -19.00 34.16 2.92
N TYR D 669 -18.60 34.49 1.68
CA TYR D 669 -18.44 35.87 1.25
C TYR D 669 -19.40 36.29 0.14
N PHE D 670 -20.22 35.38 -0.38
CA PHE D 670 -21.15 35.76 -1.44
C PHE D 670 -22.32 36.56 -0.90
N GLU D 671 -22.64 36.38 0.39
CA GLU D 671 -23.73 37.11 1.02
C GLU D 671 -23.37 38.58 1.17
N GLU D 672 -24.35 39.46 0.94
CA GLU D 672 -24.13 40.90 0.99
C GLU D 672 -24.26 41.46 2.41
N GLY D 673 -24.14 40.61 3.42
CA GLY D 673 -24.38 41.05 4.78
C GLY D 673 -23.24 41.85 5.37
N ARG D 674 -22.01 41.35 5.24
CA ARG D 674 -20.89 41.94 5.96
C ARG D 674 -20.40 43.26 5.37
N THR D 675 -19.88 43.26 4.12
CA THR D 675 -19.69 44.45 3.25
C THR D 675 -18.53 45.35 3.75
N LEU D 676 -18.05 45.13 4.97
CA LEU D 676 -17.04 45.96 5.64
C LEU D 676 -16.18 45.08 6.54
N PRO D 677 -14.94 45.46 6.82
CA PRO D 677 -14.11 44.71 7.77
C PRO D 677 -14.61 44.88 9.21
N VAL D 678 -13.97 44.15 10.11
CA VAL D 678 -14.46 43.99 11.49
C VAL D 678 -14.39 45.25 12.37
N PRO D 679 -13.43 46.25 12.24
CA PRO D 679 -13.58 47.41 13.13
C PRO D 679 -14.66 48.37 12.67
N PHE D 680 -15.04 48.32 11.39
CA PHE D 680 -15.93 49.31 10.81
C PHE D 680 -17.39 48.88 10.76
N ASN D 681 -17.72 47.64 11.12
CA ASN D 681 -19.12 47.22 11.02
C ASN D 681 -19.98 47.69 12.18
N LEU D 682 -19.38 48.31 13.21
CA LEU D 682 -20.16 48.84 14.33
C LEU D 682 -20.94 50.08 13.97
N VAL D 683 -20.51 50.82 12.94
CA VAL D 683 -21.20 52.03 12.52
C VAL D 683 -22.23 51.72 11.45
N ARG D 769 -41.16 24.01 -21.10
CA ARG D 769 -40.40 25.14 -21.60
C ARG D 769 -39.02 24.71 -22.08
N GLN D 770 -37.99 25.49 -21.73
CA GLN D 770 -36.63 25.15 -22.12
C GLN D 770 -35.96 24.22 -21.12
N TYR D 771 -36.30 24.35 -19.83
CA TYR D 771 -35.66 23.55 -18.80
C TYR D 771 -36.04 22.08 -18.92
N GLN D 772 -37.31 21.81 -19.25
CA GLN D 772 -37.74 20.43 -19.45
C GLN D 772 -37.09 19.81 -20.69
N LYS D 773 -36.89 20.61 -21.73
CA LYS D 773 -36.21 20.14 -22.93
C LYS D 773 -34.75 19.81 -22.65
N ILE D 774 -34.07 20.68 -21.89
CA ILE D 774 -32.67 20.44 -21.54
C ILE D 774 -32.53 19.23 -20.63
N MET D 775 -33.46 19.06 -19.68
CA MET D 775 -33.40 17.91 -18.79
C MET D 775 -33.71 16.61 -19.50
N LYS D 776 -34.61 16.64 -20.50
CA LYS D 776 -34.87 15.46 -21.32
C LYS D 776 -33.64 15.07 -22.13
N ARG D 777 -32.96 16.06 -22.73
CA ARG D 777 -31.73 15.82 -23.47
C ARG D 777 -30.63 15.25 -22.58
N LEU D 778 -30.51 15.76 -21.36
CA LEU D 778 -29.45 15.30 -20.47
C LEU D 778 -29.75 13.91 -19.91
N ILE D 779 -31.03 13.60 -19.67
CA ILE D 779 -31.39 12.26 -19.22
C ILE D 779 -31.16 11.24 -20.32
N LYS D 780 -31.39 11.62 -21.58
CA LYS D 780 -31.10 10.69 -22.68
C LYS D 780 -29.59 10.47 -22.84
N ARG D 781 -28.79 11.53 -22.69
CA ARG D 781 -27.33 11.38 -22.68
C ARG D 781 -26.87 10.48 -21.55
N TYR D 782 -27.48 10.61 -20.38
CA TYR D 782 -27.09 9.80 -19.22
C TYR D 782 -27.42 8.33 -19.44
N THR D 783 -28.58 8.04 -20.03
CA THR D 783 -28.94 6.64 -20.25
C THR D 783 -28.08 5.98 -21.32
N THR D 784 -27.74 6.73 -22.39
CA THR D 784 -26.85 6.16 -23.39
C THR D 784 -25.44 5.94 -22.84
N GLN D 785 -24.94 6.88 -22.03
CA GLN D 785 -23.63 6.70 -21.43
C GLN D 785 -23.62 5.57 -20.40
N ALA D 786 -24.73 5.37 -19.70
CA ALA D 786 -24.81 4.27 -18.74
C ALA D 786 -24.84 2.91 -19.43
N GLN D 787 -25.50 2.84 -20.59
CA GLN D 787 -25.46 1.59 -21.36
C GLN D 787 -24.07 1.33 -21.94
N ILE D 788 -23.36 2.39 -22.34
CA ILE D 788 -21.96 2.24 -22.78
C ILE D 788 -21.09 1.74 -21.63
N ASP D 789 -21.30 2.29 -20.42
CA ASP D 789 -20.49 1.91 -19.27
C ASP D 789 -20.76 0.48 -18.82
N LYS D 790 -22.00 0.00 -18.93
CA LYS D 790 -22.23 -1.39 -18.60
C LYS D 790 -21.77 -2.31 -19.72
N GLU D 791 -21.71 -1.82 -20.96
CA GLU D 791 -21.07 -2.60 -22.02
C GLU D 791 -19.56 -2.68 -21.87
N SER D 792 -18.95 -1.74 -21.14
CA SER D 792 -17.51 -1.79 -20.88
C SER D 792 -17.16 -2.63 -19.65
N ASP D 793 -18.10 -3.41 -19.14
CA ASP D 793 -17.85 -4.26 -17.98
C ASP D 793 -17.33 -5.61 -18.45
N GLU D 794 -16.63 -6.31 -17.56
CA GLU D 794 -15.97 -7.57 -17.91
C GLU D 794 -17.00 -8.67 -18.20
N VAL D 795 -16.52 -9.72 -18.86
CA VAL D 795 -17.37 -10.86 -19.19
C VAL D 795 -17.23 -11.92 -18.11
N ASN D 796 -18.35 -12.34 -17.53
CA ASN D 796 -18.36 -13.48 -16.63
C ASN D 796 -18.88 -14.70 -17.37
N GLU D 797 -18.88 -15.83 -16.68
CA GLU D 797 -19.08 -17.11 -17.36
C GLU D 797 -20.55 -17.50 -17.55
N GLY D 798 -21.51 -16.70 -17.09
CA GLY D 798 -22.90 -16.98 -17.38
C GLY D 798 -23.27 -16.55 -18.78
N GLU D 799 -22.63 -15.47 -19.25
CA GLU D 799 -22.90 -14.96 -20.58
C GLU D 799 -22.34 -15.88 -21.66
N LEU D 800 -21.17 -16.47 -21.40
CA LEU D 800 -20.61 -17.45 -22.34
C LEU D 800 -21.44 -18.73 -22.35
N LYS D 801 -22.05 -19.08 -21.22
CA LYS D 801 -23.00 -20.19 -21.19
C LYS D 801 -24.25 -19.88 -21.99
N GLU D 802 -24.69 -18.62 -21.99
CA GLU D 802 -25.82 -18.22 -22.83
C GLU D 802 -25.48 -18.33 -24.32
N ILE D 803 -24.24 -17.98 -24.69
CA ILE D 803 -23.77 -18.17 -26.07
C ILE D 803 -23.73 -19.66 -26.42
N LYS D 804 -23.30 -20.50 -25.48
CA LYS D 804 -23.24 -21.94 -25.70
C LYS D 804 -24.63 -22.53 -25.92
N GLN D 805 -25.62 -22.06 -25.16
CA GLN D 805 -26.98 -22.55 -25.34
C GLN D 805 -27.58 -22.07 -26.65
N ASP D 806 -27.19 -20.86 -27.10
CA ASP D 806 -27.59 -20.40 -28.43
C ASP D 806 -27.07 -21.33 -29.51
N ILE D 807 -25.79 -21.72 -29.42
CA ILE D 807 -25.19 -22.62 -30.41
C ILE D 807 -25.86 -23.99 -30.38
N SER D 808 -26.20 -24.49 -29.18
CA SER D 808 -26.79 -25.83 -29.07
C SER D 808 -28.21 -25.86 -29.63
N SER D 809 -29.01 -24.83 -29.33
CA SER D 809 -30.37 -24.80 -29.87
C SER D 809 -30.37 -24.58 -31.38
N LEU D 810 -29.41 -23.81 -31.89
CA LEU D 810 -29.25 -23.67 -33.33
C LEU D 810 -28.88 -24.99 -33.98
N ARG D 811 -28.03 -25.78 -33.31
CA ARG D 811 -27.65 -27.10 -33.82
C ARG D 811 -28.84 -28.04 -33.90
N TYR D 812 -29.68 -28.04 -32.86
CA TYR D 812 -30.87 -28.89 -32.84
C TYR D 812 -31.85 -28.50 -33.95
N GLU D 813 -32.08 -27.19 -34.12
CA GLU D 813 -32.97 -26.71 -35.18
C GLU D 813 -32.48 -27.08 -36.57
N LEU D 814 -31.17 -26.92 -36.82
CA LEU D 814 -30.64 -27.17 -38.15
C LEU D 814 -30.63 -28.65 -38.49
N LEU D 815 -30.26 -29.51 -37.53
CA LEU D 815 -30.25 -30.95 -37.79
C LEU D 815 -31.66 -31.47 -38.00
N GLU D 816 -32.65 -30.97 -37.24
CA GLU D 816 -34.01 -31.42 -37.46
C GLU D 816 -34.59 -30.90 -38.77
N GLU D 817 -34.20 -29.68 -39.17
CA GLU D 817 -34.67 -29.13 -40.44
C GLU D 817 -34.13 -29.93 -41.62
N LYS D 818 -32.84 -30.29 -41.58
CA LYS D 818 -32.26 -31.10 -42.64
C LYS D 818 -32.88 -32.49 -42.69
N SER D 819 -33.15 -33.08 -41.51
CA SER D 819 -33.76 -34.40 -41.44
C SER D 819 -35.19 -34.39 -42.00
N GLN D 820 -36.00 -33.40 -41.60
CA GLN D 820 -37.39 -33.37 -42.07
C GLN D 820 -37.47 -33.02 -43.55
N ASN D 821 -36.55 -32.19 -44.05
CA ASN D 821 -36.52 -31.87 -45.47
C ASN D 821 -36.17 -33.09 -46.30
N THR D 822 -35.15 -33.84 -45.86
CA THR D 822 -34.74 -35.06 -46.57
C THR D 822 -35.85 -36.11 -46.57
N GLU D 823 -36.49 -36.35 -45.42
CA GLU D 823 -37.47 -37.43 -45.37
C GLU D 823 -38.77 -37.05 -46.08
N ASP D 824 -39.25 -35.80 -45.90
CA ASP D 824 -40.49 -35.39 -46.52
C ASP D 824 -40.34 -35.14 -48.00
N LEU D 825 -39.12 -34.94 -48.49
CA LEU D 825 -38.92 -35.00 -49.93
C LEU D 825 -38.86 -36.45 -50.40
N ALA D 826 -38.25 -37.33 -49.59
CA ALA D 826 -38.01 -38.71 -50.01
C ALA D 826 -39.29 -39.51 -50.18
N GLU D 827 -40.28 -39.34 -49.30
CA GLU D 827 -41.49 -40.16 -49.43
C GLU D 827 -42.28 -39.80 -50.68
N LEU D 828 -42.35 -38.51 -51.02
CA LEU D 828 -43.09 -38.13 -52.21
C LEU D 828 -42.33 -38.48 -53.48
N ILE D 829 -40.98 -38.43 -53.46
CA ILE D 829 -40.25 -38.84 -54.65
C ILE D 829 -40.32 -40.36 -54.85
N ARG D 830 -40.35 -41.15 -53.77
CA ARG D 830 -40.53 -42.59 -53.98
C ARG D 830 -41.98 -42.92 -54.36
N GLU D 831 -42.94 -42.11 -53.90
CA GLU D 831 -44.34 -42.33 -54.28
C GLU D 831 -44.56 -42.02 -55.76
N LEU D 832 -43.82 -41.06 -56.30
CA LEU D 832 -43.79 -40.89 -57.75
C LEU D 832 -42.79 -41.80 -58.45
N GLY D 833 -41.96 -42.51 -57.70
CA GLY D 833 -41.07 -43.49 -58.27
C GLY D 833 -41.65 -44.88 -58.41
N GLU D 834 -42.72 -45.17 -57.68
CA GLU D 834 -43.45 -46.41 -57.90
C GLU D 834 -44.46 -46.29 -59.04
N LYS D 835 -44.62 -45.10 -59.62
CA LYS D 835 -45.54 -44.88 -60.74
C LYS D 835 -44.95 -45.30 -62.08
N LEU D 836 -43.70 -45.72 -62.11
CA LEU D 836 -43.04 -46.07 -63.37
C LEU D 836 -42.47 -47.49 -63.31
O11 SBM E . 21.51 -3.57 12.19
C11 SBM E . 22.45 -4.16 12.67
C12 SBM E . 23.39 -3.56 13.71
C13 SBM E . 23.82 -2.08 13.40
C14 SBM E . 24.80 -1.45 14.44
C15 SBM E . 25.36 -0.04 14.07
C16 SBM E . 26.55 0.48 14.91
C17 SBM E . 26.64 2.04 15.04
C18 SBM E . 28.06 2.66 15.05
C19 SBM E . 28.21 3.92 14.16
C20 SBM E . 29.18 5.00 14.70
C21 SBM E . 28.84 6.42 14.18
C22 SBM E . 30.06 7.28 13.89
O3 SBM E . 22.69 -5.46 12.29
C3 SBM E . 21.68 -6.18 11.57
C2 SBM E . 21.59 -7.69 12.06
C1 SBM E . 22.45 -8.59 11.13
O3P SBM E . 21.81 -8.71 9.91
P SBM E . 22.31 -9.81 8.77
O2 SBM E . 22.15 -7.78 13.39
C31 SBM E . 21.65 -8.66 14.34
O31 SBM E . 21.40 -9.80 14.00
C32 SBM E . 21.44 -8.17 15.78
C33 SBM E . 21.98 -9.18 16.85
C34 SBM E . 21.18 -9.30 18.17
C35 SBM E . 21.97 -9.01 19.49
C36 SBM E . 23.47 -8.64 19.31
C37 SBM E . 24.08 -7.78 20.44
C38 SBM E . 25.17 -6.82 19.94
C39 SBM E . 25.95 -6.11 21.05
C40 SBM E . 27.05 -5.19 20.53
O1 SBM E . 22.99 -9.09 7.65
O4 SBM E . 21.34 -10.93 8.67
O5 SBM E . 23.69 -10.66 9.50
C4 SBM E . 23.68 -12.01 9.39
C5 SBM E . 24.77 -12.52 10.36
N1 SBM E . 24.96 -14.05 10.21
C6 SBM E . 26.00 -14.52 11.21
C7 SBM E . 23.66 -14.80 10.47
C8 SBM E . 25.46 -14.37 8.81
CAA Y01 F . 20.79 -11.36 28.95
CBA Y01 F . 21.49 -11.96 27.71
CAB Y01 F . 22.88 -11.34 27.53
CAN Y01 F . 21.51 -13.53 27.72
CAJ Y01 F . 22.89 -14.23 27.94
CAO Y01 F . 23.38 -15.22 26.85
CBB Y01 F . 22.67 -16.61 26.74
CAC Y01 F . 22.28 -17.18 28.12
CBE Y01 F . 21.46 -16.65 25.72
CAP Y01 F . 21.57 -15.56 24.62
CAQ Y01 F . 21.22 -16.24 23.29
CBG Y01 F . 20.41 -17.51 23.66
CBI Y01 F . 21.26 -18.00 24.88
CAE Y01 F . 22.64 -18.53 24.47
CAU Y01 F . 20.57 -19.24 25.52
CAS Y01 F . 20.20 -20.34 24.46
CBF Y01 F . 19.35 -19.87 23.25
CBD Y01 F . 20.02 -18.61 22.58
CAK Y01 F . 19.13 -18.12 21.42
CAI Y01 F . 18.60 -19.23 20.50
CAZ Y01 F . 18.47 -20.55 20.84
CAV Y01 F . 17.79 -21.67 19.96
CBH Y01 F . 19.00 -21.05 22.18
CAD Y01 F . 20.31 -21.78 21.77
CAT Y01 F . 18.08 -22.16 22.80
CAR Y01 F . 17.62 -23.31 21.86
CBC Y01 F . 16.86 -22.75 20.63
OAW Y01 F . 16.52 -23.86 19.77
CAY Y01 F . 15.65 -23.73 18.69
OAG Y01 F . 14.85 -22.80 18.81
CAM Y01 F . 15.61 -24.61 17.42
CAL Y01 F . 15.15 -26.06 17.62
CAX Y01 F . 14.72 -26.83 16.30
OAH Y01 F . 15.57 -26.97 15.41
OAF Y01 F . 13.54 -27.26 16.24
C10 R0D G . 20.01 34.38 17.06
C13 R0D G . 19.42 31.40 16.61
C17 R0D G . 18.56 29.19 13.26
C20 R0D G . 17.37 31.70 13.63
C21 R0D G . 18.11 31.13 14.67
C24 R0D G . 19.75 34.13 19.47
C26 R0D G . 17.82 37.36 18.39
C02 R0D G . 15.64 38.27 18.24
C03 R0D G . 16.06 39.54 18.55
C04 R0D G . 17.42 39.75 18.78
C05 R0D G . 18.28 38.66 18.70
C07 R0D G . 20.20 37.33 18.54
C08 R0D G . 18.99 36.38 18.37
C09 R0D G . 19.08 35.62 17.05
C12 R0D G . 19.44 32.07 18.01
C14 R0D G . 19.33 29.86 16.74
C16 R0D G . 18.69 29.87 14.45
C18 R0D G . 17.82 29.76 12.24
C19 R0D G . 17.24 31.01 12.43
C25 R0D G . 18.84 35.37 19.51
C27 R0D G . 16.49 37.16 18.15
N06 R0D G . 19.64 38.64 18.89
N11 R0D G . 19.72 33.44 18.18
O15 R0D G . 19.43 29.28 15.44
O22 R0D G . 18.25 31.80 15.87
O23 R0D G . 19.20 31.40 18.99
CL01 R0D G . 13.95 38.04 17.94
CAA Y01 H . 22.67 31.35 0.71
CBA Y01 H . 21.70 31.94 1.74
CAB Y01 H . 20.72 30.84 2.19
CAN Y01 H . 22.43 32.58 2.95
CAJ Y01 H . 21.56 32.85 4.20
CAO Y01 H . 21.98 34.03 5.09
CBB Y01 H . 22.63 33.72 6.50
CAC Y01 H . 23.10 32.27 6.65
CBE Y01 H . 23.75 34.76 6.96
CAP Y01 H . 24.03 35.88 5.91
CAQ Y01 H . 23.75 37.21 6.63
CBG Y01 H . 24.13 36.95 8.11
CBI Y01 H . 23.44 35.57 8.33
CAE Y01 H . 21.91 35.71 8.48
CAU Y01 H . 23.88 35.00 9.72
CAS Y01 H . 23.76 36.04 10.89
CBF Y01 H . 24.34 37.47 10.66
CBD Y01 H . 23.85 38.02 9.26
CAK Y01 H . 24.40 39.43 9.07
CAI Y01 H . 24.10 40.37 10.23
CAZ Y01 H . 23.83 39.98 11.51
CAV Y01 H . 23.76 40.95 12.75
CBH Y01 H . 24.15 38.55 11.91
CAD Y01 H . 22.90 38.11 12.75
CAT Y01 H . 25.35 38.55 12.91
CAR Y01 H . 25.30 39.48 14.15
CBC Y01 H . 24.93 40.96 13.85
OAW Y01 H . 24.54 41.58 15.10
CAY Y01 H . 25.47 42.14 15.98
OAG Y01 H . 26.57 42.34 15.48
CAM Y01 H . 25.22 42.53 17.46
CAL Y01 H . 25.63 43.97 17.85
CAX Y01 H . 27.20 44.25 17.96
OAH Y01 H . 27.75 44.04 19.07
OAF Y01 H . 27.79 44.65 16.94
O11 SBM I . 16.86 18.32 2.05
C11 SBM I . 17.78 19.04 1.75
C12 SBM I . 18.52 19.92 2.75
C13 SBM I . 17.59 20.68 3.75
C14 SBM I . 18.33 21.61 4.77
C15 SBM I . 17.41 22.49 5.68
C16 SBM I . 18.10 23.63 6.47
C17 SBM I . 17.39 24.01 7.82
C18 SBM I . 17.41 25.51 8.21
C19 SBM I . 16.05 26.04 8.74
C20 SBM I . 16.13 27.12 9.84
C21 SBM I . 14.88 27.16 10.74
C22 SBM I . 14.47 28.55 11.19
O3 SBM I . 18.22 19.07 0.45
C3 SBM I . 17.79 18.05 -0.46
C2 SBM I . 18.96 17.59 -1.42
C1 SBM I . 18.89 18.37 -2.76
O3P SBM I . 17.81 17.90 -3.49
P SBM I . 17.58 18.33 -5.07
O2 SBM I . 20.23 17.91 -0.79
C31 SBM I . 21.35 17.11 -0.94
O31 SBM I . 21.62 16.67 -2.04
C32 SBM I . 22.21 16.79 0.28
C33 SBM I . 23.74 16.96 0.02
C34 SBM I . 24.70 15.96 0.72
C35 SBM I . 25.80 16.60 1.64
C36 SBM I . 25.81 18.15 1.72
C37 SBM I . 26.41 18.75 3.00
C38 SBM I . 25.75 20.08 3.42
C39 SBM I . 26.46 20.81 4.56
C40 SBM I . 25.80 22.14 4.92
O1 SBM I . 16.45 19.30 -5.17
O4 SBM I . 17.87 17.18 -5.96
O5 SBM I . 18.95 19.39 -5.48
C4 SBM I . 19.58 19.12 -6.65
C5 SBM I . 20.90 19.93 -6.62
N1 SBM I . 21.63 19.82 -7.98
C6 SBM I . 22.94 20.59 -7.90
C7 SBM I . 21.94 18.38 -8.33
C8 SBM I . 20.78 20.45 -9.07
CAA Y01 J . 34.47 13.60 5.14
CBA Y01 J . 33.94 14.33 3.88
CAB Y01 J . 33.79 15.82 4.17
CAN Y01 J . 34.79 14.03 2.61
CAJ Y01 J . 35.67 15.19 2.03
CAO Y01 J . 35.42 15.62 0.56
CBB Y01 J . 35.91 14.67 -0.58
CAC Y01 J . 37.24 13.97 -0.25
CBE Y01 J . 34.81 13.64 -1.07
CAP Y01 J . 33.37 14.13 -0.82
CAQ Y01 J . 32.56 13.85 -2.10
CBG Y01 J . 33.35 12.75 -2.86
CBI Y01 J . 34.80 13.29 -2.65
CAE Y01 J . 35.08 14.58 -3.43
CAU Y01 J . 35.82 12.28 -3.25
CAS Y01 J . 35.45 11.86 -4.72
CBF Y01 J . 34.02 11.30 -4.94
CBD Y01 J . 32.96 12.30 -4.34
CAK Y01 J . 31.55 11.72 -4.51
CAI Y01 J . 31.27 11.11 -5.89
CAZ Y01 J . 32.21 10.67 -6.77
CAV Y01 J . 31.93 9.92 -8.13
CBH Y01 J . 33.70 10.89 -6.48
CAD Y01 J . 34.06 12.05 -7.42
CAT Y01 J . 34.58 9.68 -6.97
CAR Y01 J . 34.32 9.14 -8.39
CBC Y01 J . 32.85 8.69 -8.56
OAW Y01 J . 32.65 8.27 -9.92
CAY Y01 J . 31.49 7.61 -10.35
OAG Y01 J . 30.91 7.00 -9.45
CAM Y01 J . 30.93 7.58 -11.78
CAL Y01 J . 31.75 6.81 -12.83
CAX Y01 J . 30.99 6.42 -14.17
OAH Y01 J . 30.53 7.35 -14.86
OAF Y01 J . 30.88 5.21 -14.44
C10 R0D K . 0.27 23.85 36.11
C13 R0D K . 1.36 22.75 33.47
C17 R0D K . -0.39 21.95 29.84
C20 R0D K . -1.71 21.26 32.22
C21 R0D K . -0.38 21.71 32.27
C24 R0D K . 2.30 23.20 37.29
C26 R0D K . -0.74 22.15 39.50
C02 R0D K . -1.87 20.23 40.35
C03 R0D K . -2.19 20.86 41.54
C04 R0D K . -1.79 22.17 41.72
C05 R0D K . -1.08 22.81 40.71
C07 R0D K . -0.04 24.42 39.36
C08 R0D K . 0.03 23.07 38.58
C09 R0D K . -0.61 23.20 37.21
C12 R0D K . 2.14 22.70 34.80
C14 R0D K . 2.26 22.33 32.28
C16 R0D K . 0.24 22.04 31.06
C18 R0D K . -1.70 21.51 29.80
C19 R0D K . -2.35 21.16 30.98
C25 R0D K . 1.47 22.56 38.41
C27 R0D K . -1.14 20.84 39.33
N06 R0D K . -0.59 24.09 40.69
N11 R0D K . 1.61 23.22 36.00
O15 R0D K . 1.54 22.49 31.06
O22 R0D K . 0.27 21.81 33.48
O23 R0D K . 3.24 22.19 34.82
CL01 R0D K . -2.37 18.60 40.15
CAA Y01 L . -10.80 28.21 24.19
CBA Y01 L . -10.49 27.23 25.35
CAB Y01 L . -9.78 25.99 24.77
CAN Y01 L . -9.68 27.90 26.48
CAJ Y01 L . -9.01 26.92 27.49
CAO Y01 L . -8.82 27.44 28.92
CBB Y01 L . -7.35 27.79 29.41
CAC Y01 L . -6.35 27.95 28.25
CBE Y01 L . -7.27 29.02 30.41
CAP Y01 L . -8.65 29.67 30.73
CAQ Y01 L . -8.84 29.57 32.24
CBG Y01 L . -7.41 29.67 32.84
CBI Y01 L . -6.65 28.69 31.88
CAE Y01 L . -6.96 27.21 32.22
CAU Y01 L . -5.12 28.80 32.16
CAS Y01 L . -4.75 28.72 33.69
CBF Y01 L . -5.56 29.61 34.68
CBD Y01 L . -7.10 29.44 34.39
CAK Y01 L . -7.89 30.30 35.39
CAI Y01 L . -7.52 30.02 36.85
CAZ Y01 L . -6.33 29.50 37.26
CAV Y01 L . -5.85 29.44 38.78
CBH Y01 L . -5.16 29.46 36.28
CAD Y01 L . -4.54 28.04 36.51
CAT Y01 L . -4.07 30.48 36.74
CAR Y01 L . -3.56 30.43 38.21
CBC Y01 L . -4.68 30.41 39.30
OAW Y01 L . -4.09 29.99 40.54
CAY Y01 L . -3.46 30.87 41.41
OAG Y01 L . -3.71 32.05 41.20
CAM Y01 L . -2.52 30.49 42.60
CAL Y01 L . -2.87 31.13 43.96
CAX Y01 L . -2.55 32.68 44.12
OAH Y01 L . -1.41 33.01 44.51
OAF Y01 L . -3.47 33.49 43.82
C10 R0D M . 36.49 10.35 20.85
C13 R0D M . 33.51 9.69 20.56
C17 R0D M . 31.45 6.95 18.29
C20 R0D M . 33.58 8.39 17.17
C21 R0D M . 33.10 8.74 18.44
C24 R0D M . 35.97 12.42 22.03
C26 R0D M . 38.74 13.20 19.39
C02 R0D M . 39.12 14.43 17.38
C03 R0D M . 40.43 14.72 17.72
C04 R0D M . 40.93 14.23 18.92
C05 R0D M . 40.08 13.48 19.74
C07 R0D M . 39.26 12.06 21.41
C08 R0D M . 38.06 12.37 20.46
C09 R0D M . 37.47 11.09 19.91
C12 R0D M . 34.04 10.96 21.26
C14 R0D M . 31.98 9.53 20.78
C16 R0D M . 32.04 7.99 18.97
C18 R0D M . 31.93 6.61 17.04
C19 R0D M . 32.98 7.33 16.48
C25 R0D M . 36.96 13.19 21.13
C27 R0D M . 38.26 13.68 18.20
N06 R0D M . 40.37 12.92 20.96
N11 R0D M . 35.42 11.24 21.38
O15 R0D M . 31.55 8.29 20.22
O22 R0D M . 33.68 9.78 19.13
O23 R0D M . 33.25 11.76 21.72
CL01 R0D M . 38.53 15.04 15.89
CAA Y01 N . 35.61 -5.13 14.26
CBA Y01 N . 35.86 -3.64 13.96
CAB Y01 N . 34.54 -2.97 13.58
CAN Y01 N . 36.54 -2.91 15.15
CAJ Y01 N . 36.49 -1.36 15.10
CAO Y01 N . 37.66 -0.61 15.77
CBB Y01 N . 37.38 0.15 17.13
CAC Y01 N . 36.08 -0.28 17.82
CBE Y01 N . 38.61 0.14 18.16
CAP Y01 N . 39.85 -0.64 17.63
CAQ Y01 N . 41.01 0.36 17.61
CBG Y01 N . 40.73 1.32 18.79
CBI Y01 N . 39.20 1.59 18.55
CAE Y01 N . 38.97 2.55 17.38
CAU Y01 N . 38.64 2.38 19.78
CAS Y01 N . 39.51 3.62 20.19
CBF Y01 N . 41.05 3.41 20.32
CBD Y01 N . 41.59 2.63 19.05
CAK Y01 N . 43.11 2.47 19.19
CAI Y01 N . 43.85 3.77 19.46
CAZ Y01 N . 43.29 4.89 20.02
CAV Y01 N . 44.11 6.15 20.52
CBH Y01 N . 41.94 4.76 20.71
CAD Y01 N . 41.16 6.03 20.23
CAT Y01 N . 42.14 4.94 22.25
CAR Y01 N . 42.92 6.19 22.77
CBC Y01 N . 44.29 6.44 22.08
OAW Y01 N . 44.69 7.79 22.38
CAY Y01 N . 45.38 8.13 23.55
OAG Y01 N . 45.87 7.17 24.14
CAM Y01 N . 45.57 9.57 24.12
CAL Y01 N . 47.03 9.96 24.46
CAX Y01 N . 47.65 9.27 25.77
OAH Y01 N . 47.48 9.84 26.87
OAF Y01 N . 48.27 8.19 25.62
O11 SBM O . 0.53 -2.16 24.88
C11 SBM O . 0.12 -2.38 26.00
C12 SBM O . 0.85 -1.90 27.26
C13 SBM O . 2.40 -2.08 27.23
C14 SBM O . 3.15 -1.62 28.51
C15 SBM O . 4.68 -1.94 28.56
C16 SBM O . 5.40 -1.77 29.93
C17 SBM O . 6.90 -1.40 29.84
C18 SBM O . 7.84 -2.02 30.91
C19 SBM O . 9.17 -2.57 30.36
C20 SBM O . 10.40 -2.43 31.28
C21 SBM O . 11.74 -2.39 30.51
C22 SBM O . 12.89 -3.11 31.21
O3 SBM O . -1.04 -3.08 26.18
C3 SBM O . -1.91 -3.28 25.06
C2 SBM O . -3.44 -3.14 25.48
C1 SBM O . -4.03 -4.54 25.79
O3P SBM O . -4.19 -5.23 24.59
P SBM O . -5.03 -6.65 24.53
O2 SBM O . -3.51 -2.37 26.70
C31 SBM O . -4.56 -1.50 26.95
O31 SBM O . -5.69 -1.87 26.72
C32 SBM O . -4.27 -0.10 27.52
C33 SBM O . -5.21 0.29 28.71
C34 SBM O . -5.63 1.78 28.82
C35 SBM O . -5.28 2.50 30.16
C36 SBM O . -4.54 1.63 31.22
C37 SBM O . -3.67 2.41 32.23
C38 SBM O . -2.43 1.61 32.69
C39 SBM O . -1.67 2.26 33.85
C40 SBM O . -0.48 1.42 34.32
O1 SBM O . -4.09 -7.79 24.34
O4 SBM O . -6.34 -6.44 23.84
O5 SBM O . -5.59 -6.96 26.18
C4 SBM O . -6.89 -7.31 26.31
C5 SBM O . -7.22 -7.21 27.82
N1 SBM O . -8.65 -7.74 28.11
C6 SBM O . -8.94 -7.56 29.58
C7 SBM O . -9.69 -6.99 27.31
C8 SBM O . -8.71 -9.22 27.78
CAA Y01 P . -8.65 10.42 34.87
CBA Y01 P . -8.96 8.91 34.82
CAB Y01 P . -8.02 8.15 35.76
CAN Y01 P . -10.47 8.60 35.08
CAJ Y01 P . -10.85 7.90 36.43
CAO Y01 P . -11.60 6.54 36.36
CBB Y01 P . -13.10 6.55 35.92
CAC Y01 P . -13.86 7.77 36.47
CBE Y01 P . -13.33 6.35 34.36
CAP Y01 P . -12.16 5.60 33.69
CAQ Y01 P . -12.78 4.55 32.75
CBG Y01 P . -14.24 5.04 32.48
CBI Y01 P . -14.62 5.49 33.93
CAE Y01 P . -14.77 4.31 34.90
CAU Y01 P . -16.03 6.12 33.92
CAS Y01 P . -17.09 5.23 33.17
CBF Y01 P . -16.74 4.78 31.73
CBD Y01 P . -15.30 4.13 31.71
CAK Y01 P . -14.93 3.75 30.27
CAI Y01 P . -16.05 3.05 29.49
CAZ Y01 P . -17.38 3.14 29.76
CAV Y01 P . -18.55 2.54 28.87
CBH Y01 P . -17.87 3.85 31.02
CAD Y01 P . -18.23 2.67 31.96
CAT Y01 P . -19.20 4.62 30.78
CAR Y01 P . -20.35 3.87 30.06
CBC Y01 P . -19.88 3.37 28.66
OAW Y01 P . -20.94 2.62 28.05
CAY Y01 P . -20.93 2.22 26.71
OAG Y01 P . -20.23 2.93 26.00
CAM Y01 P . -21.69 1.02 26.11
CAL Y01 P . -23.22 1.13 26.06
CAX Y01 P . -23.95 0.12 25.07
OAH Y01 P . -23.80 -1.09 25.28
OAF Y01 P . -24.63 0.62 24.14
C10 R0D Q . 16.75 -0.18 39.91
C13 R0D Q . 15.44 1.03 37.41
C17 R0D Q . 12.50 -0.29 34.87
C20 R0D Q . 14.50 -2.05 35.75
C21 R0D Q . 14.61 -0.68 36.04
C24 R0D Q . 18.54 1.48 39.85
C26 R0D Q . 20.17 -2.00 40.50
C02 R0D Q . 21.63 -3.60 39.51
C03 R0D Q . 22.18 -3.96 40.71
C04 R0D Q . 21.73 -3.34 41.87
C05 R0D Q . 20.73 -2.37 41.75
C07 R0D Q . 19.01 -0.84 42.23
C08 R0D Q . 19.12 -0.93 40.68
C09 R0D Q . 17.78 -1.32 40.07
C12 R0D Q . 16.74 1.58 38.06
C14 R0D Q . 14.91 1.99 36.33
C16 R0D Q . 13.60 0.16 35.57
C18 R0D Q . 12.40 -1.64 34.60
C19 R0D Q . 13.39 -2.51 35.04
C25 R0D Q . 19.59 0.37 40.04
C27 R0D Q . 20.63 -2.64 39.37
N06 R0D Q . 20.14 -1.63 42.75
N11 R0D Q . 17.32 1.01 39.20
O15 R0D Q . 13.66 1.51 35.83
O22 R0D Q . 15.70 -0.22 36.74
O23 R0D Q . 17.28 2.55 37.55
CL01 R0D Q . 22.21 -4.39 38.09
CAA Y01 R . 2.14 -8.27 37.74
CBA Y01 R . 3.67 -8.34 37.56
CAB Y01 R . 4.04 -7.82 36.17
CAN Y01 R . 4.43 -7.58 38.68
CAJ Y01 R . 5.92 -7.28 38.39
CAO Y01 R . 6.86 -7.20 39.60
CBB Y01 R . 7.42 -5.79 40.04
CAC Y01 R . 6.63 -4.62 39.43
CBE Y01 R . 7.60 -5.60 41.62
CAP Y01 R . 7.18 -6.85 42.43
CAQ Y01 R . 8.42 -7.28 43.23
CBG Y01 R . 9.18 -5.96 43.52
CBI Y01 R . 9.11 -5.29 42.11
CAE Y01 R . 10.10 -5.93 41.11
CAU Y01 R . 9.63 -3.82 42.22
CAS Y01 R . 11.01 -3.70 42.98
CBF Y01 R . 11.15 -4.45 44.34
CBD Y01 R . 10.63 -5.94 44.18
CAK Y01 R . 10.82 -6.67 45.51
CAI Y01 R . 12.23 -6.58 46.08
CAZ Y01 R . 13.14 -5.60 45.77
CAV Y01 R . 14.50 -5.37 46.54
CBH Y01 R . 12.63 -4.33 45.08
CAD Y01 R . 13.71 -4.05 43.99
CAT Y01 R . 12.72 -3.13 46.08
CAR Y01 R . 14.06 -2.87 46.83
CBC Y01 R . 14.69 -4.11 47.52
OAW Y01 R . 16.06 -3.80 47.82
CAY Y01 R . 16.46 -3.14 48.98
OAG Y01 R . 15.59 -3.11 49.85
CAM Y01 R . 17.84 -2.49 49.25
CAL Y01 R . 18.53 -2.90 50.58
CAX Y01 R . 17.90 -2.30 51.91
OAH Y01 R . 18.32 -1.18 52.31
OAF Y01 R . 17.02 -2.98 52.49
O11 SBM S . -4.13 19.74 14.74
C11 SBM S . -4.54 20.83 15.08
C12 SBM S . -4.02 21.58 16.32
C13 SBM S . -3.82 20.69 17.58
C14 SBM S . -3.32 21.43 18.85
C15 SBM S . -3.27 20.59 20.17
C16 SBM S . -3.06 21.37 21.50
C17 SBM S . -2.34 20.57 22.62
C18 SBM S . -2.81 20.83 24.07
C19 SBM S . -2.99 19.55 24.93
C20 SBM S . -2.64 19.68 26.42
C21 SBM S . -2.22 18.35 27.07
C22 SBM S . -2.70 18.17 28.50
O3 SBM S . -5.51 21.45 14.34
C3 SBM S . -5.81 20.95 13.03
C2 SBM S . -6.07 22.14 12.00
C1 SBM S . -7.59 22.42 11.90
O3P SBM S . -8.19 21.39 11.20
P SBM S . -9.76 21.49 10.68
O2 SBM S . -5.44 23.34 12.51
C31 SBM S . -4.87 24.28 11.68
O31 SBM S . -5.46 24.62 10.68
C32 SBM S . -3.49 24.87 12.03
C33 SBM S . -3.44 26.43 11.88
C34 SBM S . -2.11 27.05 11.38
C35 SBM S . -1.45 28.11 12.32
C36 SBM S . -2.21 28.41 13.64
C37 SBM S . -1.34 28.94 14.80
C38 SBM S . -1.86 28.50 16.19
C39 SBM S . -1.16 29.17 17.37
C40 SBM S . -1.73 28.76 18.72
O1 SBM S . -10.62 20.60 11.52
O4 SBM S . -9.80 21.66 9.20
O5 SBM S . -10.33 23.09 11.20
C4 SBM S . -10.99 23.81 10.27
C5 SBM S . -11.10 25.25 10.83
N1 SBM S . -11.97 26.14 9.92
C6 SBM S . -12.00 27.54 10.48
C7 SBM S . -11.42 26.19 8.50
C8 SBM S . -13.39 25.60 9.89
CAA Y01 T . 5.02 35.38 11.06
CBA Y01 T . 3.50 35.20 11.01
CAB Y01 T . 2.89 35.32 12.41
CAN Y01 T . 2.81 36.15 9.96
CAJ Y01 T . 1.93 37.32 10.52
CAO Y01 T . 0.45 37.38 10.07
CBB Y01 T . 0.14 37.83 8.60
CAC Y01 T . 1.10 38.93 8.11
CBE Y01 T . 0.02 36.63 7.57
CAP Y01 T . -0.36 35.30 8.24
CAQ Y01 T . -1.44 34.65 7.37
CBG Y01 T . -1.29 35.30 5.96
CBI Y01 T . -1.07 36.78 6.40
CAE Y01 T . -2.33 37.42 7.00
CAU Y01 T . -0.79 37.65 5.15
CAS Y01 T . -1.84 37.42 4.00
CBF Y01 T . -2.06 35.96 3.54
CBD Y01 T . -2.35 35.05 4.80
CAK Y01 T . -2.51 33.59 4.35
CAI Y01 T . -3.38 33.40 3.09
CAZ Y01 T . -3.63 34.35 2.16
CAV Y01 T . -4.41 34.12 0.79
CBH Y01 T . -3.17 35.79 2.36
CAD Y01 T . -4.47 36.51 2.76
CAT Y01 T . -2.71 36.47 1.02
CAR Y01 T . -3.65 36.32 -0.20
CBC Y01 T . -3.89 34.82 -0.54
OAW Y01 T . -4.82 34.75 -1.64
CAY Y01 T . -5.08 33.55 -2.31
OAG Y01 T . -4.17 32.73 -2.25
CAM Y01 T . -6.37 33.21 -3.10
CAL Y01 T . -6.62 34.00 -4.39
CAX Y01 T . -7.67 33.38 -5.39
OAH Y01 T . -8.84 33.22 -4.98
OAF Y01 T . -7.28 33.08 -6.54
#